data_5SCJ
#
_entry.id   5SCJ
#
_cell.length_a   208.143
_cell.length_b   113.061
_cell.length_c   188.959
_cell.angle_alpha   90.000
_cell.angle_beta   91.540
_cell.angle_gamma   90.000
#
_symmetry.space_group_name_H-M   'C 1 2 1'
#
loop_
_entity.id
_entity.type
_entity.pdbx_description
1 polymer 'Pyruvate kinase'
2 non-polymer 1,6-di-O-phosphono-beta-D-fructofuranose
3 non-polymer 'OXALATE ION'
4 non-polymer 'MAGNESIUM ION'
5 non-polymer 'POTASSIUM ION'
6 non-polymer '(2R)-2-hydroxy-2-{2-[4-(3-hydroxy-9,10-dioxo-9,10-dihydroanthracene-2-sulfonyl)piperazin-1-yl]-2-oxoethyl}butanedioic acid'
7 water water
#
_entity_poly.entity_id   1
_entity_poly.type   'polypeptide(L)'
_entity_poly.pdbx_seq_one_letter_code
;GSMEGPAGYLRRADVAQLTQELGTAFFQQQQLPAAMADTFLEHLCLLDIDSEPVAARSTSIIATIGPASRSVERLKEMIK
AGMNIARLNFSHGSHEYHAESIANVREAVESFAGSPLSYRPVAIALDTKGPGSGPGLSEQDVRDLRFGVEHGVDIVFASF
VRKASDVAAVRAALGPEGHGIKIISKIENHEGVKRFDEILEVSDGIMVARGDLGIEIPAEKVFLAQKMMIGRCNLAGKPV
VCATQMLESMITKPRPTRAETSDVANAVLDGADCIMLSGETAKGNFPVEAVKMQHAIAREAEAAVYHRQLFEELRRAAPL
SRDPTEVTAIGAVEAAFKCCAAAIIVLTTTGRSAQLLSRYRPRAAVIAVTRSAQAARQVHLCRGVFPLLYREPPEAIWAD
DVDRRVQFGIESGKLRGFLRVGDLVIVVTGWRPGSGYTNIMRVLSIS
;
_entity_poly.pdbx_strand_id   A,B,C,D,E,F,G,H
#
loop_
_chem_comp.id
_chem_comp.type
_chem_comp.name
_chem_comp.formula
FBP D-saccharide, beta linking 1,6-di-O-phosphono-beta-D-fructofuranose 'C6 H14 O12 P2'
I9K non-polymer '(2R)-2-hydroxy-2-{2-[4-(3-hydroxy-9,10-dioxo-9,10-dihydroanthracene-2-sulfonyl)piperazin-1-yl]-2-oxoethyl}butanedioic acid' 'C24 H22 N2 O11 S'
K non-polymer 'POTASSIUM ION' 'K 1'
MG non-polymer 'MAGNESIUM ION' 'Mg 2'
OXL non-polymer 'OXALATE ION' 'C2 O4 -2'
#
# COMPACT_ATOMS: atom_id res chain seq x y z
N ALA A 25 -8.25 4.85 -33.33
CA ALA A 25 -9.58 5.47 -33.33
C ALA A 25 -10.64 4.57 -33.96
N PHE A 26 -10.26 3.81 -35.00
CA PHE A 26 -11.16 2.88 -35.68
C PHE A 26 -11.57 1.77 -34.71
N PHE A 27 -10.58 1.23 -33.98
CA PHE A 27 -10.80 0.12 -33.05
C PHE A 27 -11.49 0.54 -31.76
N GLN A 28 -11.79 1.83 -31.54
CA GLN A 28 -12.54 2.26 -30.36
C GLN A 28 -14.05 2.30 -30.69
N GLN A 29 -14.41 2.60 -31.96
CA GLN A 29 -15.79 2.68 -32.45
C GLN A 29 -16.45 1.30 -32.59
N GLN A 30 -17.79 1.30 -32.83
CA GLN A 30 -18.70 0.17 -33.05
C GLN A 30 -18.45 -1.04 -32.14
N GLN A 31 -18.18 -0.76 -30.84
CA GLN A 31 -17.92 -1.74 -29.79
C GLN A 31 -16.86 -2.78 -30.15
N LEU A 32 -15.82 -2.36 -30.89
CA LEU A 32 -14.74 -3.27 -31.26
C LEU A 32 -13.94 -3.79 -30.06
N PRO A 33 -13.65 -2.99 -28.99
CA PRO A 33 -13.00 -3.58 -27.80
C PRO A 33 -13.85 -4.69 -27.18
N ALA A 34 -15.19 -4.52 -27.11
CA ALA A 34 -16.09 -5.53 -26.56
C ALA A 34 -16.21 -6.76 -27.48
N ALA A 35 -16.03 -6.57 -28.80
CA ALA A 35 -16.10 -7.67 -29.77
C ALA A 35 -14.84 -8.55 -29.74
N MET A 36 -13.68 -7.98 -29.32
CA MET A 36 -12.41 -8.71 -29.19
C MET A 36 -12.37 -9.63 -27.96
N ALA A 37 -13.30 -9.43 -26.98
CA ALA A 37 -13.34 -10.18 -25.73
C ALA A 37 -13.35 -11.69 -25.88
N ASP A 38 -12.66 -12.38 -24.96
CA ASP A 38 -12.56 -13.84 -25.00
C ASP A 38 -13.76 -14.57 -24.39
N THR A 39 -14.53 -13.88 -23.55
CA THR A 39 -15.73 -14.44 -22.95
C THR A 39 -16.91 -13.48 -23.17
N PHE A 40 -18.12 -14.03 -23.11
CA PHE A 40 -19.33 -13.24 -23.21
C PHE A 40 -19.43 -12.24 -22.03
N LEU A 41 -19.02 -12.68 -20.84
CA LEU A 41 -19.04 -11.87 -19.64
C LEU A 41 -18.09 -10.69 -19.79
N GLU A 42 -16.85 -10.93 -20.28
CA GLU A 42 -15.85 -9.87 -20.56
C GLU A 42 -16.38 -8.90 -21.62
N HIS A 43 -17.10 -9.43 -22.61
CA HIS A 43 -17.73 -8.70 -23.69
C HIS A 43 -18.70 -7.66 -23.10
N LEU A 44 -19.59 -8.10 -22.19
CA LEU A 44 -20.53 -7.19 -21.55
C LEU A 44 -19.80 -6.10 -20.77
N CYS A 45 -18.75 -6.50 -20.04
CA CYS A 45 -17.92 -5.58 -19.25
C CYS A 45 -17.25 -4.51 -20.10
N LEU A 46 -16.93 -4.83 -21.35
CA LEU A 46 -16.26 -3.91 -22.26
C LEU A 46 -17.17 -3.00 -23.06
N LEU A 47 -18.51 -3.11 -22.92
CA LEU A 47 -19.44 -2.26 -23.67
C LEU A 47 -19.23 -0.80 -23.25
N ASP A 48 -19.08 0.08 -24.23
CA ASP A 48 -18.75 1.49 -24.02
C ASP A 48 -19.83 2.40 -24.55
N ILE A 49 -20.43 3.23 -23.68
CA ILE A 49 -21.44 4.18 -24.13
C ILE A 49 -20.84 5.26 -25.08
N ASP A 50 -19.53 5.51 -24.96
CA ASP A 50 -18.79 6.45 -25.81
C ASP A 50 -18.30 5.87 -27.13
N SER A 51 -18.52 4.57 -27.37
CA SER A 51 -18.14 3.88 -28.60
C SER A 51 -19.29 4.07 -29.58
N GLU A 52 -19.12 4.96 -30.57
CA GLU A 52 -20.19 5.26 -31.51
C GLU A 52 -20.37 4.23 -32.61
N PRO A 53 -21.64 3.91 -32.96
CA PRO A 53 -21.87 2.97 -34.06
C PRO A 53 -21.50 3.60 -35.41
N VAL A 54 -20.82 2.84 -36.28
CA VAL A 54 -20.42 3.37 -37.58
C VAL A 54 -21.17 2.72 -38.72
N ALA A 55 -21.39 1.41 -38.64
CA ALA A 55 -22.10 0.70 -39.69
C ALA A 55 -23.58 1.10 -39.82
N ALA A 56 -24.16 0.85 -41.00
CA ALA A 56 -25.55 1.15 -41.25
C ALA A 56 -26.43 0.18 -40.47
N ARG A 57 -27.62 0.64 -40.07
CA ARG A 57 -28.58 -0.13 -39.32
C ARG A 57 -29.06 -1.34 -40.14
N SER A 58 -28.85 -2.55 -39.61
CA SER A 58 -29.12 -3.84 -40.22
C SER A 58 -30.53 -4.41 -39.99
N THR A 59 -31.11 -4.18 -38.79
CA THR A 59 -32.44 -4.70 -38.45
C THR A 59 -33.49 -3.83 -39.11
N SER A 60 -34.30 -4.40 -40.01
CA SER A 60 -35.32 -3.61 -40.70
C SER A 60 -36.47 -3.21 -39.79
N ILE A 61 -37.03 -2.04 -40.09
CA ILE A 61 -38.16 -1.51 -39.34
C ILE A 61 -39.43 -1.68 -40.16
N ILE A 62 -40.44 -2.32 -39.58
CA ILE A 62 -41.74 -2.49 -40.18
C ILE A 62 -42.65 -1.49 -39.50
N ALA A 63 -43.29 -0.61 -40.28
CA ALA A 63 -44.17 0.39 -39.69
C ALA A 63 -45.58 0.15 -40.13
N THR A 64 -46.52 0.07 -39.18
CA THR A 64 -47.93 -0.10 -39.53
C THR A 64 -48.47 1.25 -40.02
N ILE A 65 -49.02 1.26 -41.24
CA ILE A 65 -49.56 2.46 -41.84
C ILE A 65 -51.07 2.64 -41.50
N GLY A 66 -51.40 3.79 -40.97
CA GLY A 66 -52.77 4.11 -40.61
C GLY A 66 -53.08 5.58 -40.75
N PRO A 67 -54.12 6.05 -40.06
CA PRO A 67 -54.48 7.48 -40.14
C PRO A 67 -53.35 8.45 -39.79
N ALA A 68 -52.49 8.06 -38.83
CA ALA A 68 -51.37 8.90 -38.39
C ALA A 68 -50.19 8.94 -39.37
N SER A 69 -50.10 7.98 -40.27
CA SER A 69 -48.95 7.85 -41.17
C SER A 69 -49.35 7.63 -42.63
N ARG A 70 -50.50 8.17 -43.04
CA ARG A 70 -50.97 7.95 -44.41
C ARG A 70 -50.58 8.98 -45.45
N SER A 71 -50.32 10.23 -45.06
CA SER A 71 -50.01 11.28 -46.04
C SER A 71 -48.71 11.04 -46.75
N VAL A 72 -48.65 11.36 -48.04
CA VAL A 72 -47.45 11.21 -48.86
C VAL A 72 -46.25 11.98 -48.23
N GLU A 73 -46.54 13.16 -47.65
CA GLU A 73 -45.51 13.97 -47.00
C GLU A 73 -45.00 13.31 -45.69
N ARG A 74 -45.90 12.66 -44.92
CA ARG A 74 -45.60 11.94 -43.68
C ARG A 74 -44.75 10.72 -44.01
N LEU A 75 -45.18 9.95 -45.03
CA LEU A 75 -44.51 8.76 -45.51
C LEU A 75 -43.09 9.02 -45.99
N LYS A 76 -42.85 10.20 -46.60
CA LYS A 76 -41.51 10.60 -47.05
C LYS A 76 -40.58 10.81 -45.86
N GLU A 77 -41.12 11.40 -44.78
CA GLU A 77 -40.38 11.60 -43.53
C GLU A 77 -40.07 10.27 -42.86
N MET A 78 -41.01 9.30 -42.95
CA MET A 78 -40.84 7.97 -42.37
CA MET A 78 -40.84 7.97 -42.37
C MET A 78 -39.83 7.14 -43.15
N ILE A 79 -39.75 7.31 -44.47
CA ILE A 79 -38.78 6.60 -45.28
C ILE A 79 -37.37 7.13 -44.90
N LYS A 80 -37.24 8.45 -44.79
CA LYS A 80 -35.99 9.10 -44.40
C LYS A 80 -35.58 8.73 -42.96
N ALA A 81 -36.59 8.53 -42.06
CA ALA A 81 -36.37 8.12 -40.66
C ALA A 81 -35.87 6.67 -40.55
N GLY A 82 -36.19 5.83 -41.55
CA GLY A 82 -35.72 4.44 -41.57
C GLY A 82 -36.73 3.35 -41.87
N MET A 83 -37.99 3.68 -42.17
CA MET A 83 -38.99 2.63 -42.45
C MET A 83 -38.59 1.82 -43.68
N ASN A 84 -38.59 0.49 -43.56
CA ASN A 84 -38.20 -0.39 -44.69
C ASN A 84 -39.37 -1.15 -45.24
N ILE A 85 -40.35 -1.48 -44.39
CA ILE A 85 -41.53 -2.23 -44.77
C ILE A 85 -42.75 -1.50 -44.24
N ALA A 86 -43.78 -1.36 -45.08
CA ALA A 86 -45.02 -0.71 -44.69
C ALA A 86 -46.06 -1.80 -44.46
N ARG A 87 -46.62 -1.87 -43.25
CA ARG A 87 -47.60 -2.91 -42.91
C ARG A 87 -49.02 -2.37 -42.98
N LEU A 88 -49.93 -3.11 -43.62
CA LEU A 88 -51.34 -2.70 -43.68
C LEU A 88 -52.14 -3.76 -42.94
N ASN A 89 -52.70 -3.37 -41.81
CA ASN A 89 -53.45 -4.29 -40.97
C ASN A 89 -54.86 -4.47 -41.48
N PHE A 90 -55.14 -5.60 -42.14
CA PHE A 90 -56.46 -5.86 -42.69
C PHE A 90 -57.51 -6.22 -41.62
N SER A 91 -57.16 -6.11 -40.34
CA SER A 91 -58.13 -6.24 -39.26
C SER A 91 -58.99 -4.96 -39.16
N HIS A 92 -58.46 -3.81 -39.61
CA HIS A 92 -59.13 -2.50 -39.59
C HIS A 92 -59.05 -1.83 -40.96
N GLY A 93 -60.01 -0.98 -41.30
CA GLY A 93 -60.04 -0.29 -42.59
C GLY A 93 -60.70 -1.11 -43.68
N SER A 94 -60.80 -0.52 -44.87
CA SER A 94 -61.42 -1.19 -46.01
C SER A 94 -60.41 -1.40 -47.15
N HIS A 95 -60.81 -2.12 -48.21
CA HIS A 95 -59.97 -2.32 -49.37
C HIS A 95 -59.66 -0.96 -50.03
N GLU A 96 -60.67 -0.08 -50.11
CA GLU A 96 -60.53 1.27 -50.67
C GLU A 96 -59.49 2.08 -49.89
N TYR A 97 -59.57 1.98 -48.54
CA TYR A 97 -58.68 2.66 -47.61
C TYR A 97 -57.23 2.18 -47.76
N HIS A 98 -57.02 0.85 -47.73
CA HIS A 98 -55.69 0.26 -47.84
C HIS A 98 -55.07 0.45 -49.21
N ALA A 99 -55.90 0.48 -50.27
CA ALA A 99 -55.39 0.73 -51.63
C ALA A 99 -54.85 2.17 -51.73
N GLU A 100 -55.51 3.12 -51.04
CA GLU A 100 -55.09 4.52 -51.00
C GLU A 100 -53.76 4.62 -50.26
N SER A 101 -53.62 3.90 -49.13
CA SER A 101 -52.39 3.84 -48.36
C SER A 101 -51.24 3.32 -49.24
N ILE A 102 -51.45 2.19 -49.96
CA ILE A 102 -50.46 1.59 -50.87
C ILE A 102 -50.00 2.60 -51.92
N ALA A 103 -50.96 3.32 -52.52
CA ALA A 103 -50.70 4.33 -53.54
C ALA A 103 -49.83 5.46 -52.99
N ASN A 104 -50.11 5.89 -51.74
CA ASN A 104 -49.38 6.95 -51.07
C ASN A 104 -47.97 6.53 -50.72
N VAL A 105 -47.81 5.28 -50.28
CA VAL A 105 -46.51 4.69 -49.96
C VAL A 105 -45.68 4.65 -51.24
N ARG A 106 -46.26 4.12 -52.34
CA ARG A 106 -45.58 4.03 -53.63
C ARG A 106 -45.21 5.39 -54.18
N GLU A 107 -46.07 6.39 -54.00
CA GLU A 107 -45.81 7.76 -54.43
C GLU A 107 -44.62 8.37 -53.66
N ALA A 108 -44.62 8.19 -52.32
CA ALA A 108 -43.56 8.69 -51.46
C ALA A 108 -42.24 7.98 -51.76
N VAL A 109 -42.28 6.67 -52.05
CA VAL A 109 -41.07 5.90 -52.37
C VAL A 109 -40.48 6.35 -53.69
N GLU A 110 -41.34 6.51 -54.71
CA GLU A 110 -40.89 6.92 -56.04
C GLU A 110 -40.48 8.36 -56.14
N SER A 111 -40.77 9.19 -55.13
CA SER A 111 -40.29 10.57 -55.12
C SER A 111 -38.74 10.65 -55.04
N PHE A 112 -38.08 9.57 -54.59
CA PHE A 112 -36.62 9.51 -54.48
C PHE A 112 -35.95 8.70 -55.62
N ALA A 113 -36.73 8.18 -56.58
CA ALA A 113 -36.22 7.36 -57.69
C ALA A 113 -35.36 8.12 -58.71
N GLY A 114 -35.33 9.45 -58.63
CA GLY A 114 -34.55 10.31 -59.51
C GLY A 114 -33.05 10.13 -59.33
N SER A 115 -32.63 9.74 -58.12
CA SER A 115 -31.21 9.48 -57.83
C SER A 115 -31.10 7.98 -57.50
N PRO A 116 -30.89 7.10 -58.50
CA PRO A 116 -30.86 5.64 -58.23
C PRO A 116 -29.71 5.15 -57.33
N LEU A 117 -28.67 5.98 -57.15
CA LEU A 117 -27.57 5.65 -56.26
C LEU A 117 -27.97 5.84 -54.77
N SER A 118 -29.06 6.58 -54.48
CA SER A 118 -29.52 6.80 -53.12
C SER A 118 -30.99 6.36 -52.86
N TYR A 119 -31.66 5.82 -53.90
CA TYR A 119 -33.03 5.34 -53.82
C TYR A 119 -33.18 4.17 -52.84
N ARG A 120 -34.16 4.28 -51.93
CA ARG A 120 -34.43 3.24 -50.96
C ARG A 120 -35.75 2.51 -51.21
N PRO A 121 -35.69 1.23 -51.63
CA PRO A 121 -36.93 0.46 -51.84
C PRO A 121 -37.69 0.22 -50.53
N VAL A 122 -39.04 0.17 -50.57
CA VAL A 122 -39.82 -0.10 -49.37
C VAL A 122 -40.81 -1.22 -49.67
N ALA A 123 -40.76 -2.31 -48.91
CA ALA A 123 -41.68 -3.43 -49.10
C ALA A 123 -43.09 -3.08 -48.62
N ILE A 124 -44.10 -3.77 -49.15
CA ILE A 124 -45.48 -3.58 -48.73
C ILE A 124 -46.02 -4.92 -48.24
N ALA A 125 -46.40 -4.97 -46.97
CA ALA A 125 -46.87 -6.19 -46.35
C ALA A 125 -48.32 -6.12 -45.93
N LEU A 126 -49.06 -7.19 -46.19
CA LEU A 126 -50.47 -7.28 -45.81
C LEU A 126 -50.58 -8.15 -44.57
N ASP A 127 -51.11 -7.61 -43.48
CA ASP A 127 -51.33 -8.41 -42.28
C ASP A 127 -52.79 -8.86 -42.28
N THR A 128 -53.06 -10.16 -42.42
CA THR A 128 -54.43 -10.67 -42.48
C THR A 128 -55.21 -10.53 -41.16
N LYS A 129 -56.55 -10.57 -41.22
CA LYS A 129 -57.41 -10.47 -40.04
C LYS A 129 -57.37 -11.76 -39.22
N GLY A 130 -57.29 -12.90 -39.89
CA GLY A 130 -57.21 -14.19 -39.22
C GLY A 130 -58.49 -14.98 -39.25
N PRO A 131 -58.46 -16.22 -38.74
CA PRO A 131 -59.65 -17.08 -38.79
C PRO A 131 -60.66 -16.91 -37.64
N GLY A 132 -60.26 -16.31 -36.53
CA GLY A 132 -61.12 -16.13 -35.37
C GLY A 132 -61.72 -17.44 -34.85
N SER A 133 -63.06 -17.53 -34.85
CA SER A 133 -63.81 -18.72 -34.40
C SER A 133 -63.63 -19.95 -35.32
N GLY A 134 -63.09 -19.73 -36.53
CA GLY A 134 -62.80 -20.77 -37.51
C GLY A 134 -61.33 -21.09 -37.51
N GLY A 136 -61.13 -23.13 -40.70
CA GLY A 136 -59.97 -22.87 -41.55
C GLY A 136 -59.82 -21.42 -41.98
N LEU A 137 -59.34 -21.20 -43.22
CA LEU A 137 -59.13 -19.85 -43.77
C LEU A 137 -60.46 -19.11 -43.94
N SER A 138 -60.59 -17.94 -43.29
CA SER A 138 -61.83 -17.18 -43.36
C SER A 138 -62.10 -16.64 -44.76
N GLU A 139 -63.38 -16.36 -45.07
CA GLU A 139 -63.74 -15.85 -46.39
C GLU A 139 -63.20 -14.45 -46.62
N GLN A 140 -63.14 -13.63 -45.54
CA GLN A 140 -62.57 -12.29 -45.61
C GLN A 140 -61.09 -12.39 -45.95
N ASP A 141 -60.37 -13.36 -45.36
CA ASP A 141 -58.96 -13.57 -45.64
C ASP A 141 -58.73 -13.90 -47.10
N VAL A 142 -59.61 -14.71 -47.71
CA VAL A 142 -59.46 -15.06 -49.12
C VAL A 142 -59.60 -13.81 -49.99
N ARG A 143 -60.56 -12.94 -49.66
CA ARG A 143 -60.79 -11.70 -50.38
C ARG A 143 -59.64 -10.71 -50.22
N ASP A 144 -59.09 -10.63 -49.00
CA ASP A 144 -57.97 -9.75 -48.69
C ASP A 144 -56.69 -10.25 -49.35
N LEU A 145 -56.48 -11.57 -49.36
CA LEU A 145 -55.31 -12.17 -50.00
C LEU A 145 -55.36 -11.95 -51.50
N ARG A 146 -56.55 -12.09 -52.11
CA ARG A 146 -56.72 -11.81 -53.54
C ARG A 146 -56.47 -10.31 -53.82
N PHE A 147 -56.85 -9.42 -52.89
CA PHE A 147 -56.60 -7.98 -52.97
C PHE A 147 -55.08 -7.73 -53.00
N GLY A 148 -54.36 -8.40 -52.09
CA GLY A 148 -52.92 -8.26 -51.99
C GLY A 148 -52.21 -8.64 -53.29
N VAL A 149 -52.64 -9.75 -53.89
CA VAL A 149 -52.09 -10.22 -55.16
C VAL A 149 -52.32 -9.18 -56.24
N GLU A 150 -53.58 -8.69 -56.35
CA GLU A 150 -53.98 -7.68 -57.32
C GLU A 150 -53.25 -6.36 -57.14
N HIS A 151 -52.88 -6.03 -55.90
CA HIS A 151 -52.17 -4.79 -55.64
C HIS A 151 -50.65 -4.93 -55.56
N GLY A 152 -50.13 -6.13 -55.82
CA GLY A 152 -48.70 -6.38 -55.84
C GLY A 152 -47.96 -6.27 -54.53
N VAL A 153 -48.57 -6.80 -53.44
CA VAL A 153 -47.89 -6.80 -52.14
C VAL A 153 -46.71 -7.76 -52.18
N ASP A 154 -45.70 -7.48 -51.36
CA ASP A 154 -44.50 -8.28 -51.33
C ASP A 154 -44.57 -9.38 -50.27
N ILE A 155 -45.13 -9.05 -49.09
CA ILE A 155 -45.20 -9.97 -47.96
C ILE A 155 -46.62 -10.11 -47.43
N VAL A 156 -46.92 -11.27 -46.81
CA VAL A 156 -48.17 -11.54 -46.12
C VAL A 156 -47.82 -11.95 -44.69
N PHE A 157 -48.34 -11.25 -43.69
CA PHE A 157 -48.17 -11.65 -42.31
C PHE A 157 -49.46 -12.40 -42.04
N ALA A 158 -49.40 -13.73 -42.10
CA ALA A 158 -50.58 -14.56 -41.89
C ALA A 158 -50.93 -14.71 -40.41
N SER A 159 -52.06 -14.15 -39.99
CA SER A 159 -52.51 -14.17 -38.59
C SER A 159 -52.92 -15.55 -38.08
N PHE A 160 -52.70 -15.79 -36.79
CA PHE A 160 -53.03 -17.01 -36.06
C PHE A 160 -52.70 -18.30 -36.80
N VAL A 161 -51.43 -18.47 -37.22
CA VAL A 161 -51.03 -19.72 -37.88
C VAL A 161 -50.85 -20.74 -36.77
N ARG A 162 -51.58 -21.87 -36.87
CA ARG A 162 -51.57 -22.91 -35.84
C ARG A 162 -50.87 -24.20 -36.28
N LYS A 163 -50.88 -24.48 -37.57
CA LYS A 163 -50.32 -25.70 -38.12
C LYS A 163 -49.82 -25.46 -39.54
N ALA A 164 -49.09 -26.44 -40.11
CA ALA A 164 -48.55 -26.32 -41.47
C ALA A 164 -49.65 -26.22 -42.57
N SER A 165 -50.82 -26.83 -42.34
CA SER A 165 -51.94 -26.77 -43.29
C SER A 165 -52.50 -25.35 -43.44
N ASP A 166 -52.40 -24.52 -42.37
CA ASP A 166 -52.82 -23.12 -42.38
C ASP A 166 -51.99 -22.34 -43.37
N VAL A 167 -50.67 -22.59 -43.40
CA VAL A 167 -49.74 -21.94 -44.33
C VAL A 167 -50.09 -22.30 -45.77
N ALA A 168 -50.36 -23.59 -46.00
CA ALA A 168 -50.73 -24.13 -47.31
C ALA A 168 -52.04 -23.49 -47.81
N ALA A 169 -53.01 -23.29 -46.90
CA ALA A 169 -54.27 -22.65 -47.24
C ALA A 169 -54.04 -21.19 -47.70
N VAL A 170 -53.10 -20.48 -47.07
CA VAL A 170 -52.77 -19.11 -47.44
C VAL A 170 -52.06 -19.07 -48.79
N ARG A 171 -51.15 -20.03 -49.00
CA ARG A 171 -50.42 -20.17 -50.24
C ARG A 171 -51.39 -20.44 -51.41
N ALA A 172 -52.41 -21.28 -51.16
CA ALA A 172 -53.44 -21.62 -52.15
C ALA A 172 -54.29 -20.39 -52.48
N ALA A 173 -54.68 -19.61 -51.46
CA ALA A 173 -55.47 -18.39 -51.65
C ALA A 173 -54.73 -17.30 -52.43
N LEU A 174 -53.39 -17.34 -52.44
CA LEU A 174 -52.61 -16.38 -53.24
C LEU A 174 -52.64 -16.72 -54.75
N GLY A 175 -53.00 -17.97 -55.09
CA GLY A 175 -53.16 -18.44 -56.45
C GLY A 175 -51.92 -18.45 -57.31
N PRO A 176 -52.12 -18.56 -58.65
CA PRO A 176 -50.97 -18.61 -59.57
C PRO A 176 -50.25 -17.28 -59.72
N GLU A 177 -50.96 -16.16 -59.56
CA GLU A 177 -50.34 -14.84 -59.65
C GLU A 177 -49.53 -14.49 -58.36
N GLY A 178 -49.88 -15.12 -57.23
CA GLY A 178 -49.23 -14.88 -55.94
C GLY A 178 -48.23 -15.93 -55.51
N HIS A 179 -47.39 -16.39 -56.43
CA HIS A 179 -46.35 -17.37 -56.12
C HIS A 179 -45.11 -16.69 -55.48
N GLY A 180 -44.84 -15.45 -55.90
CA GLY A 180 -43.69 -14.66 -55.46
C GLY A 180 -43.81 -14.00 -54.10
N ILE A 181 -45.03 -13.95 -53.54
CA ILE A 181 -45.26 -13.32 -52.23
C ILE A 181 -44.66 -14.13 -51.07
N LYS A 182 -44.01 -13.45 -50.11
CA LYS A 182 -43.43 -14.13 -48.96
C LYS A 182 -44.46 -14.33 -47.87
N ILE A 183 -44.55 -15.54 -47.30
CA ILE A 183 -45.49 -15.81 -46.21
C ILE A 183 -44.78 -15.85 -44.88
N ILE A 184 -45.00 -14.83 -44.06
CA ILE A 184 -44.44 -14.76 -42.71
C ILE A 184 -45.54 -15.18 -41.75
N SER A 185 -45.44 -16.37 -41.18
CA SER A 185 -46.45 -16.90 -40.27
C SER A 185 -46.43 -16.23 -38.90
N LYS A 186 -47.56 -15.66 -38.47
CA LYS A 186 -47.63 -15.05 -37.15
C LYS A 186 -47.95 -16.12 -36.11
N ILE A 187 -47.06 -16.28 -35.11
CA ILE A 187 -47.28 -17.22 -34.02
C ILE A 187 -47.94 -16.44 -32.89
N GLU A 188 -49.25 -16.69 -32.64
CA GLU A 188 -50.03 -15.91 -31.68
C GLU A 188 -50.68 -16.72 -30.56
N ASN A 189 -50.49 -18.04 -30.55
CA ASN A 189 -51.12 -18.87 -29.51
C ASN A 189 -50.28 -20.10 -29.11
N HIS A 190 -50.74 -20.87 -28.11
CA HIS A 190 -50.02 -22.04 -27.65
C HIS A 190 -49.85 -23.13 -28.73
N GLU A 191 -50.86 -23.33 -29.60
CA GLU A 191 -50.74 -24.34 -30.65
C GLU A 191 -49.64 -23.97 -31.64
N GLY A 192 -49.57 -22.69 -31.99
CA GLY A 192 -48.54 -22.20 -32.91
C GLY A 192 -47.15 -22.39 -32.35
N VAL A 193 -46.99 -22.18 -31.04
CA VAL A 193 -45.71 -22.35 -30.37
C VAL A 193 -45.35 -23.82 -30.32
N LYS A 194 -46.33 -24.69 -30.03
CA LYS A 194 -46.07 -26.12 -29.96
C LYS A 194 -45.81 -26.77 -31.31
N ARG A 195 -46.47 -26.31 -32.36
CA ARG A 195 -46.23 -26.85 -33.71
C ARG A 195 -45.29 -25.97 -34.52
N PHE A 196 -44.44 -25.16 -33.85
CA PHE A 196 -43.51 -24.21 -34.46
C PHE A 196 -42.64 -24.81 -35.56
N ASP A 197 -42.02 -25.96 -35.31
CA ASP A 197 -41.11 -26.57 -36.27
C ASP A 197 -41.76 -26.90 -37.59
N GLU A 198 -42.99 -27.45 -37.55
CA GLU A 198 -43.69 -27.78 -38.79
C GLU A 198 -44.17 -26.54 -39.55
N ILE A 199 -44.48 -25.46 -38.82
CA ILE A 199 -44.92 -24.20 -39.38
C ILE A 199 -43.74 -23.51 -40.05
N LEU A 200 -42.59 -23.44 -39.35
CA LEU A 200 -41.40 -22.79 -39.88
C LEU A 200 -40.91 -23.48 -41.15
N GLU A 201 -40.99 -24.81 -41.20
CA GLU A 201 -40.57 -25.59 -42.35
C GLU A 201 -41.27 -25.16 -43.64
N VAL A 202 -42.57 -24.88 -43.56
CA VAL A 202 -43.34 -24.48 -44.73
C VAL A 202 -43.51 -22.97 -44.88
N SER A 203 -43.01 -22.15 -43.95
CA SER A 203 -43.12 -20.69 -44.04
C SER A 203 -41.84 -20.08 -44.57
N ASP A 204 -41.93 -18.84 -45.06
CA ASP A 204 -40.74 -18.10 -45.48
C ASP A 204 -40.00 -17.46 -44.27
N GLY A 205 -40.76 -17.21 -43.21
CA GLY A 205 -40.30 -16.61 -41.97
C GLY A 205 -41.40 -16.59 -40.93
N ILE A 206 -41.08 -16.03 -39.75
CA ILE A 206 -42.03 -16.00 -38.62
C ILE A 206 -42.15 -14.60 -38.00
N MET A 207 -43.33 -14.30 -37.44
CA MET A 207 -43.51 -13.09 -36.66
C MET A 207 -43.89 -13.51 -35.25
N VAL A 208 -43.22 -12.97 -34.25
CA VAL A 208 -43.53 -13.24 -32.85
C VAL A 208 -44.58 -12.20 -32.49
N ALA A 209 -45.85 -12.58 -32.66
CA ALA A 209 -47.02 -11.73 -32.43
C ALA A 209 -47.36 -11.73 -30.95
N ARG A 210 -46.62 -10.90 -30.20
CA ARG A 210 -46.65 -10.82 -28.74
C ARG A 210 -47.95 -10.35 -28.11
N GLY A 211 -48.76 -9.57 -28.85
CA GLY A 211 -50.05 -9.09 -28.36
C GLY A 211 -50.99 -10.24 -28.01
N ASP A 212 -51.35 -11.05 -29.01
CA ASP A 212 -52.20 -12.21 -28.77
C ASP A 212 -51.48 -13.28 -27.98
N LEU A 213 -50.16 -13.45 -28.21
CA LEU A 213 -49.37 -14.44 -27.50
C LEU A 213 -49.40 -14.18 -25.98
N GLY A 214 -49.34 -12.91 -25.59
CA GLY A 214 -49.37 -12.50 -24.18
C GLY A 214 -50.71 -12.69 -23.50
N ILE A 215 -51.77 -12.95 -24.29
CA ILE A 215 -53.13 -13.21 -23.84
C ILE A 215 -53.39 -14.74 -23.86
N GLU A 216 -52.91 -15.43 -24.90
CA GLU A 216 -53.10 -16.87 -25.09
C GLU A 216 -52.25 -17.71 -24.14
N ILE A 217 -51.06 -17.23 -23.82
CA ILE A 217 -50.16 -17.91 -22.86
C ILE A 217 -49.86 -16.94 -21.69
N PRO A 218 -49.38 -17.42 -20.53
CA PRO A 218 -49.05 -16.49 -19.43
C PRO A 218 -48.11 -15.39 -19.88
N ALA A 219 -48.38 -14.14 -19.49
CA ALA A 219 -47.58 -13.00 -19.89
C ALA A 219 -46.09 -13.16 -19.58
N GLU A 220 -45.78 -13.80 -18.45
CA GLU A 220 -44.42 -14.06 -17.99
C GLU A 220 -43.68 -15.16 -18.75
N LYS A 221 -44.35 -15.85 -19.69
CA LYS A 221 -43.75 -16.90 -20.52
C LYS A 221 -43.46 -16.44 -21.95
N VAL A 222 -43.97 -15.27 -22.37
CA VAL A 222 -43.79 -14.79 -23.74
C VAL A 222 -42.31 -14.63 -24.12
N PHE A 223 -41.47 -14.13 -23.20
CA PHE A 223 -40.05 -13.96 -23.51
C PHE A 223 -39.37 -15.30 -23.88
N LEU A 224 -39.87 -16.42 -23.33
CA LEU A 224 -39.33 -17.74 -23.60
C LEU A 224 -39.67 -18.11 -25.05
N ALA A 225 -40.93 -17.87 -25.46
CA ALA A 225 -41.39 -18.15 -26.80
C ALA A 225 -40.63 -17.26 -27.80
N GLN A 226 -40.44 -15.97 -27.46
CA GLN A 226 -39.73 -15.07 -28.34
C GLN A 226 -38.27 -15.54 -28.55
N LYS A 227 -37.53 -15.72 -27.45
CA LYS A 227 -36.14 -16.15 -27.52
C LYS A 227 -35.94 -17.47 -28.23
N MET A 228 -36.87 -18.44 -28.02
CA MET A 228 -36.85 -19.75 -28.66
C MET A 228 -37.09 -19.63 -30.16
N MET A 229 -38.14 -18.88 -30.55
CA MET A 229 -38.48 -18.73 -31.95
C MET A 229 -37.42 -18.02 -32.71
N ILE A 230 -36.84 -16.95 -32.13
CA ILE A 230 -35.75 -16.21 -32.79
C ILE A 230 -34.54 -17.10 -33.02
N GLY A 231 -34.14 -17.84 -32.00
CA GLY A 231 -33.02 -18.76 -32.08
C GLY A 231 -33.20 -19.82 -33.15
N ARG A 232 -34.42 -20.41 -33.23
CA ARG A 232 -34.72 -21.42 -34.22
C ARG A 232 -34.76 -20.86 -35.64
N CYS A 233 -35.26 -19.64 -35.80
CA CYS A 233 -35.27 -19.00 -37.10
C CYS A 233 -33.86 -18.66 -37.53
N ASN A 234 -33.00 -18.23 -36.58
CA ASN A 234 -31.61 -17.93 -36.86
C ASN A 234 -30.89 -19.21 -37.30
N LEU A 235 -31.20 -20.31 -36.63
CA LEU A 235 -30.67 -21.62 -36.94
CA LEU A 235 -30.65 -21.62 -36.95
C LEU A 235 -31.08 -22.04 -38.36
N ALA A 236 -32.38 -21.83 -38.70
CA ALA A 236 -32.96 -22.18 -39.98
C ALA A 236 -32.55 -21.27 -41.14
N GLY A 237 -32.02 -20.09 -40.82
CA GLY A 237 -31.66 -19.09 -41.81
C GLY A 237 -32.86 -18.38 -42.40
N LYS A 238 -34.00 -18.34 -41.64
CA LYS A 238 -35.22 -17.69 -42.10
C LYS A 238 -35.51 -16.42 -41.30
N PRO A 239 -36.03 -15.36 -41.96
CA PRO A 239 -36.34 -14.13 -41.22
C PRO A 239 -37.31 -14.28 -40.04
N VAL A 240 -37.02 -13.58 -38.95
CA VAL A 240 -37.89 -13.55 -37.77
C VAL A 240 -38.17 -12.09 -37.38
N VAL A 241 -39.45 -11.76 -37.17
CA VAL A 241 -39.91 -10.41 -36.80
C VAL A 241 -40.34 -10.37 -35.35
N CYS A 242 -39.90 -9.35 -34.59
CA CYS A 242 -40.39 -9.16 -33.24
C CYS A 242 -41.44 -8.07 -33.31
N ALA A 243 -42.62 -8.35 -32.80
CA ALA A 243 -43.73 -7.40 -32.92
C ALA A 243 -44.48 -7.13 -31.62
N THR A 244 -45.20 -5.97 -31.58
CA THR A 244 -46.20 -5.48 -30.60
C THR A 244 -45.68 -4.91 -29.27
N GLN A 245 -46.09 -3.65 -29.01
CA GLN A 245 -45.85 -2.88 -27.78
C GLN A 245 -44.39 -2.57 -27.51
N MET A 246 -43.55 -2.59 -28.57
CA MET A 246 -42.12 -2.30 -28.44
C MET A 246 -41.84 -0.90 -27.92
N LEU A 247 -42.59 0.11 -28.43
CA LEU A 247 -42.47 1.52 -27.99
C LEU A 247 -43.87 2.07 -27.67
N GLU A 248 -44.75 1.25 -27.08
CA GLU A 248 -46.13 1.58 -26.80
C GLU A 248 -46.41 2.99 -26.24
N SER A 249 -45.69 3.43 -25.20
CA SER A 249 -45.89 4.76 -24.61
C SER A 249 -45.76 5.91 -25.60
N MET A 250 -44.97 5.73 -26.70
CA MET A 250 -44.78 6.75 -27.73
C MET A 250 -46.02 7.00 -28.62
N ILE A 251 -47.12 6.24 -28.40
CA ILE A 251 -48.38 6.52 -29.06
C ILE A 251 -48.88 7.93 -28.57
N THR A 252 -48.65 8.26 -27.28
CA THR A 252 -49.03 9.52 -26.68
C THR A 252 -47.84 10.39 -26.21
N LYS A 253 -46.66 9.79 -25.94
CA LYS A 253 -45.51 10.53 -25.40
C LYS A 253 -44.35 10.65 -26.37
N PRO A 254 -43.60 11.76 -26.37
CA PRO A 254 -42.51 11.92 -27.38
C PRO A 254 -41.28 11.03 -27.19
N ARG A 255 -41.08 10.52 -25.98
CA ARG A 255 -39.97 9.67 -25.59
C ARG A 255 -40.52 8.37 -25.01
N PRO A 256 -39.80 7.24 -25.22
CA PRO A 256 -40.27 5.97 -24.66
C PRO A 256 -39.78 5.72 -23.22
N THR A 257 -40.28 4.62 -22.61
CA THR A 257 -39.89 4.25 -21.26
C THR A 257 -38.54 3.49 -21.30
N ARG A 258 -37.94 3.28 -20.11
CA ARG A 258 -36.70 2.56 -19.98
C ARG A 258 -36.86 1.10 -20.40
N ALA A 259 -38.04 0.51 -20.13
CA ALA A 259 -38.37 -0.85 -20.52
C ALA A 259 -38.50 -0.99 -22.03
N GLU A 260 -39.06 0.03 -22.67
CA GLU A 260 -39.29 0.03 -24.11
C GLU A 260 -38.00 0.05 -24.91
N THR A 261 -37.06 0.95 -24.57
CA THR A 261 -35.77 0.99 -25.25
C THR A 261 -35.01 -0.32 -25.05
N SER A 262 -35.08 -0.86 -23.83
CA SER A 262 -34.49 -2.13 -23.46
C SER A 262 -35.05 -3.24 -24.32
N ASP A 263 -36.38 -3.32 -24.46
CA ASP A 263 -37.07 -4.34 -25.24
C ASP A 263 -36.60 -4.38 -26.70
N VAL A 264 -36.48 -3.19 -27.33
CA VAL A 264 -36.04 -3.06 -28.70
C VAL A 264 -34.60 -3.53 -28.82
N ALA A 265 -33.74 -3.05 -27.92
CA ALA A 265 -32.33 -3.45 -27.93
C ALA A 265 -32.16 -4.95 -27.75
N ASN A 266 -32.99 -5.55 -26.88
CA ASN A 266 -32.93 -6.98 -26.62
C ASN A 266 -33.50 -7.82 -27.73
N ALA A 267 -34.50 -7.33 -28.50
CA ALA A 267 -35.00 -8.08 -29.66
C ALA A 267 -33.87 -8.22 -30.69
N VAL A 268 -33.08 -7.15 -30.89
CA VAL A 268 -31.93 -7.15 -31.79
C VAL A 268 -30.89 -8.13 -31.24
N LEU A 269 -30.53 -7.99 -29.97
CA LEU A 269 -29.57 -8.89 -29.32
C LEU A 269 -30.03 -10.34 -29.32
N ASP A 270 -31.33 -10.61 -29.32
CA ASP A 270 -31.90 -11.95 -29.42
C ASP A 270 -31.61 -12.56 -30.80
N GLY A 271 -31.57 -11.73 -31.84
CA GLY A 271 -31.27 -12.16 -33.20
C GLY A 271 -32.39 -11.87 -34.19
N ALA A 272 -33.33 -10.96 -33.84
CA ALA A 272 -34.46 -10.63 -34.72
C ALA A 272 -34.00 -9.93 -35.98
N ASP A 273 -34.57 -10.34 -37.13
CA ASP A 273 -34.22 -9.72 -38.41
C ASP A 273 -34.96 -8.39 -38.56
N CYS A 274 -36.23 -8.33 -38.09
CA CYS A 274 -37.07 -7.14 -38.18
C CYS A 274 -37.69 -6.82 -36.84
N ILE A 275 -37.92 -5.52 -36.63
CA ILE A 275 -38.63 -4.99 -35.46
C ILE A 275 -39.84 -4.22 -36.00
N MET A 276 -40.94 -4.24 -35.24
CA MET A 276 -42.17 -3.64 -35.72
C MET A 276 -42.77 -2.54 -34.85
N LEU A 277 -43.51 -1.64 -35.49
CA LEU A 277 -44.27 -0.57 -34.85
C LEU A 277 -45.73 -0.75 -35.27
N SER A 278 -46.65 -0.83 -34.30
CA SER A 278 -48.07 -1.02 -34.62
C SER A 278 -48.82 0.30 -34.38
N GLY A 279 -49.49 0.46 -33.22
CA GLY A 279 -50.21 1.67 -32.86
C GLY A 279 -49.33 2.90 -32.86
N GLU A 280 -48.03 2.73 -32.55
CA GLU A 280 -47.04 3.79 -32.50
C GLU A 280 -46.97 4.56 -33.81
N THR A 281 -47.10 3.87 -34.97
CA THR A 281 -47.09 4.53 -36.28
C THR A 281 -48.48 4.61 -36.94
N ALA A 282 -49.38 3.66 -36.64
CA ALA A 282 -50.71 3.63 -37.24
C ALA A 282 -51.65 4.70 -36.71
N LYS A 283 -51.67 4.94 -35.41
CA LYS A 283 -52.58 5.90 -34.81
C LYS A 283 -51.94 6.91 -33.84
N GLY A 284 -50.67 6.73 -33.52
CA GLY A 284 -49.96 7.56 -32.54
C GLY A 284 -49.54 8.95 -32.97
N ASN A 285 -49.31 9.83 -31.97
CA ASN A 285 -48.92 11.21 -32.15
C ASN A 285 -47.49 11.41 -32.59
N PHE A 286 -46.62 10.39 -32.46
CA PHE A 286 -45.21 10.54 -32.86
C PHE A 286 -44.73 9.39 -33.78
N PRO A 287 -45.35 9.17 -34.97
CA PRO A 287 -44.93 8.03 -35.80
C PRO A 287 -43.53 8.13 -36.37
N VAL A 288 -43.12 9.34 -36.74
CA VAL A 288 -41.77 9.54 -37.28
C VAL A 288 -40.72 9.40 -36.16
N GLU A 289 -41.06 9.88 -34.97
CA GLU A 289 -40.20 9.81 -33.81
C GLU A 289 -40.00 8.37 -33.35
N ALA A 290 -41.04 7.52 -33.51
CA ALA A 290 -41.00 6.11 -33.15
C ALA A 290 -40.04 5.35 -34.09
N VAL A 291 -40.10 5.67 -35.38
CA VAL A 291 -39.20 5.06 -36.38
C VAL A 291 -37.76 5.46 -36.08
N LYS A 292 -37.56 6.77 -35.80
CA LYS A 292 -36.25 7.31 -35.47
C LYS A 292 -35.68 6.65 -34.22
N MET A 293 -36.54 6.40 -33.24
CA MET A 293 -36.15 5.75 -31.99
C MET A 293 -35.73 4.30 -32.23
N GLN A 294 -36.54 3.53 -32.98
CA GLN A 294 -36.17 2.15 -33.31
C GLN A 294 -34.86 2.10 -34.08
N HIS A 295 -34.67 3.06 -35.01
CA HIS A 295 -33.45 3.13 -35.79
C HIS A 295 -32.24 3.37 -34.86
N ALA A 296 -32.34 4.36 -33.93
CA ALA A 296 -31.28 4.72 -33.01
C ALA A 296 -30.87 3.55 -32.11
N ILE A 297 -31.85 2.81 -31.56
CA ILE A 297 -31.59 1.68 -30.66
C ILE A 297 -31.00 0.51 -31.42
N ALA A 298 -31.56 0.16 -32.59
CA ALA A 298 -31.07 -0.98 -33.38
C ALA A 298 -29.60 -0.83 -33.72
N ARG A 299 -29.17 0.37 -34.11
CA ARG A 299 -27.78 0.68 -34.44
C ARG A 299 -26.86 0.37 -33.26
N GLU A 300 -27.26 0.81 -32.06
CA GLU A 300 -26.49 0.60 -30.85
C GLU A 300 -26.40 -0.87 -30.50
N ALA A 301 -27.54 -1.59 -30.63
CA ALA A 301 -27.66 -3.00 -30.30
C ALA A 301 -26.91 -3.90 -31.27
N GLU A 302 -26.88 -3.56 -32.55
CA GLU A 302 -26.16 -4.35 -33.54
C GLU A 302 -24.66 -4.29 -33.29
N ALA A 303 -24.15 -3.10 -32.89
CA ALA A 303 -22.72 -2.94 -32.60
C ALA A 303 -22.33 -3.76 -31.36
N ALA A 304 -23.25 -3.89 -30.40
CA ALA A 304 -23.07 -4.65 -29.16
C ALA A 304 -23.27 -6.17 -29.30
N VAL A 305 -23.53 -6.68 -30.52
CA VAL A 305 -23.67 -8.12 -30.73
C VAL A 305 -22.27 -8.77 -30.59
N TYR A 306 -22.20 -9.89 -29.86
CA TYR A 306 -20.93 -10.60 -29.65
C TYR A 306 -20.71 -11.53 -30.84
N HIS A 307 -20.24 -10.98 -31.96
CA HIS A 307 -20.04 -11.72 -33.21
C HIS A 307 -19.12 -12.92 -33.06
N ARG A 308 -18.12 -12.84 -32.18
CA ARG A 308 -17.17 -13.94 -31.98
C ARG A 308 -17.90 -15.27 -31.65
N GLN A 309 -18.75 -15.24 -30.62
CA GLN A 309 -19.50 -16.40 -30.23
C GLN A 309 -20.59 -16.69 -31.25
N LEU A 310 -21.29 -15.65 -31.70
CA LEU A 310 -22.39 -15.79 -32.64
C LEU A 310 -22.00 -16.50 -33.93
N PHE A 311 -20.97 -16.01 -34.63
CA PHE A 311 -20.52 -16.61 -35.87
C PHE A 311 -20.08 -18.03 -35.65
N GLU A 312 -19.29 -18.27 -34.59
CA GLU A 312 -18.83 -19.61 -34.26
C GLU A 312 -19.95 -20.59 -34.04
N GLU A 313 -21.00 -20.16 -33.31
CA GLU A 313 -22.14 -21.01 -33.03
C GLU A 313 -22.97 -21.25 -34.26
N LEU A 314 -23.16 -20.21 -35.09
CA LEU A 314 -23.89 -20.32 -36.35
C LEU A 314 -23.17 -21.24 -37.31
N ARG A 315 -21.85 -21.12 -37.37
CA ARG A 315 -20.97 -21.92 -38.19
C ARG A 315 -21.10 -23.37 -37.78
N ARG A 316 -20.87 -23.67 -36.48
CA ARG A 316 -20.90 -25.01 -35.91
C ARG A 316 -22.24 -25.67 -36.17
N ALA A 317 -23.33 -24.91 -35.94
CA ALA A 317 -24.69 -25.43 -36.06
C ALA A 317 -25.17 -25.64 -37.48
N ALA A 318 -24.74 -24.80 -38.42
CA ALA A 318 -25.16 -24.93 -39.80
C ALA A 318 -24.63 -26.20 -40.41
N PRO A 319 -25.53 -26.99 -41.06
CA PRO A 319 -25.11 -28.28 -41.61
C PRO A 319 -24.20 -28.17 -42.80
N LEU A 320 -23.45 -29.25 -43.08
CA LEU A 320 -22.56 -29.33 -44.24
C LEU A 320 -23.43 -29.24 -45.49
N SER A 321 -22.93 -28.58 -46.52
CA SER A 321 -23.73 -28.39 -47.72
C SER A 321 -22.94 -28.60 -48.96
N ARG A 322 -23.59 -29.14 -49.98
CA ARG A 322 -22.96 -29.29 -51.28
CA ARG A 322 -22.94 -29.29 -51.28
C ARG A 322 -23.51 -28.29 -52.33
N ASP A 323 -24.26 -27.26 -51.86
CA ASP A 323 -24.83 -26.19 -52.67
C ASP A 323 -23.78 -25.10 -52.75
N PRO A 324 -23.32 -24.77 -53.96
CA PRO A 324 -22.26 -23.74 -54.11
C PRO A 324 -22.62 -22.37 -53.58
N THR A 325 -23.91 -22.03 -53.55
CA THR A 325 -24.34 -20.75 -53.02
C THR A 325 -24.11 -20.76 -51.50
N GLU A 326 -24.53 -21.85 -50.83
CA GLU A 326 -24.37 -22.11 -49.39
C GLU A 326 -22.88 -22.13 -49.02
N VAL A 327 -22.07 -22.78 -49.85
CA VAL A 327 -20.63 -22.89 -49.64
C VAL A 327 -19.93 -21.55 -49.84
N THR A 328 -20.28 -20.80 -50.91
CA THR A 328 -19.69 -19.50 -51.19
C THR A 328 -20.07 -18.52 -50.10
N ALA A 329 -21.30 -18.59 -49.58
CA ALA A 329 -21.77 -17.68 -48.54
C ALA A 329 -20.91 -17.74 -47.27
N ILE A 330 -20.60 -18.97 -46.79
CA ILE A 330 -19.78 -19.09 -45.57
C ILE A 330 -18.33 -18.65 -45.82
N GLY A 331 -17.80 -18.93 -47.01
CA GLY A 331 -16.46 -18.51 -47.36
C GLY A 331 -16.36 -17.00 -47.42
N ALA A 332 -17.40 -16.35 -47.99
CA ALA A 332 -17.46 -14.90 -48.12
C ALA A 332 -17.54 -14.24 -46.75
N VAL A 333 -18.38 -14.76 -45.85
CA VAL A 333 -18.54 -14.21 -44.50
C VAL A 333 -17.24 -14.37 -43.70
N GLU A 334 -16.58 -15.54 -43.83
CA GLU A 334 -15.32 -15.79 -43.17
C GLU A 334 -14.24 -14.80 -43.63
N ALA A 335 -14.15 -14.59 -44.96
CA ALA A 335 -13.18 -13.67 -45.56
C ALA A 335 -13.46 -12.23 -45.11
N ALA A 336 -14.73 -11.85 -45.02
CA ALA A 336 -15.12 -10.51 -44.58
C ALA A 336 -14.67 -10.25 -43.13
N PHE A 337 -14.82 -11.25 -42.25
CA PHE A 337 -14.39 -11.10 -40.87
C PHE A 337 -12.85 -10.94 -40.78
N LYS A 338 -12.10 -11.71 -41.59
CA LYS A 338 -10.64 -11.71 -41.65
C LYS A 338 -10.01 -10.35 -41.97
N CYS A 339 -10.63 -9.59 -42.87
CA CYS A 339 -10.07 -8.31 -43.29
C CYS A 339 -10.83 -7.10 -42.78
N CYS A 340 -11.90 -7.29 -41.97
CA CYS A 340 -12.76 -6.19 -41.53
C CYS A 340 -13.36 -5.52 -42.76
N ALA A 341 -13.84 -6.34 -43.72
CA ALA A 341 -14.42 -5.88 -44.98
C ALA A 341 -15.54 -4.89 -44.71
N ALA A 342 -15.55 -3.77 -45.45
CA ALA A 342 -16.58 -2.75 -45.26
C ALA A 342 -17.95 -3.29 -45.67
N ALA A 343 -17.97 -4.11 -46.73
CA ALA A 343 -19.20 -4.65 -47.26
C ALA A 343 -18.94 -5.97 -48.03
N ILE A 344 -20.02 -6.69 -48.32
CA ILE A 344 -20.07 -7.87 -49.15
C ILE A 344 -21.07 -7.49 -50.22
N ILE A 345 -20.63 -7.36 -51.46
CA ILE A 345 -21.52 -7.00 -52.56
C ILE A 345 -21.93 -8.26 -53.25
N VAL A 346 -23.24 -8.50 -53.32
CA VAL A 346 -23.73 -9.73 -53.91
C VAL A 346 -24.72 -9.46 -55.02
N LEU A 347 -24.62 -10.28 -56.08
CA LEU A 347 -25.53 -10.18 -57.21
C LEU A 347 -26.61 -11.18 -56.96
N THR A 348 -27.84 -10.72 -56.88
CA THR A 348 -28.93 -11.64 -56.65
C THR A 348 -30.14 -11.35 -57.53
N THR A 349 -30.82 -12.43 -57.92
CA THR A 349 -31.99 -12.35 -58.76
C THR A 349 -33.23 -12.43 -57.86
N THR A 350 -33.31 -13.49 -57.03
CA THR A 350 -34.41 -13.77 -56.10
C THR A 350 -34.16 -13.25 -54.68
N GLY A 351 -32.91 -12.90 -54.37
CA GLY A 351 -32.52 -12.49 -53.03
C GLY A 351 -31.93 -13.64 -52.21
N ARG A 352 -31.93 -14.88 -52.75
CA ARG A 352 -31.44 -16.03 -52.02
C ARG A 352 -29.98 -15.93 -51.64
N SER A 353 -29.13 -15.50 -52.57
CA SER A 353 -27.70 -15.37 -52.30
C SER A 353 -27.43 -14.40 -51.15
N ALA A 354 -28.21 -13.30 -51.08
CA ALA A 354 -28.05 -12.33 -50.01
C ALA A 354 -28.55 -12.94 -48.70
N GLN A 355 -29.68 -13.67 -48.74
CA GLN A 355 -30.24 -14.31 -47.56
C GLN A 355 -29.24 -15.31 -46.96
N LEU A 356 -28.54 -16.07 -47.80
CA LEU A 356 -27.56 -17.04 -47.31
C LEU A 356 -26.34 -16.38 -46.69
N LEU A 357 -26.00 -15.16 -47.12
CA LEU A 357 -24.89 -14.42 -46.50
C LEU A 357 -25.35 -13.94 -45.11
N SER A 358 -26.57 -13.36 -45.08
CA SER A 358 -27.24 -12.81 -43.91
C SER A 358 -27.36 -13.82 -42.76
N ARG A 359 -27.62 -15.10 -43.09
CA ARG A 359 -27.78 -16.14 -42.07
C ARG A 359 -26.53 -16.33 -41.19
N TYR A 360 -25.34 -15.98 -41.71
CA TYR A 360 -24.12 -16.08 -40.91
C TYR A 360 -23.79 -14.80 -40.13
N ARG A 361 -24.74 -13.86 -40.09
CA ARG A 361 -24.64 -12.60 -39.38
C ARG A 361 -23.29 -11.89 -39.49
N PRO A 362 -22.86 -11.53 -40.72
CA PRO A 362 -21.59 -10.78 -40.85
C PRO A 362 -21.70 -9.38 -40.24
N ARG A 363 -20.57 -8.83 -39.82
CA ARG A 363 -20.55 -7.43 -39.36
C ARG A 363 -20.57 -6.51 -40.63
N ALA A 364 -20.04 -7.00 -41.79
CA ALA A 364 -20.02 -6.28 -43.06
C ALA A 364 -21.42 -6.19 -43.65
N ALA A 365 -21.76 -5.04 -44.25
CA ALA A 365 -23.06 -4.85 -44.86
C ALA A 365 -23.19 -5.71 -46.10
N VAL A 366 -24.33 -6.37 -46.29
CA VAL A 366 -24.55 -7.16 -47.50
C VAL A 366 -25.28 -6.28 -48.47
N ILE A 367 -24.56 -5.70 -49.43
CA ILE A 367 -25.12 -4.83 -50.44
C ILE A 367 -25.61 -5.73 -51.58
N ALA A 368 -26.92 -5.89 -51.70
CA ALA A 368 -27.49 -6.77 -52.70
C ALA A 368 -27.94 -6.01 -53.94
N VAL A 369 -27.24 -6.22 -55.08
CA VAL A 369 -27.57 -5.57 -56.35
C VAL A 369 -28.50 -6.49 -57.17
N THR A 370 -29.72 -5.99 -57.43
CA THR A 370 -30.72 -6.77 -58.15
C THR A 370 -31.49 -5.93 -59.17
N ARG A 371 -31.90 -6.57 -60.27
CA ARG A 371 -32.77 -5.92 -61.25
C ARG A 371 -34.25 -6.13 -60.87
N SER A 372 -34.57 -7.10 -59.98
CA SER A 372 -35.91 -7.40 -59.52
C SER A 372 -36.34 -6.40 -58.45
N ALA A 373 -37.37 -5.60 -58.73
CA ALA A 373 -37.88 -4.63 -57.75
C ALA A 373 -38.56 -5.37 -56.58
N GLN A 374 -39.25 -6.49 -56.86
CA GLN A 374 -39.91 -7.24 -55.80
C GLN A 374 -38.87 -7.86 -54.85
N ALA A 375 -37.81 -8.46 -55.41
CA ALA A 375 -36.75 -9.04 -54.59
C ALA A 375 -36.06 -7.95 -53.77
N ALA A 376 -35.82 -6.78 -54.36
CA ALA A 376 -35.21 -5.65 -53.65
C ALA A 376 -36.04 -5.25 -52.43
N ARG A 377 -37.36 -5.33 -52.52
CA ARG A 377 -38.24 -4.97 -51.42
C ARG A 377 -38.29 -6.10 -50.40
N GLN A 378 -38.39 -7.34 -50.86
CA GLN A 378 -38.47 -8.52 -49.99
C GLN A 378 -37.19 -8.82 -49.20
N VAL A 379 -36.04 -8.41 -49.70
CA VAL A 379 -34.77 -8.65 -49.00
C VAL A 379 -34.64 -7.81 -47.69
N HIS A 380 -35.58 -6.89 -47.43
CA HIS A 380 -35.62 -6.16 -46.18
C HIS A 380 -35.91 -7.12 -45.02
N LEU A 381 -36.57 -8.26 -45.28
CA LEU A 381 -36.85 -9.26 -44.26
C LEU A 381 -35.56 -9.86 -43.67
N CYS A 382 -34.46 -9.86 -44.43
CA CYS A 382 -33.19 -10.38 -43.99
C CYS A 382 -32.33 -9.29 -43.38
N ARG A 383 -31.81 -9.52 -42.15
CA ARG A 383 -30.98 -8.58 -41.43
C ARG A 383 -29.63 -8.36 -42.10
N GLY A 384 -29.23 -7.09 -42.22
CA GLY A 384 -27.95 -6.71 -42.79
C GLY A 384 -27.89 -6.71 -44.29
N VAL A 385 -29.05 -6.90 -44.95
CA VAL A 385 -29.08 -6.87 -46.41
C VAL A 385 -29.71 -5.57 -46.86
N PHE A 386 -28.89 -4.78 -47.60
CA PHE A 386 -29.14 -3.44 -48.14
C PHE A 386 -29.40 -3.55 -49.63
N PRO A 387 -30.67 -3.56 -50.04
CA PRO A 387 -30.99 -3.73 -51.46
C PRO A 387 -30.77 -2.51 -52.36
N LEU A 388 -30.16 -2.75 -53.53
CA LEU A 388 -29.93 -1.71 -54.54
C LEU A 388 -30.60 -2.16 -55.80
N LEU A 389 -31.55 -1.35 -56.32
CA LEU A 389 -32.24 -1.71 -57.55
C LEU A 389 -31.47 -1.20 -58.75
N TYR A 390 -30.98 -2.12 -59.59
CA TYR A 390 -30.24 -1.83 -60.80
C TYR A 390 -31.22 -1.57 -61.94
N ARG A 391 -31.11 -0.34 -62.48
CA ARG A 391 -31.98 0.18 -63.52
C ARG A 391 -31.21 0.63 -64.78
N GLU A 392 -30.35 -0.25 -65.28
CA GLU A 392 -29.61 -0.05 -66.51
CA GLU A 392 -29.62 -0.05 -66.51
C GLU A 392 -29.84 -1.28 -67.41
N PRO A 393 -29.92 -1.10 -68.73
CA PRO A 393 -30.19 -2.25 -69.62
C PRO A 393 -28.99 -3.17 -69.75
N PRO A 394 -29.27 -4.49 -69.90
CA PRO A 394 -28.17 -5.46 -69.99
C PRO A 394 -27.10 -5.16 -71.04
N GLU A 395 -25.82 -5.38 -70.69
CA GLU A 395 -24.69 -5.24 -71.60
C GLU A 395 -24.67 -6.46 -72.52
N ALA A 396 -24.00 -6.33 -73.69
CA ALA A 396 -23.91 -7.43 -74.64
C ALA A 396 -23.06 -8.57 -74.06
N ILE A 397 -21.92 -8.21 -73.45
CA ILE A 397 -21.06 -9.19 -72.82
C ILE A 397 -21.53 -9.40 -71.37
N TRP A 398 -21.97 -10.62 -71.02
CA TRP A 398 -22.45 -10.92 -69.67
C TRP A 398 -21.46 -10.56 -68.59
N ALA A 399 -20.17 -10.88 -68.77
CA ALA A 399 -19.14 -10.52 -67.80
C ALA A 399 -19.07 -9.01 -67.55
N ASP A 400 -19.26 -8.22 -68.60
CA ASP A 400 -19.26 -6.75 -68.50
C ASP A 400 -20.50 -6.24 -67.76
N ASP A 401 -21.64 -6.91 -67.94
CA ASP A 401 -22.88 -6.58 -67.26
C ASP A 401 -22.72 -6.78 -65.76
N VAL A 402 -22.05 -7.89 -65.37
CA VAL A 402 -21.78 -8.24 -64.01
C VAL A 402 -20.90 -7.17 -63.38
N ASP A 403 -19.79 -6.79 -64.03
CA ASP A 403 -18.87 -5.77 -63.51
CA ASP A 403 -18.87 -5.77 -63.51
C ASP A 403 -19.53 -4.40 -63.37
N ARG A 404 -20.51 -4.09 -64.24
CA ARG A 404 -21.23 -2.82 -64.14
C ARG A 404 -22.10 -2.83 -62.87
N ARG A 405 -22.74 -3.96 -62.58
CA ARG A 405 -23.56 -4.09 -61.39
C ARG A 405 -22.74 -4.04 -60.11
N VAL A 406 -21.52 -4.60 -60.15
CA VAL A 406 -20.59 -4.55 -59.02
C VAL A 406 -20.13 -3.10 -58.81
N GLN A 407 -19.84 -2.39 -59.91
CA GLN A 407 -19.45 -1.00 -59.83
C GLN A 407 -20.58 -0.11 -59.34
N PHE A 408 -21.82 -0.47 -59.66
CA PHE A 408 -23.01 0.23 -59.18
C PHE A 408 -23.09 0.12 -57.66
N GLY A 409 -22.81 -1.08 -57.13
CA GLY A 409 -22.82 -1.35 -55.71
C GLY A 409 -21.76 -0.53 -55.01
N ILE A 410 -20.57 -0.44 -55.62
CA ILE A 410 -19.47 0.34 -55.06
C ILE A 410 -19.78 1.82 -55.06
N GLU A 411 -20.34 2.36 -56.15
CA GLU A 411 -20.71 3.76 -56.23
C GLU A 411 -21.83 4.14 -55.25
N SER A 412 -22.90 3.31 -55.16
CA SER A 412 -24.00 3.52 -54.20
C SER A 412 -23.49 3.43 -52.77
N GLY A 413 -22.58 2.49 -52.51
CA GLY A 413 -21.98 2.28 -51.21
C GLY A 413 -21.16 3.48 -50.81
N LYS A 414 -20.36 4.00 -51.75
CA LYS A 414 -19.51 5.17 -51.55
C LYS A 414 -20.35 6.37 -51.23
N LEU A 415 -21.45 6.56 -51.99
CA LEU A 415 -22.37 7.67 -51.81
C LEU A 415 -23.05 7.60 -50.45
N ARG A 416 -23.54 6.40 -50.06
CA ARG A 416 -24.28 6.25 -48.81
C ARG A 416 -23.41 6.14 -47.55
N GLY A 417 -22.09 6.25 -47.69
CA GLY A 417 -21.18 6.20 -46.55
C GLY A 417 -20.72 4.82 -46.13
N PHE A 418 -21.18 3.75 -46.82
CA PHE A 418 -20.75 2.38 -46.52
C PHE A 418 -19.28 2.17 -46.86
N LEU A 419 -18.80 2.82 -47.93
CA LEU A 419 -17.44 2.59 -48.41
C LEU A 419 -16.63 3.85 -48.54
N ARG A 420 -15.32 3.70 -48.46
CA ARG A 420 -14.30 4.71 -48.64
C ARG A 420 -13.15 4.09 -49.45
N VAL A 421 -12.38 4.92 -50.18
CA VAL A 421 -11.23 4.43 -50.94
C VAL A 421 -10.22 3.79 -49.98
N GLY A 422 -9.76 2.60 -50.32
CA GLY A 422 -8.84 1.87 -49.46
C GLY A 422 -9.51 0.75 -48.69
N ASP A 423 -10.87 0.75 -48.61
CA ASP A 423 -11.61 -0.31 -47.93
C ASP A 423 -11.50 -1.62 -48.72
N LEU A 424 -11.70 -2.75 -48.02
CA LEU A 424 -11.73 -4.04 -48.68
C LEU A 424 -13.19 -4.50 -48.76
N VAL A 425 -13.58 -5.10 -49.87
CA VAL A 425 -14.92 -5.64 -50.05
C VAL A 425 -14.85 -7.05 -50.58
N ILE A 426 -15.87 -7.83 -50.28
CA ILE A 426 -15.96 -9.20 -50.77
C ILE A 426 -17.06 -9.18 -51.81
N VAL A 427 -16.77 -9.63 -53.03
CA VAL A 427 -17.77 -9.61 -54.09
C VAL A 427 -18.24 -11.01 -54.44
N VAL A 428 -19.53 -11.25 -54.26
CA VAL A 428 -20.12 -12.56 -54.50
C VAL A 428 -20.93 -12.57 -55.77
N THR A 429 -20.50 -13.36 -56.76
CA THR A 429 -21.13 -13.51 -58.08
C THR A 429 -21.28 -15.02 -58.48
N GLY A 430 -21.87 -15.28 -59.64
CA GLY A 430 -22.05 -16.61 -60.18
C GLY A 430 -21.25 -16.83 -61.45
N TRP A 431 -21.29 -18.08 -61.98
CA TRP A 431 -20.54 -18.45 -63.19
C TRP A 431 -21.35 -18.33 -64.50
N ARG A 432 -22.67 -18.33 -64.39
CA ARG A 432 -23.57 -18.24 -65.52
C ARG A 432 -24.84 -17.45 -65.13
N PRO A 433 -25.48 -16.72 -66.08
CA PRO A 433 -26.67 -15.94 -65.70
C PRO A 433 -27.84 -16.79 -65.20
N GLY A 434 -28.81 -16.15 -64.56
CA GLY A 434 -29.96 -16.86 -64.02
C GLY A 434 -29.89 -17.07 -62.52
N SER A 435 -30.90 -17.71 -61.94
CA SER A 435 -30.94 -17.91 -60.51
C SER A 435 -30.40 -19.30 -60.07
N GLY A 436 -29.61 -19.30 -58.99
CA GLY A 436 -29.08 -20.53 -58.42
C GLY A 436 -27.64 -20.89 -58.76
N TYR A 437 -26.89 -20.00 -59.39
CA TYR A 437 -25.53 -20.32 -59.83
C TYR A 437 -24.43 -19.55 -59.14
N THR A 438 -24.71 -18.97 -57.94
CA THR A 438 -23.67 -18.24 -57.21
C THR A 438 -22.56 -19.22 -56.78
N ASN A 439 -21.30 -18.87 -57.05
CA ASN A 439 -20.19 -19.74 -56.72
C ASN A 439 -18.81 -19.05 -56.66
N ILE A 440 -18.78 -17.71 -56.81
CA ILE A 440 -17.51 -17.00 -56.85
C ILE A 440 -17.44 -15.95 -55.75
N MET A 441 -16.26 -15.84 -55.13
CA MET A 441 -16.02 -14.84 -54.11
CA MET A 441 -15.99 -14.89 -54.06
C MET A 441 -14.69 -14.15 -54.40
N ARG A 442 -14.70 -12.82 -54.47
CA ARG A 442 -13.49 -12.05 -54.79
C ARG A 442 -13.15 -11.04 -53.71
N VAL A 443 -11.85 -10.82 -53.48
CA VAL A 443 -11.42 -9.80 -52.52
C VAL A 443 -11.00 -8.58 -53.32
N LEU A 444 -11.73 -7.47 -53.18
CA LEU A 444 -11.49 -6.25 -53.96
C LEU A 444 -11.14 -5.06 -53.08
N SER A 445 -10.13 -4.29 -53.48
CA SER A 445 -9.76 -3.07 -52.77
C SER A 445 -10.46 -1.89 -53.44
N ILE A 446 -11.11 -1.04 -52.66
CA ILE A 446 -11.85 0.11 -53.19
C ILE A 446 -10.95 1.20 -53.73
N SER A 447 -11.22 1.55 -55.01
CA SER A 447 -10.60 2.59 -55.87
C SER A 447 -9.05 2.45 -55.96
N ARG B 12 -26.07 -34.44 -34.89
CA ARG B 12 -26.46 -35.25 -36.05
C ARG B 12 -27.17 -34.42 -37.12
N ALA B 13 -27.85 -33.33 -36.74
CA ALA B 13 -28.54 -32.48 -37.71
C ALA B 13 -27.55 -31.70 -38.60
N ASP B 14 -26.32 -31.41 -38.10
CA ASP B 14 -25.30 -30.70 -38.88
C ASP B 14 -24.66 -31.58 -39.99
N VAL B 15 -24.98 -32.88 -40.02
CA VAL B 15 -24.49 -33.79 -41.07
C VAL B 15 -25.62 -34.67 -41.61
N ALA B 16 -26.90 -34.48 -41.18
CA ALA B 16 -27.98 -35.36 -41.59
C ALA B 16 -28.19 -35.45 -43.10
N GLN B 17 -28.34 -34.32 -43.82
CA GLN B 17 -28.55 -34.36 -45.26
C GLN B 17 -27.28 -34.77 -46.00
N LEU B 18 -26.11 -34.27 -45.57
CA LEU B 18 -24.87 -34.70 -46.23
C LEU B 18 -24.59 -36.18 -46.02
N THR B 19 -25.07 -36.77 -44.91
CA THR B 19 -24.94 -38.20 -44.63
C THR B 19 -25.86 -38.98 -45.56
N GLN B 20 -27.06 -38.46 -45.82
CA GLN B 20 -28.00 -39.08 -46.74
C GLN B 20 -27.42 -39.05 -48.15
N GLU B 21 -26.79 -37.93 -48.55
CA GLU B 21 -26.19 -37.74 -49.87
C GLU B 21 -24.91 -38.53 -50.10
N LEU B 22 -23.89 -38.36 -49.26
CA LEU B 22 -22.60 -39.05 -49.44
C LEU B 22 -22.60 -40.50 -48.95
N GLY B 23 -23.50 -40.82 -48.02
CA GLY B 23 -23.61 -42.18 -47.49
C GLY B 23 -23.01 -42.35 -46.12
N THR B 24 -23.50 -43.34 -45.35
CA THR B 24 -22.97 -43.60 -44.02
C THR B 24 -21.56 -44.14 -44.10
N ALA B 25 -21.26 -44.96 -45.11
CA ALA B 25 -19.91 -45.51 -45.30
C ALA B 25 -18.86 -44.43 -45.49
N PHE B 26 -19.22 -43.30 -46.12
CA PHE B 26 -18.28 -42.20 -46.33
C PHE B 26 -17.91 -41.59 -44.98
N PHE B 27 -18.92 -41.39 -44.11
CA PHE B 27 -18.74 -40.78 -42.81
C PHE B 27 -18.13 -41.71 -41.75
N GLN B 28 -17.86 -42.98 -42.09
CA GLN B 28 -17.17 -43.89 -41.19
C GLN B 28 -15.65 -43.79 -41.44
N GLN B 29 -15.21 -43.54 -42.69
CA GLN B 29 -13.82 -43.46 -43.09
C GLN B 29 -13.14 -42.17 -42.61
N GLN B 30 -11.79 -42.12 -42.77
CA GLN B 30 -10.82 -41.04 -42.44
C GLN B 30 -11.13 -40.34 -41.11
N GLN B 31 -11.49 -41.12 -40.08
CA GLN B 31 -11.79 -40.67 -38.72
C GLN B 31 -12.84 -39.55 -38.67
N LEU B 32 -13.83 -39.59 -39.56
CA LEU B 32 -14.87 -38.57 -39.58
C LEU B 32 -15.73 -38.59 -38.33
N PRO B 33 -16.09 -39.75 -37.71
CA PRO B 33 -16.83 -39.68 -36.44
C PRO B 33 -16.02 -38.97 -35.35
N ALA B 34 -14.69 -39.20 -35.29
CA ALA B 34 -13.82 -38.57 -34.31
C ALA B 34 -13.64 -37.07 -34.59
N ALA B 35 -13.72 -36.66 -35.87
CA ALA B 35 -13.56 -35.27 -36.27
C ALA B 35 -14.81 -34.44 -35.95
N MET B 36 -15.99 -35.08 -35.92
CA MET B 36 -17.26 -34.42 -35.59
C MET B 36 -17.43 -34.17 -34.07
N ALA B 37 -16.57 -34.78 -33.22
CA ALA B 37 -16.65 -34.65 -31.76
C ALA B 37 -16.64 -33.24 -31.23
N ASP B 38 -17.39 -32.99 -30.16
CA ASP B 38 -17.50 -31.66 -29.56
C ASP B 38 -16.35 -31.33 -28.60
N THR B 39 -15.64 -32.34 -28.08
CA THR B 39 -14.49 -32.13 -27.23
C THR B 39 -13.31 -32.95 -27.75
N PHE B 40 -12.10 -32.54 -27.37
CA PHE B 40 -10.87 -33.26 -27.72
C PHE B 40 -10.85 -34.66 -27.08
N LEU B 41 -11.39 -34.77 -25.85
CA LEU B 41 -11.46 -36.01 -25.13
C LEU B 41 -12.39 -36.97 -25.84
N GLU B 42 -13.58 -36.49 -26.27
CA GLU B 42 -14.55 -37.28 -27.03
C GLU B 42 -13.92 -37.71 -28.37
N HIS B 43 -13.12 -36.82 -28.99
CA HIS B 43 -12.40 -37.05 -30.23
C HIS B 43 -11.50 -38.26 -30.09
N LEU B 44 -10.69 -38.31 -29.01
CA LEU B 44 -9.81 -39.45 -28.73
C LEU B 44 -10.62 -40.73 -28.57
N CYS B 45 -11.72 -40.66 -27.81
CA CYS B 45 -12.62 -41.79 -27.56
C CYS B 45 -13.20 -42.34 -28.85
N LEU B 46 -13.41 -41.49 -29.86
CA LEU B 46 -14.01 -41.89 -31.11
C LEU B 46 -13.04 -42.39 -32.17
N LEU B 47 -11.72 -42.41 -31.89
CA LEU B 47 -10.74 -42.90 -32.87
C LEU B 47 -11.00 -44.38 -33.15
N ASP B 48 -11.03 -44.78 -34.41
CA ASP B 48 -11.38 -46.13 -34.81
C ASP B 48 -10.29 -46.75 -35.66
N ILE B 49 -9.73 -47.91 -35.23
CA ILE B 49 -8.74 -48.60 -36.04
C ILE B 49 -9.33 -49.13 -37.36
N ASP B 50 -10.64 -49.35 -37.41
CA ASP B 50 -11.35 -49.80 -38.61
C ASP B 50 -11.77 -48.67 -39.57
N SER B 51 -11.49 -47.42 -39.20
CA SER B 51 -11.75 -46.25 -40.02
C SER B 51 -10.54 -46.05 -40.94
N GLU B 52 -10.65 -46.45 -42.21
CA GLU B 52 -9.52 -46.34 -43.14
C GLU B 52 -9.25 -44.94 -43.68
N PRO B 53 -7.96 -44.57 -43.80
CA PRO B 53 -7.65 -43.26 -44.40
C PRO B 53 -7.95 -43.23 -45.91
N VAL B 54 -8.56 -42.15 -46.40
CA VAL B 54 -8.89 -42.04 -47.83
C VAL B 54 -8.01 -41.01 -48.54
N ALA B 55 -7.79 -39.87 -47.88
CA ALA B 55 -6.98 -38.77 -48.41
C ALA B 55 -5.53 -39.15 -48.72
N ALA B 56 -4.89 -38.41 -49.64
CA ALA B 56 -3.48 -38.63 -49.96
C ALA B 56 -2.63 -38.12 -48.79
N ARG B 57 -1.48 -38.73 -48.59
CA ARG B 57 -0.58 -38.37 -47.49
C ARG B 57 -0.06 -36.96 -47.67
N SER B 58 -0.31 -36.10 -46.69
CA SER B 58 0.06 -34.70 -46.76
C SER B 58 1.42 -34.32 -46.13
N THR B 59 1.88 -35.03 -45.09
CA THR B 59 3.18 -34.73 -44.46
C THR B 59 4.29 -35.27 -45.34
N SER B 60 5.16 -34.40 -45.82
CA SER B 60 6.24 -34.84 -46.71
C SER B 60 7.30 -35.62 -46.01
N ILE B 61 7.91 -36.55 -46.74
CA ILE B 61 8.98 -37.38 -46.24
C ILE B 61 10.29 -36.91 -46.84
N ILE B 62 11.26 -36.61 -45.96
CA ILE B 62 12.60 -36.22 -46.34
C ILE B 62 13.44 -37.44 -46.12
N ALA B 63 14.13 -37.93 -47.17
CA ALA B 63 14.98 -39.11 -47.03
C ALA B 63 16.43 -38.73 -47.23
N THR B 64 17.29 -39.10 -46.28
CA THR B 64 18.73 -38.83 -46.42
C THR B 64 19.32 -39.83 -47.40
N ILE B 65 19.94 -39.32 -48.46
CA ILE B 65 20.51 -40.17 -49.49
C ILE B 65 21.97 -40.49 -49.17
N GLY B 66 22.27 -41.79 -49.19
CA GLY B 66 23.63 -42.25 -48.92
C GLY B 66 23.95 -43.52 -49.67
N PRO B 67 24.96 -44.27 -49.20
CA PRO B 67 25.33 -45.52 -49.88
C PRO B 67 24.17 -46.52 -50.06
N ALA B 68 23.23 -46.55 -49.09
CA ALA B 68 22.09 -47.47 -49.14
C ALA B 68 21.00 -47.07 -50.10
N SER B 69 20.95 -45.80 -50.49
CA SER B 69 19.88 -45.26 -51.31
C SER B 69 20.38 -44.41 -52.51
N ARG B 70 21.55 -44.71 -53.07
CA ARG B 70 22.12 -43.92 -54.19
C ARG B 70 21.77 -44.39 -55.58
N SER B 71 21.57 -45.69 -55.78
CA SER B 71 21.32 -46.21 -57.12
C SER B 71 20.05 -45.67 -57.72
N VAL B 72 20.07 -45.37 -59.01
CA VAL B 72 18.93 -44.86 -59.74
C VAL B 72 17.71 -45.79 -59.60
N GLU B 73 17.94 -47.10 -59.58
CA GLU B 73 16.89 -48.10 -59.43
C GLU B 73 16.28 -48.08 -58.04
N ARG B 74 17.12 -47.87 -56.99
CA ARG B 74 16.71 -47.79 -55.58
C ARG B 74 15.89 -46.50 -55.40
N LEU B 75 16.41 -45.38 -55.92
CA LEU B 75 15.77 -44.08 -55.87
C LEU B 75 14.40 -44.09 -56.50
N LYS B 76 14.20 -44.87 -57.58
CA LYS B 76 12.89 -44.97 -58.25
C LYS B 76 11.90 -45.67 -57.34
N GLU B 77 12.36 -46.69 -56.59
CA GLU B 77 11.52 -47.40 -55.63
C GLU B 77 11.17 -46.49 -54.45
N MET B 78 12.10 -45.61 -54.04
CA MET B 78 11.88 -44.66 -52.94
CA MET B 78 11.88 -44.67 -52.95
C MET B 78 10.93 -43.55 -53.34
N ILE B 79 10.96 -43.12 -54.61
CA ILE B 79 10.04 -42.09 -55.09
C ILE B 79 8.61 -42.70 -55.09
N LYS B 80 8.50 -43.95 -55.56
CA LYS B 80 7.23 -44.68 -55.60
C LYS B 80 6.71 -44.96 -54.18
N ALA B 81 7.63 -45.17 -53.21
CA ALA B 81 7.30 -45.40 -51.79
C ALA B 81 6.78 -44.13 -51.08
N GLY B 82 7.15 -42.95 -51.61
CA GLY B 82 6.69 -41.68 -51.06
C GLY B 82 7.71 -40.61 -50.77
N MET B 83 9.00 -40.80 -51.09
CA MET B 83 10.01 -39.78 -50.83
C MET B 83 9.70 -38.48 -51.61
N ASN B 84 9.67 -37.33 -50.90
CA ASN B 84 9.36 -36.04 -51.54
C ASN B 84 10.57 -35.14 -51.63
N ILE B 85 11.51 -35.26 -50.67
CA ILE B 85 12.69 -34.45 -50.58
C ILE B 85 13.88 -35.38 -50.36
N ALA B 86 14.97 -35.16 -51.10
CA ALA B 86 16.17 -35.94 -50.95
C ALA B 86 17.20 -35.08 -50.19
N ARG B 87 17.67 -35.56 -49.04
CA ARG B 87 18.61 -34.81 -48.23
C ARG B 87 20.05 -35.28 -48.43
N LEU B 88 20.98 -34.33 -48.61
CA LEU B 88 22.41 -34.64 -48.77
C LEU B 88 23.16 -34.07 -47.57
N ASN B 89 23.65 -34.96 -46.70
CA ASN B 89 24.32 -34.53 -45.49
C ASN B 89 25.77 -34.20 -45.75
N PHE B 90 26.07 -32.89 -45.82
CA PHE B 90 27.44 -32.45 -46.09
C PHE B 90 28.41 -32.61 -44.90
N SER B 91 27.96 -33.26 -43.82
CA SER B 91 28.83 -33.64 -42.72
C SER B 91 29.68 -34.88 -43.14
N HIS B 92 29.16 -35.67 -44.12
CA HIS B 92 29.72 -36.89 -44.70
C HIS B 92 29.88 -36.75 -46.23
N GLY B 93 30.73 -37.61 -46.82
CA GLY B 93 30.98 -37.62 -48.25
C GLY B 93 31.73 -36.41 -48.80
N SER B 94 31.91 -36.39 -50.12
CA SER B 94 32.62 -35.30 -50.79
C SER B 94 31.70 -34.59 -51.78
N HIS B 95 32.19 -33.50 -52.40
CA HIS B 95 31.43 -32.78 -53.42
C HIS B 95 31.18 -33.70 -54.62
N GLU B 96 32.18 -34.49 -55.00
CA GLU B 96 32.07 -35.44 -56.11
C GLU B 96 31.00 -36.50 -55.83
N TYR B 97 30.99 -37.01 -54.58
CA TYR B 97 30.04 -38.01 -54.09
C TYR B 97 28.60 -37.48 -54.12
N HIS B 98 28.39 -36.29 -53.53
CA HIS B 98 27.07 -35.67 -53.45
C HIS B 98 26.54 -35.25 -54.79
N ALA B 99 27.44 -34.80 -55.71
CA ALA B 99 27.02 -34.44 -57.06
C ALA B 99 26.51 -35.67 -57.82
N GLU B 100 27.13 -36.84 -57.57
CA GLU B 100 26.72 -38.10 -58.17
C GLU B 100 25.34 -38.50 -57.66
N SER B 101 25.12 -38.33 -56.35
CA SER B 101 23.83 -38.61 -55.71
C SER B 101 22.73 -37.73 -56.35
N ILE B 102 22.99 -36.40 -56.46
CA ILE B 102 22.06 -35.45 -57.07
C ILE B 102 21.69 -35.88 -58.49
N ALA B 103 22.70 -36.28 -59.27
CA ALA B 103 22.52 -36.72 -60.66
C ALA B 103 21.61 -37.96 -60.75
N ASN B 104 21.80 -38.90 -59.80
CA ASN B 104 21.03 -40.13 -59.72
C ASN B 104 19.59 -39.87 -59.32
N VAL B 105 19.39 -38.93 -58.38
CA VAL B 105 18.07 -38.51 -57.94
C VAL B 105 17.34 -37.89 -59.13
N ARG B 106 18.00 -36.94 -59.82
CA ARG B 106 17.44 -36.26 -60.99
C ARG B 106 17.10 -37.22 -62.12
N GLU B 107 17.94 -38.24 -62.33
CA GLU B 107 17.70 -39.27 -63.34
C GLU B 107 16.47 -40.11 -62.99
N ALA B 108 16.36 -40.54 -61.71
CA ALA B 108 15.24 -41.33 -61.23
C ALA B 108 13.94 -40.51 -61.28
N VAL B 109 14.01 -39.21 -60.96
CA VAL B 109 12.84 -38.33 -60.99
C VAL B 109 12.35 -38.14 -62.41
N GLU B 110 13.29 -37.87 -63.34
CA GLU B 110 12.94 -37.64 -64.73
C GLU B 110 12.51 -38.88 -65.47
N SER B 111 12.72 -40.08 -64.92
CA SER B 111 12.23 -41.31 -65.53
C SER B 111 10.68 -41.34 -65.59
N PHE B 112 10.00 -40.53 -64.76
CA PHE B 112 8.54 -40.45 -64.73
C PHE B 112 7.96 -39.21 -65.46
N ALA B 113 8.83 -38.35 -66.06
CA ALA B 113 8.42 -37.11 -66.74
C ALA B 113 7.61 -37.29 -68.03
N GLY B 114 7.59 -38.52 -68.55
CA GLY B 114 6.87 -38.90 -69.76
C GLY B 114 5.37 -38.71 -69.66
N SER B 115 4.85 -38.87 -68.45
CA SER B 115 3.43 -38.66 -68.19
C SER B 115 3.32 -37.49 -67.22
N PRO B 116 3.19 -36.25 -67.73
CA PRO B 116 3.11 -35.07 -66.83
C PRO B 116 1.89 -35.03 -65.90
N LEU B 117 0.85 -35.81 -66.20
CA LEU B 117 -0.32 -35.89 -65.33
C LEU B 117 -0.04 -36.79 -64.09
N SER B 118 1.04 -37.59 -64.09
CA SER B 118 1.40 -38.45 -62.95
C SER B 118 2.86 -38.23 -62.44
N TYR B 119 3.59 -37.28 -63.04
CA TYR B 119 4.96 -36.93 -62.67
C TYR B 119 5.03 -36.36 -61.25
N ARG B 120 5.97 -36.87 -60.46
CA ARG B 120 6.17 -36.42 -59.10
C ARG B 120 7.50 -35.66 -58.91
N PRO B 121 7.43 -34.33 -58.69
CA PRO B 121 8.67 -33.57 -58.44
C PRO B 121 9.31 -33.96 -57.10
N VAL B 122 10.66 -33.94 -57.01
CA VAL B 122 11.35 -34.25 -55.76
C VAL B 122 12.34 -33.14 -55.45
N ALA B 123 12.21 -32.49 -54.29
CA ALA B 123 13.13 -31.42 -53.90
C ALA B 123 14.50 -31.98 -53.52
N ILE B 124 15.53 -31.15 -53.63
CA ILE B 124 16.88 -31.55 -53.24
C ILE B 124 17.38 -30.59 -52.17
N ALA B 125 17.68 -31.12 -51.00
CA ALA B 125 18.12 -30.30 -49.87
C ALA B 125 19.55 -30.59 -49.43
N LEU B 126 20.30 -29.53 -49.15
CA LEU B 126 21.68 -29.65 -48.68
C LEU B 126 21.71 -29.42 -47.19
N ASP B 127 22.18 -30.40 -46.42
CA ASP B 127 22.30 -30.21 -44.98
C ASP B 127 23.76 -29.84 -44.68
N THR B 128 24.01 -28.61 -44.21
CA THR B 128 25.37 -28.15 -43.95
C THR B 128 26.06 -28.87 -42.77
N LYS B 129 27.41 -28.83 -42.73
CA LYS B 129 28.18 -29.45 -41.66
C LYS B 129 28.07 -28.65 -40.35
N GLY B 130 28.03 -27.32 -40.47
CA GLY B 130 27.89 -26.47 -39.30
C GLY B 130 29.16 -25.79 -38.88
N PRO B 131 29.06 -24.86 -37.90
CA PRO B 131 30.22 -24.08 -37.49
C PRO B 131 31.24 -24.93 -36.74
N GLY B 132 31.27 -24.82 -35.43
CA GLY B 132 32.17 -25.66 -34.63
C GLY B 132 32.54 -24.96 -33.35
N SER B 133 33.77 -25.15 -32.90
CA SER B 133 34.24 -24.42 -31.69
C SER B 133 34.19 -22.93 -32.01
N GLY B 134 34.24 -22.60 -33.29
CA GLY B 134 34.17 -21.18 -33.70
C GLY B 134 32.81 -20.86 -34.27
N PRO B 135 32.40 -19.58 -34.28
CA PRO B 135 31.02 -19.22 -34.47
C PRO B 135 30.73 -18.86 -35.93
N GLY B 136 31.46 -17.87 -36.44
CA GLY B 136 31.20 -17.39 -37.80
C GLY B 136 31.13 -18.50 -38.81
N LEU B 137 30.11 -18.48 -39.67
CA LEU B 137 30.06 -19.43 -40.79
C LEU B 137 31.41 -20.03 -41.13
N SER B 138 31.49 -21.38 -41.08
CA SER B 138 32.74 -22.06 -41.39
C SER B 138 33.12 -21.95 -42.85
N GLU B 139 34.43 -22.09 -43.17
CA GLU B 139 34.88 -22.00 -44.55
C GLU B 139 34.39 -23.16 -45.39
N GLN B 140 34.26 -24.36 -44.77
CA GLN B 140 33.71 -25.52 -45.48
C GLN B 140 32.25 -25.27 -45.85
N ASP B 141 31.49 -24.63 -44.94
CA ASP B 141 30.11 -24.27 -45.20
C ASP B 141 29.97 -23.34 -46.39
N VAL B 142 30.87 -22.36 -46.52
CA VAL B 142 30.84 -21.43 -47.65
C VAL B 142 31.05 -22.19 -48.97
N ARG B 143 32.01 -23.13 -48.97
CA ARG B 143 32.30 -23.95 -50.13
C ARG B 143 31.14 -24.88 -50.51
N ASP B 144 30.50 -25.47 -49.49
CA ASP B 144 29.37 -26.38 -49.68
C ASP B 144 28.13 -25.62 -50.14
N LEU B 145 27.92 -24.40 -49.60
CA LEU B 145 26.80 -23.55 -49.97
C LEU B 145 26.97 -23.10 -51.42
N ARG B 146 28.21 -22.75 -51.83
CA ARG B 146 28.52 -22.41 -53.21
C ARG B 146 28.21 -23.60 -54.13
N PHE B 147 28.55 -24.83 -53.67
CA PHE B 147 28.30 -26.07 -54.39
C PHE B 147 26.81 -26.23 -54.61
N GLY B 148 26.02 -26.02 -53.56
CA GLY B 148 24.56 -26.14 -53.62
C GLY B 148 23.95 -25.22 -54.65
N VAL B 149 24.42 -23.97 -54.69
CA VAL B 149 23.95 -22.97 -55.65
C VAL B 149 24.27 -23.44 -57.07
N GLU B 150 25.53 -23.88 -57.29
CA GLU B 150 26.02 -24.37 -58.58
C GLU B 150 25.29 -25.61 -59.05
N HIS B 151 24.83 -26.44 -58.11
CA HIS B 151 24.09 -27.65 -58.46
C HIS B 151 22.58 -27.53 -58.40
N GLY B 152 22.07 -26.32 -58.15
CA GLY B 152 20.63 -26.04 -58.17
C GLY B 152 19.80 -26.69 -57.09
N VAL B 153 20.31 -26.69 -55.85
CA VAL B 153 19.55 -27.24 -54.72
C VAL B 153 18.36 -26.32 -54.41
N ASP B 154 17.29 -26.90 -53.89
CA ASP B 154 16.09 -26.17 -53.59
C ASP B 154 16.09 -25.64 -52.16
N ILE B 155 16.58 -26.47 -51.21
CA ILE B 155 16.55 -26.13 -49.78
C ILE B 155 17.95 -26.29 -49.15
N VAL B 156 18.19 -25.52 -48.09
CA VAL B 156 19.39 -25.63 -47.27
C VAL B 156 18.92 -25.88 -45.83
N PHE B 157 19.38 -26.98 -45.21
CA PHE B 157 19.12 -27.22 -43.80
C PHE B 157 20.37 -26.69 -43.13
N ALA B 158 20.30 -25.46 -42.62
CA ALA B 158 21.46 -24.83 -42.00
C ALA B 158 21.71 -25.33 -40.58
N SER B 159 22.80 -26.06 -40.38
CA SER B 159 23.16 -26.64 -39.07
C SER B 159 23.53 -25.60 -38.01
N PHE B 160 23.23 -25.94 -36.75
CA PHE B 160 23.49 -25.17 -35.54
C PHE B 160 23.20 -23.66 -35.67
N VAL B 161 21.96 -23.30 -36.08
CA VAL B 161 21.59 -21.89 -36.14
C VAL B 161 21.33 -21.45 -34.70
N ARG B 162 22.12 -20.45 -34.22
CA ARG B 162 22.06 -19.92 -32.84
C ARG B 162 21.45 -18.52 -32.66
N LYS B 163 21.36 -17.76 -33.73
CA LYS B 163 20.83 -16.40 -33.70
C LYS B 163 20.44 -15.97 -35.13
N ALA B 164 19.76 -14.81 -35.26
CA ALA B 164 19.34 -14.32 -36.57
C ALA B 164 20.50 -13.99 -37.51
N SER B 165 21.64 -13.55 -36.95
CA SER B 165 22.82 -13.23 -37.75
C SER B 165 23.39 -14.44 -38.49
N ASP B 166 23.24 -15.63 -37.90
CA ASP B 166 23.69 -16.89 -38.48
C ASP B 166 22.95 -17.17 -39.79
N VAL B 167 21.65 -16.89 -39.82
CA VAL B 167 20.85 -17.18 -40.99
C VAL B 167 21.20 -16.15 -42.11
N ALA B 168 21.48 -14.89 -41.71
CA ALA B 168 21.90 -13.85 -42.64
C ALA B 168 23.23 -14.23 -43.29
N ALA B 169 24.16 -14.82 -42.48
CA ALA B 169 25.44 -15.27 -42.99
C ALA B 169 25.27 -16.39 -44.04
N VAL B 170 24.28 -17.27 -43.85
CA VAL B 170 24.01 -18.34 -44.82
C VAL B 170 23.43 -17.77 -46.10
N ARG B 171 22.52 -16.79 -45.97
CA ARG B 171 21.90 -16.14 -47.11
CA ARG B 171 21.91 -16.15 -47.12
C ARG B 171 22.96 -15.41 -47.93
N ALA B 172 23.92 -14.76 -47.25
CA ALA B 172 25.02 -14.05 -47.88
C ALA B 172 25.92 -15.03 -48.65
N ALA B 173 26.27 -16.18 -48.03
CA ALA B 173 27.08 -17.21 -48.67
C ALA B 173 26.41 -17.84 -49.90
N LEU B 174 25.07 -17.82 -49.95
CA LEU B 174 24.35 -18.32 -51.11
C LEU B 174 24.55 -17.40 -52.34
N GLY B 175 24.81 -16.12 -52.10
CA GLY B 175 25.06 -15.13 -53.13
C GLY B 175 23.81 -14.63 -53.83
N PRO B 176 24.03 -13.88 -54.92
CA PRO B 176 22.87 -13.35 -55.67
C PRO B 176 22.09 -14.43 -56.43
N GLU B 177 22.78 -15.49 -56.88
CA GLU B 177 22.11 -16.57 -57.59
C GLU B 177 21.38 -17.56 -56.70
N GLY B 178 21.69 -17.56 -55.41
CA GLY B 178 21.02 -18.42 -54.45
C GLY B 178 19.91 -17.72 -53.69
N HIS B 179 19.28 -16.74 -54.33
CA HIS B 179 18.20 -16.00 -53.69
C HIS B 179 16.89 -16.84 -53.58
N GLY B 180 16.69 -17.76 -54.52
CA GLY B 180 15.49 -18.59 -54.56
C GLY B 180 15.49 -19.80 -53.65
N ILE B 181 16.68 -20.19 -53.14
CA ILE B 181 16.83 -21.34 -52.25
C ILE B 181 16.16 -21.06 -50.90
N LYS B 182 15.51 -22.06 -50.31
CA LYS B 182 14.85 -21.92 -49.01
C LYS B 182 15.81 -22.23 -47.88
N ILE B 183 15.84 -21.39 -46.85
CA ILE B 183 16.71 -21.66 -45.69
C ILE B 183 15.89 -22.21 -44.50
N ILE B 184 16.05 -23.49 -44.21
CA ILE B 184 15.41 -24.13 -43.06
C ILE B 184 16.46 -24.20 -41.94
N SER B 185 16.31 -23.36 -40.92
CA SER B 185 17.25 -23.30 -39.81
C SER B 185 17.11 -24.50 -38.87
N LYS B 186 18.21 -25.23 -38.66
CA LYS B 186 18.20 -26.35 -37.73
C LYS B 186 18.44 -25.84 -36.31
N ILE B 187 17.46 -26.12 -35.39
CA ILE B 187 17.59 -25.75 -33.99
C ILE B 187 18.16 -26.96 -33.27
N GLU B 188 19.45 -26.88 -32.86
CA GLU B 188 20.18 -28.01 -32.28
C GLU B 188 20.73 -27.79 -30.90
N ASN B 189 20.52 -26.61 -30.29
CA ASN B 189 21.07 -26.33 -28.96
C ASN B 189 20.18 -25.38 -28.13
N HIS B 190 20.56 -25.11 -26.87
CA HIS B 190 19.80 -24.24 -26.00
C HIS B 190 19.69 -22.80 -26.49
N GLU B 191 20.76 -22.27 -27.11
CA GLU B 191 20.71 -20.89 -27.61
C GLU B 191 19.70 -20.76 -28.74
N GLY B 192 19.67 -21.75 -29.64
CA GLY B 192 18.72 -21.78 -30.75
C GLY B 192 17.29 -21.81 -30.26
N VAL B 193 17.03 -22.57 -29.18
CA VAL B 193 15.70 -22.66 -28.59
C VAL B 193 15.32 -21.35 -27.93
N LYS B 194 16.27 -20.73 -27.22
CA LYS B 194 16.00 -19.46 -26.53
C LYS B 194 15.80 -18.27 -27.49
N ARG B 195 16.55 -18.24 -28.59
CA ARG B 195 16.42 -17.17 -29.58
C ARG B 195 15.56 -17.60 -30.78
N PHE B 196 14.67 -18.59 -30.58
CA PHE B 196 13.84 -19.14 -31.63
C PHE B 196 13.03 -18.10 -32.43
N ASP B 197 12.37 -17.16 -31.74
CA ASP B 197 11.53 -16.18 -32.41
C ASP B 197 12.29 -15.32 -33.41
N GLU B 198 13.50 -14.89 -33.03
CA GLU B 198 14.30 -14.08 -33.93
C GLU B 198 14.83 -14.86 -35.13
N ILE B 199 15.09 -16.16 -34.92
CA ILE B 199 15.59 -17.05 -35.95
C ILE B 199 14.46 -17.35 -36.94
N LEU B 200 13.27 -17.69 -36.44
CA LEU B 200 12.12 -18.01 -37.29
C LEU B 200 11.74 -16.83 -38.16
N GLU B 201 11.81 -15.61 -37.61
CA GLU B 201 11.47 -14.40 -38.36
C GLU B 201 12.25 -14.25 -39.64
N VAL B 202 13.54 -14.57 -39.59
CA VAL B 202 14.41 -14.43 -40.75
C VAL B 202 14.60 -15.75 -41.56
N SER B 203 14.04 -16.88 -41.10
CA SER B 203 14.17 -18.15 -41.80
C SER B 203 12.93 -18.45 -42.62
N ASP B 204 13.04 -19.36 -43.58
CA ASP B 204 11.89 -19.83 -44.35
C ASP B 204 11.09 -20.91 -43.60
N GLY B 205 11.77 -21.61 -42.70
CA GLY B 205 11.24 -22.68 -41.87
C GLY B 205 12.26 -23.17 -40.87
N ILE B 206 11.88 -24.17 -40.07
CA ILE B 206 12.73 -24.71 -39.01
C ILE B 206 12.81 -26.25 -39.04
N MET B 207 13.94 -26.80 -38.58
CA MET B 207 14.08 -28.23 -38.41
C MET B 207 14.37 -28.47 -36.94
N VAL B 208 13.60 -29.38 -36.33
CA VAL B 208 13.82 -29.77 -34.94
C VAL B 208 14.85 -30.90 -35.01
N ALA B 209 16.13 -30.50 -34.90
CA ALA B 209 17.29 -31.39 -34.99
C ALA B 209 17.51 -32.05 -33.65
N ARG B 210 16.71 -33.10 -33.38
CA ARG B 210 16.66 -33.80 -32.10
C ARG B 210 17.94 -34.55 -31.68
N GLY B 211 18.79 -34.93 -32.63
CA GLY B 211 20.06 -35.58 -32.34
C GLY B 211 20.94 -34.74 -31.45
N ASP B 212 21.35 -33.57 -31.94
CA ASP B 212 22.17 -32.64 -31.17
C ASP B 212 21.41 -32.01 -30.05
N LEU B 213 20.11 -31.74 -30.25
CA LEU B 213 19.27 -31.16 -29.24
C LEU B 213 19.18 -32.06 -28.00
N GLY B 214 19.11 -33.37 -28.21
CA GLY B 214 19.07 -34.35 -27.14
C GLY B 214 20.36 -34.48 -26.35
N ILE B 215 21.47 -33.93 -26.89
CA ILE B 215 22.78 -33.92 -26.26
C ILE B 215 23.04 -32.54 -25.58
N GLU B 216 22.60 -31.45 -26.24
CA GLU B 216 22.79 -30.08 -25.76
C GLU B 216 21.87 -29.72 -24.61
N ILE B 217 20.65 -30.27 -24.62
CA ILE B 217 19.68 -30.08 -23.53
C ILE B 217 19.31 -31.45 -22.93
N PRO B 218 18.75 -31.53 -21.69
CA PRO B 218 18.38 -32.84 -21.15
C PRO B 218 17.48 -33.62 -22.10
N ALA B 219 17.75 -34.90 -22.29
CA ALA B 219 17.00 -35.73 -23.23
C ALA B 219 15.49 -35.70 -22.96
N GLU B 220 15.11 -35.59 -21.67
CA GLU B 220 13.71 -35.57 -21.26
C GLU B 220 13.00 -34.25 -21.50
N LYS B 221 13.72 -33.21 -21.97
CA LYS B 221 13.15 -31.90 -22.27
C LYS B 221 12.97 -31.67 -23.77
N VAL B 222 13.49 -32.54 -24.64
CA VAL B 222 13.42 -32.36 -26.09
C VAL B 222 11.97 -32.30 -26.60
N PHE B 223 11.06 -33.12 -26.07
CA PHE B 223 9.65 -33.09 -26.51
C PHE B 223 9.00 -31.71 -26.28
N LEU B 224 9.47 -30.97 -25.24
CA LEU B 224 8.95 -29.63 -24.95
C LEU B 224 9.38 -28.68 -26.05
N ALA B 225 10.66 -28.71 -26.42
CA ALA B 225 11.22 -27.92 -27.49
C ALA B 225 10.56 -28.28 -28.83
N GLN B 226 10.35 -29.59 -29.10
CA GLN B 226 9.72 -29.99 -30.35
C GLN B 226 8.28 -29.43 -30.43
N LYS B 227 7.46 -29.71 -29.42
CA LYS B 227 6.07 -29.25 -29.38
C LYS B 227 5.93 -27.75 -29.45
N MET B 228 6.86 -27.00 -28.79
CA MET B 228 6.84 -25.54 -28.78
C MET B 228 7.20 -24.99 -30.16
N MET B 229 8.27 -25.50 -30.76
CA MET B 229 8.71 -25.04 -32.06
C MET B 229 7.68 -25.34 -33.13
N ILE B 230 7.08 -26.53 -33.11
CA ILE B 230 6.06 -26.89 -34.09
C ILE B 230 4.85 -25.94 -33.99
N GLY B 231 4.38 -25.70 -32.75
CA GLY B 231 3.27 -24.82 -32.50
C GLY B 231 3.51 -23.40 -32.99
N ARG B 232 4.73 -22.88 -32.76
CA ARG B 232 5.09 -21.53 -33.19
C ARG B 232 5.23 -21.43 -34.70
N CYS B 233 5.75 -22.48 -35.34
CA CYS B 233 5.86 -22.52 -36.81
C CYS B 233 4.46 -22.61 -37.42
N ASN B 234 3.54 -23.37 -36.79
CA ASN B 234 2.17 -23.49 -37.24
C ASN B 234 1.49 -22.11 -37.13
N LEU B 235 1.75 -21.40 -36.01
CA LEU B 235 1.22 -20.07 -35.75
C LEU B 235 1.74 -19.10 -36.83
N ALA B 236 3.04 -19.18 -37.17
CA ALA B 236 3.69 -18.33 -38.16
C ALA B 236 3.38 -18.67 -39.60
N GLY B 237 2.85 -19.86 -39.84
CA GLY B 237 2.56 -20.32 -41.19
C GLY B 237 3.82 -20.73 -41.93
N LYS B 238 4.90 -21.12 -41.22
CA LYS B 238 6.16 -21.52 -41.85
C LYS B 238 6.44 -23.02 -41.66
N PRO B 239 7.02 -23.70 -42.68
CA PRO B 239 7.27 -25.14 -42.55
C PRO B 239 8.17 -25.56 -41.39
N VAL B 240 7.79 -26.67 -40.73
CA VAL B 240 8.57 -27.21 -39.62
C VAL B 240 8.82 -28.69 -39.89
N VAL B 241 10.08 -29.11 -39.76
CA VAL B 241 10.51 -30.49 -39.98
C VAL B 241 10.83 -31.17 -38.64
N CYS B 242 10.36 -32.40 -38.46
CA CYS B 242 10.75 -33.18 -37.28
C CYS B 242 11.79 -34.15 -37.76
N ALA B 243 12.95 -34.15 -37.10
CA ALA B 243 14.04 -34.98 -37.54
C ALA B 243 14.70 -35.83 -36.46
N THR B 244 15.41 -36.91 -36.89
CA THR B 244 16.35 -37.78 -36.16
C THR B 244 15.74 -38.87 -35.23
N GLN B 245 16.12 -40.12 -35.52
CA GLN B 245 15.78 -41.33 -34.77
C GLN B 245 14.29 -41.68 -34.79
N MET B 246 13.56 -41.20 -35.79
CA MET B 246 12.14 -41.48 -35.87
C MET B 246 11.82 -42.97 -36.04
N LEU B 247 12.60 -43.68 -36.89
CA LEU B 247 12.45 -45.12 -37.11
C LEU B 247 13.81 -45.80 -36.97
N GLU B 248 14.65 -45.34 -36.02
CA GLU B 248 16.01 -45.80 -35.82
C GLU B 248 16.24 -47.32 -35.93
N SER B 249 15.44 -48.16 -35.27
CA SER B 249 15.58 -49.62 -35.30
C SER B 249 15.51 -50.20 -36.72
N MET B 250 14.84 -49.52 -37.66
CA MET B 250 14.75 -49.99 -39.03
C MET B 250 16.08 -49.87 -39.84
N ILE B 251 17.14 -49.28 -39.23
CA ILE B 251 18.46 -49.30 -39.85
C ILE B 251 18.93 -50.77 -39.96
N THR B 252 18.57 -51.62 -38.97
CA THR B 252 18.95 -53.03 -38.96
C THR B 252 17.76 -53.97 -39.20
N LYS B 253 16.55 -53.66 -38.67
CA LYS B 253 15.36 -54.53 -38.76
C LYS B 253 14.27 -54.08 -39.77
N PRO B 254 13.43 -55.02 -40.26
CA PRO B 254 12.37 -54.63 -41.20
C PRO B 254 11.15 -53.96 -40.60
N ARG B 255 10.93 -54.06 -39.28
CA ARG B 255 9.78 -53.47 -38.59
C ARG B 255 10.27 -52.58 -37.45
N PRO B 256 9.59 -51.44 -37.22
CA PRO B 256 10.01 -50.54 -36.14
C PRO B 256 9.44 -50.91 -34.75
N THR B 257 9.91 -50.21 -33.72
CA THR B 257 9.42 -50.42 -32.37
C THR B 257 8.07 -49.69 -32.16
N ARG B 258 7.39 -50.00 -31.05
CA ARG B 258 6.14 -49.36 -30.72
C ARG B 258 6.32 -47.87 -30.45
N ALA B 259 7.49 -47.48 -29.87
CA ALA B 259 7.84 -46.10 -29.59
C ALA B 259 8.10 -45.33 -30.87
N GLU B 260 8.70 -45.99 -31.88
CA GLU B 260 9.03 -45.38 -33.16
C GLU B 260 7.80 -45.02 -33.96
N THR B 261 6.85 -45.96 -34.10
CA THR B 261 5.60 -45.65 -34.84
C THR B 261 4.83 -44.54 -34.12
N SER B 262 4.85 -44.58 -32.77
CA SER B 262 4.21 -43.58 -31.93
C SER B 262 4.85 -42.21 -32.18
N ASP B 263 6.18 -42.13 -32.19
CA ASP B 263 6.90 -40.89 -32.41
C ASP B 263 6.53 -40.21 -33.75
N VAL B 264 6.46 -41.02 -34.82
CA VAL B 264 6.11 -40.54 -36.15
C VAL B 264 4.68 -40.01 -36.13
N ALA B 265 3.76 -40.79 -35.60
CA ALA B 265 2.36 -40.38 -35.52
C ALA B 265 2.17 -39.11 -34.71
N ASN B 266 2.95 -38.97 -33.63
CA ASN B 266 2.89 -37.79 -32.76
C ASN B 266 3.54 -36.58 -33.38
N ALA B 267 4.56 -36.73 -34.23
CA ALA B 267 5.15 -35.56 -34.91
C ALA B 267 4.10 -34.94 -35.85
N VAL B 268 3.32 -35.80 -36.54
CA VAL B 268 2.25 -35.37 -37.43
C VAL B 268 1.17 -34.71 -36.57
N LEU B 269 0.74 -35.37 -35.48
CA LEU B 269 -0.27 -34.80 -34.61
C LEU B 269 0.17 -33.50 -33.95
N ASP B 270 1.47 -33.33 -33.75
CA ASP B 270 2.04 -32.09 -33.19
C ASP B 270 1.85 -30.93 -34.16
N GLY B 271 1.88 -31.22 -35.49
CA GLY B 271 1.69 -30.24 -36.53
C GLY B 271 2.87 -30.10 -37.49
N ALA B 272 3.77 -31.08 -37.51
CA ALA B 272 4.95 -31.02 -38.37
C ALA B 272 4.57 -31.09 -39.84
N ASP B 273 5.22 -30.26 -40.66
CA ASP B 273 4.97 -30.26 -42.10
C ASP B 273 5.70 -31.42 -42.77
N CYS B 274 6.93 -31.71 -42.30
CA CYS B 274 7.78 -32.76 -42.81
C CYS B 274 8.30 -33.65 -41.72
N ILE B 275 8.50 -34.93 -42.05
CA ILE B 275 9.15 -35.93 -41.19
C ILE B 275 10.40 -36.44 -41.94
N MET B 276 11.45 -36.76 -41.19
CA MET B 276 12.71 -37.13 -41.80
C MET B 276 13.24 -38.52 -41.45
N LEU B 277 14.07 -39.08 -42.38
CA LEU B 277 14.77 -40.34 -42.23
C LEU B 277 16.23 -40.02 -42.44
N SER B 278 17.09 -40.38 -41.48
CA SER B 278 18.51 -40.12 -41.58
C SER B 278 19.27 -41.46 -41.91
N GLY B 279 19.86 -42.09 -40.89
CA GLY B 279 20.54 -43.36 -41.06
C GLY B 279 19.64 -44.44 -41.62
N GLU B 280 18.34 -44.37 -41.34
CA GLU B 280 17.34 -45.33 -41.83
C GLU B 280 17.39 -45.48 -43.37
N THR B 281 17.61 -44.36 -44.10
CA THR B 281 17.68 -44.39 -45.56
C THR B 281 19.12 -44.23 -46.09
N ALA B 282 19.99 -43.51 -45.36
CA ALA B 282 21.36 -43.27 -45.80
C ALA B 282 22.27 -44.51 -45.74
N LYS B 283 22.22 -45.26 -44.60
CA LYS B 283 23.04 -46.46 -44.29
C LYS B 283 22.26 -47.66 -43.75
N GLY B 284 20.94 -47.63 -43.89
CA GLY B 284 20.10 -48.70 -43.36
C GLY B 284 19.96 -49.87 -44.30
N ASN B 285 19.54 -51.01 -43.78
CA ASN B 285 19.31 -52.21 -44.56
C ASN B 285 17.93 -52.19 -45.21
N PHE B 286 16.97 -51.33 -44.75
CA PHE B 286 15.63 -51.31 -45.33
C PHE B 286 15.18 -49.86 -45.68
N PRO B 287 15.89 -49.11 -46.58
CA PRO B 287 15.52 -47.70 -46.83
C PRO B 287 14.15 -47.49 -47.48
N VAL B 288 13.77 -48.41 -48.37
CA VAL B 288 12.46 -48.33 -49.01
C VAL B 288 11.34 -48.64 -48.03
N GLU B 289 11.59 -49.62 -47.15
CA GLU B 289 10.65 -50.03 -46.13
C GLU B 289 10.44 -48.94 -45.09
N ALA B 290 11.49 -48.14 -44.79
CA ALA B 290 11.42 -47.02 -43.86
C ALA B 290 10.52 -45.91 -44.42
N VAL B 291 10.66 -45.61 -45.72
CA VAL B 291 9.84 -44.61 -46.40
C VAL B 291 8.39 -45.07 -46.40
N LYS B 292 8.17 -46.34 -46.74
CA LYS B 292 6.83 -46.92 -46.76
C LYS B 292 6.18 -46.86 -45.38
N MET B 293 6.98 -47.08 -44.33
CA MET B 293 6.50 -47.05 -42.96
C MET B 293 6.11 -45.65 -42.58
N GLN B 294 6.96 -44.64 -42.86
CA GLN B 294 6.60 -43.25 -42.56
C GLN B 294 5.35 -42.83 -43.33
N HIS B 295 5.22 -43.28 -44.57
CA HIS B 295 4.05 -42.98 -45.39
C HIS B 295 2.77 -43.56 -44.74
N ALA B 296 2.83 -44.83 -44.33
CA ALA B 296 1.70 -45.52 -43.71
C ALA B 296 1.22 -44.85 -42.43
N ILE B 297 2.17 -44.44 -41.56
CA ILE B 297 1.87 -43.80 -40.29
C ILE B 297 1.33 -42.40 -40.46
N ALA B 298 1.94 -41.61 -41.34
CA ALA B 298 1.50 -40.24 -41.60
C ALA B 298 0.05 -40.17 -42.06
N ARG B 299 -0.35 -41.10 -42.94
CA ARG B 299 -1.72 -41.16 -43.43
C ARG B 299 -2.70 -41.41 -42.30
N GLU B 300 -2.36 -42.31 -41.39
CA GLU B 300 -3.22 -42.63 -40.29
C GLU B 300 -3.34 -41.45 -39.34
N ALA B 301 -2.18 -40.79 -39.06
CA ALA B 301 -2.08 -39.66 -38.14
C ALA B 301 -2.76 -38.41 -38.64
N GLU B 302 -2.70 -38.14 -39.95
CA GLU B 302 -3.35 -36.98 -40.54
C GLU B 302 -4.88 -37.09 -40.42
N ALA B 303 -5.43 -38.30 -40.61
CA ALA B 303 -6.86 -38.51 -40.48
C ALA B 303 -7.31 -38.28 -39.04
N ALA B 304 -6.45 -38.62 -38.06
CA ALA B 304 -6.72 -38.49 -36.62
C ALA B 304 -6.50 -37.08 -36.07
N VAL B 305 -6.17 -36.10 -36.93
CA VAL B 305 -6.00 -34.73 -36.47
C VAL B 305 -7.39 -34.15 -36.12
N TYR B 306 -7.50 -33.45 -34.97
CA TYR B 306 -8.77 -32.86 -34.56
C TYR B 306 -8.89 -31.49 -35.23
N HIS B 307 -9.31 -31.49 -36.50
CA HIS B 307 -9.42 -30.29 -37.32
C HIS B 307 -10.35 -29.24 -36.74
N ARG B 308 -11.42 -29.67 -36.05
CA ARG B 308 -12.38 -28.74 -35.45
C ARG B 308 -11.70 -27.74 -34.52
N GLN B 309 -10.94 -28.23 -33.53
CA GLN B 309 -10.23 -27.35 -32.62
C GLN B 309 -9.07 -26.67 -33.34
N LEU B 310 -8.34 -27.40 -34.17
CA LEU B 310 -7.20 -26.86 -34.89
C LEU B 310 -7.53 -25.63 -35.74
N PHE B 311 -8.53 -25.74 -36.63
CA PHE B 311 -8.91 -24.65 -37.51
C PHE B 311 -9.42 -23.45 -36.71
N GLU B 312 -10.26 -23.70 -35.70
CA GLU B 312 -10.77 -22.67 -34.81
C GLU B 312 -9.64 -21.92 -34.09
N GLU B 313 -8.62 -22.65 -33.60
CA GLU B 313 -7.50 -22.06 -32.89
C GLU B 313 -6.60 -21.28 -33.83
N LEU B 314 -6.38 -21.80 -35.06
CA LEU B 314 -5.60 -21.12 -36.09
C LEU B 314 -6.31 -19.81 -36.45
N ARG B 315 -7.64 -19.81 -36.54
CA ARG B 315 -8.40 -18.58 -36.84
C ARG B 315 -8.43 -17.59 -35.68
N ARG B 316 -8.61 -18.06 -34.44
CA ARG B 316 -8.61 -17.19 -33.28
C ARG B 316 -7.21 -16.54 -33.14
N ALA B 317 -6.14 -17.30 -33.35
CA ALA B 317 -4.78 -16.81 -33.18
C ALA B 317 -4.30 -15.93 -34.30
N ALA B 318 -4.73 -16.23 -35.55
CA ALA B 318 -4.25 -15.45 -36.69
C ALA B 318 -4.81 -14.03 -36.64
N PRO B 319 -3.91 -13.03 -36.83
CA PRO B 319 -4.37 -11.64 -36.82
C PRO B 319 -5.14 -11.29 -38.08
N LEU B 320 -5.91 -10.18 -38.05
CA LEU B 320 -6.65 -9.71 -39.22
C LEU B 320 -5.68 -9.39 -40.33
N SER B 321 -6.06 -9.67 -41.58
CA SER B 321 -5.15 -9.41 -42.69
C SER B 321 -5.82 -8.64 -43.78
N ARG B 322 -5.10 -7.70 -44.38
CA ARG B 322 -5.63 -6.96 -45.52
C ARG B 322 -4.98 -7.42 -46.84
N ASP B 323 -4.29 -8.58 -46.84
CA ASP B 323 -3.68 -9.17 -48.02
C ASP B 323 -4.70 -10.08 -48.66
N PRO B 324 -5.10 -9.79 -49.90
CA PRO B 324 -6.12 -10.62 -50.56
C PRO B 324 -5.77 -12.09 -50.70
N THR B 325 -4.49 -12.43 -50.77
CA THR B 325 -4.06 -13.82 -50.87
C THR B 325 -4.40 -14.52 -49.54
N GLU B 326 -4.06 -13.88 -48.43
CA GLU B 326 -4.33 -14.38 -47.10
C GLU B 326 -5.84 -14.46 -46.85
N VAL B 327 -6.57 -13.42 -47.25
CA VAL B 327 -8.02 -13.36 -47.11
C VAL B 327 -8.72 -14.44 -47.95
N THR B 328 -8.28 -14.64 -49.20
CA THR B 328 -8.83 -15.66 -50.09
C THR B 328 -8.53 -17.05 -49.52
N ALA B 329 -7.32 -17.25 -48.95
CA ALA B 329 -6.92 -18.52 -48.39
C ALA B 329 -7.87 -18.98 -47.27
N ILE B 330 -8.22 -18.09 -46.31
CA ILE B 330 -9.10 -18.50 -45.23
C ILE B 330 -10.53 -18.76 -45.72
N GLY B 331 -10.98 -17.99 -46.70
CA GLY B 331 -12.30 -18.19 -47.28
C GLY B 331 -12.37 -19.52 -48.01
N ALA B 332 -11.30 -19.86 -48.73
CA ALA B 332 -11.19 -21.11 -49.49
C ALA B 332 -11.18 -22.32 -48.56
N VAL B 333 -10.41 -22.26 -47.45
CA VAL B 333 -10.33 -23.35 -46.48
C VAL B 333 -11.67 -23.52 -45.77
N GLU B 334 -12.33 -22.41 -45.42
CA GLU B 334 -13.66 -22.45 -44.79
C GLU B 334 -14.69 -23.12 -45.72
N ALA B 335 -14.68 -22.74 -47.00
CA ALA B 335 -15.59 -23.30 -48.01
C ALA B 335 -15.32 -24.78 -48.21
N ALA B 336 -14.04 -25.18 -48.21
CA ALA B 336 -13.67 -26.58 -48.38
C ALA B 336 -14.19 -27.44 -47.21
N PHE B 337 -14.13 -26.92 -45.98
CA PHE B 337 -14.62 -27.66 -44.82
C PHE B 337 -16.14 -27.83 -44.90
N LYS B 338 -16.87 -26.77 -45.34
CA LYS B 338 -18.33 -26.72 -45.48
C LYS B 338 -18.91 -27.80 -46.39
N CYS B 339 -18.25 -28.06 -47.52
CA CYS B 339 -18.77 -29.03 -48.49
C CYS B 339 -18.03 -30.35 -48.52
N CYS B 340 -16.99 -30.53 -47.69
CA CYS B 340 -16.16 -31.72 -47.73
C CYS B 340 -15.49 -31.81 -49.11
N ALA B 341 -14.94 -30.66 -49.56
CA ALA B 341 -14.28 -30.52 -50.85
C ALA B 341 -13.17 -31.54 -50.98
N ALA B 342 -13.10 -32.20 -52.14
CA ALA B 342 -12.08 -33.22 -52.37
C ALA B 342 -10.70 -32.59 -52.45
N ALA B 343 -10.61 -31.38 -53.04
CA ALA B 343 -9.35 -30.66 -53.21
C ALA B 343 -9.57 -29.15 -53.31
N ILE B 344 -8.48 -28.39 -53.18
CA ILE B 344 -8.40 -26.96 -53.38
C ILE B 344 -7.32 -26.82 -54.46
N ILE B 345 -7.70 -26.39 -55.67
CA ILE B 345 -6.73 -26.24 -56.75
C ILE B 345 -6.28 -24.81 -56.78
N VAL B 346 -4.98 -24.58 -56.65
CA VAL B 346 -4.46 -23.23 -56.61
C VAL B 346 -3.40 -23.01 -57.69
N LEU B 347 -3.45 -21.84 -58.34
CA LEU B 347 -2.46 -21.46 -59.32
C LEU B 347 -1.42 -20.67 -58.54
N THR B 348 -0.16 -21.08 -58.62
CA THR B 348 0.89 -20.40 -57.89
C THR B 348 2.17 -20.30 -58.71
N THR B 349 2.88 -19.20 -58.52
CA THR B 349 4.10 -18.92 -59.23
C THR B 349 5.28 -19.26 -58.31
N THR B 350 5.28 -18.68 -57.11
CA THR B 350 6.31 -18.84 -56.08
C THR B 350 5.97 -19.93 -55.05
N GLY B 351 4.70 -20.36 -55.00
CA GLY B 351 4.23 -21.32 -54.01
C GLY B 351 3.57 -20.63 -52.82
N ARG B 352 3.57 -19.28 -52.76
CA ARG B 352 3.02 -18.56 -51.64
C ARG B 352 1.54 -18.80 -51.44
N SER B 353 0.76 -18.75 -52.51
CA SER B 353 -0.68 -18.98 -52.40
C SER B 353 -1.01 -20.34 -51.82
N ALA B 354 -0.24 -21.36 -52.21
CA ALA B 354 -0.45 -22.71 -51.68
C ALA B 354 -0.03 -22.75 -50.19
N GLN B 355 1.08 -22.09 -49.84
CA GLN B 355 1.56 -22.02 -48.47
C GLN B 355 0.53 -21.38 -47.55
N LEU B 356 -0.15 -20.31 -48.02
CA LEU B 356 -1.17 -19.66 -47.22
C LEU B 356 -2.41 -20.50 -47.02
N LEU B 357 -2.72 -21.39 -47.97
CA LEU B 357 -3.85 -22.30 -47.81
C LEU B 357 -3.47 -23.34 -46.75
N SER B 358 -2.26 -23.92 -46.91
CA SER B 358 -1.68 -24.93 -46.06
C SER B 358 -1.65 -24.51 -44.59
N ARG B 359 -1.36 -23.23 -44.28
CA ARG B 359 -1.28 -22.75 -42.90
C ARG B 359 -2.59 -22.94 -42.13
N TYR B 360 -3.76 -23.00 -42.81
CA TYR B 360 -5.02 -23.23 -42.13
C TYR B 360 -5.38 -24.70 -42.01
N ARG B 361 -4.44 -25.58 -42.33
CA ARG B 361 -4.54 -27.02 -42.23
C ARG B 361 -5.85 -27.60 -42.75
N PRO B 362 -6.18 -27.41 -44.05
CA PRO B 362 -7.41 -28.00 -44.57
C PRO B 362 -7.30 -29.52 -44.64
N ARG B 363 -8.45 -30.18 -44.57
CA ARG B 363 -8.48 -31.62 -44.77
C ARG B 363 -8.38 -31.89 -46.32
N ALA B 364 -8.86 -30.93 -47.19
CA ALA B 364 -8.80 -31.05 -48.65
C ALA B 364 -7.39 -30.90 -49.14
N ALA B 365 -7.01 -31.67 -50.17
CA ALA B 365 -5.67 -31.61 -50.74
C ALA B 365 -5.46 -30.29 -51.47
N VAL B 366 -4.32 -29.65 -51.30
CA VAL B 366 -4.02 -28.41 -52.01
C VAL B 366 -3.23 -28.79 -53.24
N ILE B 367 -3.90 -28.87 -54.39
CA ILE B 367 -3.26 -29.20 -55.65
C ILE B 367 -2.71 -27.90 -56.24
N ALA B 368 -1.38 -27.73 -56.18
CA ALA B 368 -0.76 -26.50 -56.65
C ALA B 368 -0.22 -26.62 -58.06
N VAL B 369 -0.83 -25.88 -59.02
CA VAL B 369 -0.42 -25.87 -60.43
C VAL B 369 0.56 -24.74 -60.69
N THR B 370 1.79 -25.08 -61.09
CA THR B 370 2.83 -24.09 -61.31
C THR B 370 3.68 -24.40 -62.53
N ARG B 371 4.18 -23.35 -63.18
CA ARG B 371 5.12 -23.50 -64.29
C ARG B 371 6.58 -23.53 -63.76
N SER B 372 6.81 -23.08 -62.49
CA SER B 372 8.13 -23.06 -61.86
C SER B 372 8.46 -24.45 -61.34
N ALA B 373 9.52 -25.06 -61.87
CA ALA B 373 9.96 -26.37 -61.42
C ALA B 373 10.52 -26.27 -59.99
N GLN B 374 11.24 -25.18 -59.67
CA GLN B 374 11.80 -24.97 -58.35
C GLN B 374 10.69 -24.83 -57.30
N ALA B 375 9.66 -24.01 -57.59
CA ALA B 375 8.55 -23.83 -56.68
C ALA B 375 7.80 -25.16 -56.49
N ALA B 376 7.62 -25.94 -57.57
CA ALA B 376 6.96 -27.24 -57.48
C ALA B 376 7.72 -28.19 -56.50
N ARG B 377 9.05 -28.10 -56.47
CA ARG B 377 9.83 -28.94 -55.57
C ARG B 377 9.79 -28.38 -54.14
N GLN B 378 9.92 -27.05 -54.00
CA GLN B 378 9.92 -26.37 -52.72
C GLN B 378 8.58 -26.43 -51.94
N VAL B 379 7.43 -26.57 -52.64
CA VAL B 379 6.15 -26.64 -51.94
C VAL B 379 5.97 -27.94 -51.15
N HIS B 380 6.88 -28.92 -51.32
CA HIS B 380 6.83 -30.13 -50.52
C HIS B 380 7.05 -29.79 -49.03
N LEU B 381 7.74 -28.67 -48.73
CA LEU B 381 7.93 -28.21 -47.36
C LEU B 381 6.60 -27.90 -46.66
N CYS B 382 5.53 -27.63 -47.43
CA CYS B 382 4.19 -27.28 -46.94
C CYS B 382 3.24 -28.44 -46.89
N ARG B 383 2.75 -28.73 -45.68
CA ARG B 383 1.86 -29.86 -45.49
C ARG B 383 0.58 -29.76 -46.30
N GLY B 384 0.28 -30.83 -47.01
CA GLY B 384 -0.95 -30.91 -47.80
C GLY B 384 -0.88 -30.30 -49.17
N VAL B 385 0.30 -29.84 -49.59
CA VAL B 385 0.47 -29.29 -50.94
C VAL B 385 1.03 -30.36 -51.88
N PHE B 386 0.27 -30.63 -52.96
CA PHE B 386 0.57 -31.61 -54.01
C PHE B 386 0.92 -30.84 -55.29
N PRO B 387 2.23 -30.67 -55.55
CA PRO B 387 2.63 -29.88 -56.72
C PRO B 387 2.49 -30.55 -58.09
N LEU B 388 1.96 -29.78 -59.05
CA LEU B 388 1.82 -30.22 -60.43
C LEU B 388 2.59 -29.25 -61.32
N LEU B 389 3.56 -29.76 -62.06
CA LEU B 389 4.35 -28.91 -62.94
C LEU B 389 3.68 -28.80 -64.31
N TYR B 390 3.25 -27.58 -64.67
CA TYR B 390 2.59 -27.27 -65.95
C TYR B 390 3.67 -27.00 -66.99
N ARG B 391 3.63 -27.74 -68.12
CA ARG B 391 4.65 -27.63 -69.13
C ARG B 391 4.20 -26.93 -70.44
N GLU B 392 2.89 -26.76 -70.63
CA GLU B 392 2.38 -26.14 -71.86
C GLU B 392 2.76 -24.68 -72.03
N PRO B 393 2.95 -24.25 -73.30
CA PRO B 393 3.30 -22.84 -73.53
C PRO B 393 2.09 -21.92 -73.32
N PRO B 394 2.35 -20.68 -72.86
CA PRO B 394 1.24 -19.77 -72.57
C PRO B 394 0.25 -19.53 -73.70
N GLU B 395 -1.05 -19.48 -73.38
CA GLU B 395 -2.12 -19.17 -74.34
C GLU B 395 -2.09 -17.66 -74.61
N ALA B 396 -2.66 -17.24 -75.76
CA ALA B 396 -2.70 -15.83 -76.12
C ALA B 396 -3.62 -15.07 -75.17
N ILE B 397 -4.79 -15.64 -74.86
CA ILE B 397 -5.71 -15.02 -73.92
C ILE B 397 -5.35 -15.49 -72.50
N TRP B 398 -4.96 -14.55 -71.61
CA TRP B 398 -4.56 -14.90 -70.24
C TRP B 398 -5.64 -15.69 -69.50
N ALA B 399 -6.90 -15.30 -69.62
CA ALA B 399 -8.00 -16.01 -68.97
C ALA B 399 -8.08 -17.47 -69.45
N ASP B 400 -7.78 -17.73 -70.72
CA ASP B 400 -7.78 -19.08 -71.29
C ASP B 400 -6.60 -19.90 -70.77
N ASP B 401 -5.45 -19.24 -70.55
CA ASP B 401 -4.26 -19.87 -70.00
C ASP B 401 -4.54 -20.36 -68.57
N VAL B 402 -5.24 -19.52 -67.77
CA VAL B 402 -5.65 -19.82 -66.42
C VAL B 402 -6.55 -21.04 -66.41
N ASP B 403 -7.60 -21.05 -67.25
CA ASP B 403 -8.54 -22.16 -67.33
C ASP B 403 -7.89 -23.45 -67.76
N ARG B 404 -6.87 -23.38 -68.62
CA ARG B 404 -6.16 -24.58 -69.04
C ARG B 404 -5.40 -25.18 -67.86
N ARG B 405 -4.78 -24.33 -67.03
CA ARG B 405 -4.04 -24.76 -65.86
C ARG B 405 -4.97 -25.36 -64.81
N VAL B 406 -6.16 -24.79 -64.65
CA VAL B 406 -7.18 -25.30 -63.74
C VAL B 406 -7.68 -26.67 -64.23
N GLN B 407 -7.89 -26.80 -65.53
CA GLN B 407 -8.31 -28.06 -66.13
C GLN B 407 -7.24 -29.11 -66.00
N PHE B 408 -5.96 -28.72 -66.07
CA PHE B 408 -4.82 -29.60 -65.89
C PHE B 408 -4.85 -30.19 -64.47
N GLY B 409 -5.16 -29.35 -63.48
CA GLY B 409 -5.25 -29.75 -62.09
C GLY B 409 -6.40 -30.72 -61.88
N ILE B 410 -7.54 -30.48 -62.56
CA ILE B 410 -8.69 -31.35 -62.45
C ILE B 410 -8.41 -32.70 -63.10
N GLU B 411 -7.79 -32.70 -64.29
CA GLU B 411 -7.44 -33.92 -64.98
C GLU B 411 -6.42 -34.73 -64.23
N SER B 412 -5.37 -34.09 -63.70
CA SER B 412 -4.37 -34.80 -62.88
C SER B 412 -5.00 -35.31 -61.60
N GLY B 413 -5.91 -34.53 -61.00
CA GLY B 413 -6.61 -34.92 -59.78
C GLY B 413 -7.50 -36.12 -60.00
N LYS B 414 -8.15 -36.18 -61.16
CA LYS B 414 -9.00 -37.30 -61.55
C LYS B 414 -8.15 -38.53 -61.80
N LEU B 415 -7.01 -38.32 -62.49
CA LEU B 415 -6.03 -39.34 -62.85
C LEU B 415 -5.45 -39.94 -61.62
N ARG B 416 -4.99 -39.15 -60.63
CA ARG B 416 -4.34 -39.71 -59.44
C ARG B 416 -5.29 -40.20 -58.34
N GLY B 417 -6.60 -40.15 -58.59
CA GLY B 417 -7.57 -40.62 -57.62
C GLY B 417 -8.03 -39.60 -56.60
N PHE B 418 -7.49 -38.37 -56.66
CA PHE B 418 -7.91 -37.29 -55.76
C PHE B 418 -9.34 -36.86 -56.01
N LEU B 419 -9.79 -36.91 -57.26
CA LEU B 419 -11.11 -36.44 -57.62
C LEU B 419 -11.94 -37.49 -58.33
N ARG B 420 -13.23 -37.41 -58.09
CA ARG B 420 -14.23 -38.27 -58.71
C ARG B 420 -15.42 -37.41 -59.15
N VAL B 421 -16.16 -37.90 -60.14
CA VAL B 421 -17.30 -37.16 -60.66
C VAL B 421 -18.35 -36.95 -59.56
N GLY B 422 -18.80 -35.71 -59.39
CA GLY B 422 -19.74 -35.35 -58.35
C GLY B 422 -19.07 -34.65 -57.17
N ASP B 423 -17.72 -34.72 -57.09
CA ASP B 423 -16.96 -34.06 -56.04
C ASP B 423 -17.02 -32.54 -56.19
N LEU B 424 -16.81 -31.83 -55.09
CA LEU B 424 -16.73 -30.39 -55.12
C LEU B 424 -15.28 -30.01 -54.93
N VAL B 425 -14.85 -28.98 -55.66
CA VAL B 425 -13.49 -28.47 -55.53
C VAL B 425 -13.52 -26.97 -55.38
N ILE B 426 -12.54 -26.42 -54.68
CA ILE B 426 -12.42 -25.00 -54.49
C ILE B 426 -11.26 -24.58 -55.37
N VAL B 427 -11.46 -23.59 -56.27
CA VAL B 427 -10.39 -23.14 -57.16
C VAL B 427 -9.92 -21.76 -56.79
N VAL B 428 -8.66 -21.65 -56.45
CA VAL B 428 -8.08 -20.38 -56.04
C VAL B 428 -7.15 -19.82 -57.11
N THR B 429 -7.53 -18.64 -57.68
CA THR B 429 -6.80 -17.92 -58.75
C THR B 429 -6.69 -16.40 -58.43
N GLY B 430 -6.03 -15.63 -59.31
CA GLY B 430 -5.89 -14.19 -59.18
C GLY B 430 -6.56 -13.40 -60.30
N TRP B 431 -6.56 -12.06 -60.20
CA TRP B 431 -7.22 -11.17 -61.16
C TRP B 431 -6.30 -10.68 -62.32
N ARG B 432 -4.98 -10.74 -62.11
CA ARG B 432 -3.98 -10.36 -63.11
C ARG B 432 -2.78 -11.30 -63.05
N PRO B 433 -1.99 -11.43 -64.14
CA PRO B 433 -0.84 -12.33 -64.10
C PRO B 433 0.27 -11.83 -63.17
N GLY B 434 1.16 -12.73 -62.82
CA GLY B 434 2.26 -12.41 -61.92
C GLY B 434 1.96 -12.76 -60.49
N SER B 435 3.02 -12.88 -59.69
CA SER B 435 2.89 -13.23 -58.28
C SER B 435 2.32 -12.08 -57.41
N GLY B 436 1.50 -12.46 -56.43
CA GLY B 436 0.94 -11.54 -55.45
C GLY B 436 -0.47 -11.07 -55.68
N TYR B 437 -1.16 -11.60 -56.70
CA TYR B 437 -2.50 -11.11 -57.03
C TYR B 437 -3.62 -12.10 -56.84
N THR B 438 -3.39 -13.15 -56.05
CA THR B 438 -4.46 -14.13 -55.77
C THR B 438 -5.58 -13.47 -54.98
N ASN B 439 -6.82 -13.62 -55.44
CA ASN B 439 -7.97 -12.96 -54.80
C ASN B 439 -9.32 -13.60 -55.17
N ILE B 440 -9.33 -14.70 -55.92
CA ILE B 440 -10.59 -15.31 -56.35
C ILE B 440 -10.72 -16.74 -55.85
N MET B 441 -11.92 -17.09 -55.39
CA MET B 441 -12.21 -18.43 -54.94
CA MET B 441 -12.24 -18.41 -54.88
C MET B 441 -13.51 -18.89 -55.60
N ARG B 442 -13.47 -20.06 -56.27
CA ARG B 442 -14.64 -20.59 -56.97
C ARG B 442 -15.03 -21.96 -56.49
N VAL B 443 -16.34 -22.24 -56.45
CA VAL B 443 -16.81 -23.57 -56.08
C VAL B 443 -17.19 -24.29 -57.36
N LEU B 444 -16.49 -25.37 -57.72
CA LEU B 444 -16.79 -26.10 -58.95
CA LEU B 444 -16.79 -26.10 -58.95
C LEU B 444 -17.18 -27.56 -58.69
N SER B 445 -18.20 -28.07 -59.40
CA SER B 445 -18.62 -29.47 -59.27
C SER B 445 -17.96 -30.28 -60.40
N ILE B 446 -17.35 -31.41 -60.03
CA ILE B 446 -16.65 -32.27 -60.98
C ILE B 446 -17.60 -33.06 -61.90
N SER B 447 -17.42 -32.92 -63.22
CA SER B 447 -18.23 -33.64 -64.19
C SER B 447 -17.40 -34.65 -65.02
N GLU C 21 -33.90 -42.51 -10.53
CA GLU C 21 -34.08 -42.02 -9.17
C GLU C 21 -34.89 -40.71 -9.08
N LEU C 22 -34.53 -39.69 -9.88
CA LEU C 22 -35.24 -38.40 -9.88
C LEU C 22 -36.47 -38.41 -10.81
N GLY C 23 -36.38 -39.15 -11.92
CA GLY C 23 -37.45 -39.29 -12.90
C GLY C 23 -37.31 -38.43 -14.13
N THR C 24 -37.98 -38.82 -15.24
CA THR C 24 -37.93 -38.06 -16.48
C THR C 24 -38.69 -36.72 -16.34
N ALA C 25 -39.78 -36.72 -15.55
CA ALA C 25 -40.58 -35.54 -15.27
C ALA C 25 -39.77 -34.45 -14.60
N PHE C 26 -38.79 -34.82 -13.74
CA PHE C 26 -37.93 -33.86 -13.06
C PHE C 26 -37.07 -33.13 -14.09
N PHE C 27 -36.50 -33.87 -15.04
CA PHE C 27 -35.62 -33.32 -16.05
C PHE C 27 -36.34 -32.54 -17.18
N GLN C 28 -37.67 -32.49 -17.16
CA GLN C 28 -38.42 -31.69 -18.12
C GLN C 28 -38.69 -30.27 -17.55
N GLN C 29 -38.84 -30.15 -16.21
CA GLN C 29 -39.08 -28.90 -15.48
C GLN C 29 -37.84 -28.00 -15.43
N GLN C 30 -38.04 -26.75 -14.95
CA GLN C 30 -37.08 -25.66 -14.74
C GLN C 30 -36.02 -25.54 -15.85
N GLN C 31 -36.47 -25.66 -17.12
CA GLN C 31 -35.65 -25.55 -18.33
C GLN C 31 -34.39 -26.42 -18.30
N LEU C 32 -34.48 -27.63 -17.70
CA LEU C 32 -33.33 -28.53 -17.65
C LEU C 32 -32.89 -29.01 -19.05
N PRO C 33 -33.79 -29.30 -20.02
CA PRO C 33 -33.31 -29.63 -21.38
C PRO C 33 -32.50 -28.49 -22.00
N ALA C 34 -32.92 -27.23 -21.80
CA ALA C 34 -32.20 -26.05 -22.32
C ALA C 34 -30.88 -25.80 -21.57
N ALA C 35 -30.79 -26.22 -20.30
CA ALA C 35 -29.58 -26.06 -19.49
C ALA C 35 -28.50 -27.07 -19.86
N MET C 36 -28.91 -28.25 -20.37
CA MET C 36 -27.99 -29.30 -20.83
C MET C 36 -27.33 -28.96 -22.17
N ALA C 37 -27.84 -27.96 -22.92
CA ALA C 37 -27.34 -27.60 -24.25
C ALA C 37 -25.85 -27.30 -24.32
N ASP C 38 -25.24 -27.69 -25.43
CA ASP C 38 -23.80 -27.50 -25.65
C ASP C 38 -23.45 -26.11 -26.17
N THR C 39 -24.42 -25.39 -26.76
CA THR C 39 -24.22 -24.02 -27.21
C THR C 39 -25.30 -23.10 -26.66
N PHE C 40 -25.02 -21.79 -26.60
CA PHE C 40 -25.98 -20.80 -26.18
C PHE C 40 -27.17 -20.73 -27.14
N LEU C 41 -26.89 -20.87 -28.44
CA LEU C 41 -27.89 -20.87 -29.49
C LEU C 41 -28.83 -22.06 -29.33
N GLU C 42 -28.28 -23.27 -29.11
CA GLU C 42 -29.05 -24.50 -28.86
C GLU C 42 -29.89 -24.34 -27.60
N HIS C 43 -29.32 -23.67 -26.58
CA HIS C 43 -29.96 -23.36 -25.30
C HIS C 43 -31.24 -22.57 -25.55
N LEU C 44 -31.16 -21.49 -26.35
CA LEU C 44 -32.34 -20.68 -26.68
C LEU C 44 -33.39 -21.51 -27.41
N CYS C 45 -32.95 -22.34 -28.37
CA CYS C 45 -33.81 -23.22 -29.16
C CYS C 45 -34.55 -24.22 -28.28
N LEU C 46 -33.95 -24.63 -27.17
CA LEU C 46 -34.55 -25.61 -26.25
C LEU C 46 -35.45 -25.04 -25.18
N LEU C 47 -35.60 -23.70 -25.10
CA LEU C 47 -36.48 -23.10 -24.09
C LEU C 47 -37.92 -23.54 -24.33
N ASP C 48 -38.58 -24.00 -23.27
CA ASP C 48 -39.92 -24.57 -23.36
C ASP C 48 -40.90 -23.80 -22.53
N ILE C 49 -41.98 -23.27 -23.16
CA ILE C 49 -43.01 -22.57 -22.40
C ILE C 49 -43.77 -23.52 -21.44
N ASP C 50 -43.78 -24.82 -21.76
CA ASP C 50 -44.43 -25.83 -20.93
C ASP C 50 -43.55 -26.36 -19.80
N SER C 51 -42.27 -25.93 -19.72
CA SER C 51 -41.33 -26.33 -18.67
C SER C 51 -41.54 -25.39 -17.48
N GLU C 52 -42.22 -25.89 -16.44
CA GLU C 52 -42.54 -25.07 -15.28
C GLU C 52 -41.39 -24.83 -14.32
N PRO C 53 -41.29 -23.61 -13.78
CA PRO C 53 -40.21 -23.33 -12.80
C PRO C 53 -40.52 -24.02 -11.47
N VAL C 54 -39.50 -24.64 -10.85
CA VAL C 54 -39.70 -25.32 -9.57
C VAL C 54 -38.99 -24.61 -8.44
N ALA C 55 -37.78 -24.10 -8.71
CA ALA C 55 -36.99 -23.40 -7.70
C ALA C 55 -37.66 -22.13 -7.19
N ALA C 56 -37.31 -21.71 -5.94
CA ALA C 56 -37.82 -20.49 -5.34
C ALA C 56 -37.21 -19.30 -6.10
N ARG C 57 -37.95 -18.18 -6.19
CA ARG C 57 -37.51 -17.00 -6.90
C ARG C 57 -36.27 -16.40 -6.20
N SER C 58 -35.18 -16.25 -6.94
CA SER C 58 -33.91 -15.82 -6.36
C SER C 58 -33.62 -14.31 -6.49
N THR C 59 -34.11 -13.64 -7.56
CA THR C 59 -33.92 -12.19 -7.73
C THR C 59 -34.83 -11.43 -6.79
N SER C 60 -34.27 -10.66 -5.85
CA SER C 60 -35.07 -9.95 -4.87
C SER C 60 -35.83 -8.80 -5.49
N ILE C 61 -37.00 -8.52 -4.93
CA ILE C 61 -37.84 -7.44 -5.37
C ILE C 61 -37.75 -6.31 -4.35
N ILE C 62 -37.39 -5.11 -4.85
CA ILE C 62 -37.34 -3.90 -4.04
C ILE C 62 -38.59 -3.13 -4.39
N ALA C 63 -39.42 -2.80 -3.38
CA ALA C 63 -40.64 -2.05 -3.64
C ALA C 63 -40.58 -0.71 -2.99
N THR C 64 -40.84 0.36 -3.76
CA THR C 64 -40.85 1.70 -3.18
C THR C 64 -42.14 1.90 -2.41
N ILE C 65 -42.02 2.22 -1.12
CA ILE C 65 -43.16 2.44 -0.25
C ILE C 65 -43.62 3.91 -0.28
N GLY C 66 -44.89 4.11 -0.58
CA GLY C 66 -45.50 5.43 -0.63
C GLY C 66 -46.95 5.43 -0.21
N PRO C 67 -47.70 6.44 -0.62
CA PRO C 67 -49.13 6.50 -0.23
C PRO C 67 -49.94 5.25 -0.63
N ALA C 68 -49.62 4.66 -1.81
CA ALA C 68 -50.30 3.47 -2.32
C ALA C 68 -49.96 2.16 -1.62
N SER C 69 -48.86 2.13 -0.87
CA SER C 69 -48.38 0.90 -0.23
C SER C 69 -47.96 1.10 1.22
N ARG C 70 -48.58 2.03 1.92
CA ARG C 70 -48.18 2.43 3.27
C ARG C 70 -48.80 1.71 4.41
N SER C 71 -50.06 1.25 4.22
CA SER C 71 -50.87 0.63 5.26
C SER C 71 -50.33 -0.72 5.66
N VAL C 72 -50.40 -1.04 6.96
CA VAL C 72 -49.94 -2.32 7.50
C VAL C 72 -50.61 -3.50 6.77
N GLU C 73 -51.89 -3.35 6.42
CA GLU C 73 -52.62 -4.39 5.71
C GLU C 73 -52.17 -4.57 4.27
N ARG C 74 -51.82 -3.47 3.59
CA ARG C 74 -51.32 -3.49 2.22
C ARG C 74 -49.91 -4.09 2.21
N LEU C 75 -49.07 -3.67 3.16
CA LEU C 75 -47.71 -4.18 3.32
C LEU C 75 -47.66 -5.68 3.56
N LYS C 76 -48.66 -6.24 4.27
CA LYS C 76 -48.76 -7.68 4.52
C LYS C 76 -49.03 -8.42 3.22
N GLU C 77 -49.88 -7.83 2.36
CA GLU C 77 -50.18 -8.40 1.05
C GLU C 77 -48.95 -8.35 0.13
N MET C 78 -48.13 -7.29 0.26
CA MET C 78 -46.92 -7.12 -0.54
CA MET C 78 -46.92 -7.13 -0.54
C MET C 78 -45.81 -8.06 -0.10
N ILE C 79 -45.73 -8.36 1.20
CA ILE C 79 -44.74 -9.30 1.71
C ILE C 79 -45.11 -10.70 1.15
N LYS C 80 -46.41 -11.05 1.21
CA LYS C 80 -46.94 -12.31 0.70
C LYS C 80 -46.76 -12.42 -0.83
N ALA C 81 -46.82 -11.30 -1.54
CA ALA C 81 -46.63 -11.26 -2.99
C ALA C 81 -45.14 -11.46 -3.39
N GLY C 82 -44.22 -11.15 -2.48
CA GLY C 82 -42.79 -11.33 -2.74
C GLY C 82 -41.84 -10.17 -2.45
N MET C 83 -42.31 -9.06 -1.88
CA MET C 83 -41.43 -7.93 -1.58
C MET C 83 -40.35 -8.35 -0.57
N ASN C 84 -39.08 -8.07 -0.88
CA ASN C 84 -37.98 -8.45 0.03
C ASN C 84 -37.32 -7.23 0.68
N ILE C 85 -37.33 -6.09 -0.03
CA ILE C 85 -36.73 -4.85 0.42
C ILE C 85 -37.74 -3.74 0.24
N ALA C 86 -37.89 -2.91 1.27
CA ALA C 86 -38.80 -1.76 1.22
C ALA C 86 -37.96 -0.51 1.00
N ARG C 87 -38.20 0.23 -0.08
CA ARG C 87 -37.45 1.44 -0.40
C ARG C 87 -38.19 2.70 0.00
N LEU C 88 -37.49 3.61 0.71
CA LEU C 88 -38.04 4.90 1.14
C LEU C 88 -37.33 6.01 0.39
N ASN C 89 -38.04 6.65 -0.56
CA ASN C 89 -37.43 7.68 -1.39
C ASN C 89 -37.39 9.00 -0.67
N PHE C 90 -36.22 9.38 -0.17
CA PHE C 90 -36.07 10.63 0.55
C PHE C 90 -36.10 11.88 -0.36
N SER C 91 -36.38 11.71 -1.66
CA SER C 91 -36.63 12.82 -2.55
C SER C 91 -38.06 13.40 -2.28
N HIS C 92 -38.96 12.59 -1.67
CA HIS C 92 -40.33 12.96 -1.36
C HIS C 92 -40.59 12.71 0.14
N GLY C 93 -41.75 13.15 0.65
CA GLY C 93 -42.12 12.98 2.05
C GLY C 93 -41.21 13.62 3.07
N SER C 94 -41.56 13.45 4.35
CA SER C 94 -40.77 13.99 5.46
C SER C 94 -40.15 12.87 6.33
N HIS C 95 -39.32 13.24 7.32
CA HIS C 95 -38.76 12.28 8.27
C HIS C 95 -39.90 11.62 9.05
N GLU C 96 -40.91 12.41 9.46
CA GLU C 96 -42.07 11.94 10.21
C GLU C 96 -42.86 10.92 9.39
N TYR C 97 -43.06 11.21 8.08
CA TYR C 97 -43.76 10.36 7.12
C TYR C 97 -43.02 9.03 6.90
N HIS C 98 -41.70 9.10 6.63
CA HIS C 98 -40.89 7.91 6.39
C HIS C 98 -40.74 7.06 7.63
N ALA C 99 -40.68 7.68 8.82
CA ALA C 99 -40.57 6.91 10.07
C ALA C 99 -41.85 6.10 10.29
N GLU C 100 -43.01 6.67 9.88
CA GLU C 100 -44.31 6.01 9.98
C GLU C 100 -44.33 4.82 9.03
N SER C 101 -43.83 5.00 7.81
CA SER C 101 -43.71 3.93 6.81
C SER C 101 -42.83 2.78 7.36
N ILE C 102 -41.65 3.09 7.93
CA ILE C 102 -40.74 2.10 8.53
C ILE C 102 -41.44 1.31 9.61
N ALA C 103 -42.17 2.01 10.50
CA ALA C 103 -42.90 1.41 11.60
C ALA C 103 -43.96 0.43 11.10
N ASN C 104 -44.66 0.80 10.01
CA ASN C 104 -45.71 0.00 9.37
C ASN C 104 -45.13 -1.23 8.72
N VAL C 105 -43.97 -1.08 8.06
CA VAL C 105 -43.25 -2.18 7.43
C VAL C 105 -42.83 -3.17 8.51
N ARG C 106 -42.23 -2.68 9.59
CA ARG C 106 -41.79 -3.53 10.69
C ARG C 106 -42.95 -4.25 11.38
N GLU C 107 -44.09 -3.57 11.51
CA GLU C 107 -45.29 -4.15 12.09
C GLU C 107 -45.86 -5.27 11.19
N ALA C 108 -45.93 -5.03 9.87
CA ALA C 108 -46.41 -6.01 8.91
C ALA C 108 -45.46 -7.21 8.84
N VAL C 109 -44.14 -6.99 8.94
CA VAL C 109 -43.16 -8.07 8.91
C VAL C 109 -43.30 -8.95 10.16
N GLU C 110 -43.42 -8.30 11.34
CA GLU C 110 -43.53 -9.02 12.61
C GLU C 110 -44.86 -9.70 12.83
N SER C 111 -45.87 -9.40 12.00
CA SER C 111 -47.15 -10.10 12.09
C SER C 111 -47.01 -11.61 11.72
N PHE C 112 -45.94 -11.98 11.01
CA PHE C 112 -45.68 -13.36 10.62
C PHE C 112 -44.58 -14.03 11.47
N ALA C 113 -44.12 -13.37 12.57
CA ALA C 113 -43.06 -13.91 13.41
C ALA C 113 -43.48 -15.18 14.19
N GLY C 114 -44.76 -15.53 14.19
CA GLY C 114 -45.22 -16.76 14.86
C GLY C 114 -45.02 -18.00 14.02
N SER C 115 -45.49 -17.94 12.76
CA SER C 115 -45.42 -19.04 11.79
C SER C 115 -44.16 -18.99 10.92
N PRO C 116 -43.19 -19.90 11.17
CA PRO C 116 -41.93 -19.88 10.38
C PRO C 116 -42.09 -20.12 8.87
N LEU C 117 -43.23 -20.68 8.44
CA LEU C 117 -43.56 -20.92 7.02
C LEU C 117 -43.94 -19.61 6.30
N SER C 118 -44.50 -18.63 7.05
CA SER C 118 -44.89 -17.33 6.49
C SER C 118 -43.83 -16.24 6.76
N TYR C 119 -43.14 -16.31 7.95
CA TYR C 119 -42.11 -15.32 8.30
C TYR C 119 -40.99 -15.17 7.30
N ARG C 120 -40.76 -13.93 6.91
CA ARG C 120 -39.70 -13.52 6.00
C ARG C 120 -39.14 -12.14 6.41
N PRO C 121 -37.83 -12.04 6.71
CA PRO C 121 -37.26 -10.72 7.05
C PRO C 121 -37.28 -9.82 5.83
N VAL C 122 -37.51 -8.53 6.04
CA VAL C 122 -37.61 -7.57 4.94
C VAL C 122 -36.63 -6.44 5.22
N ALA C 123 -35.69 -6.18 4.29
CA ALA C 123 -34.71 -5.12 4.47
C ALA C 123 -35.38 -3.75 4.31
N ILE C 124 -34.79 -2.72 4.93
CA ILE C 124 -35.27 -1.35 4.76
C ILE C 124 -34.18 -0.49 4.17
N ALA C 125 -34.46 0.07 3.00
CA ALA C 125 -33.48 0.87 2.29
C ALA C 125 -33.88 2.35 2.16
N LEU C 126 -32.91 3.23 2.38
CA LEU C 126 -33.13 4.67 2.26
C LEU C 126 -32.55 5.14 0.93
N ASP C 127 -33.37 5.73 0.05
CA ASP C 127 -32.86 6.27 -1.20
C ASP C 127 -32.67 7.78 -0.99
N THR C 128 -31.41 8.26 -1.03
CA THR C 128 -31.13 9.70 -0.78
C THR C 128 -31.64 10.62 -1.91
N LYS C 129 -31.82 11.92 -1.59
CA LYS C 129 -32.27 12.93 -2.56
C LYS C 129 -31.17 13.28 -3.56
N GLY C 130 -29.94 13.31 -3.09
CA GLY C 130 -28.80 13.58 -3.96
C GLY C 130 -28.21 14.96 -3.79
N PRO C 131 -27.09 15.24 -4.48
CA PRO C 131 -26.45 16.56 -4.34
C PRO C 131 -27.06 17.64 -5.23
N GLY C 134 -25.08 20.58 -6.93
CA GLY C 134 -24.12 20.91 -5.89
C GLY C 134 -22.82 20.13 -5.97
N PRO C 135 -21.76 20.60 -5.25
CA PRO C 135 -20.45 19.90 -5.32
C PRO C 135 -20.40 18.53 -4.62
N GLY C 136 -20.36 18.53 -3.28
CA GLY C 136 -20.31 17.31 -2.47
C GLY C 136 -21.65 16.90 -1.90
N LEU C 137 -21.62 16.28 -0.72
CA LEU C 137 -22.82 15.77 -0.06
C LEU C 137 -23.77 16.87 0.41
N SER C 138 -25.06 16.77 0.07
CA SER C 138 -26.03 17.79 0.44
C SER C 138 -26.32 17.87 1.93
N GLU C 139 -26.74 19.06 2.42
CA GLU C 139 -27.06 19.21 3.85
C GLU C 139 -28.21 18.31 4.25
N GLN C 140 -29.22 18.23 3.37
CA GLN C 140 -30.38 17.38 3.55
C GLN C 140 -29.95 15.92 3.57
N ASP C 141 -29.00 15.52 2.70
CA ASP C 141 -28.50 14.15 2.67
C ASP C 141 -27.84 13.76 3.97
N VAL C 142 -27.08 14.67 4.60
CA VAL C 142 -26.45 14.40 5.89
C VAL C 142 -27.52 14.13 6.95
N ARG C 143 -28.59 14.93 6.94
CA ARG C 143 -29.69 14.79 7.89
C ARG C 143 -30.47 13.52 7.68
N ASP C 144 -30.69 13.14 6.40
CA ASP C 144 -31.43 11.94 6.04
C ASP C 144 -30.61 10.71 6.33
N LEU C 145 -29.28 10.75 6.10
CA LEU C 145 -28.38 9.64 6.41
C LEU C 145 -28.32 9.43 7.91
N ARG C 146 -28.28 10.51 8.69
CA ARG C 146 -28.30 10.42 10.14
C ARG C 146 -29.64 9.82 10.61
N PHE C 147 -30.74 10.14 9.93
CA PHE C 147 -32.07 9.59 10.20
C PHE C 147 -32.05 8.08 9.99
N GLY C 148 -31.46 7.64 8.87
CA GLY C 148 -31.35 6.24 8.54
C GLY C 148 -30.63 5.43 9.60
N VAL C 149 -29.51 5.98 10.10
CA VAL C 149 -28.73 5.34 11.15
C VAL C 149 -29.59 5.21 12.41
N GLU C 150 -30.24 6.32 12.80
CA GLU C 150 -31.10 6.36 13.99
C GLU C 150 -32.28 5.41 13.90
N HIS C 151 -32.78 5.18 12.69
CA HIS C 151 -33.91 4.27 12.49
C HIS C 151 -33.54 2.84 12.11
N GLY C 152 -32.24 2.54 12.07
CA GLY C 152 -31.74 1.21 11.80
C GLY C 152 -31.96 0.68 10.41
N VAL C 153 -31.77 1.53 9.38
CA VAL C 153 -31.91 1.09 8.01
C VAL C 153 -30.76 0.15 7.66
N ASP C 154 -31.03 -0.74 6.72
CA ASP C 154 -30.06 -1.76 6.35
C ASP C 154 -29.23 -1.30 5.16
N ILE C 155 -29.88 -0.66 4.19
CA ILE C 155 -29.24 -0.24 2.94
C ILE C 155 -29.45 1.25 2.65
N VAL C 156 -28.49 1.86 1.92
CA VAL C 156 -28.58 3.23 1.45
C VAL C 156 -28.40 3.19 -0.06
N PHE C 157 -29.37 3.70 -0.82
CA PHE C 157 -29.20 3.83 -2.26
C PHE C 157 -28.75 5.27 -2.41
N ALA C 158 -27.44 5.47 -2.57
CA ALA C 158 -26.88 6.81 -2.67
C ALA C 158 -27.07 7.39 -4.06
N SER C 159 -27.92 8.44 -4.18
CA SER C 159 -28.21 9.11 -5.45
C SER C 159 -27.03 9.85 -6.07
N PHE C 160 -26.99 9.87 -7.41
CA PHE C 160 -26.00 10.56 -8.24
C PHE C 160 -24.56 10.39 -7.76
N VAL C 161 -24.10 9.14 -7.61
CA VAL C 161 -22.71 8.89 -7.23
C VAL C 161 -21.91 9.09 -8.49
N ARG C 162 -20.93 10.01 -8.44
CA ARG C 162 -20.16 10.35 -9.64
C ARG C 162 -18.75 9.90 -9.60
N LYS C 163 -18.17 9.80 -8.39
CA LYS C 163 -16.77 9.42 -8.17
C LYS C 163 -16.63 8.68 -6.83
N ALA C 164 -15.45 8.08 -6.57
CA ALA C 164 -15.21 7.35 -5.34
C ALA C 164 -15.28 8.23 -4.07
N SER C 165 -14.93 9.52 -4.18
CA SER C 165 -14.99 10.42 -3.03
C SER C 165 -16.45 10.65 -2.54
N ASP C 166 -17.42 10.54 -3.46
CA ASP C 166 -18.84 10.66 -3.14
C ASP C 166 -19.25 9.55 -2.20
N VAL C 167 -18.77 8.32 -2.46
CA VAL C 167 -19.09 7.14 -1.65
C VAL C 167 -18.49 7.33 -0.28
N ALA C 168 -17.23 7.83 -0.20
CA ALA C 168 -16.52 8.08 1.04
C ALA C 168 -17.27 9.09 1.87
N ALA C 169 -17.83 10.13 1.23
CA ALA C 169 -18.60 11.15 1.93
C ALA C 169 -19.86 10.55 2.56
N VAL C 170 -20.51 9.58 1.87
CA VAL C 170 -21.70 8.90 2.37
C VAL C 170 -21.33 7.99 3.53
N ARG C 171 -20.24 7.28 3.38
CA ARG C 171 -19.69 6.37 4.39
C ARG C 171 -19.35 7.16 5.67
N ALA C 172 -18.73 8.35 5.52
CA ALA C 172 -18.39 9.24 6.62
C ALA C 172 -19.64 9.76 7.31
N ALA C 173 -20.71 10.06 6.51
CA ALA C 173 -22.00 10.51 7.01
C ALA C 173 -22.76 9.45 7.81
N LEU C 174 -22.40 8.17 7.65
CA LEU C 174 -23.08 7.11 8.36
C LEU C 174 -22.44 6.97 9.73
N GLY C 175 -22.50 8.07 10.51
CA GLY C 175 -21.99 8.33 11.86
C GLY C 175 -21.17 7.24 12.49
N PRO C 176 -20.91 7.27 13.80
CA PRO C 176 -20.13 6.18 14.41
C PRO C 176 -20.86 4.82 14.44
N GLU C 177 -22.19 4.86 14.55
CA GLU C 177 -23.01 3.67 14.64
C GLU C 177 -23.45 3.05 13.32
N GLY C 178 -23.21 3.70 12.18
CA GLY C 178 -23.79 3.21 10.92
C GLY C 178 -22.92 2.43 9.97
N HIS C 179 -21.73 2.09 10.41
CA HIS C 179 -20.74 1.41 9.58
C HIS C 179 -21.15 0.04 9.02
N GLY C 180 -22.20 -0.59 9.56
CA GLY C 180 -22.70 -1.84 9.00
C GLY C 180 -23.74 -1.71 7.89
N ILE C 181 -24.25 -0.49 7.66
CA ILE C 181 -25.21 -0.25 6.59
C ILE C 181 -24.53 -0.43 5.22
N LYS C 182 -25.24 -1.00 4.25
CA LYS C 182 -24.73 -1.25 2.91
C LYS C 182 -24.92 -0.05 2.02
N ILE C 183 -23.89 0.37 1.28
CA ILE C 183 -24.00 1.50 0.39
C ILE C 183 -24.09 1.02 -1.02
N ILE C 184 -25.26 1.16 -1.63
CA ILE C 184 -25.49 0.79 -3.02
C ILE C 184 -25.46 2.10 -3.83
N SER C 185 -24.38 2.33 -4.58
CA SER C 185 -24.22 3.55 -5.35
C SER C 185 -25.10 3.60 -6.57
N LYS C 186 -25.92 4.64 -6.70
CA LYS C 186 -26.77 4.80 -7.87
C LYS C 186 -25.99 5.47 -8.98
N ILE C 187 -25.87 4.82 -10.14
CA ILE C 187 -25.17 5.38 -11.30
C ILE C 187 -26.27 6.02 -12.16
N GLU C 188 -26.30 7.38 -12.19
CA GLU C 188 -27.36 8.14 -12.85
C GLU C 188 -26.89 9.09 -13.95
N ASN C 189 -25.57 9.17 -14.22
CA ASN C 189 -25.09 10.11 -15.23
C ASN C 189 -23.83 9.60 -15.97
N HIS C 190 -23.35 10.34 -17.00
CA HIS C 190 -22.18 9.94 -17.75
C HIS C 190 -20.91 9.84 -16.91
N GLU C 191 -20.73 10.74 -15.92
CA GLU C 191 -19.53 10.67 -15.07
C GLU C 191 -19.51 9.39 -14.22
N GLY C 192 -20.66 9.00 -13.70
CA GLY C 192 -20.81 7.78 -12.92
C GLY C 192 -20.49 6.55 -13.75
N VAL C 193 -20.91 6.55 -15.01
CA VAL C 193 -20.64 5.44 -15.92
C VAL C 193 -19.14 5.38 -16.26
N LYS C 194 -18.53 6.56 -16.51
CA LYS C 194 -17.11 6.63 -16.83
C LYS C 194 -16.20 6.30 -15.65
N ARG C 195 -16.59 6.69 -14.44
CA ARG C 195 -15.83 6.38 -13.23
C ARG C 195 -16.35 5.13 -12.49
N PHE C 196 -17.07 4.24 -13.20
CA PHE C 196 -17.70 3.07 -12.63
C PHE C 196 -16.76 2.16 -11.81
N ASP C 197 -15.60 1.82 -12.35
CA ASP C 197 -14.68 0.92 -11.67
C ASP C 197 -14.22 1.44 -10.33
N GLU C 198 -13.91 2.73 -10.24
CA GLU C 198 -13.47 3.33 -8.99
C GLU C 198 -14.60 3.41 -7.96
N ILE C 199 -15.84 3.60 -8.44
CA ILE C 199 -17.03 3.69 -7.62
C ILE C 199 -17.36 2.31 -7.07
N LEU C 200 -17.37 1.29 -7.92
CA LEU C 200 -17.69 -0.07 -7.50
C LEU C 200 -16.70 -0.59 -6.46
N GLU C 201 -15.42 -0.25 -6.62
CA GLU C 201 -14.38 -0.69 -5.68
C GLU C 201 -14.67 -0.27 -4.24
N VAL C 202 -15.20 0.94 -4.07
CA VAL C 202 -15.49 1.44 -2.73
C VAL C 202 -16.96 1.27 -2.29
N SER C 203 -17.84 0.78 -3.17
CA SER C 203 -19.26 0.58 -2.84
C SER C 203 -19.54 -0.87 -2.47
N ASP C 204 -20.67 -1.11 -1.81
CA ASP C 204 -21.11 -2.47 -1.50
C ASP C 204 -21.82 -3.13 -2.70
N GLY C 205 -22.39 -2.31 -3.55
CA GLY C 205 -23.10 -2.70 -4.75
C GLY C 205 -23.51 -1.49 -5.56
N ILE C 206 -24.23 -1.71 -6.66
CA ILE C 206 -24.61 -0.65 -7.59
C ILE C 206 -26.10 -0.72 -7.96
N MET C 207 -26.72 0.44 -8.25
CA MET C 207 -28.06 0.50 -8.79
C MET C 207 -27.96 1.17 -10.15
N VAL C 208 -28.54 0.54 -11.18
CA VAL C 208 -28.60 1.11 -12.52
C VAL C 208 -29.87 1.97 -12.51
N ALA C 209 -29.67 3.26 -12.17
CA ALA C 209 -30.73 4.26 -12.04
C ALA C 209 -31.08 4.80 -13.41
N ARG C 210 -31.89 4.03 -14.16
CA ARG C 210 -32.24 4.27 -15.56
C ARG C 210 -33.04 5.53 -15.84
N GLY C 211 -33.80 6.03 -14.88
CA GLY C 211 -34.55 7.26 -15.03
C GLY C 211 -33.67 8.45 -15.37
N ASP C 212 -32.77 8.81 -14.45
CA ASP C 212 -31.84 9.90 -14.70
C ASP C 212 -30.81 9.56 -15.76
N LEU C 213 -30.39 8.30 -15.81
CA LEU C 213 -29.43 7.86 -16.81
C LEU C 213 -29.97 8.04 -18.25
N GLY C 214 -31.27 7.81 -18.44
CA GLY C 214 -31.93 7.99 -19.72
C GLY C 214 -32.10 9.44 -20.17
N ILE C 215 -31.88 10.38 -19.22
CA ILE C 215 -31.95 11.82 -19.43
C ILE C 215 -30.51 12.38 -19.62
N GLU C 216 -29.55 11.89 -18.81
CA GLU C 216 -28.15 12.32 -18.84
C GLU C 216 -27.39 11.80 -20.04
N ILE C 217 -27.73 10.61 -20.51
CA ILE C 217 -27.11 10.03 -21.71
C ILE C 217 -28.21 9.73 -22.75
N PRO C 218 -27.88 9.53 -24.05
CA PRO C 218 -28.94 9.17 -25.03
C PRO C 218 -29.75 7.98 -24.58
N ALA C 219 -31.07 8.07 -24.70
CA ALA C 219 -31.96 7.00 -24.27
C ALA C 219 -31.62 5.63 -24.88
N GLU C 220 -31.16 5.63 -26.12
CA GLU C 220 -30.78 4.41 -26.84
C GLU C 220 -29.43 3.81 -26.41
N LYS C 221 -28.70 4.47 -25.49
CA LYS C 221 -27.42 3.95 -24.99
C LYS C 221 -27.54 3.37 -23.58
N VAL C 222 -28.67 3.56 -22.88
CA VAL C 222 -28.85 3.07 -21.52
C VAL C 222 -28.69 1.55 -21.39
N PHE C 223 -29.20 0.78 -22.36
CA PHE C 223 -29.06 -0.68 -22.29
C PHE C 223 -27.58 -1.13 -22.26
N LEU C 224 -26.69 -0.35 -22.89
CA LEU C 224 -25.26 -0.65 -22.92
C LEU C 224 -24.71 -0.47 -21.52
N ALA C 225 -25.05 0.64 -20.86
CA ALA C 225 -24.63 0.96 -19.50
C ALA C 225 -25.18 -0.10 -18.53
N GLN C 226 -26.46 -0.49 -18.71
CA GLN C 226 -27.05 -1.51 -17.85
C GLN C 226 -26.29 -2.85 -17.96
N LYS C 227 -26.17 -3.38 -19.18
CA LYS C 227 -25.51 -4.64 -19.43
C LYS C 227 -24.06 -4.65 -18.98
N MET C 228 -23.35 -3.53 -19.15
CA MET C 228 -21.95 -3.38 -18.74
C MET C 228 -21.82 -3.37 -17.21
N MET C 229 -22.65 -2.58 -16.54
CA MET C 229 -22.59 -2.48 -15.09
C MET C 229 -22.95 -3.79 -14.42
N ILE C 230 -24.00 -4.49 -14.93
CA ILE C 230 -24.41 -5.78 -14.38
C ILE C 230 -23.27 -6.82 -14.54
N GLY C 231 -22.68 -6.87 -15.71
CA GLY C 231 -21.58 -7.79 -15.97
C GLY C 231 -20.39 -7.57 -15.06
N ARG C 232 -20.03 -6.28 -14.83
CA ARG C 232 -18.92 -5.92 -13.98
C ARG C 232 -19.18 -6.21 -12.51
N CYS C 233 -20.43 -6.02 -12.07
CA CYS C 233 -20.83 -6.34 -10.70
C CYS C 233 -20.81 -7.84 -10.50
N ASN C 234 -21.26 -8.61 -11.50
CA ASN C 234 -21.25 -10.07 -11.45
C ASN C 234 -19.79 -10.54 -11.35
N LEU C 235 -18.90 -9.92 -12.13
CA LEU C 235 -17.47 -10.23 -12.14
C LEU C 235 -16.87 -9.92 -10.76
N ALA C 236 -17.23 -8.77 -10.16
CA ALA C 236 -16.74 -8.33 -8.86
C ALA C 236 -17.35 -9.08 -7.68
N GLY C 237 -18.46 -9.77 -7.88
CA GLY C 237 -19.18 -10.47 -6.83
C GLY C 237 -19.99 -9.54 -5.95
N LYS C 238 -20.39 -8.36 -6.47
CA LYS C 238 -21.14 -7.39 -5.68
C LYS C 238 -22.56 -7.25 -6.20
N PRO C 239 -23.56 -7.06 -5.30
CA PRO C 239 -24.96 -6.92 -5.77
C PRO C 239 -25.22 -5.76 -6.75
N VAL C 240 -26.05 -6.02 -7.76
CA VAL C 240 -26.43 -5.03 -8.76
C VAL C 240 -27.96 -4.99 -8.88
N VAL C 241 -28.55 -3.78 -8.83
CA VAL C 241 -29.97 -3.56 -8.89
C VAL C 241 -30.37 -2.94 -10.23
N CYS C 242 -31.42 -3.44 -10.87
CA CYS C 242 -31.93 -2.81 -12.08
C CYS C 242 -33.16 -2.05 -11.64
N ALA C 243 -33.19 -0.74 -11.96
CA ALA C 243 -34.28 0.09 -11.49
C ALA C 243 -34.91 0.97 -12.58
N THR C 244 -36.17 1.43 -12.32
CA THR C 244 -36.96 2.44 -13.00
C THR C 244 -37.66 2.02 -14.33
N GLN C 245 -39.00 2.19 -14.33
CA GLN C 245 -39.91 1.99 -15.45
C GLN C 245 -40.01 0.54 -15.92
N MET C 246 -39.68 -0.42 -15.03
CA MET C 246 -39.72 -1.84 -15.37
C MET C 246 -41.13 -2.32 -15.73
N LEU C 247 -42.14 -1.88 -14.97
CA LEU C 247 -43.54 -2.23 -15.21
C LEU C 247 -44.39 -0.92 -15.17
N GLU C 248 -43.85 0.19 -15.70
CA GLU C 248 -44.44 1.53 -15.68
C GLU C 248 -45.94 1.59 -15.95
N SER C 249 -46.43 0.96 -17.04
CA SER C 249 -47.85 0.94 -17.38
C SER C 249 -48.74 0.42 -16.24
N MET C 250 -48.21 -0.41 -15.35
CA MET C 250 -48.97 -0.93 -14.22
C MET C 250 -49.25 0.09 -13.11
N ILE C 251 -48.78 1.34 -13.25
CA ILE C 251 -49.18 2.41 -12.34
C ILE C 251 -50.70 2.67 -12.52
N THR C 252 -51.21 2.56 -13.77
CA THR C 252 -52.60 2.78 -14.12
C THR C 252 -53.31 1.51 -14.65
N LYS C 253 -52.59 0.53 -15.21
CA LYS C 253 -53.21 -0.66 -15.80
C LYS C 253 -52.94 -1.96 -15.03
N PRO C 254 -53.91 -2.91 -14.99
CA PRO C 254 -53.70 -4.13 -14.17
C PRO C 254 -52.67 -5.12 -14.72
N ARG C 255 -52.36 -5.02 -16.01
CA ARG C 255 -51.42 -5.89 -16.70
C ARG C 255 -50.37 -5.02 -17.41
N PRO C 256 -49.12 -5.52 -17.52
CA PRO C 256 -48.09 -4.73 -18.19
C PRO C 256 -48.02 -4.94 -19.70
N THR C 257 -47.16 -4.16 -20.37
CA THR C 257 -46.96 -4.28 -21.80
C THR C 257 -45.99 -5.45 -22.12
N ARG C 258 -45.91 -5.83 -23.40
CA ARG C 258 -45.01 -6.88 -23.86
C ARG C 258 -43.56 -6.49 -23.63
N ALA C 259 -43.23 -5.20 -23.79
CA ALA C 259 -41.90 -4.64 -23.58
C ALA C 259 -41.51 -4.67 -22.11
N GLU C 260 -42.48 -4.42 -21.21
CA GLU C 260 -42.26 -4.41 -19.78
C GLU C 260 -41.89 -5.76 -19.22
N THR C 261 -42.67 -6.81 -19.58
CA THR C 261 -42.37 -8.17 -19.13
C THR C 261 -41.02 -8.61 -19.67
N SER C 262 -40.73 -8.24 -20.92
CA SER C 262 -39.46 -8.53 -21.59
C SER C 262 -38.31 -7.88 -20.82
N ASP C 263 -38.45 -6.59 -20.45
CA ASP C 263 -37.44 -5.83 -19.72
C ASP C 263 -37.08 -6.51 -18.38
N VAL C 264 -38.11 -6.93 -17.62
CA VAL C 264 -37.90 -7.61 -16.34
C VAL C 264 -37.15 -8.92 -16.56
N ALA C 265 -37.62 -9.74 -17.52
CA ALA C 265 -37.00 -11.01 -17.83
C ALA C 265 -35.55 -10.85 -18.25
N ASN C 266 -35.28 -9.81 -19.04
CA ASN C 266 -33.94 -9.54 -19.52
C ASN C 266 -33.03 -8.97 -18.45
N ALA C 267 -33.54 -8.21 -17.46
CA ALA C 267 -32.69 -7.73 -16.36
C ALA C 267 -32.16 -8.95 -15.57
N VAL C 268 -33.02 -9.97 -15.36
CA VAL C 268 -32.65 -11.20 -14.67
C VAL C 268 -31.62 -11.93 -15.53
N LEU C 269 -31.92 -12.13 -16.81
CA LEU C 269 -30.98 -12.80 -17.72
C LEU C 269 -29.65 -12.06 -17.86
N ASP C 270 -29.65 -10.73 -17.69
CA ASP C 270 -28.45 -9.88 -17.70
C ASP C 270 -27.55 -10.22 -16.50
N GLY C 271 -28.17 -10.57 -15.36
CA GLY C 271 -27.44 -10.93 -14.16
C GLY C 271 -27.75 -10.08 -12.96
N ALA C 272 -28.84 -9.34 -13.00
CA ALA C 272 -29.23 -8.46 -11.89
C ALA C 272 -29.57 -9.26 -10.62
N ASP C 273 -29.07 -8.80 -9.47
CA ASP C 273 -29.37 -9.45 -8.20
C ASP C 273 -30.76 -9.02 -7.71
N CYS C 274 -31.12 -7.75 -7.93
CA CYS C 274 -32.39 -7.18 -7.54
C CYS C 274 -33.07 -6.46 -8.67
N ILE C 275 -34.39 -6.46 -8.66
CA ILE C 275 -35.23 -5.70 -9.58
C ILE C 275 -36.10 -4.76 -8.72
N MET C 276 -36.42 -3.58 -9.27
CA MET C 276 -37.12 -2.59 -8.49
C MET C 276 -38.44 -2.11 -9.07
N LEU C 277 -39.32 -1.65 -8.16
CA LEU C 277 -40.60 -1.02 -8.49
C LEU C 277 -40.59 0.35 -7.83
N SER C 278 -40.85 1.41 -8.61
CA SER C 278 -40.85 2.77 -8.08
C SER C 278 -42.30 3.30 -7.99
N GLY C 279 -42.76 4.07 -8.98
CA GLY C 279 -44.13 4.57 -9.00
C GLY C 279 -45.16 3.48 -9.00
N GLU C 280 -44.83 2.32 -9.57
CA GLU C 280 -45.69 1.14 -9.64
C GLU C 280 -46.20 0.74 -8.24
N THR C 281 -45.35 0.83 -7.20
CA THR C 281 -45.76 0.50 -5.82
C THR C 281 -45.96 1.73 -4.92
N ALA C 282 -45.23 2.83 -5.19
CA ALA C 282 -45.33 4.03 -4.36
C ALA C 282 -46.63 4.82 -4.54
N LYS C 283 -47.08 4.98 -5.78
CA LYS C 283 -48.26 5.79 -6.07
C LYS C 283 -49.31 5.13 -6.99
N GLY C 284 -48.98 4.02 -7.63
CA GLY C 284 -49.88 3.38 -8.58
C GLY C 284 -51.09 2.70 -7.98
N ASN C 285 -52.01 2.25 -8.86
CA ASN C 285 -53.26 1.59 -8.52
C ASN C 285 -53.15 0.07 -8.31
N PHE C 286 -52.03 -0.54 -8.74
CA PHE C 286 -51.85 -2.01 -8.61
C PHE C 286 -50.49 -2.37 -7.97
N PRO C 287 -50.19 -1.91 -6.73
CA PRO C 287 -48.86 -2.21 -6.17
C PRO C 287 -48.61 -3.68 -5.86
N VAL C 288 -49.63 -4.39 -5.38
CA VAL C 288 -49.51 -5.81 -5.08
C VAL C 288 -49.40 -6.63 -6.36
N GLU C 289 -50.15 -6.23 -7.39
CA GLU C 289 -50.15 -6.89 -8.68
C GLU C 289 -48.81 -6.73 -9.40
N ALA C 290 -48.12 -5.58 -9.19
CA ALA C 290 -46.81 -5.28 -9.77
C ALA C 290 -45.76 -6.21 -9.13
N VAL C 291 -45.83 -6.40 -7.80
CA VAL C 291 -44.91 -7.29 -7.09
C VAL C 291 -45.12 -8.72 -7.58
N LYS C 292 -46.38 -9.13 -7.68
CA LYS C 292 -46.74 -10.46 -8.17
C LYS C 292 -46.22 -10.70 -9.57
N MET C 293 -46.29 -9.68 -10.42
CA MET C 293 -45.82 -9.75 -11.80
C MET C 293 -44.30 -9.89 -11.85
N GLN C 294 -43.57 -9.08 -11.08
CA GLN C 294 -42.11 -9.20 -11.04
C GLN C 294 -41.70 -10.57 -10.52
N HIS C 295 -42.42 -11.07 -9.52
CA HIS C 295 -42.15 -12.39 -8.97
C HIS C 295 -42.30 -13.49 -10.05
N ALA C 296 -43.43 -13.46 -10.78
CA ALA C 296 -43.75 -14.42 -11.83
C ALA C 296 -42.72 -14.44 -12.94
N ILE C 297 -42.28 -13.26 -13.41
CA ILE C 297 -41.31 -13.16 -14.49
C ILE C 297 -39.90 -13.60 -14.05
N ALA C 298 -39.46 -13.16 -12.86
CA ALA C 298 -38.15 -13.52 -12.34
C ALA C 298 -37.96 -15.03 -12.24
N ARG C 299 -38.98 -15.76 -11.76
CA ARG C 299 -38.98 -17.22 -11.67
C ARG C 299 -38.75 -17.86 -13.03
N GLU C 300 -39.46 -17.39 -14.05
CA GLU C 300 -39.34 -17.92 -15.40
C GLU C 300 -37.95 -17.64 -15.96
N ALA C 301 -37.43 -16.43 -15.74
CA ALA C 301 -36.15 -15.96 -16.25
C ALA C 301 -34.98 -16.66 -15.58
N GLU C 302 -35.08 -16.94 -14.28
CA GLU C 302 -34.00 -17.61 -13.58
C GLU C 302 -33.83 -19.05 -14.07
N ALA C 303 -34.95 -19.74 -14.35
CA ALA C 303 -34.89 -21.09 -14.89
C ALA C 303 -34.24 -21.11 -16.26
N ALA C 304 -34.45 -20.05 -17.06
CA ALA C 304 -33.92 -19.90 -18.42
C ALA C 304 -32.45 -19.41 -18.48
N VAL C 305 -31.80 -19.22 -17.32
CA VAL C 305 -30.41 -18.79 -17.32
C VAL C 305 -29.52 -19.96 -17.81
N TYR C 306 -28.54 -19.68 -18.70
CA TYR C 306 -27.65 -20.71 -19.22
C TYR C 306 -26.47 -20.89 -18.25
N HIS C 307 -26.72 -21.61 -17.15
CA HIS C 307 -25.74 -21.81 -16.09
C HIS C 307 -24.45 -22.45 -16.57
N ARG C 308 -24.49 -23.32 -17.60
CA ARG C 308 -23.30 -23.97 -18.11
C ARG C 308 -22.22 -22.97 -18.52
N GLN C 309 -22.58 -22.01 -19.38
CA GLN C 309 -21.65 -20.99 -19.83
C GLN C 309 -21.37 -20.01 -18.71
N LEU C 310 -22.42 -19.59 -17.98
CA LEU C 310 -22.29 -18.64 -16.89
C LEU C 310 -21.28 -19.07 -15.83
N PHE C 311 -21.42 -20.27 -15.26
CA PHE C 311 -20.53 -20.77 -14.23
C PHE C 311 -19.12 -20.91 -14.75
N GLU C 312 -18.96 -21.46 -15.95
CA GLU C 312 -17.65 -21.63 -16.59
C GLU C 312 -16.94 -20.28 -16.80
N GLU C 313 -17.69 -19.26 -17.23
CA GLU C 313 -17.13 -17.95 -17.46
C GLU C 313 -16.80 -17.26 -16.17
N LEU C 314 -17.68 -17.40 -15.14
CA LEU C 314 -17.45 -16.81 -13.81
C LEU C 314 -16.18 -17.42 -13.22
N ARG C 315 -16.02 -18.74 -13.38
CA ARG C 315 -14.88 -19.51 -12.95
C ARG C 315 -13.63 -18.99 -13.65
N ARG C 316 -13.61 -19.01 -14.99
CA ARG C 316 -12.47 -18.60 -15.79
C ARG C 316 -12.05 -17.16 -15.47
N ALA C 317 -13.02 -16.25 -15.32
CA ALA C 317 -12.73 -14.84 -15.06
C ALA C 317 -12.27 -14.57 -13.64
N ALA C 318 -12.79 -15.34 -12.66
CA ALA C 318 -12.46 -15.10 -11.27
C ALA C 318 -11.01 -15.43 -11.02
N PRO C 319 -10.30 -14.51 -10.35
CA PRO C 319 -8.88 -14.76 -10.09
C PRO C 319 -8.67 -15.84 -9.01
N LEU C 320 -7.48 -16.43 -8.97
CA LEU C 320 -7.12 -17.42 -7.96
C LEU C 320 -7.22 -16.77 -6.58
N SER C 321 -7.64 -17.54 -5.60
CA SER C 321 -7.81 -17.00 -4.26
C SER C 321 -7.20 -17.88 -3.23
N ARG C 322 -6.59 -17.28 -2.22
CA ARG C 322 -6.06 -18.03 -1.09
C ARG C 322 -6.94 -17.84 0.16
N ASP C 323 -8.18 -17.29 -0.01
CA ASP C 323 -9.16 -17.10 1.06
C ASP C 323 -9.99 -18.36 1.15
N PRO C 324 -9.96 -19.05 2.29
CA PRO C 324 -10.72 -20.30 2.41
C PRO C 324 -12.20 -20.17 2.18
N THR C 325 -12.78 -18.99 2.47
CA THR C 325 -14.19 -18.77 2.26
C THR C 325 -14.47 -18.80 0.75
N GLU C 326 -13.67 -18.07 -0.02
CA GLU C 326 -13.83 -18.01 -1.47
CA GLU C 326 -13.82 -18.01 -1.46
C GLU C 326 -13.53 -19.39 -2.09
N VAL C 327 -12.49 -20.08 -1.60
CA VAL C 327 -12.13 -21.42 -2.07
C VAL C 327 -13.26 -22.43 -1.77
N THR C 328 -13.81 -22.42 -0.54
CA THR C 328 -14.91 -23.29 -0.15
C THR C 328 -16.16 -22.99 -0.96
N ALA C 329 -16.41 -21.71 -1.25
CA ALA C 329 -17.58 -21.30 -2.00
C ALA C 329 -17.62 -21.90 -3.39
N ILE C 330 -16.48 -21.87 -4.13
CA ILE C 330 -16.48 -22.43 -5.49
C ILE C 330 -16.59 -23.97 -5.46
N GLY C 331 -15.98 -24.60 -4.46
CA GLY C 331 -16.08 -26.04 -4.28
C GLY C 331 -17.52 -26.43 -3.99
N ALA C 332 -18.21 -25.66 -3.14
CA ALA C 332 -19.59 -25.93 -2.76
C ALA C 332 -20.53 -25.79 -3.94
N VAL C 333 -20.35 -24.75 -4.74
CA VAL C 333 -21.18 -24.50 -5.92
C VAL C 333 -20.95 -25.61 -6.96
N GLU C 334 -19.67 -26.03 -7.15
CA GLU C 334 -19.33 -27.10 -8.07
CA GLU C 334 -19.32 -27.11 -8.07
C GLU C 334 -20.03 -28.40 -7.67
N ALA C 335 -19.97 -28.76 -6.38
CA ALA C 335 -20.56 -29.95 -5.81
C ALA C 335 -22.10 -29.91 -5.95
N ALA C 336 -22.69 -28.71 -5.75
CA ALA C 336 -24.13 -28.56 -5.87
C ALA C 336 -24.60 -28.82 -7.28
N PHE C 337 -23.85 -28.34 -8.28
CA PHE C 337 -24.18 -28.57 -9.68
C PHE C 337 -24.10 -30.07 -10.04
N LYS C 338 -23.06 -30.76 -9.54
CA LYS C 338 -22.80 -32.18 -9.77
C LYS C 338 -23.94 -33.10 -9.33
N CYS C 339 -24.58 -32.82 -8.20
CA CYS C 339 -25.62 -33.72 -7.68
C CYS C 339 -27.02 -33.16 -7.79
N CYS C 340 -27.18 -31.95 -8.39
CA CYS C 340 -28.47 -31.28 -8.47
C CYS C 340 -28.99 -31.04 -7.03
N ALA C 341 -28.07 -30.58 -6.12
CA ALA C 341 -28.34 -30.33 -4.71
C ALA C 341 -29.53 -29.43 -4.57
N ALA C 342 -30.40 -29.81 -3.67
CA ALA C 342 -31.65 -29.08 -3.44
C ALA C 342 -31.40 -27.67 -2.92
N ALA C 343 -30.29 -27.49 -2.18
CA ALA C 343 -29.94 -26.26 -1.52
C ALA C 343 -28.49 -26.37 -1.02
N ILE C 344 -27.93 -25.21 -0.67
CA ILE C 344 -26.62 -25.04 -0.04
C ILE C 344 -26.94 -24.32 1.24
N ILE C 345 -26.74 -24.97 2.38
CA ILE C 345 -27.04 -24.35 3.65
C ILE C 345 -25.75 -23.80 4.18
N VAL C 346 -25.72 -22.49 4.44
CA VAL C 346 -24.52 -21.84 4.92
C VAL C 346 -24.74 -21.12 6.24
N LEU C 347 -23.81 -21.26 7.15
CA LEU C 347 -23.84 -20.57 8.42
C LEU C 347 -23.07 -19.28 8.19
N THR C 348 -23.70 -18.13 8.43
CA THR C 348 -23.05 -16.85 8.21
C THR C 348 -23.42 -15.86 9.30
N THR C 349 -22.52 -14.96 9.63
CA THR C 349 -22.77 -13.96 10.67
C THR C 349 -22.90 -12.56 10.06
N THR C 350 -22.04 -12.28 9.10
CA THR C 350 -22.07 -11.05 8.37
C THR C 350 -22.79 -11.18 7.03
N GLY C 351 -23.00 -12.41 6.54
CA GLY C 351 -23.59 -12.67 5.24
C GLY C 351 -22.54 -12.89 4.16
N ARG C 352 -21.23 -12.76 4.51
CA ARG C 352 -20.18 -12.87 3.52
C ARG C 352 -20.11 -14.22 2.87
N SER C 353 -20.19 -15.27 3.68
CA SER C 353 -20.12 -16.62 3.16
C SER C 353 -21.23 -16.91 2.14
N ALA C 354 -22.43 -16.38 2.40
CA ALA C 354 -23.55 -16.56 1.48
C ALA C 354 -23.30 -15.73 0.22
N GLN C 355 -22.79 -14.52 0.36
CA GLN C 355 -22.50 -13.65 -0.77
C GLN C 355 -21.50 -14.30 -1.73
N LEU C 356 -20.43 -14.95 -1.16
CA LEU C 356 -19.45 -15.61 -1.97
C LEU C 356 -19.98 -16.83 -2.69
N LEU C 357 -21.01 -17.48 -2.16
CA LEU C 357 -21.64 -18.61 -2.83
C LEU C 357 -22.47 -18.06 -4.00
N SER C 358 -23.25 -17.02 -3.72
CA SER C 358 -24.12 -16.31 -4.64
C SER C 358 -23.38 -15.82 -5.89
N ARG C 359 -22.13 -15.34 -5.74
CA ARG C 359 -21.35 -14.83 -6.86
C ARG C 359 -21.12 -15.87 -7.95
N TYR C 360 -21.14 -17.17 -7.62
CA TYR C 360 -20.98 -18.22 -8.64
C TYR C 360 -22.29 -18.69 -9.24
N ARG C 361 -23.38 -17.96 -8.97
CA ARG C 361 -24.70 -18.19 -9.48
C ARG C 361 -25.15 -19.65 -9.47
N PRO C 362 -25.21 -20.31 -8.30
CA PRO C 362 -25.70 -21.69 -8.28
C PRO C 362 -27.20 -21.77 -8.61
N ARG C 363 -27.62 -22.89 -9.18
CA ARG C 363 -29.03 -23.14 -9.39
C ARG C 363 -29.66 -23.57 -8.02
N ALA C 364 -28.84 -24.02 -7.05
CA ALA C 364 -29.31 -24.40 -5.72
C ALA C 364 -29.58 -23.15 -4.90
N ALA C 365 -30.55 -23.24 -4.01
CA ALA C 365 -30.87 -22.11 -3.16
C ALA C 365 -29.82 -22.01 -2.09
N VAL C 366 -29.40 -20.78 -1.76
CA VAL C 366 -28.43 -20.61 -0.69
C VAL C 366 -29.23 -20.24 0.54
N ILE C 367 -29.45 -21.22 1.44
CA ILE C 367 -30.18 -20.99 2.67
C ILE C 367 -29.17 -20.53 3.71
N ALA C 368 -29.17 -19.24 4.06
CA ALA C 368 -28.19 -18.72 5.02
C ALA C 368 -28.80 -18.60 6.38
N VAL C 369 -28.27 -19.35 7.33
CA VAL C 369 -28.72 -19.38 8.73
C VAL C 369 -27.83 -18.42 9.54
N THR C 370 -28.45 -17.42 10.16
CA THR C 370 -27.71 -16.38 10.88
C THR C 370 -28.41 -15.94 12.15
N ARG C 371 -27.61 -15.55 13.14
CA ARG C 371 -28.12 -14.97 14.36
C ARG C 371 -28.29 -13.43 14.23
N SER C 372 -27.67 -12.81 13.20
CA SER C 372 -27.73 -11.39 12.93
C SER C 372 -28.99 -11.03 12.15
N ALA C 373 -29.88 -10.25 12.75
CA ALA C 373 -31.10 -9.82 12.07
C ALA C 373 -30.77 -8.88 10.93
N GLN C 374 -29.71 -8.03 11.11
CA GLN C 374 -29.28 -7.08 10.10
C GLN C 374 -28.78 -7.79 8.87
N ALA C 375 -27.92 -8.81 9.09
CA ALA C 375 -27.35 -9.61 8.01
C ALA C 375 -28.45 -10.38 7.28
N ALA C 376 -29.41 -10.92 8.02
CA ALA C 376 -30.54 -11.63 7.43
C ALA C 376 -31.34 -10.72 6.47
N ARG C 377 -31.48 -9.42 6.80
CA ARG C 377 -32.19 -8.50 5.92
C ARG C 377 -31.31 -8.08 4.75
N GLN C 378 -30.02 -7.80 5.01
CA GLN C 378 -29.08 -7.36 3.99
C GLN C 378 -28.75 -8.40 2.94
N VAL C 379 -28.83 -9.71 3.27
CA VAL C 379 -28.51 -10.74 2.26
C VAL C 379 -29.53 -10.82 1.14
N HIS C 380 -30.67 -10.10 1.25
CA HIS C 380 -31.63 -10.02 0.16
C HIS C 380 -30.97 -9.36 -1.08
N LEU C 381 -29.95 -8.52 -0.89
CA LEU C 381 -29.20 -7.91 -1.98
C LEU C 381 -28.51 -8.96 -2.87
N CYS C 382 -28.26 -10.16 -2.35
CA CYS C 382 -27.61 -11.25 -3.07
C CYS C 382 -28.55 -12.25 -3.66
N ARG C 383 -28.45 -12.42 -4.98
CA ARG C 383 -29.29 -13.33 -5.72
C ARG C 383 -29.19 -14.76 -5.24
N GLY C 384 -30.33 -15.35 -4.95
CA GLY C 384 -30.44 -16.74 -4.52
C GLY C 384 -30.17 -16.99 -3.06
N VAL C 385 -30.02 -15.92 -2.24
CA VAL C 385 -29.81 -16.12 -0.80
C VAL C 385 -31.15 -15.96 -0.06
N PHE C 386 -31.55 -17.00 0.70
CA PHE C 386 -32.81 -17.07 1.45
C PHE C 386 -32.43 -17.06 2.86
N PRO C 387 -32.52 -15.88 3.53
CA PRO C 387 -32.07 -15.80 4.94
C PRO C 387 -32.99 -16.49 5.93
N LEU C 388 -32.45 -17.03 7.01
CA LEU C 388 -33.18 -17.65 8.11
C LEU C 388 -32.61 -17.12 9.41
N LEU C 389 -33.38 -16.29 10.15
CA LEU C 389 -32.91 -15.77 11.44
C LEU C 389 -33.02 -16.82 12.57
N TYR C 390 -31.88 -17.22 13.14
CA TYR C 390 -31.81 -18.19 14.22
C TYR C 390 -31.87 -17.46 15.55
N ARG C 391 -32.77 -17.92 16.41
CA ARG C 391 -33.02 -17.24 17.67
C ARG C 391 -32.67 -18.03 18.93
N GLU C 392 -32.38 -19.30 18.80
CA GLU C 392 -32.06 -20.15 19.93
C GLU C 392 -30.83 -19.70 20.68
N PRO C 393 -30.80 -19.92 22.00
CA PRO C 393 -29.61 -19.56 22.78
C PRO C 393 -28.43 -20.48 22.50
N PRO C 394 -27.19 -19.92 22.50
CA PRO C 394 -26.02 -20.77 22.19
C PRO C 394 -25.83 -21.97 23.06
N GLU C 395 -25.45 -23.11 22.44
CA GLU C 395 -25.15 -24.37 23.16
C GLU C 395 -23.77 -24.23 23.82
N ALA C 396 -23.51 -25.03 24.85
CA ALA C 396 -22.22 -25.02 25.56
C ALA C 396 -21.13 -25.55 24.63
N ILE C 397 -21.40 -26.66 23.91
CA ILE C 397 -20.47 -27.20 22.95
C ILE C 397 -20.67 -26.50 21.61
N TRP C 398 -19.64 -25.79 21.11
CA TRP C 398 -19.75 -25.08 19.84
C TRP C 398 -20.16 -25.98 18.68
N ALA C 399 -19.54 -27.15 18.55
CA ALA C 399 -19.88 -28.10 17.50
C ALA C 399 -21.38 -28.49 17.53
N ASP C 400 -21.99 -28.57 18.73
CA ASP C 400 -23.41 -28.87 18.89
C ASP C 400 -24.28 -27.69 18.50
N ASP C 401 -23.82 -26.46 18.78
CA ASP C 401 -24.50 -25.24 18.39
C ASP C 401 -24.59 -25.16 16.87
N VAL C 402 -23.50 -25.62 16.19
CA VAL C 402 -23.35 -25.70 14.74
C VAL C 402 -24.36 -26.69 14.13
N ASP C 403 -24.46 -27.90 14.67
CA ASP C 403 -25.39 -28.90 14.15
C ASP C 403 -26.84 -28.49 14.32
N ARG C 404 -27.15 -27.82 15.42
CA ARG C 404 -28.49 -27.29 15.64
C ARG C 404 -28.87 -26.24 14.56
N ARG C 405 -27.89 -25.41 14.12
CA ARG C 405 -28.15 -24.43 13.08
C ARG C 405 -28.29 -25.08 11.74
N VAL C 406 -27.44 -26.08 11.43
CA VAL C 406 -27.59 -26.84 10.18
C VAL C 406 -28.96 -27.51 10.09
N GLN C 407 -29.39 -28.21 11.18
CA GLN C 407 -30.74 -28.79 11.21
C GLN C 407 -31.84 -27.77 11.17
N PHE C 408 -31.59 -26.57 11.72
CA PHE C 408 -32.58 -25.48 11.63
C PHE C 408 -32.80 -25.15 10.14
N GLY C 409 -31.68 -25.11 9.39
CA GLY C 409 -31.64 -24.88 7.95
C GLY C 409 -32.44 -25.93 7.23
N ILE C 410 -32.10 -27.20 7.47
CA ILE C 410 -32.76 -28.36 6.88
C ILE C 410 -34.25 -28.44 7.15
N GLU C 411 -34.67 -28.29 8.43
CA GLU C 411 -36.06 -28.41 8.78
C GLU C 411 -36.90 -27.31 8.17
N SER C 412 -36.48 -26.03 8.26
CA SER C 412 -37.21 -24.91 7.61
C SER C 412 -37.25 -25.13 6.10
N GLY C 413 -36.18 -25.70 5.53
CA GLY C 413 -36.09 -26.03 4.12
C GLY C 413 -37.18 -26.99 3.70
N LYS C 414 -37.32 -28.10 4.45
CA LYS C 414 -38.37 -29.13 4.32
C LYS C 414 -39.74 -28.45 4.48
N LEU C 415 -39.86 -27.59 5.49
CA LEU C 415 -41.04 -26.82 5.81
C LEU C 415 -41.52 -25.92 4.66
N ARG C 416 -40.61 -25.45 3.81
CA ARG C 416 -40.96 -24.54 2.72
C ARG C 416 -40.98 -25.15 1.32
N GLY C 417 -40.63 -26.42 1.18
CA GLY C 417 -40.67 -27.07 -0.13
C GLY C 417 -39.36 -27.06 -0.91
N PHE C 418 -38.26 -26.61 -0.29
CA PHE C 418 -36.95 -26.67 -0.93
C PHE C 418 -36.45 -28.15 -0.82
N LEU C 419 -36.62 -28.76 0.37
CA LEU C 419 -36.11 -30.08 0.63
C LEU C 419 -37.18 -31.12 0.96
N ARG C 420 -36.82 -32.39 0.68
CA ARG C 420 -37.56 -33.64 0.93
C ARG C 420 -36.53 -34.67 1.41
N VAL C 421 -36.96 -35.65 2.20
CA VAL C 421 -36.07 -36.72 2.67
C VAL C 421 -35.49 -37.49 1.46
N GLY C 422 -34.18 -37.67 1.46
CA GLY C 422 -33.49 -38.27 0.33
C GLY C 422 -32.80 -37.27 -0.59
N ASP C 423 -33.09 -35.98 -0.45
CA ASP C 423 -32.44 -34.94 -1.22
C ASP C 423 -30.99 -34.76 -0.76
N LEU C 424 -30.14 -34.22 -1.65
CA LEU C 424 -28.77 -33.94 -1.29
C LEU C 424 -28.62 -32.45 -1.06
N VAL C 425 -27.88 -32.07 -0.02
CA VAL C 425 -27.59 -30.68 0.28
C VAL C 425 -26.10 -30.49 0.51
N ILE C 426 -25.63 -29.29 0.24
CA ILE C 426 -24.24 -28.96 0.50
C ILE C 426 -24.25 -28.07 1.71
N VAL C 427 -23.41 -28.39 2.68
CA VAL C 427 -23.39 -27.61 3.90
C VAL C 427 -22.10 -26.89 4.02
N VAL C 428 -22.18 -25.57 4.16
CA VAL C 428 -20.99 -24.76 4.26
C VAL C 428 -20.87 -24.15 5.64
N THR C 429 -19.80 -24.50 6.36
CA THR C 429 -19.49 -24.05 7.72
C THR C 429 -17.96 -23.68 7.85
N GLY C 430 -17.52 -23.31 9.04
CA GLY C 430 -16.12 -23.03 9.31
C GLY C 430 -15.60 -23.90 10.42
N TRP C 431 -14.30 -23.78 10.70
CA TRP C 431 -13.61 -24.63 11.69
C TRP C 431 -13.60 -24.11 13.14
N ARG C 432 -13.97 -22.86 13.33
CA ARG C 432 -14.02 -22.25 14.64
C ARG C 432 -15.04 -21.13 14.60
N PRO C 433 -15.55 -20.70 15.77
CA PRO C 433 -16.59 -19.66 15.77
C PRO C 433 -16.05 -18.28 15.37
N GLY C 434 -16.98 -17.39 15.05
CA GLY C 434 -16.63 -16.05 14.67
C GLY C 434 -16.53 -15.95 13.18
N SER C 435 -16.83 -14.78 12.68
CA SER C 435 -16.79 -14.53 11.25
C SER C 435 -15.40 -14.65 10.65
N GLY C 436 -15.32 -15.09 9.38
CA GLY C 436 -14.08 -15.14 8.63
C GLY C 436 -13.35 -16.46 8.52
N TYR C 437 -13.90 -17.54 9.06
CA TYR C 437 -13.24 -18.86 9.10
C TYR C 437 -13.92 -19.93 8.28
N THR C 438 -14.76 -19.56 7.31
CA THR C 438 -15.47 -20.57 6.53
C THR C 438 -14.52 -21.42 5.70
N ASN C 439 -14.53 -22.75 5.88
CA ASN C 439 -13.59 -23.62 5.16
C ASN C 439 -14.08 -25.07 4.96
N ILE C 440 -15.33 -25.38 5.35
CA ILE C 440 -15.80 -26.74 5.27
C ILE C 440 -17.00 -26.83 4.36
N MET C 441 -17.02 -27.85 3.51
CA MET C 441 -18.09 -28.14 2.61
C MET C 441 -18.44 -29.63 2.83
N ARG C 442 -19.69 -29.95 3.26
CA ARG C 442 -20.09 -31.37 3.44
C ARG C 442 -21.22 -31.70 2.48
N VAL C 443 -21.30 -32.94 2.04
CA VAL C 443 -22.38 -33.43 1.21
C VAL C 443 -23.24 -34.21 2.16
N LEU C 444 -24.46 -33.73 2.41
CA LEU C 444 -25.38 -34.40 3.33
C LEU C 444 -26.64 -34.86 2.66
N SER C 445 -27.05 -36.08 2.97
CA SER C 445 -28.31 -36.62 2.47
CA SER C 445 -28.31 -36.60 2.47
C SER C 445 -29.38 -36.29 3.52
N ILE C 446 -30.51 -35.69 3.11
CA ILE C 446 -31.59 -35.31 4.00
C ILE C 446 -32.29 -36.53 4.59
N SER C 447 -32.36 -36.57 5.92
CA SER C 447 -33.05 -37.65 6.64
C SER C 447 -34.24 -37.06 7.48
N GLY D 23 4.99 -15.48 -5.31
CA GLY D 23 6.18 -14.96 -5.97
C GLY D 23 6.17 -15.15 -7.47
N THR D 24 6.96 -14.33 -8.19
CA THR D 24 7.05 -14.41 -9.66
C THR D 24 7.75 -15.71 -10.09
N ALA D 25 8.79 -16.12 -9.33
CA ALA D 25 9.55 -17.32 -9.57
C ALA D 25 8.66 -18.54 -9.53
N PHE D 26 7.62 -18.56 -8.67
CA PHE D 26 6.69 -19.69 -8.55
C PHE D 26 5.91 -19.85 -9.86
N PHE D 27 5.43 -18.73 -10.41
CA PHE D 27 4.64 -18.75 -11.62
C PHE D 27 5.43 -18.99 -12.93
N GLN D 28 6.77 -19.08 -12.84
CA GLN D 28 7.60 -19.41 -14.01
C GLN D 28 7.79 -20.94 -14.10
N GLN D 29 7.83 -21.63 -12.94
CA GLN D 29 8.01 -23.07 -12.82
C GLN D 29 6.76 -23.86 -13.26
N GLN D 30 6.93 -25.21 -13.37
CA GLN D 30 5.96 -26.24 -13.73
C GLN D 30 4.99 -25.84 -14.84
N GLN D 31 5.53 -25.19 -15.89
CA GLN D 31 4.82 -24.72 -17.08
C GLN D 31 3.56 -23.90 -16.77
N LEU D 32 3.60 -23.08 -15.70
CA LEU D 32 2.46 -22.25 -15.34
C LEU D 32 2.12 -21.21 -16.42
N PRO D 33 3.10 -20.55 -17.09
CA PRO D 33 2.72 -19.66 -18.21
C PRO D 33 1.96 -20.39 -19.32
N ALA D 34 2.37 -21.63 -19.65
CA ALA D 34 1.71 -22.43 -20.67
C ALA D 34 0.31 -22.94 -20.21
N ALA D 35 0.13 -23.11 -18.90
CA ALA D 35 -1.14 -23.57 -18.33
C ALA D 35 -2.19 -22.46 -18.29
N MET D 36 -1.76 -21.19 -18.20
CA MET D 36 -2.65 -20.02 -18.22
C MET D 36 -3.21 -19.72 -19.62
N ALA D 37 -2.62 -20.29 -20.69
CA ALA D 37 -3.03 -20.06 -22.07
C ALA D 37 -4.50 -20.26 -22.36
N ASP D 38 -5.04 -19.42 -23.25
CA ASP D 38 -6.46 -19.47 -23.62
C ASP D 38 -6.76 -20.51 -24.69
N THR D 39 -5.76 -20.91 -25.47
CA THR D 39 -5.92 -21.95 -26.48
C THR D 39 -4.85 -23.03 -26.29
N PHE D 40 -5.13 -24.22 -26.81
CA PHE D 40 -4.18 -25.32 -26.81
C PHE D 40 -2.94 -24.98 -27.64
N LEU D 41 -3.13 -24.27 -28.76
CA LEU D 41 -2.05 -23.87 -29.63
C LEU D 41 -1.13 -22.89 -28.92
N GLU D 42 -1.69 -21.88 -28.23
CA GLU D 42 -0.94 -20.89 -27.42
C GLU D 42 -0.18 -21.62 -26.30
N HIS D 43 -0.83 -22.65 -25.71
CA HIS D 43 -0.29 -23.49 -24.65
C HIS D 43 1.02 -24.13 -25.14
N LEU D 44 1.00 -24.78 -26.32
CA LEU D 44 2.20 -25.38 -26.90
C LEU D 44 3.29 -24.35 -27.10
N CYS D 45 2.92 -23.17 -27.65
CA CYS D 45 3.85 -22.08 -27.91
C CYS D 45 4.52 -21.57 -26.64
N LEU D 46 3.85 -21.68 -25.49
CA LEU D 46 4.38 -21.19 -24.23
C LEU D 46 5.21 -22.21 -23.44
N LEU D 47 5.36 -23.45 -23.95
CA LEU D 47 6.15 -24.47 -23.26
C LEU D 47 7.61 -24.02 -23.18
N ASP D 48 8.17 -24.09 -21.97
CA ASP D 48 9.49 -23.59 -21.69
C ASP D 48 10.41 -24.69 -21.21
N ILE D 49 11.53 -24.93 -21.91
CA ILE D 49 12.50 -25.93 -21.47
C ILE D 49 13.18 -25.50 -20.16
N ASP D 50 13.21 -24.19 -19.85
CA ASP D 50 13.78 -23.67 -18.62
C ASP D 50 12.82 -23.63 -17.45
N SER D 51 11.55 -24.03 -17.65
CA SER D 51 10.52 -24.08 -16.61
C SER D 51 10.67 -25.43 -15.95
N GLU D 52 11.25 -25.46 -14.74
CA GLU D 52 11.48 -26.73 -14.04
C GLU D 52 10.26 -27.31 -13.35
N PRO D 53 10.11 -28.66 -13.43
CA PRO D 53 8.97 -29.27 -12.76
C PRO D 53 9.13 -29.23 -11.23
N VAL D 54 8.06 -28.88 -10.49
CA VAL D 54 8.14 -28.81 -9.01
C VAL D 54 7.37 -29.94 -8.33
N ALA D 55 6.20 -30.25 -8.87
CA ALA D 55 5.36 -31.31 -8.34
C ALA D 55 6.02 -32.71 -8.40
N ALA D 56 5.57 -33.62 -7.53
CA ALA D 56 6.07 -34.98 -7.53
C ALA D 56 5.49 -35.69 -8.76
N ARG D 57 6.23 -36.67 -9.26
CA ARG D 57 5.83 -37.43 -10.44
C ARG D 57 4.57 -38.22 -10.15
N SER D 58 3.53 -38.01 -10.91
CA SER D 58 2.24 -38.62 -10.69
C SER D 58 1.96 -39.93 -11.49
N THR D 59 2.54 -40.09 -12.70
CA THR D 59 2.36 -41.32 -13.48
C THR D 59 3.21 -42.44 -12.86
N SER D 60 2.57 -43.52 -12.42
CA SER D 60 3.29 -44.63 -11.79
CA SER D 60 3.27 -44.64 -11.78
C SER D 60 4.11 -45.40 -12.78
N ILE D 61 5.23 -45.98 -12.31
CA ILE D 61 6.11 -46.77 -13.13
C ILE D 61 5.95 -48.21 -12.71
N ILE D 62 5.65 -49.08 -13.69
CA ILE D 62 5.55 -50.53 -13.48
C ILE D 62 6.84 -51.12 -14.04
N ALA D 63 7.58 -51.88 -13.22
CA ALA D 63 8.83 -52.46 -13.67
C ALA D 63 8.73 -53.95 -13.69
N THR D 64 9.08 -54.58 -14.83
CA THR D 64 9.05 -56.04 -14.92
C THR D 64 10.30 -56.66 -14.26
N ILE D 65 10.06 -57.62 -13.34
CA ILE D 65 11.10 -58.27 -12.56
C ILE D 65 11.75 -59.47 -13.29
N GLY D 66 13.05 -59.63 -13.15
CA GLY D 66 13.73 -60.74 -13.78
C GLY D 66 15.15 -60.88 -13.33
N PRO D 67 15.97 -61.58 -14.13
CA PRO D 67 17.40 -61.72 -13.78
C PRO D 67 18.12 -60.40 -13.47
N ALA D 68 17.83 -59.32 -14.24
CA ALA D 68 18.41 -57.98 -14.06
C ALA D 68 17.93 -57.23 -12.80
N SER D 69 16.78 -57.63 -12.23
CA SER D 69 16.16 -56.81 -11.19
C SER D 69 15.59 -57.63 -10.06
N ARG D 70 16.33 -58.63 -9.62
CA ARG D 70 15.84 -59.51 -8.59
C ARG D 70 16.58 -59.41 -7.34
N SER D 71 17.85 -58.96 -7.34
CA SER D 71 18.57 -58.87 -6.07
C SER D 71 17.93 -57.84 -5.18
N VAL D 72 17.82 -58.16 -3.89
CA VAL D 72 17.26 -57.26 -2.90
C VAL D 72 17.95 -55.87 -2.93
N GLU D 73 19.25 -55.84 -3.17
CA GLU D 73 20.02 -54.60 -3.25
C GLU D 73 19.69 -53.78 -4.51
N ARG D 74 19.44 -54.46 -5.62
CA ARG D 74 19.06 -53.84 -6.90
C ARG D 74 17.62 -53.28 -6.76
N LEU D 75 16.71 -54.10 -6.21
CA LEU D 75 15.33 -53.70 -5.97
C LEU D 75 15.20 -52.46 -5.07
N LYS D 76 16.10 -52.29 -4.09
CA LYS D 76 16.15 -51.10 -3.21
C LYS D 76 16.51 -49.86 -3.99
N GLU D 77 17.45 -50.02 -4.96
CA GLU D 77 17.82 -48.93 -5.83
C GLU D 77 16.68 -48.56 -6.77
N MET D 78 15.90 -49.56 -7.21
CA MET D 78 14.78 -49.34 -8.12
CA MET D 78 14.78 -49.33 -8.12
C MET D 78 13.61 -48.66 -7.43
N ILE D 79 13.39 -48.97 -6.14
CA ILE D 79 12.34 -48.33 -5.37
C ILE D 79 12.72 -46.82 -5.21
N LYS D 80 13.98 -46.56 -4.87
CA LYS D 80 14.50 -45.20 -4.74
C LYS D 80 14.46 -44.43 -6.08
N ALA D 81 14.65 -45.15 -7.20
CA ALA D 81 14.58 -44.56 -8.56
C ALA D 81 13.15 -44.18 -8.97
N GLY D 82 12.16 -44.84 -8.38
CA GLY D 82 10.78 -44.53 -8.67
C GLY D 82 9.84 -45.68 -8.98
N MET D 83 10.30 -46.95 -8.95
CA MET D 83 9.41 -48.08 -9.26
C MET D 83 8.25 -48.14 -8.22
N ASN D 84 7.01 -48.21 -8.73
CA ASN D 84 5.85 -48.25 -7.86
C ASN D 84 5.16 -49.61 -7.87
N ILE D 85 5.20 -50.30 -9.00
CA ILE D 85 4.58 -51.62 -9.15
C ILE D 85 5.63 -52.58 -9.72
N ALA D 86 5.72 -53.78 -9.15
CA ALA D 86 6.63 -54.80 -9.63
C ALA D 86 5.80 -55.83 -10.43
N ARG D 87 6.11 -55.99 -11.71
CA ARG D 87 5.39 -56.93 -12.55
C ARG D 87 6.09 -58.28 -12.65
N LEU D 88 5.32 -59.33 -12.34
CA LEU D 88 5.77 -60.70 -12.42
C LEU D 88 5.18 -61.27 -13.69
N ASN D 89 6.04 -61.49 -14.71
CA ASN D 89 5.57 -61.99 -15.97
C ASN D 89 5.51 -63.47 -15.90
N PHE D 90 4.28 -64.04 -15.84
CA PHE D 90 4.09 -65.50 -15.73
C PHE D 90 4.22 -66.30 -17.07
N SER D 91 4.61 -65.61 -18.13
CA SER D 91 4.96 -66.28 -19.39
C SER D 91 6.34 -66.96 -19.28
N HIS D 92 7.18 -66.51 -18.30
CA HIS D 92 8.54 -66.99 -18.01
C HIS D 92 8.65 -67.48 -16.57
N GLY D 93 9.59 -68.36 -16.27
CA GLY D 93 9.80 -68.87 -14.92
C GLY D 93 8.70 -69.72 -14.29
N SER D 94 9.04 -70.36 -13.17
CA SER D 94 8.15 -71.23 -12.40
C SER D 94 7.53 -70.52 -11.20
N HIS D 95 6.62 -71.20 -10.48
CA HIS D 95 6.05 -70.71 -9.25
C HIS D 95 7.16 -70.49 -8.20
N GLU D 96 8.13 -71.39 -8.16
CA GLU D 96 9.28 -71.31 -7.24
C GLU D 96 10.08 -70.03 -7.51
N TYR D 97 10.25 -69.68 -8.82
CA TYR D 97 10.96 -68.48 -9.27
C TYR D 97 10.19 -67.25 -8.84
N HIS D 98 8.92 -67.16 -9.25
CA HIS D 98 8.05 -66.04 -8.94
C HIS D 98 7.83 -65.82 -7.44
N ALA D 99 7.85 -66.88 -6.62
CA ALA D 99 7.72 -66.74 -5.17
C ALA D 99 9.00 -66.12 -4.58
N GLU D 100 10.19 -66.49 -5.12
CA GLU D 100 11.48 -65.90 -4.72
C GLU D 100 11.46 -64.38 -5.09
N SER D 101 10.88 -64.05 -6.27
CA SER D 101 10.79 -62.67 -6.76
C SER D 101 9.99 -61.83 -5.76
N ILE D 102 8.83 -62.34 -5.40
CA ILE D 102 7.92 -61.72 -4.45
C ILE D 102 8.61 -61.46 -3.12
N ALA D 103 9.32 -62.46 -2.63
CA ALA D 103 10.05 -62.40 -1.37
C ALA D 103 11.11 -61.31 -1.39
N ASN D 104 11.86 -61.18 -2.51
CA ASN D 104 12.91 -60.18 -2.64
C ASN D 104 12.36 -58.79 -2.70
N VAL D 105 11.25 -58.65 -3.45
CA VAL D 105 10.57 -57.38 -3.57
C VAL D 105 10.08 -56.93 -2.21
N ARG D 106 9.40 -57.83 -1.49
CA ARG D 106 8.88 -57.56 -0.16
C ARG D 106 9.97 -57.23 0.84
N GLU D 107 11.12 -57.92 0.74
CA GLU D 107 12.27 -57.67 1.60
C GLU D 107 12.85 -56.28 1.36
N ALA D 108 13.01 -55.91 0.07
CA ALA D 108 13.54 -54.60 -0.30
C ALA D 108 12.57 -53.48 0.09
N VAL D 109 11.26 -53.72 -0.03
CA VAL D 109 10.26 -52.72 0.31
C VAL D 109 10.26 -52.50 1.82
N GLU D 110 10.26 -53.60 2.60
CA GLU D 110 10.24 -53.52 4.04
C GLU D 110 11.52 -53.04 4.67
N SER D 111 12.63 -52.97 3.92
CA SER D 111 13.86 -52.42 4.43
C SER D 111 13.72 -50.90 4.76
N PHE D 112 12.72 -50.23 4.19
CA PHE D 112 12.45 -48.82 4.46
C PHE D 112 11.29 -48.59 5.43
N ALA D 113 10.70 -49.65 6.00
CA ALA D 113 9.58 -49.51 6.92
C ALA D 113 9.95 -48.89 8.28
N GLY D 114 11.25 -48.80 8.60
CA GLY D 114 11.75 -48.19 9.83
C GLY D 114 11.47 -46.71 9.93
N SER D 115 11.31 -46.04 8.77
CA SER D 115 11.00 -44.62 8.73
C SER D 115 9.61 -44.49 8.07
N PRO D 116 8.50 -44.59 8.84
CA PRO D 116 7.17 -44.60 8.20
C PRO D 116 6.78 -43.31 7.48
N LEU D 117 7.46 -42.20 7.77
CA LEU D 117 7.18 -40.94 7.08
C LEU D 117 7.77 -40.90 5.68
N SER D 118 8.73 -41.80 5.37
CA SER D 118 9.34 -41.87 4.04
C SER D 118 9.16 -43.24 3.35
N TYR D 119 8.47 -44.19 4.01
CA TYR D 119 8.20 -45.53 3.47
C TYR D 119 7.33 -45.48 2.20
N ARG D 120 7.80 -46.16 1.15
CA ARG D 120 7.11 -46.23 -0.12
C ARG D 120 6.55 -47.63 -0.40
N PRO D 121 5.23 -47.79 -0.38
CA PRO D 121 4.63 -49.10 -0.70
C PRO D 121 4.83 -49.47 -2.17
N VAL D 122 4.97 -50.76 -2.48
CA VAL D 122 5.16 -51.19 -3.88
C VAL D 122 4.17 -52.30 -4.19
N ALA D 123 3.30 -52.09 -5.20
CA ALA D 123 2.34 -53.12 -5.57
C ALA D 123 3.01 -54.30 -6.25
N ILE D 124 2.39 -55.48 -6.20
CA ILE D 124 2.91 -56.68 -6.86
C ILE D 124 1.85 -57.16 -7.83
N ALA D 125 2.18 -57.15 -9.11
CA ALA D 125 1.24 -57.52 -10.15
C ALA D 125 1.64 -58.80 -10.87
N LEU D 126 0.68 -59.70 -11.06
CA LEU D 126 0.89 -60.95 -11.77
C LEU D 126 0.41 -60.79 -13.22
N ASP D 127 1.31 -60.91 -14.21
CA ASP D 127 0.92 -60.83 -15.60
C ASP D 127 0.73 -62.26 -16.09
N THR D 128 -0.52 -62.65 -16.43
CA THR D 128 -0.78 -64.03 -16.84
C THR D 128 -0.16 -64.39 -18.20
N LYS D 129 0.03 -65.69 -18.47
CA LYS D 129 0.58 -66.18 -19.73
C LYS D 129 -0.45 -66.02 -20.86
N GLY D 130 -1.72 -66.22 -20.55
CA GLY D 130 -2.81 -66.06 -21.51
C GLY D 130 -3.30 -67.37 -22.07
N PRO D 131 -4.38 -67.34 -22.88
CA PRO D 131 -4.84 -68.53 -23.55
C PRO D 131 -4.02 -68.57 -24.84
N GLY D 132 -4.09 -69.67 -25.58
CA GLY D 132 -3.39 -69.67 -26.87
C GLY D 132 -4.34 -70.08 -27.96
N SER D 133 -4.09 -71.22 -28.59
CA SER D 133 -5.06 -71.73 -29.58
C SER D 133 -6.38 -72.01 -28.89
N GLY D 134 -6.45 -71.73 -27.58
CA GLY D 134 -7.66 -72.02 -26.80
C GLY D 134 -8.59 -70.83 -26.65
N PRO D 135 -9.84 -71.07 -26.20
CA PRO D 135 -10.86 -70.04 -26.13
C PRO D 135 -11.02 -69.40 -24.76
N GLY D 136 -10.70 -70.11 -23.67
CA GLY D 136 -10.94 -69.58 -22.32
C GLY D 136 -9.74 -69.68 -21.40
N LEU D 137 -9.90 -69.25 -20.15
CA LEU D 137 -8.78 -69.25 -19.18
C LEU D 137 -8.04 -70.57 -19.26
N SER D 138 -6.73 -70.49 -19.47
CA SER D 138 -5.90 -71.70 -19.61
C SER D 138 -5.87 -72.44 -18.28
N GLU D 139 -5.57 -73.72 -18.32
CA GLU D 139 -5.42 -74.40 -17.04
C GLU D 139 -4.22 -73.89 -16.27
N GLN D 140 -3.13 -73.51 -16.99
CA GLN D 140 -1.95 -72.91 -16.38
C GLN D 140 -2.34 -71.58 -15.72
N ASP D 141 -3.18 -70.78 -16.39
CA ASP D 141 -3.66 -69.51 -15.85
C ASP D 141 -4.42 -69.72 -14.56
N VAL D 142 -5.24 -70.77 -14.46
CA VAL D 142 -5.97 -71.06 -13.23
C VAL D 142 -5.01 -71.35 -12.08
N ARG D 143 -3.97 -72.13 -12.37
CA ARG D 143 -2.95 -72.47 -11.39
C ARG D 143 -2.13 -71.24 -10.93
N ASP D 144 -1.80 -70.38 -11.90
CA ASP D 144 -1.04 -69.16 -11.63
C ASP D 144 -1.88 -68.16 -10.86
N LEU D 145 -3.18 -68.06 -11.19
CA LEU D 145 -4.10 -67.15 -10.51
C LEU D 145 -4.29 -67.58 -9.07
N ARG D 146 -4.41 -68.90 -8.83
CA ARG D 146 -4.54 -69.34 -7.44
CA ARG D 146 -4.52 -69.45 -7.46
C ARG D 146 -3.24 -69.12 -6.69
N PHE D 147 -2.06 -69.18 -7.39
CA PHE D 147 -0.76 -68.88 -6.80
C PHE D 147 -0.75 -67.42 -6.34
N GLY D 148 -1.23 -66.53 -7.21
CA GLY D 148 -1.28 -65.12 -6.90
C GLY D 148 -2.09 -64.82 -5.66
N VAL D 149 -3.26 -65.46 -5.53
CA VAL D 149 -4.13 -65.29 -4.37
C VAL D 149 -3.40 -65.76 -3.11
N GLU D 150 -2.78 -66.97 -3.18
CA GLU D 150 -2.02 -67.56 -2.09
C GLU D 150 -0.83 -66.73 -1.67
N HIS D 151 -0.22 -66.01 -2.61
CA HIS D 151 0.92 -65.16 -2.30
C HIS D 151 0.60 -63.68 -2.07
N GLY D 152 -0.67 -63.32 -2.11
CA GLY D 152 -1.11 -61.97 -1.83
C GLY D 152 -0.75 -60.92 -2.86
N VAL D 153 -0.91 -61.24 -4.15
CA VAL D 153 -0.68 -60.24 -5.19
C VAL D 153 -1.79 -59.18 -5.17
N ASP D 154 -1.48 -57.97 -5.60
CA ASP D 154 -2.40 -56.87 -5.55
C ASP D 154 -3.16 -56.71 -6.87
N ILE D 155 -2.46 -56.89 -7.99
CA ILE D 155 -3.03 -56.70 -9.31
C ILE D 155 -2.81 -57.92 -10.20
N VAL D 156 -3.70 -58.10 -11.19
CA VAL D 156 -3.57 -59.13 -12.20
C VAL D 156 -3.64 -58.42 -13.54
N PHE D 157 -2.63 -58.59 -14.39
CA PHE D 157 -2.68 -58.07 -15.74
C PHE D 157 -3.10 -59.30 -16.52
N ALA D 158 -4.41 -59.38 -16.84
CA ALA D 158 -4.96 -60.54 -17.55
C ALA D 158 -4.67 -60.47 -19.06
N SER D 159 -3.81 -61.36 -19.57
CA SER D 159 -3.41 -61.40 -20.98
C SER D 159 -4.54 -61.78 -21.94
N PHE D 160 -4.48 -61.21 -23.15
CA PHE D 160 -5.41 -61.42 -24.28
C PHE D 160 -6.89 -61.42 -23.89
N VAL D 161 -7.34 -60.36 -23.20
CA VAL D 161 -8.76 -60.27 -22.84
C VAL D 161 -9.49 -59.90 -24.12
N ARG D 162 -10.43 -60.76 -24.57
CA ARG D 162 -11.18 -60.55 -25.81
C ARG D 162 -12.66 -60.19 -25.62
N LYS D 163 -13.23 -60.53 -24.46
CA LYS D 163 -14.64 -60.25 -24.17
C LYS D 163 -14.86 -60.14 -22.66
N ALA D 164 -16.06 -59.70 -22.24
CA ALA D 164 -16.37 -59.57 -20.82
C ALA D 164 -16.36 -60.91 -20.05
N SER D 165 -16.71 -62.02 -20.71
CA SER D 165 -16.71 -63.34 -20.07
C SER D 165 -15.29 -63.77 -19.65
N ASP D 166 -14.25 -63.32 -20.38
CA ASP D 166 -12.84 -63.58 -20.06
C ASP D 166 -12.49 -62.99 -18.71
N VAL D 167 -12.96 -61.76 -18.44
CA VAL D 167 -12.73 -61.07 -17.17
C VAL D 167 -13.40 -61.84 -16.03
N ALA D 168 -14.65 -62.28 -16.27
CA ALA D 168 -15.44 -63.03 -15.28
C ALA D 168 -14.75 -64.35 -14.96
N ALA D 169 -14.16 -65.02 -15.97
CA ALA D 169 -13.44 -66.27 -15.76
C ALA D 169 -12.21 -66.04 -14.88
N VAL D 170 -11.53 -64.90 -15.01
CA VAL D 170 -10.37 -64.55 -14.18
C VAL D 170 -10.81 -64.25 -12.76
N ARG D 171 -11.92 -63.53 -12.62
CA ARG D 171 -12.49 -63.20 -11.34
C ARG D 171 -12.90 -64.47 -10.58
N ALA D 172 -13.47 -65.45 -11.31
CA ALA D 172 -13.90 -66.74 -10.76
C ALA D 172 -12.69 -67.52 -10.29
N ALA D 173 -11.60 -67.54 -11.10
CA ALA D 173 -10.36 -68.25 -10.76
C ALA D 173 -9.66 -67.66 -9.54
N LEU D 174 -9.91 -66.39 -9.22
CA LEU D 174 -9.35 -65.78 -8.02
C LEU D 174 -10.09 -66.24 -6.75
N GLY D 175 -11.30 -66.77 -6.90
CA GLY D 175 -12.11 -67.29 -5.82
C GLY D 175 -12.59 -66.25 -4.83
N PRO D 176 -13.08 -66.72 -3.68
CA PRO D 176 -13.58 -65.77 -2.67
C PRO D 176 -12.50 -64.97 -1.96
N GLU D 177 -11.31 -65.55 -1.84
CA GLU D 177 -10.18 -64.87 -1.18
C GLU D 177 -9.50 -63.82 -2.06
N GLY D 178 -9.64 -63.94 -3.38
CA GLY D 178 -9.07 -62.99 -4.30
C GLY D 178 -10.06 -61.92 -4.74
N HIS D 179 -11.01 -61.54 -3.85
CA HIS D 179 -12.01 -60.52 -4.18
CA HIS D 179 -12.00 -60.51 -4.17
C HIS D 179 -11.38 -59.11 -4.19
N GLY D 180 -10.36 -58.89 -3.37
CA GLY D 180 -9.71 -57.60 -3.31
C GLY D 180 -8.68 -57.31 -4.38
N ILE D 181 -8.24 -58.32 -5.15
CA ILE D 181 -7.27 -58.13 -6.21
C ILE D 181 -7.87 -57.32 -7.37
N LYS D 182 -7.09 -56.44 -7.99
CA LYS D 182 -7.53 -55.63 -9.14
C LYS D 182 -7.29 -56.35 -10.46
N ILE D 183 -8.27 -56.36 -11.34
CA ILE D 183 -8.10 -57.00 -12.66
C ILE D 183 -7.90 -55.94 -13.76
N ILE D 184 -6.69 -55.83 -14.27
CA ILE D 184 -6.36 -54.91 -15.35
C ILE D 184 -6.32 -55.75 -16.64
N SER D 185 -7.34 -55.58 -17.49
CA SER D 185 -7.45 -56.34 -18.72
C SER D 185 -6.46 -55.87 -19.79
N LYS D 186 -5.62 -56.79 -20.29
CA LYS D 186 -4.69 -56.42 -21.36
C LYS D 186 -5.39 -56.53 -22.70
N ILE D 187 -5.42 -55.41 -23.47
CA ILE D 187 -6.01 -55.39 -24.80
C ILE D 187 -4.86 -55.62 -25.79
N GLU D 188 -4.83 -56.83 -26.40
CA GLU D 188 -3.71 -57.24 -27.25
C GLU D 188 -4.08 -57.60 -28.68
N ASN D 189 -5.37 -57.55 -29.05
CA ASN D 189 -5.78 -57.92 -30.40
C ASN D 189 -7.01 -57.12 -30.90
N HIS D 190 -7.41 -57.30 -32.17
CA HIS D 190 -8.54 -56.59 -32.73
C HIS D 190 -9.88 -56.85 -32.03
N GLU D 191 -10.13 -58.09 -31.56
CA GLU D 191 -11.39 -58.38 -30.84
C GLU D 191 -11.46 -57.60 -29.54
N GLY D 192 -10.35 -57.50 -28.82
CA GLY D 192 -10.25 -56.75 -27.57
C GLY D 192 -10.53 -55.28 -27.78
N VAL D 193 -10.02 -54.72 -28.90
CA VAL D 193 -10.24 -53.32 -29.25
C VAL D 193 -11.71 -53.10 -29.64
N LYS D 194 -12.29 -54.04 -30.39
CA LYS D 194 -13.69 -53.92 -30.80
C LYS D 194 -14.68 -54.11 -29.66
N ARG D 195 -14.41 -55.01 -28.72
CA ARG D 195 -15.30 -55.21 -27.57
C ARG D 195 -14.81 -54.46 -26.32
N PHE D 196 -14.01 -53.39 -26.51
CA PHE D 196 -13.41 -52.61 -25.43
C PHE D 196 -14.41 -52.13 -24.38
N ASP D 197 -15.54 -51.59 -24.80
CA ASP D 197 -16.52 -51.05 -23.87
C ASP D 197 -17.06 -52.06 -22.89
N GLU D 198 -17.36 -53.28 -23.37
CA GLU D 198 -17.90 -54.32 -22.49
C GLU D 198 -16.80 -54.87 -21.54
N ILE D 199 -15.55 -54.85 -22.00
CA ILE D 199 -14.42 -55.32 -21.22
C ILE D 199 -14.14 -54.32 -20.12
N LEU D 200 -14.08 -53.02 -20.46
CA LEU D 200 -13.80 -51.96 -19.48
C LEU D 200 -14.84 -51.93 -18.39
N GLU D 201 -16.11 -52.13 -18.74
CA GLU D 201 -17.20 -52.12 -17.78
C GLU D 201 -17.00 -53.09 -16.65
N VAL D 202 -16.50 -54.29 -16.95
CA VAL D 202 -16.31 -55.33 -15.94
C VAL D 202 -14.88 -55.39 -15.39
N SER D 203 -13.93 -54.61 -15.94
CA SER D 203 -12.55 -54.61 -15.45
C SER D 203 -12.31 -53.46 -14.47
N ASP D 204 -11.25 -53.56 -13.69
CA ASP D 204 -10.85 -52.47 -12.82
C ASP D 204 -10.05 -51.39 -13.59
N GLY D 205 -9.42 -51.79 -14.70
CA GLY D 205 -8.63 -50.93 -15.56
C GLY D 205 -8.16 -51.68 -16.78
N ILE D 206 -7.36 -51.00 -17.63
CA ILE D 206 -6.88 -51.57 -18.89
C ILE D 206 -5.38 -51.40 -19.09
N MET D 207 -4.75 -52.34 -19.82
CA MET D 207 -3.37 -52.18 -20.24
C MET D 207 -3.37 -52.18 -21.77
N VAL D 208 -2.69 -51.20 -22.37
CA VAL D 208 -2.52 -51.13 -23.81
C VAL D 208 -1.26 -51.93 -24.09
N ALA D 209 -1.46 -53.24 -24.38
CA ALA D 209 -0.41 -54.22 -24.60
C ALA D 209 0.04 -54.14 -26.04
N ARG D 210 0.91 -53.13 -26.33
CA ARG D 210 1.36 -52.75 -27.66
C ARG D 210 2.19 -53.77 -28.39
N GLY D 211 2.86 -54.66 -27.69
CA GLY D 211 3.66 -55.72 -28.32
C GLY D 211 2.81 -56.62 -29.20
N ASP D 212 1.84 -57.32 -28.61
CA ASP D 212 0.93 -58.16 -29.37
C ASP D 212 -0.01 -57.34 -30.24
N LEU D 213 -0.43 -56.18 -29.76
CA LEU D 213 -1.32 -55.31 -30.52
C LEU D 213 -0.66 -54.88 -31.84
N GLY D 214 0.63 -54.61 -31.82
CA GLY D 214 1.40 -54.21 -32.99
C GLY D 214 1.62 -55.31 -34.01
N ILE D 215 1.33 -56.57 -33.63
CA ILE D 215 1.44 -57.76 -34.45
C ILE D 215 0.01 -58.16 -34.92
N GLU D 216 -1.01 -58.03 -34.06
CA GLU D 216 -2.40 -58.39 -34.36
C GLU D 216 -3.09 -57.40 -35.27
N ILE D 217 -2.74 -56.12 -35.13
CA ILE D 217 -3.27 -55.05 -35.99
C ILE D 217 -2.11 -54.36 -36.71
N PRO D 218 -2.33 -53.63 -37.82
CA PRO D 218 -1.21 -52.94 -38.48
C PRO D 218 -0.44 -52.05 -37.51
N ALA D 219 0.88 -52.11 -37.55
CA ALA D 219 1.74 -51.34 -36.64
C ALA D 219 1.42 -49.84 -36.64
N GLU D 220 1.03 -49.31 -37.81
CA GLU D 220 0.71 -47.90 -37.97
C GLU D 220 -0.67 -47.50 -37.41
N LYS D 221 -1.45 -48.45 -36.93
CA LYS D 221 -2.75 -48.18 -36.34
C LYS D 221 -2.74 -48.27 -34.80
N VAL D 222 -1.66 -48.79 -34.18
CA VAL D 222 -1.59 -48.96 -32.73
C VAL D 222 -1.79 -47.65 -31.97
N PHE D 223 -1.20 -46.53 -32.45
CA PHE D 223 -1.35 -45.25 -31.77
C PHE D 223 -2.82 -44.82 -31.66
N LEU D 224 -3.67 -45.22 -32.63
CA LEU D 224 -5.09 -44.90 -32.63
C LEU D 224 -5.75 -45.68 -31.49
N ALA D 225 -5.45 -46.98 -31.37
CA ALA D 225 -5.99 -47.83 -30.31
C ALA D 225 -5.51 -47.33 -28.94
N GLN D 226 -4.22 -46.94 -28.83
CA GLN D 226 -3.69 -46.44 -27.56
C GLN D 226 -4.44 -45.17 -27.15
N LYS D 227 -4.46 -44.16 -28.02
CA LYS D 227 -5.11 -42.89 -27.75
C LYS D 227 -6.60 -43.04 -27.44
N MET D 228 -7.31 -43.97 -28.13
CA MET D 228 -8.73 -44.23 -27.90
C MET D 228 -8.96 -44.86 -26.53
N MET D 229 -8.18 -45.90 -26.21
CA MET D 229 -8.34 -46.60 -24.96
C MET D 229 -8.03 -45.72 -23.78
N ILE D 230 -6.97 -44.91 -23.87
CA ILE D 230 -6.61 -43.98 -22.79
C ILE D 230 -7.71 -42.99 -22.55
N GLY D 231 -8.25 -42.40 -23.63
CA GLY D 231 -9.34 -41.43 -23.54
C GLY D 231 -10.59 -42.00 -22.89
N ARG D 232 -10.95 -43.25 -23.26
CA ARG D 232 -12.12 -43.91 -22.72
C ARG D 232 -11.95 -44.28 -21.25
N CYS D 233 -10.74 -44.69 -20.87
CA CYS D 233 -10.44 -45.00 -19.48
C CYS D 233 -10.47 -43.74 -18.66
N ASN D 234 -9.96 -42.62 -19.21
CA ASN D 234 -9.98 -41.34 -18.53
C ASN D 234 -11.43 -40.91 -18.29
N LEU D 235 -12.28 -41.09 -19.32
CA LEU D 235 -13.69 -40.78 -19.27
C LEU D 235 -14.36 -41.65 -18.19
N ALA D 236 -14.03 -42.94 -18.14
CA ALA D 236 -14.62 -43.89 -17.19
C ALA D 236 -14.09 -43.75 -15.75
N GLY D 237 -12.97 -43.05 -15.58
CA GLY D 237 -12.32 -42.91 -14.28
C GLY D 237 -11.63 -44.18 -13.84
N LYS D 238 -11.18 -45.00 -14.81
CA LYS D 238 -10.49 -46.26 -14.49
C LYS D 238 -9.02 -46.20 -14.93
N PRO D 239 -8.10 -46.79 -14.14
CA PRO D 239 -6.67 -46.74 -14.54
C PRO D 239 -6.35 -47.35 -15.90
N VAL D 240 -5.46 -46.69 -16.65
CA VAL D 240 -4.99 -47.18 -17.93
C VAL D 240 -3.47 -47.22 -17.94
N VAL D 241 -2.89 -48.37 -18.34
CA VAL D 241 -1.44 -48.57 -18.42
C VAL D 241 -0.96 -48.54 -19.89
N CYS D 242 0.15 -47.82 -20.17
CA CYS D 242 0.74 -47.88 -21.49
C CYS D 242 1.95 -48.79 -21.36
N ALA D 243 2.01 -49.82 -22.22
CA ALA D 243 3.06 -50.80 -22.11
C ALA D 243 3.79 -51.12 -23.42
N THR D 244 5.02 -51.67 -23.29
CA THR D 244 5.90 -52.31 -24.27
C THR D 244 6.70 -51.39 -25.22
N GLN D 245 8.02 -51.60 -25.20
CA GLN D 245 9.06 -50.97 -26.01
C GLN D 245 9.21 -49.48 -25.78
N MET D 246 8.74 -48.96 -24.62
CA MET D 246 8.81 -47.53 -24.31
C MET D 246 10.25 -46.97 -24.31
N LEU D 247 11.25 -47.69 -23.73
CA LEU D 247 12.67 -47.28 -23.78
C LEU D 247 13.51 -48.55 -24.11
N GLU D 248 13.05 -49.37 -25.08
CA GLU D 248 13.69 -50.64 -25.51
C GLU D 248 15.21 -50.57 -25.72
N SER D 249 15.71 -49.48 -26.32
CA SER D 249 17.12 -49.33 -26.56
C SER D 249 17.92 -49.33 -25.25
N MET D 250 17.30 -48.92 -24.11
CA MET D 250 18.00 -48.97 -22.83
C MET D 250 18.21 -50.39 -22.30
N ILE D 251 17.77 -51.44 -23.05
CA ILE D 251 18.12 -52.81 -22.69
C ILE D 251 19.64 -53.00 -22.80
N THR D 252 20.28 -52.35 -23.80
CA THR D 252 21.72 -52.44 -24.05
C THR D 252 22.43 -51.09 -24.01
N LYS D 253 21.75 -50.01 -24.35
CA LYS D 253 22.35 -48.69 -24.43
C LYS D 253 22.05 -47.85 -23.24
N PRO D 254 23.05 -47.11 -22.74
CA PRO D 254 22.84 -46.34 -21.50
C PRO D 254 21.86 -45.17 -21.59
N ARG D 255 21.54 -44.67 -22.80
CA ARG D 255 20.60 -43.56 -23.03
C ARG D 255 19.58 -43.97 -24.09
N PRO D 256 18.32 -43.44 -24.06
CA PRO D 256 17.32 -43.85 -25.05
C PRO D 256 17.35 -43.03 -26.35
N THR D 257 16.56 -43.46 -27.33
CA THR D 257 16.44 -42.76 -28.60
C THR D 257 15.49 -41.54 -28.47
N ARG D 258 15.47 -40.67 -29.47
CA ARG D 258 14.62 -39.51 -29.50
C ARG D 258 13.17 -39.92 -29.55
N ALA D 259 12.87 -41.02 -30.27
CA ALA D 259 11.52 -41.57 -30.39
C ALA D 259 11.02 -42.14 -29.07
N GLU D 260 11.94 -42.76 -28.29
CA GLU D 260 11.63 -43.39 -27.02
C GLU D 260 11.21 -42.37 -25.97
N THR D 261 12.01 -41.29 -25.80
CA THR D 261 11.65 -40.26 -24.82
C THR D 261 10.33 -39.60 -25.22
N SER D 262 10.13 -39.39 -26.53
CA SER D 262 8.92 -38.82 -27.08
C SER D 262 7.71 -39.72 -26.74
N ASP D 263 7.84 -41.04 -26.94
CA ASP D 263 6.79 -42.00 -26.69
C ASP D 263 6.33 -41.96 -25.21
N VAL D 264 7.29 -41.91 -24.28
CA VAL D 264 7.00 -41.87 -22.86
C VAL D 264 6.26 -40.58 -22.52
N ALA D 265 6.80 -39.46 -23.00
CA ALA D 265 6.20 -38.16 -22.76
C ALA D 265 4.78 -38.08 -23.32
N ASN D 266 4.57 -38.69 -24.49
CA ASN D 266 3.26 -38.68 -25.13
C ASN D 266 2.27 -39.62 -24.49
N ALA D 267 2.71 -40.73 -23.89
CA ALA D 267 1.79 -41.62 -23.17
C ALA D 267 1.19 -40.86 -21.97
N VAL D 268 2.04 -40.05 -21.28
CA VAL D 268 1.62 -39.19 -20.16
C VAL D 268 0.66 -38.12 -20.69
N LEU D 269 1.04 -37.43 -21.78
CA LEU D 269 0.19 -36.41 -22.38
C LEU D 269 -1.11 -36.98 -22.91
N ASP D 270 -1.14 -38.26 -23.30
CA ASP D 270 -2.35 -38.96 -23.75
C ASP D 270 -3.34 -39.12 -22.58
N GLY D 271 -2.83 -39.32 -21.37
CA GLY D 271 -3.64 -39.47 -20.17
C GLY D 271 -3.42 -40.78 -19.44
N ALA D 272 -2.31 -41.47 -19.72
CA ALA D 272 -2.03 -42.76 -19.09
C ALA D 272 -1.79 -42.61 -17.58
N ASP D 273 -2.34 -43.52 -16.77
CA ASP D 273 -2.13 -43.51 -15.35
C ASP D 273 -0.77 -44.11 -15.03
N CYS D 274 -0.39 -45.21 -15.75
CA CYS D 274 0.85 -45.92 -15.54
C CYS D 274 1.60 -46.09 -16.82
N ILE D 275 2.94 -46.11 -16.72
CA ILE D 275 3.86 -46.43 -17.81
C ILE D 275 4.67 -47.66 -17.39
N MET D 276 5.03 -48.50 -18.35
CA MET D 276 5.69 -49.76 -18.04
C MET D 276 7.06 -49.97 -18.65
N LEU D 277 7.88 -50.81 -17.99
CA LEU D 277 9.19 -51.26 -18.45
C LEU D 277 9.15 -52.79 -18.47
N SER D 278 9.47 -53.39 -19.62
CA SER D 278 9.46 -54.84 -19.75
C SER D 278 10.92 -55.37 -19.73
N GLY D 279 11.52 -55.59 -20.92
CA GLY D 279 12.89 -56.07 -21.05
C GLY D 279 13.89 -55.11 -20.45
N GLU D 280 13.55 -53.80 -20.45
CA GLU D 280 14.38 -52.69 -19.93
C GLU D 280 14.73 -52.86 -18.47
N THR D 281 13.85 -53.52 -17.68
CA THR D 281 14.14 -53.82 -16.28
C THR D 281 14.30 -55.32 -16.02
N ALA D 282 13.59 -56.19 -16.77
CA ALA D 282 13.66 -57.63 -16.56
C ALA D 282 14.99 -58.28 -16.89
N LYS D 283 15.60 -57.88 -18.04
CA LYS D 283 16.81 -58.51 -18.54
C LYS D 283 17.92 -57.55 -18.97
N GLY D 284 17.70 -56.25 -18.86
CA GLY D 284 18.66 -55.27 -19.34
C GLY D 284 19.89 -55.02 -18.51
N ASN D 285 20.75 -54.17 -19.02
CA ASN D 285 21.95 -53.74 -18.31
C ASN D 285 21.72 -52.40 -17.52
N PHE D 286 20.59 -51.71 -17.80
CA PHE D 286 20.29 -50.41 -17.23
C PHE D 286 18.90 -50.40 -16.58
N PRO D 287 18.57 -51.36 -15.69
CA PRO D 287 17.20 -51.35 -15.12
C PRO D 287 16.94 -50.14 -14.22
N VAL D 288 17.93 -49.73 -13.41
CA VAL D 288 17.74 -48.55 -12.55
C VAL D 288 17.75 -47.28 -13.38
N GLU D 289 18.57 -47.25 -14.41
CA GLU D 289 18.66 -46.14 -15.33
C GLU D 289 17.35 -45.98 -16.12
N ALA D 290 16.69 -47.11 -16.48
CA ALA D 290 15.44 -47.13 -17.23
C ALA D 290 14.30 -46.54 -16.37
N VAL D 291 14.31 -46.81 -15.08
CA VAL D 291 13.30 -46.30 -14.15
C VAL D 291 13.53 -44.80 -13.96
N LYS D 292 14.80 -44.40 -13.76
CA LYS D 292 15.13 -43.01 -13.57
C LYS D 292 14.78 -42.19 -14.80
N MET D 293 14.94 -42.76 -16.01
CA MET D 293 14.58 -42.08 -17.26
C MET D 293 13.06 -41.89 -17.35
N GLN D 294 12.26 -42.92 -17.09
CA GLN D 294 10.80 -42.79 -17.09
C GLN D 294 10.35 -41.79 -16.07
N HIS D 295 10.98 -41.76 -14.90
CA HIS D 295 10.67 -40.79 -13.86
C HIS D 295 10.93 -39.36 -14.34
N ALA D 296 12.09 -39.10 -14.93
CA ALA D 296 12.49 -37.79 -15.44
C ALA D 296 11.53 -37.26 -16.51
N ILE D 297 11.13 -38.12 -17.46
CA ILE D 297 10.26 -37.73 -18.58
C ILE D 297 8.84 -37.48 -18.08
N ALA D 298 8.32 -38.36 -17.22
CA ALA D 298 6.95 -38.23 -16.71
C ALA D 298 6.73 -36.90 -16.01
N ARG D 299 7.71 -36.47 -15.18
CA ARG D 299 7.67 -35.19 -14.47
C ARG D 299 7.55 -34.03 -15.45
N GLU D 300 8.37 -34.03 -16.51
CA GLU D 300 8.32 -32.98 -17.54
C GLU D 300 6.99 -32.95 -18.26
N ALA D 301 6.46 -34.14 -18.61
CA ALA D 301 5.23 -34.31 -19.35
C ALA D 301 4.00 -33.93 -18.56
N GLU D 302 3.98 -34.23 -17.28
CA GLU D 302 2.85 -33.89 -16.41
C GLU D 302 2.73 -32.37 -16.24
N ALA D 303 3.87 -31.66 -16.15
CA ALA D 303 3.84 -30.21 -16.04
C ALA D 303 3.29 -29.58 -17.32
N ALA D 304 3.57 -30.20 -18.47
CA ALA D 304 3.13 -29.75 -19.78
C ALA D 304 1.67 -30.12 -20.13
N VAL D 305 0.94 -30.75 -19.21
CA VAL D 305 -0.46 -31.10 -19.46
C VAL D 305 -1.30 -29.80 -19.44
N TYR D 306 -2.20 -29.65 -20.42
CA TYR D 306 -3.07 -28.47 -20.50
C TYR D 306 -4.31 -28.72 -19.62
N HIS D 307 -4.14 -28.54 -18.29
CA HIS D 307 -5.21 -28.81 -17.30
C HIS D 307 -6.47 -27.99 -17.53
N ARG D 308 -6.34 -26.76 -18.09
CA ARG D 308 -7.49 -25.91 -18.34
C ARG D 308 -8.55 -26.63 -19.18
N GLN D 309 -8.14 -27.11 -20.35
CA GLN D 309 -9.04 -27.84 -21.24
C GLN D 309 -9.40 -29.20 -20.63
N LEU D 310 -8.39 -29.93 -20.11
CA LEU D 310 -8.56 -31.25 -19.55
C LEU D 310 -9.61 -31.32 -18.45
N PHE D 311 -9.51 -30.48 -17.41
CA PHE D 311 -10.47 -30.47 -16.31
C PHE D 311 -11.85 -30.12 -16.81
N GLU D 312 -11.95 -29.09 -17.65
CA GLU D 312 -13.22 -28.65 -18.23
C GLU D 312 -13.90 -29.77 -19.01
N GLU D 313 -13.15 -30.52 -19.81
CA GLU D 313 -13.69 -31.61 -20.62
C GLU D 313 -14.07 -32.78 -19.76
N LEU D 314 -13.26 -33.10 -18.73
CA LEU D 314 -13.57 -34.18 -17.78
C LEU D 314 -14.85 -33.85 -17.02
N ARG D 315 -15.00 -32.59 -16.56
CA ARG D 315 -16.18 -32.09 -15.86
C ARG D 315 -17.43 -32.17 -16.75
N ARG D 316 -17.33 -31.63 -17.98
CA ARG D 316 -18.43 -31.63 -18.93
C ARG D 316 -18.88 -33.06 -19.24
N ALA D 317 -17.94 -33.98 -19.43
CA ALA D 317 -18.25 -35.35 -19.80
C ALA D 317 -18.77 -36.18 -18.67
N ALA D 318 -18.32 -35.92 -17.43
CA ALA D 318 -18.75 -36.72 -16.29
C ALA D 318 -20.23 -36.51 -15.99
N PRO D 319 -20.96 -37.62 -15.82
CA PRO D 319 -22.41 -37.52 -15.54
C PRO D 319 -22.71 -37.02 -14.14
N LEU D 320 -23.94 -36.53 -13.91
CA LEU D 320 -24.35 -36.10 -12.57
C LEU D 320 -24.31 -37.29 -11.63
N SER D 321 -23.98 -37.06 -10.36
CA SER D 321 -23.88 -38.14 -9.41
C SER D 321 -24.58 -37.82 -8.11
N ARG D 322 -25.20 -38.82 -7.51
CA ARG D 322 -25.80 -38.68 -6.19
C ARG D 322 -24.95 -39.31 -5.07
N ASP D 323 -23.70 -39.73 -5.38
CA ASP D 323 -22.78 -40.34 -4.45
C ASP D 323 -21.95 -39.25 -3.81
N PRO D 324 -22.04 -39.12 -2.47
CA PRO D 324 -21.28 -38.07 -1.77
C PRO D 324 -19.78 -38.10 -1.98
N THR D 325 -19.22 -39.29 -2.20
CA THR D 325 -17.78 -39.43 -2.44
C THR D 325 -17.45 -38.76 -3.78
N GLU D 326 -18.23 -39.04 -4.80
CA GLU D 326 -18.03 -38.49 -6.13
C GLU D 326 -18.25 -36.98 -6.11
N VAL D 327 -19.32 -36.54 -5.41
CA VAL D 327 -19.66 -35.14 -5.25
C VAL D 327 -18.56 -34.37 -4.48
N THR D 328 -18.07 -34.92 -3.38
CA THR D 328 -16.98 -34.32 -2.60
C THR D 328 -15.72 -34.24 -3.43
N ALA D 329 -15.43 -35.28 -4.24
CA ALA D 329 -14.25 -35.33 -5.09
C ALA D 329 -14.17 -34.17 -6.09
N ILE D 330 -15.27 -33.87 -6.81
CA ILE D 330 -15.25 -32.78 -7.77
C ILE D 330 -15.15 -31.42 -7.07
N GLY D 331 -15.82 -31.28 -5.91
CA GLY D 331 -15.74 -30.05 -5.13
C GLY D 331 -14.32 -29.81 -4.65
N ALA D 332 -13.65 -30.88 -4.16
CA ALA D 332 -12.28 -30.83 -3.67
C ALA D 332 -11.32 -30.45 -4.78
N VAL D 333 -11.47 -31.05 -5.98
CA VAL D 333 -10.60 -30.78 -7.13
C VAL D 333 -10.77 -29.33 -7.58
N GLU D 334 -12.02 -28.87 -7.64
CA GLU D 334 -12.33 -27.50 -8.02
CA GLU D 334 -12.34 -27.49 -8.01
C GLU D 334 -11.69 -26.49 -7.02
N ALA D 335 -11.82 -26.75 -5.72
CA ALA D 335 -11.25 -25.92 -4.68
C ALA D 335 -9.72 -25.95 -4.77
N ALA D 336 -9.12 -27.09 -5.07
CA ALA D 336 -7.66 -27.19 -5.19
C ALA D 336 -7.14 -26.32 -6.35
N PHE D 337 -7.89 -26.28 -7.47
CA PHE D 337 -7.47 -25.48 -8.60
C PHE D 337 -7.57 -24.00 -8.26
N LYS D 338 -8.61 -23.59 -7.52
CA LYS D 338 -8.86 -22.20 -7.12
C LYS D 338 -7.75 -21.57 -6.28
N CYS D 339 -7.14 -22.34 -5.39
CA CYS D 339 -6.11 -21.81 -4.50
C CYS D 339 -4.70 -22.27 -4.84
N CYS D 340 -4.51 -23.06 -5.92
CA CYS D 340 -3.20 -23.64 -6.24
C CYS D 340 -2.73 -24.50 -5.06
N ALA D 341 -3.66 -25.36 -4.53
CA ALA D 341 -3.40 -26.21 -3.39
C ALA D 341 -2.20 -27.10 -3.66
N ALA D 342 -1.26 -27.21 -2.70
CA ALA D 342 -0.06 -28.03 -2.85
C ALA D 342 -0.45 -29.51 -2.93
N ALA D 343 -1.49 -29.91 -2.19
CA ALA D 343 -1.94 -31.29 -2.12
C ALA D 343 -3.43 -31.39 -1.72
N ILE D 344 -4.00 -32.56 -1.90
CA ILE D 344 -5.33 -32.94 -1.43
C ILE D 344 -5.04 -34.16 -0.58
N ILE D 345 -5.25 -34.07 0.74
CA ILE D 345 -5.00 -35.18 1.66
C ILE D 345 -6.30 -35.91 1.85
N VAL D 346 -6.35 -37.19 1.51
CA VAL D 346 -7.57 -37.97 1.60
C VAL D 346 -7.38 -39.18 2.49
N LEU D 347 -8.38 -39.44 3.34
CA LEU D 347 -8.36 -40.61 4.19
C LEU D 347 -9.17 -41.65 3.41
N THR D 348 -8.55 -42.81 3.16
CA THR D 348 -9.22 -43.84 2.38
C THR D 348 -8.98 -45.22 2.96
N THR D 349 -10.00 -46.08 2.85
CA THR D 349 -9.92 -47.43 3.38
C THR D 349 -9.63 -48.38 2.20
N THR D 350 -10.41 -48.29 1.13
CA THR D 350 -10.27 -49.13 -0.07
C THR D 350 -9.49 -48.43 -1.21
N GLY D 351 -9.28 -47.11 -1.11
CA GLY D 351 -8.62 -46.35 -2.15
C GLY D 351 -9.61 -45.66 -3.10
N ARG D 352 -10.91 -45.93 -2.94
CA ARG D 352 -11.91 -45.36 -3.83
C ARG D 352 -11.96 -43.88 -3.78
N SER D 353 -11.94 -43.29 -2.58
CA SER D 353 -11.97 -41.83 -2.44
C SER D 353 -10.82 -41.14 -3.18
N ALA D 354 -9.63 -41.75 -3.15
CA ALA D 354 -8.48 -41.22 -3.85
C ALA D 354 -8.65 -41.39 -5.38
N GLN D 355 -9.18 -42.55 -5.81
CA GLN D 355 -9.43 -42.81 -7.21
C GLN D 355 -10.41 -41.78 -7.80
N LEU D 356 -11.47 -41.43 -7.04
CA LEU D 356 -12.42 -40.45 -7.51
C LEU D 356 -11.85 -39.04 -7.59
N LEU D 357 -10.86 -38.72 -6.78
CA LEU D 357 -10.19 -37.41 -6.87
C LEU D 357 -9.33 -37.40 -8.15
N SER D 358 -8.55 -38.48 -8.32
CA SER D 358 -7.62 -38.72 -9.41
C SER D 358 -8.30 -38.62 -10.78
N ARG D 359 -9.56 -39.09 -10.90
CA ARG D 359 -10.27 -39.08 -12.17
C ARG D 359 -10.45 -37.66 -12.76
N TYR D 360 -10.44 -36.63 -11.89
CA TYR D 360 -10.56 -35.24 -12.35
C TYR D 360 -9.20 -34.59 -12.63
N ARG D 361 -8.13 -35.38 -12.63
CA ARG D 361 -6.78 -34.96 -12.93
C ARG D 361 -6.37 -33.63 -12.29
N PRO D 362 -6.39 -33.54 -10.95
CA PRO D 362 -5.91 -32.31 -10.31
C PRO D 362 -4.38 -32.14 -10.52
N ARG D 363 -3.94 -30.89 -10.48
CA ARG D 363 -2.51 -30.60 -10.51
C ARG D 363 -1.95 -30.86 -9.06
N ALA D 364 -2.79 -30.75 -8.00
CA ALA D 364 -2.39 -31.03 -6.63
C ALA D 364 -2.20 -32.53 -6.41
N ALA D 365 -1.17 -32.91 -5.63
CA ALA D 365 -0.90 -34.30 -5.34
C ALA D 365 -2.00 -34.85 -4.45
N VAL D 366 -2.47 -36.07 -4.70
CA VAL D 366 -3.48 -36.69 -3.85
C VAL D 366 -2.73 -37.57 -2.89
N ILE D 367 -2.54 -37.09 -1.66
CA ILE D 367 -1.83 -37.83 -0.62
C ILE D 367 -2.88 -38.70 0.07
N ALA D 368 -2.84 -40.03 -0.18
CA ALA D 368 -3.85 -40.94 0.36
C ALA D 368 -3.35 -41.65 1.60
N VAL D 369 -3.94 -41.32 2.78
CA VAL D 369 -3.55 -41.95 4.06
C VAL D 369 -4.46 -43.14 4.35
N THR D 370 -3.88 -44.33 4.45
CA THR D 370 -4.65 -45.55 4.66
C THR D 370 -3.98 -46.52 5.64
N ARG D 371 -4.78 -47.28 6.34
CA ARG D 371 -4.25 -48.35 7.19
C ARG D 371 -4.17 -49.67 6.42
N SER D 372 -4.83 -49.76 5.24
CA SER D 372 -4.82 -50.95 4.41
C SER D 372 -3.55 -50.97 3.57
N ALA D 373 -2.70 -51.96 3.81
CA ALA D 373 -1.47 -52.11 3.07
C ALA D 373 -1.78 -52.47 1.61
N GLN D 374 -2.81 -53.33 1.37
CA GLN D 374 -3.19 -53.67 0.01
C GLN D 374 -3.69 -52.45 -0.78
N ALA D 375 -4.57 -51.63 -0.17
CA ALA D 375 -5.08 -50.44 -0.82
C ALA D 375 -3.94 -49.46 -1.10
N ALA D 376 -3.00 -49.31 -0.15
CA ALA D 376 -1.84 -48.43 -0.33
C ALA D 376 -1.03 -48.84 -1.58
N ARG D 377 -0.92 -50.16 -1.85
CA ARG D 377 -0.20 -50.65 -3.00
C ARG D 377 -1.01 -50.47 -4.26
N GLN D 378 -2.31 -50.80 -4.21
CA GLN D 378 -3.21 -50.71 -5.35
C GLN D 378 -3.49 -49.28 -5.86
N VAL D 379 -3.39 -48.25 -4.98
CA VAL D 379 -3.65 -46.89 -5.45
C VAL D 379 -2.58 -46.37 -6.39
N HIS D 380 -1.47 -47.09 -6.56
CA HIS D 380 -0.44 -46.71 -7.52
C HIS D 380 -1.01 -46.76 -8.95
N LEU D 381 -2.05 -47.57 -9.20
CA LEU D 381 -2.71 -47.62 -10.48
C LEU D 381 -3.36 -46.28 -10.86
N CYS D 382 -3.62 -45.40 -9.87
CA CYS D 382 -4.25 -44.10 -10.09
C CYS D 382 -3.28 -42.96 -10.14
N ARG D 383 -3.27 -42.25 -11.25
CA ARG D 383 -2.37 -41.14 -11.46
C ARG D 383 -2.53 -40.04 -10.43
N GLY D 384 -1.40 -39.65 -9.84
CA GLY D 384 -1.36 -38.57 -8.89
C GLY D 384 -1.72 -38.97 -7.48
N VAL D 385 -1.89 -40.28 -7.22
CA VAL D 385 -2.14 -40.73 -5.86
C VAL D 385 -0.83 -41.20 -5.24
N PHE D 386 -0.48 -40.61 -4.10
CA PHE D 386 0.72 -40.88 -3.31
C PHE D 386 0.31 -41.56 -2.02
N PRO D 387 0.38 -42.90 -1.98
CA PRO D 387 -0.08 -43.61 -0.77
C PRO D 387 0.83 -43.57 0.44
N LEU D 388 0.22 -43.36 1.61
CA LEU D 388 0.92 -43.37 2.88
C LEU D 388 0.29 -44.42 3.76
N LEU D 389 1.08 -45.40 4.23
CA LEU D 389 0.55 -46.45 5.11
C LEU D 389 0.65 -46.03 6.57
N TYR D 390 -0.50 -45.89 7.21
CA TYR D 390 -0.61 -45.53 8.61
C TYR D 390 -0.54 -46.80 9.49
N ARG D 391 0.36 -46.82 10.46
CA ARG D 391 0.60 -48.02 11.25
C ARG D 391 0.11 -47.94 12.69
N GLU D 392 -0.16 -46.73 13.20
CA GLU D 392 -0.60 -46.56 14.58
C GLU D 392 -1.94 -47.21 14.85
N PRO D 393 -2.12 -47.77 16.07
CA PRO D 393 -3.43 -48.35 16.40
C PRO D 393 -4.48 -47.24 16.61
N PRO D 394 -5.74 -47.55 16.29
CA PRO D 394 -6.79 -46.54 16.41
C PRO D 394 -6.90 -45.82 17.75
N GLU D 395 -7.16 -44.51 17.72
CA GLU D 395 -7.39 -43.70 18.91
C GLU D 395 -8.79 -44.02 19.44
N ALA D 396 -9.04 -43.76 20.74
CA ALA D 396 -10.35 -44.06 21.31
C ALA D 396 -11.42 -43.11 20.73
N ILE D 397 -11.07 -41.82 20.60
CA ILE D 397 -11.96 -40.85 19.99
C ILE D 397 -11.73 -40.86 18.47
N TRP D 398 -12.80 -41.23 17.70
CA TRP D 398 -12.68 -41.33 16.24
C TRP D 398 -12.20 -40.05 15.58
N ALA D 399 -12.72 -38.90 16.00
CA ALA D 399 -12.28 -37.62 15.46
C ALA D 399 -10.78 -37.38 15.69
N ASP D 400 -10.24 -37.83 16.83
CA ASP D 400 -8.82 -37.69 17.12
C ASP D 400 -7.97 -38.61 16.23
N ASP D 401 -8.50 -39.80 15.92
CA ASP D 401 -7.83 -40.76 15.06
C ASP D 401 -7.70 -40.17 13.64
N VAL D 402 -8.76 -39.50 13.17
CA VAL D 402 -8.83 -38.86 11.88
C VAL D 402 -7.76 -37.77 11.81
N ASP D 403 -7.71 -36.89 12.83
CA ASP D 403 -6.72 -35.79 12.87
C ASP D 403 -5.30 -36.29 12.94
N ARG D 404 -5.05 -37.43 13.59
CA ARG D 404 -3.70 -37.99 13.66
C ARG D 404 -3.27 -38.45 12.26
N ARG D 405 -4.18 -39.06 11.52
CA ARG D 405 -3.90 -39.51 10.16
C ARG D 405 -3.68 -38.35 9.21
N VAL D 406 -4.44 -37.24 9.39
CA VAL D 406 -4.27 -36.02 8.57
C VAL D 406 -2.92 -35.41 8.89
N GLN D 407 -2.56 -35.37 10.19
CA GLN D 407 -1.24 -34.86 10.60
C GLN D 407 -0.09 -35.71 10.08
N PHE D 408 -0.30 -37.01 9.98
CA PHE D 408 0.65 -37.94 9.41
C PHE D 408 0.91 -37.59 7.92
N GLY D 409 -0.16 -37.28 7.20
CA GLY D 409 -0.10 -36.90 5.79
C GLY D 409 0.66 -35.61 5.62
N ILE D 410 0.43 -34.64 6.53
CA ILE D 410 1.13 -33.36 6.50
C ILE D 410 2.61 -33.55 6.81
N GLU D 411 2.96 -34.34 7.83
CA GLU D 411 4.36 -34.60 8.17
C GLU D 411 5.12 -35.33 7.08
N SER D 412 4.50 -36.38 6.48
CA SER D 412 5.12 -37.10 5.37
C SER D 412 5.29 -36.20 4.18
N GLY D 413 4.27 -35.38 3.89
CA GLY D 413 4.26 -34.47 2.76
C GLY D 413 5.30 -33.40 2.91
N LYS D 414 5.56 -32.95 4.15
CA LYS D 414 6.58 -31.94 4.47
C LYS D 414 7.96 -32.55 4.30
N LEU D 415 8.15 -33.78 4.79
CA LEU D 415 9.41 -34.48 4.69
C LEU D 415 9.75 -34.75 3.24
N ARG D 416 8.79 -35.23 2.46
CA ARG D 416 9.03 -35.60 1.06
C ARG D 416 9.06 -34.44 0.07
N GLY D 417 8.91 -33.21 0.55
CA GLY D 417 8.96 -32.02 -0.29
C GLY D 417 7.66 -31.61 -0.94
N PHE D 418 6.56 -32.34 -0.69
CA PHE D 418 5.25 -31.98 -1.25
C PHE D 418 4.69 -30.71 -0.62
N LEU D 419 5.00 -30.46 0.64
CA LEU D 419 4.44 -29.34 1.36
C LEU D 419 5.48 -28.48 2.02
N ARG D 420 5.11 -27.22 2.25
CA ARG D 420 5.88 -26.21 2.96
C ARG D 420 4.91 -25.41 3.83
N VAL D 421 5.39 -24.82 4.93
CA VAL D 421 4.57 -23.94 5.79
C VAL D 421 4.01 -22.79 4.98
N GLY D 422 2.71 -22.55 5.11
CA GLY D 422 2.07 -21.51 4.33
C GLY D 422 1.29 -22.02 3.14
N ASP D 423 1.54 -23.29 2.73
CA ASP D 423 0.80 -23.91 1.62
C ASP D 423 -0.67 -24.13 2.01
N LEU D 424 -1.53 -24.20 0.98
CA LEU D 424 -2.91 -24.55 1.21
C LEU D 424 -3.09 -26.00 0.77
N VAL D 425 -3.77 -26.78 1.57
CA VAL D 425 -4.09 -28.16 1.26
C VAL D 425 -5.63 -28.32 1.38
N ILE D 426 -6.23 -29.24 0.63
CA ILE D 426 -7.64 -29.59 0.71
C ILE D 426 -7.68 -30.93 1.43
N VAL D 427 -8.44 -31.05 2.52
CA VAL D 427 -8.51 -32.31 3.29
C VAL D 427 -9.86 -32.99 3.09
N VAL D 428 -9.84 -34.20 2.53
CA VAL D 428 -11.04 -34.95 2.23
C VAL D 428 -11.21 -36.10 3.20
N THR D 429 -12.28 -36.07 4.02
CA THR D 429 -12.62 -37.08 5.04
C THR D 429 -14.15 -37.42 4.95
N GLY D 430 -14.61 -38.32 5.80
CA GLY D 430 -16.01 -38.72 5.86
C GLY D 430 -16.60 -38.50 7.24
N TRP D 431 -17.90 -38.75 7.37
CA TRP D 431 -18.66 -38.47 8.58
C TRP D 431 -18.70 -39.61 9.64
N ARG D 432 -18.33 -40.85 9.23
CA ARG D 432 -18.27 -41.99 10.14
C ARG D 432 -17.15 -43.00 9.75
N PRO D 433 -16.78 -43.97 10.59
CA PRO D 433 -15.73 -44.93 10.18
C PRO D 433 -16.18 -45.94 9.11
N GLY D 434 -15.22 -46.61 8.48
CA GLY D 434 -15.48 -47.57 7.43
C GLY D 434 -15.61 -46.94 6.07
N SER D 435 -15.43 -47.76 5.04
CA SER D 435 -15.48 -47.38 3.64
CA SER D 435 -15.48 -47.35 3.64
C SER D 435 -16.86 -46.95 3.16
N GLY D 436 -16.87 -45.98 2.23
CA GLY D 436 -18.06 -45.50 1.56
C GLY D 436 -18.70 -44.24 2.07
N TYR D 437 -18.08 -43.59 3.09
CA TYR D 437 -18.73 -42.42 3.74
C TYR D 437 -18.02 -41.09 3.60
N THR D 438 -17.03 -40.94 2.64
CA THR D 438 -16.41 -39.64 2.39
C THR D 438 -17.48 -38.63 1.98
N ASN D 439 -17.45 -37.44 2.56
CA ASN D 439 -18.41 -36.40 2.28
C ASN D 439 -17.95 -35.02 2.77
N ILE D 440 -16.74 -34.87 3.32
CA ILE D 440 -16.30 -33.58 3.84
C ILE D 440 -15.06 -33.11 3.11
N MET D 441 -15.00 -31.82 2.79
CA MET D 441 -13.89 -31.18 2.10
C MET D 441 -13.57 -29.93 2.92
N ARG D 442 -12.36 -29.84 3.48
CA ARG D 442 -11.98 -28.67 4.26
C ARG D 442 -10.69 -27.99 3.71
N VAL D 443 -10.69 -26.64 3.65
CA VAL D 443 -9.53 -25.89 3.17
C VAL D 443 -8.57 -25.70 4.31
N LEU D 444 -7.36 -26.23 4.20
CA LEU D 444 -6.39 -26.17 5.28
C LEU D 444 -5.09 -25.42 4.98
N SER D 445 -4.62 -24.59 5.94
CA SER D 445 -3.34 -23.89 5.78
C SER D 445 -2.26 -24.62 6.56
N ILE D 446 -1.11 -24.89 5.92
CA ILE D 446 -0.01 -25.60 6.55
C ILE D 446 0.74 -24.76 7.57
N SER D 447 0.85 -25.29 8.80
CA SER D 447 1.55 -24.61 9.88
C SER D 447 2.83 -25.38 10.30
N ALA E 25 24.65 -6.26 24.27
CA ALA E 25 25.29 -4.96 24.17
C ALA E 25 25.28 -4.15 25.48
N PHE E 26 26.38 -3.40 25.69
CA PHE E 26 26.53 -2.52 26.84
C PHE E 26 25.48 -1.40 26.75
N PHE E 27 25.30 -0.84 25.55
CA PHE E 27 24.37 0.27 25.33
C PHE E 27 22.90 -0.14 25.30
N GLN E 28 22.59 -1.45 25.43
CA GLN E 28 21.19 -1.90 25.53
C GLN E 28 20.76 -1.98 27.01
N GLN E 29 21.71 -2.30 27.92
CA GLN E 29 21.49 -2.40 29.36
C GLN E 29 21.28 -1.05 30.05
N GLN E 30 20.87 -1.08 31.34
CA GLN E 30 20.60 0.02 32.26
C GLN E 30 19.90 1.23 31.63
N GLN E 31 18.89 0.95 30.78
CA GLN E 31 18.06 1.91 30.06
C GLN E 31 18.87 2.97 29.30
N LEU E 32 20.03 2.60 28.73
CA LEU E 32 20.85 3.55 27.99
C LEU E 32 20.15 4.08 26.71
N PRO E 33 19.37 3.28 25.95
CA PRO E 33 18.61 3.87 24.83
C PRO E 33 17.63 4.95 25.30
N ALA E 34 16.95 4.74 26.42
CA ALA E 34 16.00 5.71 26.98
C ALA E 34 16.72 6.94 27.56
N ALA E 35 17.97 6.79 28.03
CA ALA E 35 18.76 7.89 28.58
C ALA E 35 19.30 8.82 27.48
N MET E 36 19.53 8.27 26.26
CA MET E 36 20.00 9.03 25.09
C MET E 36 18.91 9.92 24.47
N ALA E 37 17.62 9.69 24.81
CA ALA E 37 16.48 10.41 24.26
C ALA E 37 16.56 11.93 24.35
N ASP E 38 16.06 12.61 23.32
CA ASP E 38 16.09 14.07 23.27
C ASP E 38 14.96 14.74 24.05
N THR E 39 13.85 14.01 24.28
CA THR E 39 12.74 14.53 25.07
C THR E 39 12.39 13.55 26.19
N PHE E 40 11.75 14.04 27.23
CA PHE E 40 11.26 13.24 28.34
C PHE E 40 10.21 12.23 27.85
N LEU E 41 9.35 12.66 26.91
CA LEU E 41 8.32 11.83 26.33
C LEU E 41 8.95 10.66 25.55
N GLU E 42 9.97 10.94 24.70
CA GLU E 42 10.69 9.91 23.94
CA GLU E 42 10.63 9.87 23.96
C GLU E 42 11.41 8.96 24.92
N HIS E 43 11.92 9.50 26.05
CA HIS E 43 12.60 8.77 27.09
C HIS E 43 11.65 7.71 27.65
N LEU E 44 10.41 8.10 28.01
CA LEU E 44 9.42 7.15 28.50
C LEU E 44 9.12 6.06 27.45
N CYS E 45 8.96 6.45 26.19
CA CYS E 45 8.69 5.55 25.07
C CYS E 45 9.81 4.53 24.90
N LEU E 46 11.04 4.89 25.22
CA LEU E 46 12.19 4.01 25.04
C LEU E 46 12.49 3.09 26.22
N LEU E 47 11.73 3.17 27.33
CA LEU E 47 11.96 2.30 28.50
C LEU E 47 11.72 0.87 28.10
N ASP E 48 12.65 0.00 28.45
CA ASP E 48 12.64 -1.40 28.04
C ASP E 48 12.61 -2.33 29.24
N ILE E 49 11.59 -3.19 29.34
CA ILE E 49 11.53 -4.17 30.43
C ILE E 49 12.68 -5.21 30.31
N ASP E 50 13.19 -5.43 29.10
CA ASP E 50 14.29 -6.35 28.84
C ASP E 50 15.68 -5.74 29.03
N SER E 51 15.77 -4.43 29.34
CA SER E 51 17.02 -3.72 29.60
C SER E 51 17.35 -3.93 31.07
N GLU E 52 18.32 -4.80 31.37
CA GLU E 52 18.66 -5.12 32.76
C GLU E 52 19.52 -4.09 33.45
N PRO E 53 19.22 -3.83 34.75
CA PRO E 53 20.07 -2.86 35.49
C PRO E 53 21.45 -3.46 35.79
N VAL E 54 22.52 -2.69 35.61
CA VAL E 54 23.87 -3.18 35.86
C VAL E 54 24.51 -2.51 37.08
N ALA E 55 24.28 -1.21 37.26
CA ALA E 55 24.81 -0.47 38.38
C ALA E 55 24.29 -0.95 39.76
N ALA E 56 25.04 -0.66 40.82
CA ALA E 56 24.62 -1.02 42.17
C ALA E 56 23.46 -0.11 42.60
N ARG E 57 22.58 -0.64 43.45
CA ARG E 57 21.42 0.10 43.93
C ARG E 57 21.88 1.30 44.78
N SER E 58 21.49 2.50 44.38
CA SER E 58 21.93 3.74 45.02
C SER E 58 20.98 4.30 46.10
N THR E 59 19.65 4.08 45.99
CA THR E 59 18.71 4.56 47.01
C THR E 59 18.78 3.65 48.23
N SER E 60 19.17 4.20 49.38
CA SER E 60 19.30 3.39 50.59
C SER E 60 17.99 2.96 51.16
N ILE E 61 17.99 1.78 51.78
CA ILE E 61 16.82 1.20 52.42
C ILE E 61 16.94 1.36 53.93
N ILE E 62 15.93 1.96 54.55
CA ILE E 62 15.85 2.10 56.00
C ILE E 62 14.84 1.06 56.47
N ALA E 63 15.24 0.18 57.39
CA ALA E 63 14.34 -0.86 57.87
C ALA E 63 14.04 -0.66 59.34
N THR E 64 12.75 -0.61 59.71
CA THR E 64 12.39 -0.46 61.11
C THR E 64 12.58 -1.80 61.82
N ILE E 65 13.39 -1.81 62.89
CA ILE E 65 13.68 -3.02 63.64
C ILE E 65 12.69 -3.22 64.78
N GLY E 66 12.07 -4.40 64.80
CA GLY E 66 11.10 -4.74 65.83
C GLY E 66 11.11 -6.22 66.13
N PRO E 67 10.01 -6.73 66.70
CA PRO E 67 9.96 -8.16 67.03
C PRO E 67 10.23 -9.11 65.86
N ALA E 68 9.80 -8.72 64.65
CA ALA E 68 9.96 -9.52 63.43
C ALA E 68 11.37 -9.53 62.87
N SER E 69 12.19 -8.55 63.23
CA SER E 69 13.52 -8.39 62.67
C SER E 69 14.60 -8.14 63.72
N ARG E 70 14.43 -8.67 64.93
CA ARG E 70 15.40 -8.46 66.00
C ARG E 70 16.55 -9.47 66.10
N SER E 71 16.32 -10.75 65.71
CA SER E 71 17.37 -11.76 65.86
C SER E 71 18.60 -11.48 65.04
N VAL E 72 19.78 -11.75 65.60
CA VAL E 72 21.06 -11.55 64.92
C VAL E 72 21.10 -12.31 63.58
N GLU E 73 20.50 -13.51 63.53
CA GLU E 73 20.43 -14.31 62.31
C GLU E 73 19.53 -13.64 61.24
N ARG E 74 18.40 -13.05 61.66
CA ARG E 74 17.44 -12.37 60.80
C ARG E 74 18.10 -11.10 60.26
N LEU E 75 18.73 -10.32 61.15
CA LEU E 75 19.44 -9.11 60.79
C LEU E 75 20.55 -9.33 59.77
N LYS E 76 21.23 -10.47 59.82
CA LYS E 76 22.28 -10.82 58.86
C LYS E 76 21.67 -11.04 57.47
N GLU E 77 20.48 -11.67 57.43
CA GLU E 77 19.75 -11.88 56.17
C GLU E 77 19.27 -10.55 55.60
N MET E 78 18.89 -9.60 56.48
CA MET E 78 18.41 -8.27 56.07
CA MET E 78 18.41 -8.27 56.07
C MET E 78 19.55 -7.40 55.57
N ILE E 79 20.75 -7.56 56.13
CA ILE E 79 21.91 -6.80 55.67
C ILE E 79 22.26 -7.30 54.26
N LYS E 80 22.26 -8.62 54.07
CA LYS E 80 22.53 -9.24 52.77
C LYS E 80 21.45 -8.88 51.73
N ALA E 81 20.18 -8.73 52.18
CA ALA E 81 19.04 -8.33 51.32
C ALA E 81 19.14 -6.86 50.85
N GLY E 82 19.84 -6.02 51.62
CA GLY E 82 20.07 -4.63 51.24
C GLY E 82 19.84 -3.55 52.28
N MET E 83 19.49 -3.91 53.54
CA MET E 83 19.26 -2.89 54.57
C MET E 83 20.53 -2.05 54.82
N ASN E 84 20.39 -0.72 54.78
CA ASN E 84 21.53 0.18 54.99
C ASN E 84 21.45 0.93 56.31
N ILE E 85 20.23 1.20 56.77
CA ILE E 85 19.97 1.93 57.99
C ILE E 85 18.96 1.14 58.80
N ALA E 86 19.21 0.99 60.11
CA ALA E 86 18.29 0.31 61.02
C ALA E 86 17.56 1.38 61.83
N ARG E 87 16.23 1.42 61.74
CA ARG E 87 15.44 2.41 62.46
C ARG E 87 14.84 1.85 63.74
N LEU E 88 14.97 2.60 64.84
CA LEU E 88 14.41 2.22 66.14
C LEU E 88 13.32 3.22 66.51
N ASN E 89 12.06 2.76 66.47
CA ASN E 89 10.94 3.64 66.74
C ASN E 89 10.71 3.80 68.23
N PHE E 90 11.12 4.94 68.79
CA PHE E 90 10.95 5.18 70.21
C PHE E 90 9.51 5.51 70.63
N SER E 91 8.56 5.43 69.70
CA SER E 91 7.14 5.51 70.03
C SER E 91 6.67 4.21 70.72
N HIS E 92 7.40 3.10 70.49
CA HIS E 92 7.14 1.77 71.04
C HIS E 92 8.37 1.22 71.75
N GLY E 93 8.21 0.16 72.53
CA GLY E 93 9.31 -0.46 73.25
C GLY E 93 9.92 0.38 74.34
N SER E 94 10.93 -0.18 75.00
CA SER E 94 11.62 0.50 76.10
C SER E 94 13.09 0.75 75.75
N HIS E 95 13.82 1.47 76.61
CA HIS E 95 15.24 1.71 76.43
C HIS E 95 15.99 0.37 76.47
N GLU E 96 15.59 -0.54 77.37
CA GLU E 96 16.20 -1.86 77.50
C GLU E 96 16.00 -2.68 76.21
N TYR E 97 14.78 -2.61 75.64
CA TYR E 97 14.39 -3.28 74.41
C TYR E 97 15.20 -2.77 73.20
N HIS E 98 15.25 -1.44 73.02
CA HIS E 98 15.97 -0.82 71.92
C HIS E 98 17.47 -0.98 72.03
N ALA E 99 18.02 -1.00 73.26
CA ALA E 99 19.45 -1.23 73.44
C ALA E 99 19.83 -2.65 73.00
N GLU E 100 18.92 -3.63 73.24
CA GLU E 100 19.13 -5.01 72.85
C GLU E 100 19.12 -5.12 71.33
N SER E 101 18.16 -4.41 70.67
CA SER E 101 18.06 -4.34 69.22
C SER E 101 19.36 -3.77 68.63
N ILE E 102 19.88 -2.64 69.17
CA ILE E 102 21.12 -2.00 68.74
C ILE E 102 22.28 -2.99 68.81
N ALA E 103 22.38 -3.73 69.93
CA ALA E 103 23.42 -4.71 70.18
C ALA E 103 23.38 -5.83 69.13
N ASN E 104 22.17 -6.28 68.77
CA ASN E 104 21.93 -7.33 67.79
C ASN E 104 22.30 -6.88 66.39
N VAL E 105 21.94 -5.63 66.05
CA VAL E 105 22.27 -5.02 64.77
C VAL E 105 23.79 -4.93 64.65
N ARG E 106 24.46 -4.40 65.69
CA ARG E 106 25.91 -4.26 65.71
C ARG E 106 26.62 -5.59 65.62
N GLU E 107 26.07 -6.62 66.26
CA GLU E 107 26.62 -7.98 66.20
C GLU E 107 26.51 -8.56 64.78
N ALA E 108 25.34 -8.39 64.15
CA ALA E 108 25.11 -8.87 62.79
C ALA E 108 25.99 -8.11 61.79
N VAL E 109 26.19 -6.79 61.99
CA VAL E 109 27.03 -5.97 61.11
C VAL E 109 28.48 -6.38 61.22
N GLU E 110 28.96 -6.55 62.47
CA GLU E 110 30.35 -6.92 62.72
C GLU E 110 30.69 -8.35 62.35
N SER E 111 29.69 -9.20 62.11
CA SER E 111 29.95 -10.56 61.66
C SER E 111 30.62 -10.58 60.24
N PHE E 112 30.52 -9.48 59.48
CA PHE E 112 31.12 -9.37 58.16
C PHE E 112 32.42 -8.52 58.15
N ALA E 113 32.87 -7.99 59.32
CA ALA E 113 34.06 -7.15 59.43
C ALA E 113 35.39 -7.84 59.16
N GLY E 114 35.37 -9.18 59.10
CA GLY E 114 36.54 -10.00 58.83
C GLY E 114 37.13 -9.78 57.45
N SER E 115 36.27 -9.42 56.49
CA SER E 115 36.70 -9.14 55.14
C SER E 115 36.40 -7.63 54.88
N PRO E 116 37.35 -6.71 55.20
CA PRO E 116 37.08 -5.26 55.04
C PRO E 116 36.83 -4.77 53.60
N LEU E 117 37.21 -5.59 52.60
CA LEU E 117 36.95 -5.27 51.19
C LEU E 117 35.47 -5.51 50.81
N SER E 118 34.72 -6.29 51.61
CA SER E 118 33.31 -6.55 51.36
C SER E 118 32.37 -6.15 52.54
N TYR E 119 32.94 -5.59 53.61
CA TYR E 119 32.18 -5.15 54.80
C TYR E 119 31.22 -4.01 54.45
N ARG E 120 29.97 -4.16 54.90
CA ARG E 120 28.95 -3.16 54.66
C ARG E 120 28.52 -2.45 55.96
N PRO E 121 28.90 -1.16 56.10
CA PRO E 121 28.46 -0.41 57.30
C PRO E 121 26.95 -0.22 57.34
N VAL E 122 26.34 -0.22 58.54
CA VAL E 122 24.89 -0.01 58.67
C VAL E 122 24.65 1.11 59.68
N ALA E 123 23.97 2.19 59.27
CA ALA E 123 23.67 3.27 60.19
C ALA E 123 22.59 2.87 61.19
N ILE E 124 22.56 3.54 62.35
CA ILE E 124 21.54 3.28 63.36
C ILE E 124 20.81 4.59 63.63
N ALA E 125 19.50 4.60 63.38
CA ALA E 125 18.71 5.79 63.52
C ALA E 125 17.65 5.69 64.59
N LEU E 126 17.51 6.74 65.38
CA LEU E 126 16.50 6.80 66.43
C LEU E 126 15.34 7.65 65.97
N ASP E 127 14.14 7.08 65.91
CA ASP E 127 12.96 7.84 65.54
C ASP E 127 12.26 8.26 66.84
N THR E 128 12.23 9.57 67.16
CA THR E 128 11.63 10.05 68.41
C THR E 128 10.10 9.88 68.46
N LYS E 129 9.52 9.88 69.67
CA LYS E 129 8.08 9.75 69.86
C LYS E 129 7.35 11.05 69.43
N GLY E 130 7.96 12.20 69.70
CA GLY E 130 7.40 13.47 69.31
C GLY E 130 6.78 14.24 70.45
N PRO E 131 6.33 15.47 70.19
CA PRO E 131 5.72 16.27 71.25
C PRO E 131 4.24 15.99 71.51
N GLY E 136 6.48 22.32 73.25
CA GLY E 136 7.85 22.10 72.78
C GLY E 136 8.34 20.68 72.90
N LEU E 137 9.67 20.49 73.09
CA LEU E 137 10.28 19.16 73.21
C LEU E 137 9.79 18.41 74.44
N SER E 138 9.19 17.22 74.24
CA SER E 138 8.66 16.45 75.35
C SER E 138 9.78 15.92 76.28
N GLU E 139 9.44 15.62 77.54
CA GLU E 139 10.44 15.12 78.48
C GLU E 139 10.91 13.72 78.12
N GLN E 140 10.02 12.89 77.55
CA GLN E 140 10.39 11.55 77.08
C GLN E 140 11.40 11.68 75.94
N ASP E 141 11.21 12.66 75.04
CA ASP E 141 12.13 12.91 73.93
C ASP E 141 13.51 13.26 74.43
N VAL E 142 13.60 14.07 75.50
CA VAL E 142 14.91 14.43 76.07
C VAL E 142 15.63 13.19 76.58
N ARG E 143 14.89 12.30 77.26
CA ARG E 143 15.43 11.06 77.79
C ARG E 143 15.87 10.10 76.69
N ASP E 144 15.07 10.00 75.61
CA ASP E 144 15.37 9.14 74.47
C ASP E 144 16.54 9.68 73.66
N LEU E 145 16.63 11.01 73.50
CA LEU E 145 17.72 11.64 72.80
C LEU E 145 19.03 11.44 73.55
N ARG E 146 18.99 11.56 74.88
CA ARG E 146 20.18 11.29 75.70
C ARG E 146 20.59 9.81 75.57
N PHE E 147 19.61 8.90 75.44
CA PHE E 147 19.84 7.48 75.24
C PHE E 147 20.59 7.28 73.92
N GLY E 148 20.13 7.93 72.87
CA GLY E 148 20.73 7.83 71.54
C GLY E 148 22.18 8.25 71.53
N VAL E 149 22.49 9.36 72.22
CA VAL E 149 23.87 9.85 72.32
C VAL E 149 24.73 8.82 73.03
N GLU E 150 24.24 8.31 74.17
CA GLU E 150 24.92 7.30 74.97
C GLU E 150 25.14 6.00 74.25
N HIS E 151 24.24 5.66 73.33
CA HIS E 151 24.36 4.43 72.57
C HIS E 151 25.01 4.60 71.19
N GLY E 152 25.47 5.82 70.86
CA GLY E 152 26.17 6.10 69.62
C GLY E 152 25.37 6.00 68.34
N VAL E 153 24.12 6.50 68.37
CA VAL E 153 23.30 6.49 67.16
C VAL E 153 23.85 7.50 66.15
N ASP E 154 23.63 7.22 64.88
CA ASP E 154 24.16 8.05 63.81
C ASP E 154 23.16 9.12 63.39
N ILE E 155 21.88 8.76 63.32
CA ILE E 155 20.83 9.65 62.84
C ILE E 155 19.67 9.75 63.85
N VAL E 156 18.97 10.89 63.83
CA VAL E 156 17.77 11.10 64.61
C VAL E 156 16.67 11.51 63.63
N PHE E 157 15.57 10.76 63.60
CA PHE E 157 14.42 11.15 62.80
C PHE E 157 13.55 11.86 63.82
N ALA E 158 13.61 13.20 63.82
CA ALA E 158 12.86 14.01 64.78
C ALA E 158 11.40 14.13 64.39
N SER E 159 10.50 13.52 65.17
CA SER E 159 9.07 13.54 64.90
C SER E 159 8.40 14.91 65.04
N PHE E 160 7.35 15.13 64.23
CA PHE E 160 6.52 16.33 64.20
C PHE E 160 7.31 17.65 64.27
N VAL E 161 8.29 17.84 63.38
CA VAL E 161 9.04 19.09 63.35
C VAL E 161 8.12 20.12 62.69
N ARG E 162 7.79 21.20 63.42
CA ARG E 162 6.88 22.23 62.94
C ARG E 162 7.54 23.58 62.62
N LYS E 163 8.72 23.83 63.18
CA LYS E 163 9.45 25.08 62.96
C LYS E 163 10.95 24.88 63.18
N ALA E 164 11.78 25.87 62.82
CA ALA E 164 13.23 25.77 63.01
C ALA E 164 13.66 25.66 64.49
N SER E 165 12.89 26.25 65.41
CA SER E 165 13.21 26.18 66.85
C SER E 165 13.11 24.74 67.38
N ASP E 166 12.24 23.90 66.78
CA ASP E 166 12.08 22.50 67.13
C ASP E 166 13.37 21.75 66.86
N VAL E 167 14.03 22.04 65.73
CA VAL E 167 15.29 21.41 65.34
C VAL E 167 16.38 21.80 66.35
N ALA E 168 16.43 23.08 66.72
CA ALA E 168 17.39 23.62 67.66
C ALA E 168 17.24 22.96 69.02
N ALA E 169 15.99 22.73 69.45
CA ALA E 169 15.69 22.06 70.71
C ALA E 169 16.21 20.62 70.71
N VAL E 170 16.13 19.92 69.58
CA VAL E 170 16.63 18.56 69.45
C VAL E 170 18.17 18.55 69.46
N ARG E 171 18.77 19.52 68.77
CA ARG E 171 20.21 19.68 68.73
C ARG E 171 20.76 19.94 70.14
N ALA E 172 20.05 20.77 70.93
CA ALA E 172 20.41 21.11 72.31
C ALA E 172 20.31 19.87 73.21
N ALA E 173 19.24 19.08 73.06
CA ALA E 173 19.03 17.85 73.83
C ALA E 173 20.09 16.77 73.53
N LEU E 174 20.73 16.83 72.36
CA LEU E 174 21.82 15.90 72.04
C LEU E 174 23.13 16.29 72.78
N GLY E 175 23.21 17.52 73.27
CA GLY E 175 24.35 18.00 74.05
C GLY E 175 25.62 18.17 73.26
N PRO E 176 26.74 18.39 73.98
CA PRO E 176 28.03 18.57 73.28
C PRO E 176 28.58 17.30 72.63
N GLU E 177 28.24 16.14 73.21
CA GLU E 177 28.72 14.86 72.70
C GLU E 177 27.95 14.37 71.48
N GLY E 178 26.71 14.82 71.31
CA GLY E 178 25.88 14.43 70.18
C GLY E 178 25.91 15.43 69.04
N HIS E 179 27.03 16.14 68.89
CA HIS E 179 27.18 17.13 67.84
C HIS E 179 27.34 16.48 66.44
N GLY E 180 27.86 15.25 66.39
CA GLY E 180 28.07 14.54 65.13
C GLY E 180 26.84 13.84 64.56
N ILE E 181 25.79 13.66 65.39
CA ILE E 181 24.57 12.99 64.95
C ILE E 181 23.82 13.83 63.91
N LYS E 182 23.22 13.18 62.90
CA LYS E 182 22.47 13.85 61.84
C LYS E 182 21.02 14.02 62.24
N ILE E 183 20.46 15.21 62.05
CA ILE E 183 19.05 15.44 62.37
C ILE E 183 18.21 15.48 61.11
N ILE E 184 17.40 14.46 60.91
CA ILE E 184 16.49 14.36 59.78
C ILE E 184 15.11 14.74 60.29
N SER E 185 14.64 15.94 59.95
CA SER E 185 13.34 16.42 60.42
C SER E 185 12.17 15.73 59.73
N LYS E 186 11.27 15.12 60.50
CA LYS E 186 10.09 14.49 59.95
C LYS E 186 9.00 15.54 59.75
N ILE E 187 8.53 15.70 58.50
CA ILE E 187 7.45 16.63 58.19
C ILE E 187 6.17 15.80 58.22
N GLU E 188 5.32 16.01 59.25
CA GLU E 188 4.13 15.20 59.47
C GLU E 188 2.82 15.98 59.50
N ASN E 189 2.85 17.31 59.33
CA ASN E 189 1.61 18.12 59.41
C ASN E 189 1.64 19.36 58.50
N HIS E 190 0.52 20.11 58.45
CA HIS E 190 0.43 21.32 57.62
C HIS E 190 1.44 22.42 58.01
N GLU E 191 1.71 22.61 59.32
CA GLU E 191 2.67 23.63 59.74
C GLU E 191 4.07 23.29 59.26
N GLY E 192 4.45 22.02 59.32
CA GLY E 192 5.75 21.55 58.87
C GLY E 192 5.93 21.79 57.38
N VAL E 193 4.86 21.56 56.61
CA VAL E 193 4.88 21.77 55.17
C VAL E 193 4.97 23.24 54.84
N LYS E 194 4.24 24.09 55.59
CA LYS E 194 4.26 25.52 55.35
C LYS E 194 5.57 26.19 55.78
N ARG E 195 6.20 25.72 56.86
CA ARG E 195 7.48 26.27 57.30
C ARG E 195 8.66 25.42 56.83
N PHE E 196 8.48 24.60 55.77
CA PHE E 196 9.49 23.69 55.23
C PHE E 196 10.87 24.32 54.99
N ASP E 197 10.91 25.48 54.34
CA ASP E 197 12.17 26.11 54.00
C ASP E 197 13.01 26.46 55.20
N GLU E 198 12.39 26.97 56.27
CA GLU E 198 13.14 27.32 57.47
C GLU E 198 13.63 26.08 58.23
N ILE E 199 12.86 24.98 58.15
CA ILE E 199 13.16 23.72 58.79
C ILE E 199 14.33 23.06 58.05
N LEU E 200 14.27 23.01 56.71
CA LEU E 200 15.32 22.40 55.90
C LEU E 200 16.65 23.13 56.09
N GLU E 201 16.62 24.46 56.20
CA GLU E 201 17.82 25.26 56.38
C GLU E 201 18.63 24.83 57.59
N VAL E 202 17.95 24.51 58.70
CA VAL E 202 18.64 24.11 59.92
C VAL E 202 18.75 22.59 60.12
N SER E 203 18.15 21.77 59.24
CA SER E 203 18.21 20.32 59.33
C SER E 203 19.29 19.74 58.43
N ASP E 204 19.69 18.51 58.71
CA ASP E 204 20.64 17.80 57.86
C ASP E 204 19.94 17.15 56.65
N GLY E 205 18.64 16.87 56.81
CA GLY E 205 17.78 16.28 55.81
C GLY E 205 16.33 16.24 56.27
N ILE E 206 15.46 15.66 55.44
CA ILE E 206 14.02 15.60 55.73
C ILE E 206 13.45 14.17 55.53
N MET E 207 12.40 13.83 56.30
CA MET E 207 11.66 12.60 56.07
C MET E 207 10.23 13.01 55.74
N VAL E 208 9.68 12.45 54.65
CA VAL E 208 8.30 12.69 54.28
C VAL E 208 7.52 11.61 55.02
N ALA E 209 7.05 11.98 56.23
CA ALA E 209 6.31 11.11 57.14
C ALA E 209 4.86 11.05 56.74
N ARG E 210 4.58 10.24 55.70
CA ARG E 210 3.28 10.13 55.04
C ARG E 210 2.13 9.62 55.87
N GLY E 211 2.42 8.84 56.92
CA GLY E 211 1.39 8.31 57.83
C GLY E 211 0.59 9.43 58.48
N ASP E 212 1.27 10.27 59.30
CA ASP E 212 0.64 11.40 59.95
C ASP E 212 0.27 12.48 58.96
N LEU E 213 1.09 12.67 57.92
CA LEU E 213 0.82 13.67 56.90
C LEU E 213 -0.51 13.39 56.19
N GLY E 214 -0.81 12.12 55.94
CA GLY E 214 -2.06 11.68 55.31
C GLY E 214 -3.29 11.85 56.16
N ILE E 215 -3.10 12.10 57.47
CA ILE E 215 -4.15 12.32 58.44
C ILE E 215 -4.31 13.84 58.70
N GLU E 216 -3.17 14.57 58.79
CA GLU E 216 -3.13 16.00 59.07
C GLU E 216 -3.59 16.83 57.90
N ILE E 217 -3.25 16.39 56.67
CA ILE E 217 -3.69 17.07 55.44
C ILE E 217 -4.56 16.08 54.62
N PRO E 218 -5.38 16.55 53.66
CA PRO E 218 -6.20 15.62 52.86
C PRO E 218 -5.33 14.54 52.22
N ALA E 219 -5.79 13.29 52.31
CA ALA E 219 -5.04 12.14 51.79
C ALA E 219 -4.61 12.32 50.32
N GLU E 220 -5.46 12.98 49.52
CA GLU E 220 -5.23 13.21 48.11
C GLU E 220 -4.22 14.33 47.82
N LYS E 221 -3.74 15.04 48.85
CA LYS E 221 -2.76 16.11 48.69
C LYS E 221 -1.35 15.70 49.10
N VAL E 222 -1.17 14.51 49.73
CA VAL E 222 0.13 14.07 50.21
C VAL E 222 1.19 13.95 49.09
N PHE E 223 0.78 13.47 47.89
CA PHE E 223 1.73 13.35 46.78
C PHE E 223 2.34 14.71 46.38
N LEU E 224 1.59 15.81 46.59
CA LEU E 224 2.05 17.15 46.28
C LEU E 224 3.13 17.54 47.25
N ALA E 225 2.90 17.29 48.55
CA ALA E 225 3.86 17.56 49.61
C ALA E 225 5.11 16.71 49.39
N GLN E 226 4.94 15.42 49.04
CA GLN E 226 6.08 14.54 48.81
C GLN E 226 6.95 15.04 47.67
N LYS E 227 6.35 15.23 46.49
CA LYS E 227 7.06 15.69 45.31
C LYS E 227 7.74 17.05 45.49
N MET E 228 7.08 17.98 46.23
CA MET E 228 7.62 19.31 46.52
C MET E 228 8.82 19.20 47.47
N MET E 229 8.70 18.44 48.55
CA MET E 229 9.77 18.31 49.51
C MET E 229 10.97 17.64 48.91
N ILE E 230 10.75 16.58 48.11
CA ILE E 230 11.85 15.88 47.45
C ILE E 230 12.60 16.83 46.50
N GLY E 231 11.86 17.56 45.68
CA GLY E 231 12.45 18.51 44.75
C GLY E 231 13.28 19.59 45.43
N ARG E 232 12.76 20.14 46.54
CA ARG E 232 13.48 21.16 47.30
C ARG E 232 14.72 20.63 47.99
N CYS E 233 14.67 19.37 48.50
CA CYS E 233 15.82 18.74 49.10
C CYS E 233 16.86 18.44 48.05
N ASN E 234 16.43 18.03 46.83
CA ASN E 234 17.33 17.77 45.71
C ASN E 234 18.04 19.07 45.33
N LEU E 235 17.28 20.17 45.29
CA LEU E 235 17.78 21.50 44.98
C LEU E 235 18.82 21.91 46.03
N ALA E 236 18.52 21.68 47.33
CA ALA E 236 19.38 22.03 48.47
C ALA E 236 20.61 21.11 48.64
N GLY E 237 20.59 19.94 48.00
CA GLY E 237 21.65 18.96 48.12
C GLY E 237 21.60 18.23 49.45
N LYS E 238 20.42 18.16 50.10
CA LYS E 238 20.26 17.49 51.40
C LYS E 238 19.44 16.20 51.27
N PRO E 239 19.79 15.15 52.04
CA PRO E 239 19.03 13.90 51.93
C PRO E 239 17.54 14.00 52.24
N VAL E 240 16.73 13.29 51.45
CA VAL E 240 15.29 13.23 51.65
C VAL E 240 14.85 11.75 51.69
N VAL E 241 14.07 11.38 52.73
CA VAL E 241 13.57 10.02 52.91
C VAL E 241 12.07 9.96 52.59
N CYS E 242 11.65 8.93 51.85
CA CYS E 242 10.22 8.72 51.62
C CYS E 242 9.82 7.60 52.57
N ALA E 243 8.81 7.83 53.39
CA ALA E 243 8.43 6.86 54.39
C ALA E 243 6.93 6.54 54.43
N THR E 244 6.58 5.35 55.01
CA THR E 244 5.28 4.83 55.41
C THR E 244 4.37 4.26 54.31
N GLN E 245 3.95 3.00 54.50
CA GLN E 245 3.00 2.23 53.70
C GLN E 245 3.50 1.93 52.30
N MET E 246 4.82 1.99 52.05
CA MET E 246 5.38 1.74 50.73
C MET E 246 5.08 0.34 50.21
N LEU E 247 5.17 -0.69 51.07
CA LEU E 247 4.88 -2.09 50.73
C LEU E 247 3.95 -2.69 51.81
N GLU E 248 3.01 -1.89 52.32
CA GLU E 248 2.10 -2.26 53.41
C GLU E 248 1.52 -3.68 53.35
N SER E 249 0.96 -4.12 52.21
CA SER E 249 0.34 -5.44 52.07
C SER E 249 1.29 -6.57 52.43
N MET E 250 2.62 -6.36 52.28
CA MET E 250 3.66 -7.33 52.57
C MET E 250 3.81 -7.66 54.07
N ILE E 251 3.14 -6.90 54.97
CA ILE E 251 3.08 -7.22 56.40
C ILE E 251 2.42 -8.60 56.57
N THR E 252 1.40 -8.92 55.75
CA THR E 252 0.72 -10.20 55.76
C THR E 252 0.92 -11.05 54.49
N LYS E 253 1.23 -10.43 53.33
CA LYS E 253 1.35 -11.16 52.05
C LYS E 253 2.77 -11.20 51.52
N PRO E 254 3.17 -12.30 50.84
CA PRO E 254 4.57 -12.40 50.38
C PRO E 254 4.96 -11.48 49.21
N ARG E 255 3.95 -11.03 48.44
CA ARG E 255 4.15 -10.18 47.27
C ARG E 255 3.34 -8.90 47.46
N PRO E 256 3.82 -7.76 46.90
CA PRO E 256 3.08 -6.51 47.08
C PRO E 256 2.02 -6.26 46.00
N THR E 257 1.25 -5.18 46.18
CA THR E 257 0.24 -4.81 45.19
C THR E 257 0.89 -4.01 44.03
N ARG E 258 0.13 -3.82 42.94
CA ARG E 258 0.62 -3.06 41.79
C ARG E 258 0.88 -1.62 42.18
N ALA E 259 0.05 -1.05 43.09
CA ALA E 259 0.20 0.29 43.60
C ALA E 259 1.46 0.46 44.45
N GLU E 260 1.79 -0.57 45.23
CA GLU E 260 2.94 -0.56 46.11
C GLU E 260 4.25 -0.52 45.36
N THR E 261 4.42 -1.40 44.35
CA THR E 261 5.65 -1.40 43.55
C THR E 261 5.79 -0.07 42.81
N SER E 262 4.66 0.46 42.30
CA SER E 262 4.59 1.75 41.65
C SER E 262 5.05 2.86 42.59
N ASP E 263 4.55 2.88 43.82
CA ASP E 263 4.89 3.89 44.81
C ASP E 263 6.40 3.94 45.10
N VAL E 264 7.03 2.75 45.27
CA VAL E 264 8.45 2.66 45.53
C VAL E 264 9.23 3.18 44.32
N ALA E 265 8.86 2.72 43.12
CA ALA E 265 9.51 3.15 41.89
C ALA E 265 9.41 4.64 41.69
N ASN E 266 8.25 5.21 42.03
CA ASN E 266 8.01 6.63 41.87
C ASN E 266 8.71 7.46 42.93
N ALA E 267 8.93 6.94 44.15
CA ALA E 267 9.68 7.68 45.17
C ALA E 267 11.12 7.89 44.66
N VAL E 268 11.69 6.85 44.03
CA VAL E 268 13.04 6.89 43.47
C VAL E 268 13.03 7.89 42.31
N LEU E 269 12.07 7.75 41.37
CA LEU E 269 11.95 8.66 40.24
C LEU E 269 11.71 10.11 40.67
N ASP E 270 11.06 10.33 41.82
CA ASP E 270 10.83 11.65 42.41
C ASP E 270 12.16 12.30 42.81
N GLY E 271 13.11 11.49 43.27
CA GLY E 271 14.43 11.95 43.66
C GLY E 271 14.78 11.65 45.10
N ALA E 272 14.05 10.72 45.75
CA ALA E 272 14.29 10.36 47.14
C ALA E 272 15.66 9.71 47.32
N ASP E 273 16.38 10.12 48.37
CA ASP E 273 17.68 9.53 48.66
C ASP E 273 17.49 8.16 49.35
N CYS E 274 16.49 8.07 50.25
CA CYS E 274 16.19 6.86 51.00
C CYS E 274 14.72 6.49 50.91
N ILE E 275 14.46 5.19 50.97
CA ILE E 275 13.12 4.63 51.05
C ILE E 275 13.03 3.82 52.35
N MET E 276 11.85 3.80 52.98
CA MET E 276 11.71 3.17 54.28
C MET E 276 10.67 2.06 54.37
N LEU E 277 10.90 1.15 55.32
CA LEU E 277 9.99 0.06 55.66
C LEU E 277 9.67 0.20 57.15
N SER E 278 8.37 0.26 57.49
CA SER E 278 7.97 0.40 58.89
C SER E 278 7.44 -0.95 59.42
N GLY E 279 6.12 -1.14 59.44
CA GLY E 279 5.48 -2.37 59.89
C GLY E 279 5.91 -3.57 59.09
N GLU E 280 6.27 -3.36 57.80
CA GLU E 280 6.71 -4.40 56.89
C GLU E 280 7.93 -5.15 57.46
N THR E 281 8.86 -4.44 58.14
CA THR E 281 10.03 -5.08 58.75
C THR E 281 9.95 -5.20 60.27
N ALA E 282 9.23 -4.28 60.94
CA ALA E 282 9.13 -4.29 62.39
C ALA E 282 8.24 -5.39 62.95
N LYS E 283 7.08 -5.63 62.34
CA LYS E 283 6.13 -6.62 62.85
C LYS E 283 5.61 -7.62 61.80
N GLY E 284 5.95 -7.42 60.53
CA GLY E 284 5.44 -8.22 59.43
C GLY E 284 5.99 -9.63 59.32
N ASN E 285 5.28 -10.47 58.55
CA ASN E 285 5.65 -11.86 58.32
C ASN E 285 6.72 -12.06 57.27
N PHE E 286 7.02 -11.02 56.45
CA PHE E 286 8.03 -11.13 55.39
C PHE E 286 9.05 -9.94 55.42
N PRO E 287 9.79 -9.70 56.53
CA PRO E 287 10.70 -8.55 56.58
C PRO E 287 11.86 -8.61 55.60
N VAL E 288 12.41 -9.80 55.39
CA VAL E 288 13.54 -9.95 54.45
C VAL E 288 13.04 -9.80 52.99
N GLU E 289 11.83 -10.31 52.72
CA GLU E 289 11.22 -10.26 51.41
C GLU E 289 10.87 -8.80 51.03
N ALA E 290 10.48 -7.97 52.04
CA ALA E 290 10.16 -6.56 51.86
C ALA E 290 11.41 -5.78 51.46
N VAL E 291 12.56 -6.08 52.12
CA VAL E 291 13.85 -5.43 51.83
C VAL E 291 14.27 -5.81 50.41
N LYS E 292 14.16 -7.10 50.09
CA LYS E 292 14.51 -7.61 48.77
C LYS E 292 13.69 -6.95 47.68
N MET E 293 12.40 -6.72 47.96
CA MET E 293 11.49 -6.10 47.02
C MET E 293 11.87 -4.64 46.79
N GLN E 294 12.14 -3.87 47.87
CA GLN E 294 12.57 -2.48 47.73
C GLN E 294 13.86 -2.40 46.96
N HIS E 295 14.80 -3.33 47.21
CA HIS E 295 16.06 -3.36 46.50
C HIS E 295 15.85 -3.58 44.99
N ALA E 296 15.00 -4.57 44.62
CA ALA E 296 14.70 -4.92 43.24
C ALA E 296 14.08 -3.74 42.45
N ILE E 297 13.12 -3.04 43.07
CA ILE E 297 12.43 -1.92 42.44
C ILE E 297 13.35 -0.72 42.30
N ALA E 298 14.10 -0.38 43.37
CA ALA E 298 15.00 0.78 43.33
C ALA E 298 16.01 0.70 42.20
N ARG E 299 16.59 -0.50 42.00
CA ARG E 299 17.54 -0.74 40.91
C ARG E 299 16.92 -0.43 39.55
N GLU E 300 15.69 -0.91 39.31
CA GLU E 300 14.99 -0.70 38.06
C GLU E 300 14.69 0.80 37.85
N ALA E 301 14.21 1.47 38.91
CA ALA E 301 13.83 2.87 38.89
C ALA E 301 15.03 3.81 38.71
N GLU E 302 16.19 3.49 39.28
CA GLU E 302 17.39 4.31 39.14
C GLU E 302 17.89 4.29 37.71
N ALA E 303 17.82 3.11 37.05
CA ALA E 303 18.23 2.99 35.65
C ALA E 303 17.29 3.82 34.72
N ALA E 304 16.01 3.93 35.08
CA ALA E 304 14.99 4.65 34.34
C ALA E 304 14.97 6.17 34.61
N VAL E 305 15.87 6.69 35.44
CA VAL E 305 15.94 8.13 35.70
C VAL E 305 16.44 8.83 34.41
N TYR E 306 15.79 9.94 34.02
CA TYR E 306 16.19 10.69 32.82
C TYR E 306 17.31 11.64 33.21
N HIS E 307 18.55 11.12 33.32
CA HIS E 307 19.72 11.88 33.74
C HIS E 307 20.01 13.09 32.89
N ARG E 308 19.71 13.04 31.59
CA ARG E 308 19.96 14.16 30.69
C ARG E 308 19.29 15.46 31.18
N GLN E 309 17.99 15.40 31.43
CA GLN E 309 17.26 16.54 31.93
C GLN E 309 17.63 16.82 33.38
N LEU E 310 17.70 15.76 34.20
CA LEU E 310 18.00 15.88 35.62
C LEU E 310 19.32 16.61 35.90
N PHE E 311 20.44 16.16 35.31
CA PHE E 311 21.74 16.79 35.50
C PHE E 311 21.72 18.21 35.03
N GLU E 312 21.15 18.46 33.85
CA GLU E 312 21.06 19.80 33.32
C GLU E 312 20.28 20.75 34.22
N GLU E 313 19.17 20.29 34.78
CA GLU E 313 18.35 21.10 35.67
C GLU E 313 19.03 21.33 36.99
N LEU E 314 19.72 20.30 37.53
CA LEU E 314 20.48 20.41 38.78
C LEU E 314 21.64 21.36 38.60
N ARG E 315 22.37 21.18 37.50
CA ARG E 315 23.49 21.97 37.01
C ARG E 315 23.08 23.44 36.93
N ARG E 316 21.95 23.74 36.28
CA ARG E 316 21.47 25.10 36.06
C ARG E 316 21.04 25.73 37.36
N ALA E 317 20.25 25.00 38.15
CA ALA E 317 19.73 25.52 39.41
C ALA E 317 20.76 25.74 40.49
N ALA E 318 21.81 24.88 40.56
CA ALA E 318 22.87 24.99 41.58
C ALA E 318 23.61 26.28 41.41
N PRO E 319 23.78 27.06 42.50
CA PRO E 319 24.41 28.37 42.39
C PRO E 319 25.88 28.33 42.07
N LEU E 320 26.44 29.47 41.61
CA LEU E 320 27.87 29.60 41.35
C LEU E 320 28.60 29.45 42.67
N SER E 321 29.75 28.78 42.64
CA SER E 321 30.47 28.54 43.87
C SER E 321 31.92 28.82 43.75
N ARG E 322 32.49 29.38 44.80
CA ARG E 322 33.92 29.58 44.90
C ARG E 322 34.61 28.58 45.88
N ASP E 323 33.89 27.50 46.25
CA ASP E 323 34.36 26.44 47.11
C ASP E 323 34.95 25.38 46.21
N PRO E 324 36.24 25.09 46.37
CA PRO E 324 36.89 24.09 45.52
C PRO E 324 36.28 22.70 45.58
N THR E 325 35.65 22.35 46.71
CA THR E 325 35.02 21.05 46.84
C THR E 325 33.81 21.01 45.92
N GLU E 326 32.98 22.05 45.96
CA GLU E 326 31.79 22.16 45.11
C GLU E 326 32.21 22.24 43.64
N VAL E 327 33.26 23.02 43.34
CA VAL E 327 33.79 23.16 41.98
C VAL E 327 34.33 21.83 41.43
N THR E 328 35.11 21.12 42.23
CA THR E 328 35.64 19.82 41.84
C THR E 328 34.52 18.80 41.67
N ALA E 329 33.48 18.85 42.53
CA ALA E 329 32.36 17.93 42.46
C ALA E 329 31.61 18.01 41.12
N ILE E 330 31.31 19.22 40.63
CA ILE E 330 30.59 19.34 39.36
C ILE E 330 31.50 18.93 38.18
N GLY E 331 32.78 19.24 38.25
CA GLY E 331 33.73 18.84 37.22
C GLY E 331 33.87 17.34 37.16
N ALA E 332 33.89 16.68 38.33
CA ALA E 332 34.00 15.23 38.44
C ALA E 332 32.77 14.55 37.88
N VAL E 333 31.56 15.06 38.20
CA VAL E 333 30.31 14.49 37.72
C VAL E 333 30.21 14.68 36.20
N GLU E 334 30.60 15.84 35.69
CA GLU E 334 30.60 16.10 34.26
C GLU E 334 31.53 15.14 33.53
N ALA E 335 32.75 14.95 34.04
CA ALA E 335 33.75 14.06 33.47
C ALA E 335 33.24 12.62 33.48
N ALA E 336 32.58 12.21 34.57
CA ALA E 336 32.04 10.87 34.70
C ALA E 336 30.97 10.59 33.62
N PHE E 337 30.10 11.58 33.35
CA PHE E 337 29.07 11.42 32.32
C PHE E 337 29.70 11.30 30.93
N LYS E 338 30.75 12.08 30.64
CA LYS E 338 31.48 12.12 29.37
C LYS E 338 32.11 10.79 28.96
N CYS E 339 32.66 10.05 29.93
CA CYS E 339 33.33 8.78 29.62
C CYS E 339 32.57 7.55 30.05
N CYS E 340 31.34 7.70 30.62
CA CYS E 340 30.60 6.56 31.16
C CYS E 340 31.43 5.89 32.26
N ALA E 341 32.02 6.73 33.15
CA ALA E 341 32.87 6.27 34.25
C ALA E 341 32.13 5.25 35.10
N ALA E 342 32.80 4.14 35.44
CA ALA E 342 32.18 3.11 36.25
C ALA E 342 31.88 3.63 37.66
N ALA E 343 32.78 4.46 38.20
CA ALA E 343 32.66 4.98 39.54
C ALA E 343 33.44 6.30 39.71
N ILE E 344 33.17 7.01 40.81
CA ILE E 344 33.86 8.19 41.24
C ILE E 344 34.35 7.82 42.62
N ILE E 345 35.67 7.70 42.81
CA ILE E 345 36.22 7.33 44.11
C ILE E 345 36.60 8.61 44.81
N VAL E 346 36.03 8.85 45.98
CA VAL E 346 36.30 10.07 46.71
C VAL E 346 36.82 9.78 48.12
N LEU E 347 37.83 10.54 48.53
CA LEU E 347 38.38 10.44 49.86
C LEU E 347 37.63 11.47 50.68
N THR E 348 36.98 11.03 51.76
CA THR E 348 36.22 11.95 52.60
C THR E 348 36.44 11.66 54.10
N THR E 349 36.43 12.72 54.89
CA THR E 349 36.59 12.64 56.34
C THR E 349 35.20 12.69 56.99
N THR E 350 34.41 13.73 56.66
CA THR E 350 33.07 13.95 57.18
C THR E 350 31.93 13.41 56.27
N GLY E 351 32.28 13.07 55.03
CA GLY E 351 31.31 12.64 54.04
C GLY E 351 30.85 13.78 53.13
N ARG E 352 31.28 15.05 53.42
CA ARG E 352 30.85 16.20 52.64
C ARG E 352 31.21 16.11 51.18
N SER E 353 32.45 15.70 50.86
CA SER E 353 32.88 15.59 49.47
C SER E 353 32.01 14.62 48.68
N ALA E 354 31.62 13.52 49.31
CA ALA E 354 30.76 12.54 48.67
C ALA E 354 29.35 13.12 48.50
N GLN E 355 28.85 13.83 49.52
CA GLN E 355 27.54 14.45 49.48
C GLN E 355 27.44 15.46 48.33
N LEU E 356 28.49 16.25 48.10
CA LEU E 356 28.52 17.22 47.02
C LEU E 356 28.55 16.57 45.65
N LEU E 357 29.11 15.37 45.53
CA LEU E 357 29.11 14.65 44.25
C LEU E 357 27.69 14.12 44.00
N SER E 358 27.10 13.51 45.04
CA SER E 358 25.77 12.91 45.05
CA SER E 358 25.77 12.91 45.00
C SER E 358 24.68 13.90 44.65
N ARG E 359 24.80 15.17 45.06
CA ARG E 359 23.81 16.20 44.74
C ARG E 359 23.62 16.40 43.24
N TYR E 360 24.65 16.10 42.43
CA TYR E 360 24.51 16.22 40.98
C TYR E 360 23.99 14.94 40.31
N ARG E 361 23.53 13.97 41.10
CA ARG E 361 22.96 12.70 40.69
C ARG E 361 23.71 12.02 39.54
N PRO E 362 25.01 11.68 39.75
CA PRO E 362 25.73 10.96 38.68
C PRO E 362 25.19 9.56 38.48
N ARG E 363 25.37 9.02 37.28
CA ARG E 363 25.04 7.62 37.02
C ARG E 363 26.18 6.74 37.62
N ALA E 364 27.43 7.26 37.73
CA ALA E 364 28.56 6.55 38.31
C ALA E 364 28.42 6.44 39.82
N ALA E 365 28.82 5.29 40.39
CA ALA E 365 28.75 5.09 41.83
C ALA E 365 29.76 5.96 42.52
N VAL E 366 29.38 6.59 43.63
CA VAL E 366 30.32 7.38 44.41
C VAL E 366 30.87 6.49 45.53
N ILE E 367 32.07 5.94 45.32
CA ILE E 367 32.72 5.08 46.28
C ILE E 367 33.48 5.97 47.24
N ALA E 368 32.95 6.11 48.47
CA ALA E 368 33.55 7.02 49.45
C ALA E 368 34.44 6.27 50.43
N VAL E 369 35.75 6.53 50.37
CA VAL E 369 36.72 5.92 51.27
C VAL E 369 36.96 6.84 52.49
N THR E 370 36.64 6.33 53.67
CA THR E 370 36.77 7.12 54.89
C THR E 370 37.32 6.30 56.06
N ARG E 371 38.04 6.98 56.94
CA ARG E 371 38.49 6.36 58.18
C ARG E 371 37.44 6.52 59.30
N SER E 372 36.49 7.46 59.15
CA SER E 372 35.44 7.71 60.12
C SER E 372 34.34 6.68 59.98
N ALA E 373 34.13 5.86 61.01
CA ALA E 373 33.07 4.84 61.01
C ALA E 373 31.71 5.51 61.03
N GLN E 374 31.57 6.61 61.78
CA GLN E 374 30.30 7.31 61.85
C GLN E 374 29.95 7.95 60.49
N ALA E 375 30.92 8.59 59.81
CA ALA E 375 30.68 9.16 58.49
C ALA E 375 30.34 8.06 57.50
N ALA E 376 31.02 6.90 57.56
CA ALA E 376 30.72 5.77 56.68
C ALA E 376 29.26 5.30 56.83
N ARG E 377 28.71 5.35 58.04
CA ARG E 377 27.33 4.96 58.28
C ARG E 377 26.38 6.04 57.83
N GLN E 378 26.69 7.30 58.16
CA GLN E 378 25.87 8.45 57.83
C GLN E 378 25.77 8.77 56.32
N VAL E 379 26.78 8.39 55.51
CA VAL E 379 26.69 8.66 54.06
C VAL E 379 25.65 7.80 53.36
N HIS E 380 25.04 6.82 54.05
CA HIS E 380 23.94 6.06 53.49
C HIS E 380 22.74 6.97 53.21
N LEU E 381 22.63 8.10 53.92
CA LEU E 381 21.58 9.09 53.69
C LEU E 381 21.69 9.70 52.30
N CYS E 382 22.88 9.68 51.66
CA CYS E 382 23.14 10.24 50.33
C CYS E 382 23.04 9.22 49.21
N ARG E 383 22.14 9.48 48.26
CA ARG E 383 21.93 8.59 47.16
C ARG E 383 23.17 8.41 46.29
N GLY E 384 23.50 7.16 46.01
CA GLY E 384 24.63 6.83 45.16
C GLY E 384 25.96 6.80 45.86
N VAL E 385 26.00 6.99 47.20
CA VAL E 385 27.25 6.92 47.95
C VAL E 385 27.40 5.54 48.58
N PHE E 386 28.50 4.86 48.25
CA PHE E 386 28.86 3.52 48.70
C PHE E 386 30.05 3.64 49.64
N PRO E 387 29.79 3.64 50.96
CA PRO E 387 30.88 3.85 51.92
C PRO E 387 31.81 2.67 52.14
N LEU E 388 33.12 2.95 52.18
CA LEU E 388 34.15 1.97 52.47
C LEU E 388 34.92 2.45 53.68
N LEU E 389 34.92 1.65 54.76
CA LEU E 389 35.64 2.03 55.96
C LEU E 389 37.09 1.55 55.90
N TYR E 390 38.03 2.51 55.87
CA TYR E 390 39.46 2.27 55.81
C TYR E 390 39.96 2.06 57.25
N ARG E 391 40.63 0.91 57.49
CA ARG E 391 41.08 0.57 58.83
C ARG E 391 42.58 0.67 59.04
N GLU E 392 43.38 0.74 57.96
CA GLU E 392 44.83 0.79 58.06
C GLU E 392 45.34 2.03 58.76
N PRO E 393 46.45 1.89 59.51
CA PRO E 393 47.01 3.07 60.16
C PRO E 393 47.71 3.99 59.14
N PRO E 394 47.68 5.31 59.42
CA PRO E 394 48.28 6.26 58.46
C PRO E 394 49.72 5.99 58.06
N GLU E 395 50.03 6.19 56.76
CA GLU E 395 51.38 6.07 56.23
C GLU E 395 52.18 7.31 56.67
N ALA E 396 53.52 7.22 56.68
CA ALA E 396 54.37 8.34 57.06
C ALA E 396 54.27 9.45 56.01
N ILE E 397 54.30 9.07 54.72
CA ILE E 397 54.15 10.04 53.65
C ILE E 397 52.66 10.21 53.34
N TRP E 398 52.10 11.42 53.55
CA TRP E 398 50.68 11.67 53.29
C TRP E 398 50.25 11.31 51.89
N ALA E 399 51.05 11.64 50.87
CA ALA E 399 50.72 11.28 49.50
C ALA E 399 50.55 9.76 49.31
N ASP E 400 51.39 8.98 50.00
CA ASP E 400 51.34 7.53 49.95
C ASP E 400 50.08 6.99 50.65
N ASP E 401 49.67 7.66 51.73
CA ASP E 401 48.47 7.29 52.48
C ASP E 401 47.24 7.47 51.60
N VAL E 402 47.21 8.57 50.81
CA VAL E 402 46.15 8.90 49.88
C VAL E 402 46.05 7.81 48.82
N ASP E 403 47.18 7.45 48.18
CA ASP E 403 47.22 6.42 47.15
C ASP E 403 46.78 5.06 47.66
N ARG E 404 47.09 4.75 48.93
CA ARG E 404 46.68 3.48 49.51
C ARG E 404 45.16 3.43 49.65
N ARG E 405 44.55 4.54 50.06
CA ARG E 405 43.11 4.64 50.20
C ARG E 405 42.41 4.56 48.86
N VAL E 406 43.01 5.15 47.82
CA VAL E 406 42.47 5.10 46.45
C VAL E 406 42.53 3.67 45.94
N GLN E 407 43.65 2.98 46.21
CA GLN E 407 43.80 1.59 45.81
C GLN E 407 42.83 0.67 46.55
N PHE E 408 42.53 1.00 47.81
CA PHE E 408 41.56 0.27 48.62
C PHE E 408 40.16 0.37 47.96
N GLY E 409 39.83 1.56 47.47
CA GLY E 409 38.57 1.83 46.78
C GLY E 409 38.48 1.05 45.48
N ILE E 410 39.59 0.97 44.75
CA ILE E 410 39.63 0.21 43.49
C ILE E 410 39.47 -1.28 43.76
N GLU E 411 40.21 -1.80 44.77
CA GLU E 411 40.12 -3.21 45.11
C GLU E 411 38.73 -3.60 45.62
N SER E 412 38.10 -2.75 46.45
CA SER E 412 36.75 -3.03 46.97
C SER E 412 35.70 -3.00 45.87
N GLY E 413 35.85 -2.06 44.94
CA GLY E 413 34.94 -1.93 43.81
C GLY E 413 35.08 -3.14 42.90
N LYS E 414 36.34 -3.54 42.63
CA LYS E 414 36.62 -4.71 41.80
C LYS E 414 35.99 -5.95 42.41
N LEU E 415 36.13 -6.11 43.74
CA LEU E 415 35.59 -7.23 44.48
C LEU E 415 34.07 -7.24 44.43
N ARG E 416 33.45 -6.07 44.65
CA ARG E 416 31.99 -5.99 44.69
C ARG E 416 31.30 -5.90 43.33
N GLY E 417 32.06 -5.96 42.25
CA GLY E 417 31.48 -5.93 40.92
C GLY E 417 31.26 -4.56 40.31
N PHE E 418 31.62 -3.49 41.04
CA PHE E 418 31.50 -2.12 40.54
C PHE E 418 32.48 -1.86 39.40
N LEU E 419 33.67 -2.47 39.46
CA LEU E 419 34.72 -2.19 38.50
C LEU E 419 35.25 -3.45 37.84
N ARG E 420 35.77 -3.27 36.64
CA ARG E 420 36.46 -4.28 35.87
C ARG E 420 37.70 -3.60 35.22
N VAL E 421 38.67 -4.39 34.78
CA VAL E 421 39.88 -3.86 34.15
C VAL E 421 39.49 -3.21 32.82
N GLY E 422 39.98 -2.01 32.58
CA GLY E 422 39.63 -1.27 31.38
C GLY E 422 38.59 -0.19 31.61
N ASP E 423 37.90 -0.22 32.76
CA ASP E 423 36.92 0.80 33.12
C ASP E 423 37.62 2.13 33.39
N LEU E 424 36.89 3.23 33.26
CA LEU E 424 37.41 4.54 33.60
C LEU E 424 36.80 4.97 34.91
N VAL E 425 37.59 5.57 35.79
CA VAL E 425 37.09 6.09 37.05
C VAL E 425 37.57 7.52 37.25
N ILE E 426 36.80 8.27 38.04
CA ILE E 426 37.16 9.63 38.37
C ILE E 426 37.59 9.59 39.83
N VAL E 427 38.79 10.08 40.15
CA VAL E 427 39.28 10.06 41.53
C VAL E 427 39.30 11.46 42.12
N VAL E 428 38.54 11.68 43.18
CA VAL E 428 38.43 12.99 43.80
C VAL E 428 39.14 13.00 45.15
N THR E 429 40.21 13.83 45.25
CA THR E 429 41.06 13.99 46.44
C THR E 429 41.33 15.49 46.74
N GLY E 430 42.06 15.77 47.81
CA GLY E 430 42.44 17.12 48.20
C GLY E 430 43.93 17.36 48.17
N TRP E 431 44.36 18.63 48.42
CA TRP E 431 45.78 19.05 48.35
C TRP E 431 46.56 18.97 49.70
N ARG E 432 45.83 18.97 50.80
CA ARG E 432 46.42 18.85 52.13
C ARG E 432 45.48 18.01 53.00
N PRO E 433 45.98 17.36 54.07
CA PRO E 433 45.08 16.55 54.92
C PRO E 433 44.03 17.35 55.69
N GLY E 434 43.08 16.64 56.26
CA GLY E 434 42.00 17.26 57.00
C GLY E 434 40.79 17.52 56.14
N SER E 435 39.69 17.88 56.78
CA SER E 435 38.43 18.16 56.09
C SER E 435 38.39 19.55 55.47
N GLY E 436 37.77 19.63 54.29
CA GLY E 436 37.52 20.87 53.58
C GLY E 436 38.46 21.26 52.48
N TYR E 437 39.40 20.38 52.12
CA TYR E 437 40.43 20.72 51.13
C TYR E 437 40.36 19.95 49.83
N THR E 438 39.19 19.35 49.51
CA THR E 438 39.05 18.63 48.24
C THR E 438 39.17 19.60 47.06
N ASN E 439 40.02 19.29 46.08
CA ASN E 439 40.22 20.17 44.94
C ASN E 439 40.84 19.49 43.71
N ILE E 440 41.03 18.16 43.74
CA ILE E 440 41.68 17.46 42.65
C ILE E 440 40.77 16.41 42.06
N MET E 441 40.74 16.33 40.72
CA MET E 441 39.98 15.31 40.03
CA MET E 441 39.95 15.37 39.98
C MET E 441 40.89 14.67 38.98
N ARG E 442 40.96 13.33 39.00
CA ARG E 442 41.81 12.58 38.08
C ARG E 442 41.04 11.56 37.27
N VAL E 443 41.39 11.41 35.99
CA VAL E 443 40.76 10.38 35.15
C VAL E 443 41.70 9.19 35.10
N LEU E 444 41.27 8.06 35.65
CA LEU E 444 42.10 6.88 35.80
C LEU E 444 41.56 5.65 35.12
N SER E 445 42.41 4.91 34.40
CA SER E 445 41.99 3.67 33.76
CA SER E 445 41.99 3.67 33.76
C SER E 445 42.27 2.51 34.72
N ILE E 446 41.31 1.62 34.93
CA ILE E 446 41.46 0.46 35.81
C ILE E 446 42.39 -0.59 35.22
N SER E 447 43.43 -0.96 35.98
CA SER E 447 44.40 -1.97 35.56
C SER E 447 44.34 -3.24 36.42
N ALA F 13 18.93 33.66 42.35
CA ALA F 13 19.33 32.82 43.49
C ALA F 13 20.57 31.98 43.18
N ASP F 14 20.78 31.62 41.88
CA ASP F 14 21.99 30.86 41.46
C ASP F 14 23.27 31.74 41.43
N VAL F 15 23.14 33.05 41.66
CA VAL F 15 24.27 33.97 41.73
C VAL F 15 24.20 34.83 42.99
N ALA F 16 23.25 34.61 43.93
CA ALA F 16 23.07 35.46 45.09
C ALA F 16 24.32 35.60 45.99
N GLN F 17 24.92 34.48 46.42
CA GLN F 17 26.11 34.54 47.27
C GLN F 17 27.31 35.04 46.51
N LEU F 18 27.48 34.56 45.25
CA LEU F 18 28.60 35.03 44.47
C LEU F 18 28.49 36.51 44.13
N THR F 19 27.27 37.05 44.07
CA THR F 19 27.03 38.49 43.85
C THR F 19 27.40 39.27 45.13
N GLN F 20 27.14 38.70 46.30
CA GLN F 20 27.51 39.29 47.57
C GLN F 20 29.03 39.34 47.68
N GLU F 21 29.70 38.24 47.30
CA GLU F 21 31.14 38.11 47.37
C GLU F 21 31.89 38.94 46.35
N LEU F 22 31.61 38.74 45.06
CA LEU F 22 32.32 39.45 43.98
C LEU F 22 31.86 40.89 43.76
N GLY F 23 30.63 41.19 44.17
CA GLY F 23 30.08 42.53 44.01
C GLY F 23 29.14 42.69 42.86
N THR F 24 28.25 43.68 42.94
CA THR F 24 27.30 43.94 41.87
C THR F 24 28.02 44.45 40.64
N ALA F 25 29.06 45.28 40.82
CA ALA F 25 29.78 45.84 39.69
C ALA F 25 30.43 44.77 38.85
N PHE F 26 30.86 43.65 39.44
CA PHE F 26 31.46 42.55 38.71
C PHE F 26 30.41 41.93 37.77
N PHE F 27 29.20 41.72 38.28
CA PHE F 27 28.14 41.09 37.52
C PHE F 27 27.45 42.01 36.50
N GLN F 28 27.86 43.28 36.43
CA GLN F 28 27.35 44.19 35.40
C GLN F 28 28.27 44.10 34.16
N GLN F 29 29.59 43.87 34.34
CA GLN F 29 30.58 43.79 33.29
C GLN F 29 30.47 42.52 32.46
N GLN F 30 31.24 42.47 31.33
CA GLN F 30 31.39 41.41 30.33
C GLN F 30 30.09 40.70 29.98
N GLN F 31 29.00 41.48 29.81
CA GLN F 31 27.65 41.01 29.47
C GLN F 31 27.16 39.87 30.35
N LEU F 32 27.49 39.89 31.65
CA LEU F 32 27.04 38.87 32.58
C LEU F 32 25.51 38.87 32.75
N PRO F 33 24.79 40.03 32.79
CA PRO F 33 23.33 39.96 32.85
C PRO F 33 22.75 39.25 31.64
N ALA F 34 23.31 39.49 30.44
CA ALA F 34 22.84 38.85 29.21
C ALA F 34 23.19 37.36 29.16
N ALA F 35 24.29 36.96 29.83
CA ALA F 35 24.74 35.57 29.87
C ALA F 35 23.88 34.73 30.81
N MET F 36 23.31 35.35 31.85
CA MET F 36 22.43 34.67 32.82
C MET F 36 21.04 34.37 32.24
N ALA F 37 20.65 35.01 31.11
CA ALA F 37 19.33 34.86 30.50
C ALA F 37 18.89 33.42 30.22
N ASP F 38 17.61 33.16 30.40
CA ASP F 38 17.06 31.82 30.20
C ASP F 38 16.73 31.51 28.74
N THR F 39 16.56 32.54 27.89
CA THR F 39 16.33 32.34 26.47
C THR F 39 17.32 33.18 25.66
N PHE F 40 17.55 32.78 24.42
CA PHE F 40 18.39 33.52 23.50
C PHE F 40 17.82 34.92 23.23
N LEU F 41 16.49 35.01 23.12
CA LEU F 41 15.79 36.26 22.86
C LEU F 41 15.98 37.21 24.03
N GLU F 42 15.81 36.71 25.29
CA GLU F 42 16.04 37.50 26.51
C GLU F 42 17.50 37.96 26.56
N HIS F 43 18.43 37.08 26.13
CA HIS F 43 19.86 37.32 26.07
C HIS F 43 20.13 38.56 25.21
N LEU F 44 19.55 38.61 24.00
CA LEU F 44 19.70 39.75 23.10
C LEU F 44 19.18 41.03 23.75
N CYS F 45 18.00 40.93 24.39
CA CYS F 45 17.36 42.04 25.07
C CYS F 45 18.23 42.60 26.20
N LEU F 46 19.05 41.75 26.83
CA LEU F 46 19.89 42.15 27.94
C LEU F 46 21.26 42.67 27.57
N LEU F 47 21.63 42.68 26.27
CA LEU F 47 22.94 43.21 25.84
C LEU F 47 23.05 44.69 26.21
N ASP F 48 24.14 45.09 26.84
CA ASP F 48 24.32 46.42 27.37
C ASP F 48 25.54 47.10 26.79
N ILE F 49 25.39 48.27 26.14
CA ILE F 49 26.54 49.01 25.63
C ILE F 49 27.44 49.51 26.78
N ASP F 50 26.88 49.70 27.99
CA ASP F 50 27.62 50.14 29.16
C ASP F 50 28.29 49.01 29.94
N SER F 51 28.10 47.76 29.50
CA SER F 51 28.74 46.59 30.10
C SER F 51 30.09 46.41 29.43
N GLU F 52 31.17 46.82 30.12
CA GLU F 52 32.51 46.73 29.52
C GLU F 52 33.11 45.34 29.50
N PRO F 53 33.80 44.98 28.40
CA PRO F 53 34.50 43.69 28.35
C PRO F 53 35.72 43.68 29.29
N VAL F 54 35.91 42.57 30.05
CA VAL F 54 37.03 42.50 30.98
C VAL F 54 38.09 41.51 30.52
N ALA F 55 37.64 40.35 29.98
CA ALA F 55 38.54 39.31 29.48
C ALA F 55 39.48 39.76 28.35
N ALA F 56 40.63 39.07 28.19
CA ALA F 56 41.55 39.33 27.09
C ALA F 56 40.90 38.82 25.80
N ARG F 57 41.21 39.45 24.68
CA ARG F 57 40.64 39.09 23.38
C ARG F 57 41.05 37.69 22.98
N SER F 58 40.09 36.83 22.73
CA SER F 58 40.34 35.45 22.41
C SER F 58 40.41 35.09 20.91
N THR F 59 39.68 35.79 20.02
CA THR F 59 39.70 35.51 18.57
C THR F 59 40.97 36.08 18.00
N SER F 60 41.81 35.24 17.41
CA SER F 60 43.09 35.71 16.86
C SER F 60 42.94 36.50 15.61
N ILE F 61 43.86 37.43 15.40
CA ILE F 61 43.89 38.28 14.24
C ILE F 61 45.02 37.83 13.32
N ILE F 62 44.68 37.56 12.07
CA ILE F 62 45.65 37.22 11.03
C ILE F 62 45.82 38.45 10.19
N ALA F 63 47.05 38.96 10.05
CA ALA F 63 47.29 40.16 9.28
C ALA F 63 48.13 39.84 8.07
N THR F 64 47.68 40.26 6.87
CA THR F 64 48.44 40.03 5.66
C THR F 64 49.57 41.06 5.61
N ILE F 65 50.80 40.57 5.51
CA ILE F 65 51.98 41.42 5.45
C ILE F 65 52.34 41.78 4.01
N GLY F 66 52.48 43.08 3.76
CA GLY F 66 52.83 43.60 2.45
C GLY F 66 53.60 44.88 2.54
N PRO F 67 53.61 45.67 1.44
CA PRO F 67 54.35 46.94 1.46
C PRO F 67 53.98 47.89 2.62
N ALA F 68 52.69 47.90 3.03
CA ALA F 68 52.21 48.79 4.08
C ALA F 68 52.58 48.35 5.49
N SER F 69 52.95 47.07 5.67
CA SER F 69 53.20 46.52 6.99
C SER F 69 54.49 45.70 7.04
N ARG F 70 55.49 46.08 6.27
CA ARG F 70 56.74 45.31 6.19
C ARG F 70 57.85 45.72 7.11
N SER F 71 57.95 47.02 7.44
CA SER F 71 59.04 47.50 8.27
C SER F 71 59.01 46.93 9.66
N VAL F 72 60.19 46.65 10.23
CA VAL F 72 60.32 46.10 11.57
C VAL F 72 59.63 47.01 12.61
N GLU F 73 59.70 48.33 12.41
CA GLU F 73 59.08 49.27 13.30
C GLU F 73 57.56 49.23 13.21
N ARG F 74 57.01 49.01 12.00
CA ARG F 74 55.57 48.89 11.78
C ARG F 74 55.06 47.58 12.36
N LEU F 75 55.78 46.51 12.11
CA LEU F 75 55.43 45.20 12.62
C LEU F 75 55.38 45.16 14.14
N LYS F 76 56.24 45.96 14.83
CA LYS F 76 56.25 46.05 16.29
C LYS F 76 54.98 46.70 16.77
N GLU F 77 54.50 47.74 16.05
CA GLU F 77 53.24 48.44 16.34
CA GLU F 77 53.25 48.40 16.42
C GLU F 77 52.05 47.49 16.14
N MET F 78 52.13 46.60 15.13
CA MET F 78 51.07 45.66 14.81
CA MET F 78 51.06 45.66 14.82
C MET F 78 51.00 44.52 15.82
N ILE F 79 52.15 44.09 16.35
CA ILE F 79 52.17 43.05 17.37
C ILE F 79 51.52 43.62 18.65
N LYS F 80 51.88 44.87 19.00
CA LYS F 80 51.33 45.59 20.14
C LYS F 80 49.82 45.84 19.98
N ALA F 81 49.35 46.08 18.74
CA ALA F 81 47.94 46.28 18.41
C ALA F 81 47.11 44.99 18.53
N GLY F 82 47.75 43.83 18.38
CA GLY F 82 47.06 42.56 18.50
C GLY F 82 47.29 41.50 17.43
N MET F 83 48.15 41.73 16.45
CA MET F 83 48.40 40.72 15.42
C MET F 83 48.97 39.42 16.02
N ASN F 84 48.34 38.26 15.70
CA ASN F 84 48.79 36.97 16.24
C ASN F 84 49.43 36.10 15.22
N ILE F 85 48.99 36.22 13.96
CA ILE F 85 49.49 35.45 12.82
C ILE F 85 49.82 36.41 11.68
N ALA F 86 51.01 36.27 11.06
CA ALA F 86 51.34 37.11 9.90
C ALA F 86 51.10 36.23 8.69
N ARG F 87 50.39 36.75 7.68
CA ARG F 87 50.07 36.01 6.48
C ARG F 87 50.87 36.53 5.30
N LEU F 88 51.47 35.61 4.55
CA LEU F 88 52.25 35.96 3.35
C LEU F 88 51.53 35.41 2.13
N ASN F 89 51.00 36.34 1.30
CA ASN F 89 50.19 35.94 0.15
C ASN F 89 51.09 35.61 -1.04
N PHE F 90 51.30 34.31 -1.29
CA PHE F 90 52.17 33.90 -2.39
C PHE F 90 51.54 34.08 -3.80
N SER F 91 50.36 34.71 -3.86
CA SER F 91 49.77 35.12 -5.12
C SER F 91 50.53 36.37 -5.66
N HIS F 92 51.15 37.16 -4.75
CA HIS F 92 51.91 38.36 -5.08
C HIS F 92 53.35 38.23 -4.56
N GLY F 93 54.20 39.20 -4.92
CA GLY F 93 55.59 39.21 -4.51
C GLY F 93 56.42 38.01 -4.93
N SER F 94 57.68 38.00 -4.52
CA SER F 94 58.61 36.93 -4.87
C SER F 94 59.09 36.19 -3.62
N HIS F 95 59.88 35.12 -3.80
CA HIS F 95 60.47 34.40 -2.68
C HIS F 95 61.40 35.34 -1.89
N GLU F 96 62.17 36.16 -2.60
CA GLU F 96 63.11 37.11 -2.00
C GLU F 96 62.36 38.13 -1.14
N TYR F 97 61.23 38.63 -1.67
CA TYR F 97 60.36 39.60 -1.02
C TYR F 97 59.73 39.04 0.25
N HIS F 98 59.12 37.84 0.17
CA HIS F 98 58.48 37.19 1.29
C HIS F 98 59.46 36.75 2.36
N ALA F 99 60.68 36.33 1.95
CA ALA F 99 61.71 35.94 2.94
C ALA F 99 62.14 37.17 3.75
N GLU F 100 62.20 38.34 3.11
CA GLU F 100 62.56 39.57 3.79
C GLU F 100 61.46 39.94 4.79
N SER F 101 60.19 39.78 4.40
CA SER F 101 59.05 40.02 5.27
C SER F 101 59.11 39.10 6.51
N ILE F 102 59.36 37.78 6.29
CA ILE F 102 59.48 36.79 7.38
C ILE F 102 60.58 37.21 8.36
N ALA F 103 61.74 37.63 7.83
CA ALA F 103 62.88 38.07 8.63
C ALA F 103 62.52 39.29 9.49
N ASN F 104 61.78 40.23 8.92
CA ASN F 104 61.32 41.44 9.60
C ASN F 104 60.32 41.13 10.68
N VAL F 105 59.41 40.20 10.42
CA VAL F 105 58.42 39.73 11.39
C VAL F 105 59.16 39.10 12.56
N ARG F 106 60.08 38.17 12.27
CA ARG F 106 60.87 37.51 13.31
C ARG F 106 61.73 38.46 14.12
N GLU F 107 62.28 39.48 13.48
CA GLU F 107 63.07 40.49 14.17
C GLU F 107 62.19 41.33 15.12
N ALA F 108 60.99 41.75 14.66
CA ALA F 108 60.03 42.51 15.45
C ALA F 108 59.50 41.67 16.61
N VAL F 109 59.27 40.36 16.39
CA VAL F 109 58.77 39.45 17.42
C VAL F 109 59.81 39.27 18.50
N GLU F 110 61.07 39.05 18.08
CA GLU F 110 62.17 38.82 19.03
C GLU F 110 62.62 40.06 19.77
N SER F 111 62.21 41.25 19.33
CA SER F 111 62.50 42.48 20.08
C SER F 111 61.81 42.48 21.50
N PHE F 112 60.78 41.64 21.69
CA PHE F 112 60.08 41.54 22.97
C PHE F 112 60.49 40.29 23.80
N ALA F 113 61.49 39.51 23.32
CA ALA F 113 61.93 38.29 24.01
C ALA F 113 62.51 38.51 25.40
N GLY F 114 63.01 39.72 25.68
CA GLY F 114 63.59 40.12 26.96
C GLY F 114 62.83 39.71 28.21
N SER F 115 61.50 39.89 28.22
CA SER F 115 60.66 39.46 29.33
C SER F 115 59.78 38.33 28.85
N PRO F 116 60.24 37.09 29.07
CA PRO F 116 59.43 35.92 28.67
C PRO F 116 58.01 35.86 29.28
N LEU F 117 57.65 36.83 30.14
CA LEU F 117 56.31 36.90 30.71
C LEU F 117 55.45 38.01 30.04
N SER F 118 55.92 38.62 28.93
CA SER F 118 55.25 39.68 28.15
C SER F 118 55.90 39.89 26.72
N TYR F 119 56.42 38.76 26.18
CA TYR F 119 56.93 38.52 24.86
C TYR F 119 55.70 37.90 24.20
N ARG F 120 55.33 38.35 23.00
CA ARG F 120 54.17 37.77 22.33
C ARG F 120 54.60 36.92 21.09
N PRO F 121 54.29 35.59 21.08
CA PRO F 121 54.64 34.73 19.92
C PRO F 121 53.72 34.98 18.72
N VAL F 122 54.28 35.02 17.52
CA VAL F 122 53.48 35.28 16.33
C VAL F 122 53.68 34.17 15.32
N ALA F 123 52.63 33.43 14.94
CA ALA F 123 52.78 32.37 13.94
C ALA F 123 52.99 32.99 12.57
N ILE F 124 53.58 32.25 11.63
CA ILE F 124 53.81 32.73 10.26
C ILE F 124 53.11 31.78 9.30
N ALA F 125 52.19 32.33 8.49
CA ALA F 125 51.39 31.52 7.59
C ALA F 125 51.65 31.83 6.12
N LEU F 126 51.76 30.79 5.30
CA LEU F 126 51.95 30.96 3.86
C LEU F 126 50.63 30.71 3.15
N ASP F 127 50.12 31.70 2.41
CA ASP F 127 48.90 31.51 1.66
C ASP F 127 49.31 31.17 0.21
N THR F 128 49.00 29.95 -0.26
CA THR F 128 49.40 29.54 -1.60
C THR F 128 48.64 30.27 -2.72
N LYS F 129 49.21 30.30 -3.94
CA LYS F 129 48.59 30.93 -5.11
C LYS F 129 47.39 30.09 -5.61
N GLY F 130 47.51 28.78 -5.55
CA GLY F 130 46.44 27.89 -5.95
C GLY F 130 46.67 27.26 -7.30
N PRO F 131 45.73 26.39 -7.71
CA PRO F 131 45.89 25.71 -9.02
C PRO F 131 45.37 26.48 -10.22
N PRO F 135 43.77 22.51 -11.75
CA PRO F 135 44.16 21.22 -12.34
C PRO F 135 45.27 20.50 -11.54
N GLY F 136 44.95 20.05 -10.31
CA GLY F 136 45.93 19.42 -9.43
C GLY F 136 46.90 20.44 -8.87
N LEU F 137 47.86 20.00 -8.01
CA LEU F 137 48.82 20.93 -7.41
C LEU F 137 49.74 21.58 -8.43
N SER F 138 49.71 22.92 -8.51
CA SER F 138 50.52 23.65 -9.47
C SER F 138 52.01 23.53 -9.15
N GLU F 139 52.88 23.71 -10.17
CA GLU F 139 54.31 23.64 -9.97
C GLU F 139 54.81 24.79 -9.13
N GLN F 140 54.21 25.99 -9.26
CA GLN F 140 54.56 27.14 -8.45
C GLN F 140 54.24 26.85 -6.98
N ASP F 141 53.11 26.19 -6.72
CA ASP F 141 52.72 25.81 -5.36
C ASP F 141 53.74 24.88 -4.75
N VAL F 142 54.27 23.91 -5.49
CA VAL F 142 55.29 23.00 -4.97
C VAL F 142 56.55 23.78 -4.55
N ARG F 143 56.96 24.72 -5.38
CA ARG F 143 58.12 25.56 -5.10
C ARG F 143 57.91 26.47 -3.88
N ASP F 144 56.70 27.06 -3.75
CA ASP F 144 56.35 27.93 -2.65
C ASP F 144 56.20 27.14 -1.36
N LEU F 145 55.64 25.92 -1.44
CA LEU F 145 55.48 25.04 -0.28
C LEU F 145 56.85 24.59 0.22
N ARG F 146 57.77 24.28 -0.70
CA ARG F 146 59.14 23.93 -0.35
C ARG F 146 59.83 25.13 0.33
N PHE F 147 59.54 26.37 -0.14
CA PHE F 147 60.06 27.61 0.43
C PHE F 147 59.59 27.73 1.87
N GLY F 148 58.30 27.49 2.10
CA GLY F 148 57.69 27.57 3.42
C GLY F 148 58.35 26.64 4.42
N VAL F 149 58.60 25.39 3.99
CA VAL F 149 59.27 24.40 4.82
C VAL F 149 60.68 24.88 5.18
N GLU F 150 61.42 25.33 4.16
CA GLU F 150 62.78 25.85 4.34
C GLU F 150 62.84 27.09 5.23
N HIS F 151 61.78 27.90 5.22
CA HIS F 151 61.75 29.09 6.05
C HIS F 151 61.04 28.91 7.39
N GLY F 152 60.59 27.70 7.71
CA GLY F 152 59.98 27.40 8.98
C GLY F 152 58.62 28.01 9.26
N VAL F 153 57.75 28.01 8.23
CA VAL F 153 56.40 28.51 8.43
C VAL F 153 55.60 27.56 9.33
N ASP F 154 54.64 28.11 10.08
CA ASP F 154 53.85 27.33 11.02
C ASP F 154 52.58 26.82 10.36
N ILE F 155 51.94 27.66 9.51
CA ILE F 155 50.67 27.32 8.87
C ILE F 155 50.74 27.50 7.34
N VAL F 156 49.91 26.73 6.62
CA VAL F 156 49.71 26.87 5.19
C VAL F 156 48.22 27.09 4.96
N PHE F 157 47.85 28.19 4.29
CA PHE F 157 46.48 28.41 3.91
C PHE F 157 46.47 27.91 2.47
N ALA F 158 45.99 26.67 2.27
CA ALA F 158 45.96 26.05 0.96
C ALA F 158 44.80 26.57 0.11
N SER F 159 45.11 27.33 -0.95
CA SER F 159 44.09 27.92 -1.83
C SER F 159 43.31 26.90 -2.67
N PHE F 160 42.04 27.24 -2.95
CA PHE F 160 41.10 26.45 -3.77
C PHE F 160 41.12 24.95 -3.47
N VAL F 161 40.91 24.57 -2.20
CA VAL F 161 40.83 23.16 -1.86
C VAL F 161 39.45 22.71 -2.28
N ARG F 162 39.38 21.73 -3.19
CA ARG F 162 38.11 21.23 -3.72
C ARG F 162 37.73 19.82 -3.26
N LYS F 163 38.71 19.02 -2.81
CA LYS F 163 38.47 17.66 -2.37
C LYS F 163 39.58 17.21 -1.38
N ALA F 164 39.41 16.05 -0.73
CA ALA F 164 40.40 15.55 0.22
C ALA F 164 41.78 15.22 -0.43
N SER F 165 41.81 14.85 -1.72
CA SER F 165 43.07 14.56 -2.41
C SER F 165 43.95 15.80 -2.55
N ASP F 166 43.32 16.99 -2.62
CA ASP F 166 44.02 18.26 -2.71
C ASP F 166 44.83 18.50 -1.44
N VAL F 167 44.26 18.18 -0.28
CA VAL F 167 44.92 18.34 1.00
C VAL F 167 46.13 17.41 1.08
N ALA F 168 45.96 16.15 0.63
CA ALA F 168 47.01 15.14 0.60
C ALA F 168 48.16 15.59 -0.28
N ALA F 169 47.85 16.21 -1.43
CA ALA F 169 48.85 16.71 -2.34
C ALA F 169 49.70 17.81 -1.69
N VAL F 170 49.07 18.66 -0.87
CA VAL F 170 49.78 19.73 -0.16
C VAL F 170 50.67 19.15 0.93
N ARG F 171 50.13 18.14 1.66
CA ARG F 171 50.87 17.47 2.73
CA ARG F 171 50.89 17.47 2.73
C ARG F 171 52.11 16.77 2.14
N ALA F 172 51.96 16.15 0.95
CA ALA F 172 53.04 15.47 0.24
C ALA F 172 54.10 16.48 -0.18
N ALA F 173 53.70 17.65 -0.73
CA ALA F 173 54.64 18.69 -1.15
C ALA F 173 55.43 19.30 0.03
N LEU F 174 54.90 19.21 1.25
CA LEU F 174 55.62 19.69 2.43
C LEU F 174 56.74 18.73 2.86
N GLY F 175 56.66 17.48 2.41
CA GLY F 175 57.66 16.45 2.66
C GLY F 175 57.75 15.99 4.09
N PRO F 176 58.85 15.29 4.40
CA PRO F 176 59.03 14.76 5.76
C PRO F 176 59.35 15.83 6.80
N GLU F 177 60.02 16.92 6.41
CA GLU F 177 60.34 18.00 7.35
C GLU F 177 59.19 18.95 7.62
N GLY F 178 58.20 18.99 6.73
CA GLY F 178 57.03 19.83 6.91
C GLY F 178 55.86 19.08 7.52
N HIS F 179 56.14 18.07 8.33
CA HIS F 179 55.09 17.29 8.97
C HIS F 179 54.38 18.06 10.10
N GLY F 180 55.08 18.99 10.73
CA GLY F 180 54.55 19.78 11.83
C GLY F 180 53.72 20.98 11.43
N ILE F 181 53.82 21.41 10.16
CA ILE F 181 53.06 22.53 9.65
C ILE F 181 51.56 22.23 9.63
N LYS F 182 50.72 23.23 9.98
CA LYS F 182 49.26 23.08 9.98
C LYS F 182 48.67 23.41 8.62
N ILE F 183 47.76 22.56 8.11
CA ILE F 183 47.13 22.83 6.83
C ILE F 183 45.70 23.35 7.03
N ILE F 184 45.49 24.64 6.75
CA ILE F 184 44.18 25.25 6.83
C ILE F 184 43.64 25.34 5.40
N SER F 185 42.68 24.49 5.06
CA SER F 185 42.13 24.45 3.71
C SER F 185 41.20 25.64 3.44
N LYS F 186 41.49 26.38 2.36
CA LYS F 186 40.64 27.50 1.98
C LYS F 186 39.50 26.99 1.12
N ILE F 187 38.23 27.25 1.58
CA ILE F 187 37.04 26.87 0.82
C ILE F 187 36.64 28.10 0.00
N GLU F 188 36.86 28.05 -1.33
CA GLU F 188 36.66 29.19 -2.22
C GLU F 188 35.67 28.98 -3.37
N ASN F 189 35.06 27.80 -3.49
CA ASN F 189 34.13 27.54 -4.58
C ASN F 189 32.99 26.56 -4.19
N HIS F 190 32.04 26.31 -5.12
CA HIS F 190 30.94 25.41 -4.86
C HIS F 190 31.36 23.97 -4.55
N GLU F 191 32.40 23.46 -5.23
CA GLU F 191 32.87 22.08 -4.98
C GLU F 191 33.40 21.95 -3.57
N GLY F 192 34.17 22.94 -3.10
CA GLY F 192 34.72 22.98 -1.76
C GLY F 192 33.63 22.95 -0.70
N VAL F 193 32.55 23.71 -0.96
CA VAL F 193 31.41 23.76 -0.04
C VAL F 193 30.65 22.42 -0.04
N LYS F 194 30.45 21.83 -1.22
CA LYS F 194 29.77 20.54 -1.31
C LYS F 194 30.59 19.36 -0.74
N ARG F 195 31.92 19.39 -0.90
CA ARG F 195 32.80 18.34 -0.39
C ARG F 195 33.40 18.69 0.98
N PHE F 196 32.82 19.68 1.70
CA PHE F 196 33.35 20.20 2.95
C PHE F 196 33.71 19.14 4.00
N ASP F 197 32.82 18.18 4.26
CA ASP F 197 33.07 17.19 5.30
C ASP F 197 34.30 16.34 5.07
N GLU F 198 34.54 15.93 3.81
CA GLU F 198 35.72 15.12 3.50
C GLU F 198 37.01 15.95 3.58
N ILE F 199 36.92 17.24 3.28
CA ILE F 199 38.05 18.15 3.32
C ILE F 199 38.41 18.44 4.79
N LEU F 200 37.40 18.73 5.63
CA LEU F 200 37.63 19.03 7.03
C LEU F 200 38.23 17.85 7.76
N GLU F 201 37.80 16.63 7.43
CA GLU F 201 38.34 15.41 8.05
C GLU F 201 39.85 15.29 7.93
N VAL F 202 40.40 15.66 6.76
CA VAL F 202 41.83 15.55 6.53
C VAL F 202 42.60 16.87 6.76
N SER F 203 41.92 17.98 7.04
CA SER F 203 42.58 19.27 7.27
C SER F 203 42.74 19.54 8.76
N ASP F 204 43.64 20.46 9.10
CA ASP F 204 43.80 20.90 10.48
C ASP F 204 42.75 21.95 10.89
N GLY F 205 42.24 22.66 9.89
CA GLY F 205 41.23 23.70 10.01
C GLY F 205 40.80 24.21 8.65
N ILE F 206 39.90 25.19 8.66
CA ILE F 206 39.34 25.74 7.42
C ILE F 206 39.39 27.27 7.40
N MET F 207 39.48 27.86 6.20
CA MET F 207 39.36 29.29 6.02
C MET F 207 38.16 29.52 5.12
N VAL F 208 37.25 30.41 5.53
CA VAL F 208 36.10 30.78 4.71
C VAL F 208 36.61 31.95 3.85
N ALA F 209 37.10 31.57 2.64
CA ALA F 209 37.70 32.48 1.67
C ALA F 209 36.60 33.15 0.88
N ARG F 210 35.99 34.18 1.49
CA ARG F 210 34.80 34.88 0.98
C ARG F 210 35.00 35.66 -0.32
N GLY F 211 36.21 36.07 -0.65
CA GLY F 211 36.48 36.79 -1.90
C GLY F 211 36.13 35.95 -3.11
N ASP F 212 36.81 34.80 -3.28
CA ASP F 212 36.52 33.89 -4.38
C ASP F 212 35.17 33.24 -4.23
N LEU F 213 34.76 32.92 -2.99
CA LEU F 213 33.48 32.30 -2.71
C LEU F 213 32.32 33.21 -3.19
N GLY F 214 32.46 34.51 -3.01
CA GLY F 214 31.45 35.47 -3.43
C GLY F 214 31.36 35.68 -4.93
N ILE F 215 32.34 35.14 -5.68
CA ILE F 215 32.42 35.18 -7.14
C ILE F 215 31.96 33.83 -7.72
N GLU F 216 32.34 32.73 -7.08
CA GLU F 216 32.02 31.36 -7.48
C GLU F 216 30.58 30.99 -7.20
N ILE F 217 30.04 31.46 -6.09
CA ILE F 217 28.63 31.24 -5.73
C ILE F 217 27.90 32.59 -5.66
N PRO F 218 26.54 32.64 -5.72
CA PRO F 218 25.86 33.94 -5.60
C PRO F 218 26.27 34.69 -4.35
N ALA F 219 26.54 35.97 -4.48
CA ALA F 219 27.00 36.79 -3.36
C ALA F 219 26.07 36.73 -2.14
N GLU F 220 24.76 36.59 -2.39
CA GLU F 220 23.74 36.52 -1.35
C GLU F 220 23.67 35.17 -0.63
N LYS F 221 24.46 34.16 -1.08
CA LYS F 221 24.47 32.85 -0.46
C LYS F 221 25.73 32.61 0.40
N VAL F 222 26.75 33.50 0.32
CA VAL F 222 28.00 33.32 1.06
C VAL F 222 27.81 33.23 2.58
N PHE F 223 26.90 34.02 3.17
CA PHE F 223 26.66 33.96 4.62
C PHE F 223 26.19 32.58 5.07
N LEU F 224 25.49 31.84 4.17
CA LEU F 224 25.00 30.49 4.47
C LEU F 224 26.19 29.54 4.57
N ALA F 225 27.10 29.63 3.61
CA ALA F 225 28.33 28.86 3.59
C ALA F 225 29.20 29.20 4.79
N GLN F 226 29.35 30.49 5.12
CA GLN F 226 30.15 30.90 6.26
C GLN F 226 29.59 30.30 7.58
N LYS F 227 28.30 30.54 7.87
CA LYS F 227 27.66 30.06 9.07
C LYS F 227 27.68 28.55 9.19
N MET F 228 27.49 27.83 8.07
CA MET F 228 27.52 26.36 8.06
C MET F 228 28.95 25.85 8.35
N MET F 229 29.96 26.40 7.66
CA MET F 229 31.34 25.96 7.86
C MET F 229 31.82 26.22 9.26
N ILE F 230 31.51 27.40 9.82
CA ILE F 230 31.91 27.73 11.19
C ILE F 230 31.27 26.76 12.19
N GLY F 231 29.98 26.51 12.06
CA GLY F 231 29.28 25.57 12.93
C GLY F 231 29.85 24.17 12.88
N ARG F 232 30.19 23.67 11.67
CA ARG F 232 30.75 22.34 11.51
C ARG F 232 32.17 22.23 12.07
N CYS F 233 32.98 23.29 11.94
CA CYS F 233 34.32 23.35 12.51
C CYS F 233 34.23 23.41 14.01
N ASN F 234 33.25 24.14 14.55
CA ASN F 234 33.02 24.23 16.00
C ASN F 234 32.64 22.85 16.54
N LEU F 235 31.76 22.14 15.80
CA LEU F 235 31.32 20.79 16.12
C LEU F 235 32.55 19.83 16.12
N ALA F 236 33.43 19.95 15.11
CA ALA F 236 34.61 19.12 14.97
C ALA F 236 35.74 19.48 15.92
N GLY F 237 35.69 20.65 16.54
CA GLY F 237 36.75 21.12 17.41
C GLY F 237 37.99 21.53 16.64
N LYS F 238 37.83 21.96 15.37
CA LYS F 238 38.96 22.40 14.53
C LYS F 238 38.89 23.90 14.25
N PRO F 239 40.04 24.59 14.20
CA PRO F 239 40.01 26.04 13.94
C PRO F 239 39.37 26.45 12.62
N VAL F 240 38.60 27.56 12.67
CA VAL F 240 37.96 28.11 11.48
C VAL F 240 38.30 29.61 11.40
N VAL F 241 38.71 30.06 10.21
CA VAL F 241 39.08 31.46 9.94
C VAL F 241 38.04 32.14 9.07
N CYS F 242 37.65 33.36 9.42
CA CYS F 242 36.76 34.14 8.56
C CYS F 242 37.63 35.14 7.85
N ALA F 243 37.58 35.16 6.51
CA ALA F 243 38.45 36.04 5.76
C ALA F 243 37.77 36.90 4.71
N THR F 244 38.44 38.00 4.29
CA THR F 244 38.22 38.90 3.14
C THR F 244 37.11 39.97 3.28
N GLN F 245 37.53 41.24 3.11
CA GLN F 245 36.71 42.45 3.10
C GLN F 245 36.05 42.77 4.42
N MET F 246 36.61 42.25 5.55
CA MET F 246 36.02 42.48 6.86
C MET F 246 36.00 43.94 7.26
N LEU F 247 37.10 44.70 6.97
CA LEU F 247 37.20 46.14 7.25
C LEU F 247 37.70 46.85 6.00
N GLU F 248 37.27 46.40 4.80
CA GLU F 248 37.71 46.92 3.50
C GLU F 248 37.87 48.46 3.38
N SER F 249 36.88 49.27 3.83
CA SER F 249 36.96 50.73 3.75
C SER F 249 38.17 51.31 4.48
N MET F 250 38.70 50.60 5.48
CA MET F 250 39.86 51.04 6.21
C MET F 250 41.18 50.98 5.40
N ILE F 251 41.14 50.50 4.14
CA ILE F 251 42.31 50.57 3.27
C ILE F 251 42.63 52.07 3.02
N THR F 252 41.60 52.91 2.91
CA THR F 252 41.73 54.34 2.66
C THR F 252 41.19 55.24 3.80
N LYS F 253 40.26 54.73 4.65
CA LYS F 253 39.65 55.51 5.72
C LYS F 253 40.09 55.07 7.15
N PRO F 254 40.25 56.02 8.09
CA PRO F 254 40.69 55.63 9.45
C PRO F 254 39.68 54.86 10.30
N ARG F 255 38.38 54.99 9.96
CA ARG F 255 37.27 54.33 10.65
C ARG F 255 36.48 53.48 9.63
N PRO F 256 35.90 52.35 10.07
CA PRO F 256 35.16 51.48 9.13
C PRO F 256 33.67 51.85 8.99
N THR F 257 32.96 51.10 8.11
CA THR F 257 31.55 51.32 7.92
C THR F 257 30.73 50.56 9.00
N ARG F 258 29.43 50.86 9.11
CA ARG F 258 28.56 50.18 10.06
C ARG F 258 28.42 48.70 9.72
N ALA F 259 28.43 48.36 8.42
CA ALA F 259 28.38 46.99 7.92
C ALA F 259 29.67 46.21 8.27
N GLU F 260 30.83 46.88 8.21
CA GLU F 260 32.12 46.28 8.50
C GLU F 260 32.25 45.88 9.94
N THR F 261 31.94 46.80 10.88
CA THR F 261 32.02 46.46 12.32
C THR F 261 31.06 45.32 12.65
N SER F 262 29.87 45.35 12.04
CA SER F 262 28.85 44.33 12.18
C SER F 262 29.39 42.98 11.68
N ASP F 263 30.00 42.94 10.51
CA ASP F 263 30.55 41.73 9.93
C ASP F 263 31.59 41.03 10.85
N VAL F 264 32.50 41.84 11.43
CA VAL F 264 33.54 41.35 12.34
C VAL F 264 32.90 40.78 13.57
N ALA F 265 31.98 41.53 14.18
CA ALA F 265 31.28 41.10 15.38
C ALA F 265 30.50 39.82 15.14
N ASN F 266 29.88 39.70 13.96
CA ASN F 266 29.09 38.53 13.61
C ASN F 266 29.94 37.34 13.28
N ALA F 267 31.15 37.49 12.74
CA ALA F 267 32.04 36.35 12.51
C ALA F 267 32.41 35.71 13.86
N VAL F 268 32.67 36.55 14.88
CA VAL F 268 32.98 36.10 16.25
C VAL F 268 31.75 35.42 16.81
N LEU F 269 30.57 36.08 16.69
CA LEU F 269 29.34 35.47 17.20
C LEU F 269 28.99 34.18 16.49
N ASP F 270 29.39 34.03 15.22
CA ASP F 270 29.18 32.80 14.47
C ASP F 270 29.98 31.65 15.07
N GLY F 271 31.16 31.94 15.63
CA GLY F 271 32.04 30.96 16.25
C GLY F 271 33.41 30.86 15.64
N ALA F 272 33.83 31.85 14.87
CA ALA F 272 35.13 31.85 14.21
C ALA F 272 36.26 31.90 15.21
N ASP F 273 37.30 31.10 15.00
CA ASP F 273 38.48 31.10 15.89
C ASP F 273 39.37 32.27 15.54
N CYS F 274 39.50 32.58 14.21
CA CYS F 274 40.34 33.65 13.71
C CYS F 274 39.60 34.55 12.77
N ILE F 275 39.97 35.83 12.75
CA ILE F 275 39.49 36.82 11.80
C ILE F 275 40.72 37.37 11.02
N MET F 276 40.50 37.73 9.76
CA MET F 276 41.61 38.14 8.92
C MET F 276 41.53 39.54 8.31
N LEU F 277 42.72 40.11 8.03
CA LEU F 277 42.90 41.41 7.36
C LEU F 277 43.74 41.15 6.13
N SER F 278 43.26 41.56 4.94
CA SER F 278 44.01 41.34 3.71
C SER F 278 44.60 42.68 3.21
N GLY F 279 43.95 43.34 2.27
CA GLY F 279 44.41 44.61 1.75
C GLY F 279 44.52 45.68 2.81
N GLU F 280 43.66 45.60 3.87
CA GLU F 280 43.63 46.53 5.00
C GLU F 280 45.03 46.66 5.66
N THR F 281 45.78 45.53 5.77
CA THR F 281 47.12 45.55 6.35
C THR F 281 48.24 45.42 5.29
N ALA F 282 47.98 44.74 4.16
CA ALA F 282 49.00 44.52 3.12
C ALA F 282 49.33 45.77 2.32
N LYS F 283 48.32 46.54 1.91
CA LYS F 283 48.51 47.72 1.09
C LYS F 283 47.83 49.05 1.58
N GLY F 284 46.90 48.97 2.51
CA GLY F 284 46.15 50.14 3.00
C GLY F 284 46.97 51.15 3.79
N ASN F 285 46.35 52.32 4.09
CA ASN F 285 46.94 53.45 4.81
C ASN F 285 46.85 53.36 6.34
N PHE F 286 46.01 52.46 6.88
CA PHE F 286 45.85 52.34 8.32
C PHE F 286 45.99 50.88 8.79
N PRO F 287 47.13 50.18 8.53
CA PRO F 287 47.21 48.77 8.94
C PRO F 287 47.16 48.54 10.44
N VAL F 288 47.76 49.44 11.21
CA VAL F 288 47.76 49.33 12.67
C VAL F 288 46.36 49.63 13.24
N GLU F 289 45.68 50.60 12.64
CA GLU F 289 44.35 51.00 13.05
C GLU F 289 43.33 49.91 12.74
N ALA F 290 43.51 49.15 11.63
CA ALA F 290 42.65 48.02 11.24
C ALA F 290 42.80 46.88 12.26
N VAL F 291 44.04 46.60 12.72
CA VAL F 291 44.29 45.57 13.72
C VAL F 291 43.62 45.97 15.05
N LYS F 292 43.80 47.25 15.42
CA LYS F 292 43.22 47.78 16.64
C LYS F 292 41.70 47.69 16.59
N MET F 293 41.11 47.93 15.40
CA MET F 293 39.67 47.87 15.23
C MET F 293 39.16 46.46 15.36
N GLN F 294 39.82 45.47 14.72
CA GLN F 294 39.42 44.08 14.88
C GLN F 294 39.53 43.63 16.33
N HIS F 295 40.59 44.09 17.02
CA HIS F 295 40.78 43.76 18.42
C HIS F 295 39.61 44.31 19.26
N ALA F 296 39.25 45.58 19.07
CA ALA F 296 38.17 46.24 19.81
C ALA F 296 36.82 45.55 19.64
N ILE F 297 36.47 45.17 18.38
CA ILE F 297 35.21 44.52 18.07
C ILE F 297 35.15 43.11 18.61
N ALA F 298 36.24 42.33 18.43
CA ALA F 298 36.28 40.95 18.89
C ALA F 298 36.01 40.85 20.38
N ARG F 299 36.62 41.76 21.18
CA ARG F 299 36.45 41.80 22.63
C ARG F 299 34.97 41.98 23.01
N GLU F 300 34.28 42.93 22.32
CA GLU F 300 32.87 43.22 22.56
C GLU F 300 32.01 42.02 22.21
N ALA F 301 32.30 41.39 21.04
CA ALA F 301 31.56 40.26 20.52
C ALA F 301 31.72 38.99 21.34
N GLU F 302 32.92 38.74 21.87
CA GLU F 302 33.17 37.56 22.69
C GLU F 302 32.37 37.63 23.99
N ALA F 303 32.28 38.83 24.61
CA ALA F 303 31.52 38.98 25.83
C ALA F 303 30.03 38.74 25.57
N ALA F 304 29.54 39.07 24.36
CA ALA F 304 28.13 38.93 23.94
C ALA F 304 27.75 37.51 23.47
N VAL F 305 28.68 36.57 23.52
CA VAL F 305 28.38 35.19 23.13
C VAL F 305 27.44 34.57 24.19
N TYR F 306 26.37 33.85 23.77
CA TYR F 306 25.44 33.23 24.71
C TYR F 306 26.00 31.88 25.13
N HIS F 307 26.97 31.88 26.05
CA HIS F 307 27.67 30.68 26.50
C HIS F 307 26.75 29.61 27.05
N ARG F 308 25.62 30.00 27.71
CA ARG F 308 24.68 29.04 28.28
C ARG F 308 24.20 28.03 27.23
N GLN F 309 23.67 28.52 26.11
CA GLN F 309 23.20 27.66 25.04
C GLN F 309 24.37 27.03 24.33
N LEU F 310 25.43 27.81 24.04
CA LEU F 310 26.60 27.32 23.34
C LEU F 310 27.26 26.10 24.01
N PHE F 311 27.60 26.19 25.30
CA PHE F 311 28.23 25.10 26.03
C PHE F 311 27.32 23.89 26.09
N GLU F 312 26.03 24.09 26.37
CA GLU F 312 25.06 23.02 26.42
C GLU F 312 24.96 22.30 25.07
N GLU F 313 24.95 23.03 23.95
CA GLU F 313 24.86 22.46 22.62
C GLU F 313 26.10 21.73 22.26
N LEU F 314 27.27 22.30 22.61
CA LEU F 314 28.58 21.67 22.34
C LEU F 314 28.66 20.35 23.10
N ARG F 315 28.24 20.35 24.37
CA ARG F 315 28.21 19.17 25.21
C ARG F 315 27.21 18.08 24.69
N ARG F 316 25.98 18.48 24.37
CA ARG F 316 24.98 17.58 23.83
C ARG F 316 25.46 16.93 22.51
N ALA F 317 26.04 17.75 21.61
CA ALA F 317 26.49 17.26 20.32
C ALA F 317 27.75 16.44 20.35
N ALA F 318 28.66 16.75 21.30
CA ALA F 318 29.94 16.04 21.40
C ALA F 318 29.72 14.59 21.78
N PRO F 319 30.40 13.68 21.06
CA PRO F 319 30.24 12.25 21.37
C PRO F 319 30.93 11.87 22.67
N LEU F 320 30.51 10.73 23.28
CA LEU F 320 31.16 10.20 24.49
C LEU F 320 32.60 9.86 24.16
N SER F 321 33.52 10.11 25.10
CA SER F 321 34.93 9.88 24.83
C SER F 321 35.59 9.11 25.92
N ARG F 322 36.49 8.21 25.56
CA ARG F 322 37.29 7.51 26.57
C ARG F 322 38.74 8.00 26.63
N ASP F 323 39.01 9.19 26.05
CA ASP F 323 40.31 9.83 26.05
C ASP F 323 40.35 10.74 27.26
N PRO F 324 41.28 10.49 28.19
CA PRO F 324 41.36 11.31 29.41
C PRO F 324 41.60 12.77 29.16
N THR F 325 42.25 13.15 28.06
CA THR F 325 42.49 14.54 27.74
C THR F 325 41.13 15.21 27.43
N GLU F 326 40.31 14.56 26.61
CA GLU F 326 39.00 15.04 26.23
C GLU F 326 38.08 15.08 27.46
N VAL F 327 38.14 14.02 28.28
CA VAL F 327 37.35 13.93 29.51
C VAL F 327 37.76 15.01 30.53
N THR F 328 39.06 15.24 30.70
CA THR F 328 39.56 16.27 31.61
C THR F 328 39.17 17.64 31.11
N ALA F 329 39.21 17.86 29.78
CA ALA F 329 38.88 19.12 29.17
C ALA F 329 37.44 19.56 29.50
N ILE F 330 36.45 18.67 29.35
CA ILE F 330 35.07 19.03 29.65
C ILE F 330 34.87 19.27 31.16
N GLY F 331 35.54 18.49 32.01
CA GLY F 331 35.47 18.67 33.46
C GLY F 331 36.06 20.01 33.85
N ALA F 332 37.19 20.38 33.23
CA ALA F 332 37.87 21.64 33.51
C ALA F 332 37.02 22.83 33.09
N VAL F 333 36.41 22.77 31.91
CA VAL F 333 35.56 23.84 31.39
C VAL F 333 34.30 23.99 32.29
N GLU F 334 33.72 22.87 32.69
CA GLU F 334 32.54 22.86 33.57
CA GLU F 334 32.54 22.86 33.57
C GLU F 334 32.87 23.53 34.90
N ALA F 335 34.02 23.17 35.52
CA ALA F 335 34.49 23.72 36.77
C ALA F 335 34.75 25.23 36.65
N ALA F 336 35.35 25.66 35.52
CA ALA F 336 35.64 27.06 35.26
C ALA F 336 34.34 27.90 35.20
N PHE F 337 33.29 27.36 34.57
CA PHE F 337 32.01 28.06 34.49
C PHE F 337 31.38 28.21 35.87
N LYS F 338 31.46 27.15 36.69
CA LYS F 338 30.89 27.06 38.04
C LYS F 338 31.39 28.15 38.99
N CYS F 339 32.68 28.45 38.93
CA CYS F 339 33.28 29.42 39.85
C CYS F 339 33.63 30.75 39.24
N CYS F 340 33.34 30.95 37.92
CA CYS F 340 33.70 32.18 37.19
C CYS F 340 35.24 32.28 37.21
N ALA F 341 35.89 31.17 36.84
CA ALA F 341 37.34 31.03 36.85
C ALA F 341 37.98 32.08 36.00
N ALA F 342 39.04 32.71 36.51
CA ALA F 342 39.70 33.76 35.75
C ALA F 342 40.48 33.17 34.54
N ALA F 343 41.08 31.97 34.74
CA ALA F 343 41.85 31.29 33.70
C ALA F 343 41.85 29.75 33.88
N ILE F 344 42.28 29.02 32.87
CA ILE F 344 42.50 27.60 32.88
C ILE F 344 43.94 27.47 32.40
N ILE F 345 44.84 27.03 33.28
CA ILE F 345 46.25 26.91 32.92
C ILE F 345 46.49 25.49 32.51
N VAL F 346 46.98 25.29 31.30
CA VAL F 346 47.21 23.95 30.80
C VAL F 346 48.65 23.76 30.34
N LEU F 347 49.23 22.61 30.69
CA LEU F 347 50.56 22.26 30.25
C LEU F 347 50.34 21.48 28.96
N THR F 348 50.98 21.91 27.87
CA THR F 348 50.83 21.24 26.60
C THR F 348 52.12 21.17 25.85
N THR F 349 52.31 20.07 25.12
CA THR F 349 53.51 19.88 24.32
C THR F 349 53.21 20.26 22.86
N THR F 350 52.18 19.65 22.28
CA THR F 350 51.74 19.86 20.91
C THR F 350 50.63 20.91 20.76
N GLY F 351 50.01 21.29 21.87
CA GLY F 351 48.89 22.22 21.87
C GLY F 351 47.53 21.52 21.88
N ARG F 352 47.52 20.17 21.81
CA ARG F 352 46.27 19.43 21.77
C ARG F 352 45.42 19.62 23.01
N SER F 353 46.02 19.56 24.20
CA SER F 353 45.27 19.76 25.43
C SER F 353 44.58 21.13 25.48
N ALA F 354 45.25 22.16 24.97
CA ALA F 354 44.67 23.49 24.95
C ALA F 354 43.53 23.53 23.90
N GLN F 355 43.74 22.89 22.74
CA GLN F 355 42.75 22.81 21.68
C GLN F 355 41.47 22.16 22.18
N LEU F 356 41.59 21.08 22.98
CA LEU F 356 40.42 20.39 23.52
C LEU F 356 39.67 21.20 24.55
N LEU F 357 40.36 22.09 25.26
CA LEU F 357 39.69 22.98 26.21
C LEU F 357 38.90 24.03 25.40
N SER F 358 39.59 24.62 24.40
CA SER F 358 39.10 25.64 23.49
C SER F 358 37.79 25.22 22.78
N ARG F 359 37.68 23.94 22.38
CA ARG F 359 36.51 23.45 21.69
C ARG F 359 35.21 23.59 22.51
N TYR F 360 35.31 23.62 23.85
CA TYR F 360 34.11 23.83 24.67
C TYR F 360 33.81 25.30 24.96
N ARG F 361 34.51 26.20 24.26
CA ARG F 361 34.35 27.63 24.35
C ARG F 361 34.20 28.18 25.77
N PRO F 362 35.18 27.97 26.66
CA PRO F 362 35.08 28.54 28.00
C PRO F 362 35.15 30.06 27.97
N ARG F 363 34.55 30.70 28.95
CA ARG F 363 34.68 32.13 29.12
C ARG F 363 36.10 32.44 29.75
N ALA F 364 36.67 31.48 30.56
CA ALA F 364 38.01 31.62 31.15
C ALA F 364 39.11 31.51 30.08
N ALA F 365 40.18 32.30 30.22
CA ALA F 365 41.30 32.28 29.27
C ALA F 365 42.06 30.98 29.42
N VAL F 366 42.45 30.34 28.30
CA VAL F 366 43.23 29.12 28.35
C VAL F 366 44.68 29.52 28.23
N ILE F 367 45.40 29.57 29.36
CA ILE F 367 46.82 29.92 29.37
C ILE F 367 47.62 28.65 29.13
N ALA F 368 48.16 28.50 27.91
CA ALA F 368 48.87 27.29 27.55
C ALA F 368 50.39 27.44 27.72
N VAL F 369 50.97 26.69 28.71
CA VAL F 369 52.41 26.73 28.98
C VAL F 369 53.11 25.60 28.20
N THR F 370 54.00 25.98 27.30
CA THR F 370 54.67 25.02 26.44
C THR F 370 56.14 25.34 26.23
N ARG F 371 56.95 24.29 26.07
CA ARG F 371 58.37 24.49 25.73
C ARG F 371 58.55 24.57 24.19
N SER F 372 57.54 24.12 23.40
CA SER F 372 57.56 24.09 21.95
C SER F 372 57.23 25.48 21.40
N ALA F 373 58.18 26.11 20.72
CA ALA F 373 57.98 27.42 20.13
C ALA F 373 56.97 27.32 18.98
N GLN F 374 57.03 26.22 18.18
CA GLN F 374 56.12 26.03 17.06
C GLN F 374 54.68 25.87 17.55
N ALA F 375 54.48 25.04 18.59
CA ALA F 375 53.15 24.84 19.19
C ALA F 375 52.65 26.15 19.76
N ALA F 376 53.50 26.92 20.45
CA ALA F 376 53.11 28.22 20.99
C ALA F 376 52.59 29.17 19.88
N ARG F 377 53.16 29.11 18.68
CA ARG F 377 52.71 29.96 17.57
C ARG F 377 51.44 29.39 16.94
N GLN F 378 51.39 28.08 16.74
CA GLN F 378 50.24 27.41 16.15
C GLN F 378 48.96 27.41 17.01
N VAL F 379 49.07 27.53 18.36
CA VAL F 379 47.85 27.57 19.19
C VAL F 379 47.05 28.85 19.03
N HIS F 380 47.58 29.85 18.32
CA HIS F 380 46.84 31.04 18.00
C HIS F 380 45.62 30.69 17.11
N LEU F 381 45.67 29.57 16.37
CA LEU F 381 44.56 29.12 15.57
C LEU F 381 43.34 28.78 16.44
N CYS F 382 43.53 28.49 17.72
CA CYS F 382 42.48 28.14 18.69
C CYS F 382 42.01 29.30 19.54
N ARG F 383 40.70 29.58 19.44
CA ARG F 383 40.09 30.67 20.17
C ARG F 383 40.22 30.54 21.67
N GLY F 384 40.71 31.60 22.28
CA GLY F 384 40.87 31.67 23.73
C GLY F 384 42.11 31.06 24.29
N VAL F 385 43.06 30.63 23.42
CA VAL F 385 44.32 30.07 23.88
C VAL F 385 45.39 31.14 23.82
N PHE F 386 46.01 31.40 24.99
CA PHE F 386 47.07 32.39 25.22
C PHE F 386 48.38 31.65 25.48
N PRO F 387 49.23 31.52 24.43
CA PRO F 387 50.46 30.74 24.59
C PRO F 387 51.59 31.41 25.38
N LEU F 388 52.20 30.66 26.30
CA LEU F 388 53.37 31.10 27.06
C LEU F 388 54.51 30.16 26.76
N LEU F 389 55.61 30.69 26.23
CA LEU F 389 56.77 29.85 25.93
C LEU F 389 57.69 29.72 27.15
N TYR F 390 57.81 28.50 27.68
CA TYR F 390 58.66 28.18 28.83
C TYR F 390 60.09 27.91 28.33
N ARG F 391 61.07 28.65 28.87
CA ARG F 391 62.44 28.51 28.39
C ARG F 391 63.39 27.81 29.37
N GLU F 392 63.00 27.65 30.64
CA GLU F 392 63.87 27.04 31.64
C GLU F 392 64.21 25.59 31.36
N PRO F 393 65.43 25.17 31.73
CA PRO F 393 65.81 23.77 31.53
C PRO F 393 65.09 22.83 32.51
N PRO F 394 64.80 21.61 32.04
CA PRO F 394 64.05 20.67 32.89
C PRO F 394 64.64 20.40 34.28
N GLU F 395 63.76 20.32 35.29
CA GLU F 395 64.14 19.98 36.67
C GLU F 395 64.42 18.48 36.74
N ALA F 396 65.21 18.05 37.75
CA ALA F 396 65.54 16.63 37.93
C ALA F 396 64.28 15.86 38.31
N ILE F 397 63.48 16.41 39.23
CA ILE F 397 62.22 15.78 39.62
C ILE F 397 61.12 16.26 38.67
N TRP F 398 60.52 15.34 37.89
CA TRP F 398 59.49 15.72 36.93
C TRP F 398 58.31 16.46 37.55
N ALA F 399 57.85 16.05 38.72
CA ALA F 399 56.77 16.72 39.42
C ALA F 399 57.12 18.17 39.74
N ASP F 400 58.39 18.44 40.06
CA ASP F 400 58.86 19.79 40.36
C ASP F 400 58.93 20.63 39.09
N ASP F 401 59.25 20.00 37.95
CA ASP F 401 59.30 20.67 36.65
C ASP F 401 57.89 21.14 36.26
N VAL F 402 56.89 20.29 36.51
CA VAL F 402 55.48 20.55 36.26
C VAL F 402 55.04 21.76 37.09
N ASP F 403 55.31 21.74 38.40
CA ASP F 403 54.95 22.84 39.30
C ASP F 403 55.61 24.15 38.94
N ARG F 404 56.84 24.10 38.41
CA ARG F 404 57.52 25.32 38.00
C ARG F 404 56.79 25.95 36.81
N ARG F 405 56.34 25.10 35.85
CA ARG F 405 55.63 25.55 34.67
C ARG F 405 54.26 26.10 35.03
N VAL F 406 53.57 25.49 36.00
CA VAL F 406 52.28 25.96 36.50
C VAL F 406 52.47 27.32 37.19
N GLN F 407 53.54 27.45 37.99
CA GLN F 407 53.83 28.70 38.66
C GLN F 407 54.18 29.80 37.69
N PHE F 408 54.86 29.45 36.58
CA PHE F 408 55.22 30.37 35.50
C PHE F 408 53.92 30.95 34.91
N GLY F 409 52.94 30.08 34.68
CA GLY F 409 51.65 30.46 34.13
C GLY F 409 50.91 31.39 35.05
N ILE F 410 50.98 31.12 36.37
CA ILE F 410 50.31 31.94 37.37
C ILE F 410 50.97 33.29 37.47
N GLU F 411 52.30 33.32 37.50
CA GLU F 411 53.05 34.57 37.59
C GLU F 411 52.89 35.41 36.35
N SER F 412 53.02 34.80 35.18
CA SER F 412 52.83 35.54 33.94
C SER F 412 51.37 36.00 33.75
N GLY F 413 50.43 35.22 34.27
CA GLY F 413 49.02 35.55 34.23
C GLY F 413 48.73 36.73 35.12
N LYS F 414 49.34 36.77 36.30
CA LYS F 414 49.19 37.86 37.27
C LYS F 414 49.83 39.14 36.74
N LEU F 415 51.02 39.00 36.14
CA LEU F 415 51.83 40.07 35.57
C LEU F 415 51.10 40.74 34.44
N ARG F 416 50.53 39.96 33.51
CA ARG F 416 49.78 40.47 32.36
C ARG F 416 48.33 40.89 32.69
N GLY F 417 47.96 40.90 33.98
CA GLY F 417 46.65 41.30 34.44
C GLY F 417 45.55 40.26 34.27
N PHE F 418 45.88 39.09 33.68
CA PHE F 418 44.92 38.00 33.45
C PHE F 418 44.34 37.47 34.73
N LEU F 419 45.16 37.42 35.80
CA LEU F 419 44.76 36.92 37.11
C LEU F 419 44.85 38.00 38.19
N ARG F 420 44.00 37.84 39.18
CA ARG F 420 43.93 38.70 40.36
C ARG F 420 43.99 37.80 41.61
N VAL F 421 44.54 38.32 42.72
CA VAL F 421 44.58 37.59 43.99
C VAL F 421 43.13 37.37 44.45
N GLY F 422 42.83 36.14 44.84
CA GLY F 422 41.48 35.77 45.20
C GLY F 422 40.76 35.06 44.06
N ASP F 423 41.31 35.14 42.83
CA ASP F 423 40.71 34.49 41.68
C ASP F 423 40.91 33.00 41.75
N LEU F 424 39.98 32.26 41.16
CA LEU F 424 40.10 30.82 41.09
C LEU F 424 40.61 30.47 39.72
N VAL F 425 41.55 29.52 39.68
CA VAL F 425 42.14 29.08 38.44
C VAL F 425 42.01 27.55 38.36
N ILE F 426 41.81 27.00 37.15
CA ILE F 426 41.69 25.55 36.96
C ILE F 426 43.00 25.15 36.32
N VAL F 427 43.73 24.20 36.91
CA VAL F 427 45.02 23.76 36.36
C VAL F 427 44.94 22.38 35.76
N VAL F 428 45.20 22.29 34.47
CA VAL F 428 45.13 21.03 33.75
C VAL F 428 46.52 20.50 33.42
N THR F 429 46.88 19.33 33.99
CA THR F 429 48.17 18.65 33.84
C THR F 429 47.97 17.12 33.57
N GLY F 430 49.07 16.38 33.34
CA GLY F 430 49.06 14.94 33.12
C GLY F 430 49.76 14.16 34.21
N TRP F 431 49.70 12.81 34.14
CA TRP F 431 50.26 11.91 35.16
C TRP F 431 51.69 11.44 34.91
N ARG F 432 52.15 11.49 33.67
CA ARG F 432 53.51 11.10 33.27
C ARG F 432 54.00 12.05 32.16
N PRO F 433 55.32 12.16 31.94
CA PRO F 433 55.82 13.08 30.88
C PRO F 433 55.48 12.68 29.44
N GLY F 434 55.58 13.65 28.53
CA GLY F 434 55.25 13.42 27.13
C GLY F 434 53.81 13.75 26.76
N SER F 435 53.55 13.94 25.47
CA SER F 435 52.23 14.25 24.94
C SER F 435 51.26 13.09 25.06
N GLY F 436 50.00 13.42 25.31
CA GLY F 436 48.89 12.48 25.33
C GLY F 436 48.44 11.95 26.67
N TYR F 437 49.05 12.45 27.77
CA TYR F 437 48.74 11.92 29.09
C TYR F 437 48.03 12.89 30.03
N THR F 438 47.44 13.97 29.50
CA THR F 438 46.68 14.90 30.32
C THR F 438 45.47 14.20 30.97
N ASN F 439 45.32 14.33 32.29
CA ASN F 439 44.24 13.64 33.01
C ASN F 439 43.92 14.25 34.39
N ILE F 440 44.56 15.36 34.76
CA ILE F 440 44.36 15.94 36.09
C ILE F 440 43.82 17.36 35.99
N MET F 441 42.85 17.68 36.84
CA MET F 441 42.29 19.01 36.91
CA MET F 441 42.22 18.98 36.92
C MET F 441 42.28 19.45 38.38
N ARG F 442 42.85 20.62 38.66
CA ARG F 442 42.93 21.13 40.03
C ARG F 442 42.30 22.48 40.17
N VAL F 443 41.65 22.72 41.31
CA VAL F 443 41.06 24.03 41.58
C VAL F 443 42.01 24.74 42.54
N LEU F 444 42.62 25.84 42.10
CA LEU F 444 43.57 26.57 42.94
CA LEU F 444 43.58 26.57 42.93
C LEU F 444 43.12 28.02 43.15
N SER F 445 43.28 28.52 44.37
CA SER F 445 42.93 29.92 44.67
C SER F 445 44.21 30.75 44.56
N ILE F 446 44.16 31.87 43.86
CA ILE F 446 45.34 32.71 43.67
CA ILE F 446 45.33 32.71 43.65
C ILE F 446 45.67 33.54 44.91
N SER F 447 46.91 33.42 45.38
CA SER F 447 47.36 34.13 46.58
C SER F 447 48.39 35.22 46.27
N ALA G 25 -5.37 36.16 43.24
CA ALA G 25 -5.99 34.98 43.82
C ALA G 25 -6.20 33.86 42.80
N PHE G 26 -6.52 34.25 41.55
CA PHE G 26 -6.72 33.30 40.45
C PHE G 26 -5.41 32.57 40.17
N PHE G 27 -4.30 33.33 40.13
CA PHE G 27 -2.99 32.79 39.81
C PHE G 27 -2.33 32.01 40.96
N GLN G 28 -2.99 31.92 42.13
CA GLN G 28 -2.48 31.09 43.23
C GLN G 28 -3.09 29.67 43.16
N GLN G 29 -4.34 29.54 42.65
CA GLN G 29 -5.08 28.29 42.49
C GLN G 29 -4.54 27.43 41.33
N GLN G 30 -5.02 26.16 41.25
CA GLN G 30 -4.74 25.09 40.28
C GLN G 30 -3.27 25.00 39.87
N GLN G 31 -2.36 25.12 40.86
CA GLN G 31 -0.91 25.06 40.73
C GLN G 31 -0.34 25.97 39.64
N LEU G 32 -0.94 27.16 39.45
CA LEU G 32 -0.47 28.09 38.43
C LEU G 32 0.96 28.60 38.69
N PRO G 33 1.39 28.89 39.96
CA PRO G 33 2.81 29.26 40.15
C PRO G 33 3.77 28.15 39.70
N ALA G 34 3.41 26.88 39.96
CA ALA G 34 4.22 25.72 39.56
C ALA G 34 4.20 25.50 38.04
N ALA G 35 3.10 25.89 37.38
CA ALA G 35 2.96 25.75 35.93
C ALA G 35 3.79 26.80 35.16
N MET G 36 4.02 27.99 35.78
CA MET G 36 4.83 29.06 35.19
C MET G 36 6.34 28.77 35.23
N ALA G 37 6.78 27.77 36.03
CA ALA G 37 8.19 27.43 36.21
C ALA G 37 8.97 27.17 34.92
N ASP G 38 10.23 27.58 34.88
CA ASP G 38 11.09 27.40 33.72
C ASP G 38 11.71 26.00 33.64
N THR G 39 11.79 25.29 34.77
CA THR G 39 12.32 23.92 34.78
C THR G 39 11.34 22.99 35.48
N PHE G 40 11.45 21.69 35.18
CA PHE G 40 10.63 20.67 35.82
C PHE G 40 10.94 20.60 37.33
N LEU G 41 12.22 20.78 37.69
CA LEU G 41 12.68 20.77 39.06
C LEU G 41 12.07 21.92 39.84
N GLU G 42 12.10 23.15 39.28
CA GLU G 42 11.49 24.35 39.89
CA GLU G 42 11.49 24.30 39.95
C GLU G 42 9.97 24.15 40.00
N HIS G 43 9.37 23.46 39.00
CA HIS G 43 7.94 23.15 38.95
C HIS G 43 7.58 22.32 40.19
N LEU G 44 8.33 21.25 40.48
CA LEU G 44 8.10 20.41 41.67
C LEU G 44 8.22 21.24 42.94
N CYS G 45 9.25 22.10 43.02
CA CYS G 45 9.50 22.98 44.16
C CYS G 45 8.36 23.94 44.43
N LEU G 46 7.64 24.33 43.38
CA LEU G 46 6.54 25.29 43.50
C LEU G 46 5.18 24.67 43.78
N LEU G 47 5.07 23.34 43.86
CA LEU G 47 3.80 22.68 44.14
C LEU G 47 3.31 23.09 45.54
N ASP G 48 2.05 23.50 45.62
CA ASP G 48 1.49 24.02 46.86
C ASP G 48 0.29 23.18 47.30
N ILE G 49 0.33 22.61 48.52
CA ILE G 49 -0.84 21.86 49.03
C ILE G 49 -2.05 22.78 49.27
N ASP G 50 -1.82 24.09 49.47
CA ASP G 50 -2.88 25.07 49.67
C ASP G 50 -3.44 25.63 48.36
N SER G 51 -2.88 25.23 47.20
CA SER G 51 -3.35 25.66 45.89
C SER G 51 -4.49 24.71 45.50
N GLU G 52 -5.73 25.17 45.60
CA GLU G 52 -6.87 24.33 45.31
C GLU G 52 -7.14 24.12 43.84
N PRO G 53 -7.51 22.88 43.45
CA PRO G 53 -7.87 22.64 42.05
C PRO G 53 -9.21 23.30 41.72
N VAL G 54 -9.29 23.96 40.55
CA VAL G 54 -10.53 24.65 40.16
C VAL G 54 -11.20 23.94 38.99
N ALA G 55 -10.41 23.47 38.03
CA ALA G 55 -10.93 22.78 36.86
C ALA G 55 -11.65 21.47 37.19
N ALA G 56 -12.56 21.03 36.30
CA ALA G 56 -13.25 19.76 36.47
C ALA G 56 -12.24 18.63 36.22
N ARG G 57 -12.48 17.48 36.86
CA ARG G 57 -11.63 16.30 36.78
C ARG G 57 -11.69 15.73 35.37
N SER G 58 -10.53 15.64 34.71
CA SER G 58 -10.43 15.21 33.33
C SER G 58 -10.15 13.70 33.10
N THR G 59 -9.43 13.03 34.02
CA THR G 59 -9.15 11.59 33.89
C THR G 59 -10.41 10.81 34.23
N SER G 60 -10.95 10.07 33.25
CA SER G 60 -12.19 9.32 33.50
C SER G 60 -11.99 8.15 34.41
N ILE G 61 -13.04 7.83 35.16
CA ILE G 61 -13.02 6.73 36.09
C ILE G 61 -13.84 5.59 35.49
N ILE G 62 -13.22 4.41 35.39
CA ILE G 62 -13.90 3.20 34.94
C ILE G 62 -14.18 2.40 36.21
N ALA G 63 -15.45 2.04 36.45
CA ALA G 63 -15.78 1.28 37.64
C ALA G 63 -16.30 -0.09 37.26
N THR G 64 -15.73 -1.16 37.84
CA THR G 64 -16.21 -2.52 37.54
C THR G 64 -17.49 -2.76 38.31
N ILE G 65 -18.55 -3.10 37.59
CA ILE G 65 -19.86 -3.35 38.18
C ILE G 65 -20.05 -4.81 38.55
N GLY G 66 -20.39 -5.04 39.81
CA GLY G 66 -20.59 -6.39 40.32
C GLY G 66 -21.63 -6.42 41.42
N PRO G 67 -21.59 -7.46 42.26
CA PRO G 67 -22.58 -7.56 43.35
C PRO G 67 -22.61 -6.34 44.30
N ALA G 68 -21.46 -5.70 44.53
CA ALA G 68 -21.38 -4.53 45.41
C ALA G 68 -21.93 -3.24 44.82
N SER G 69 -22.03 -3.17 43.49
CA SER G 69 -22.39 -1.93 42.80
C SER G 69 -23.45 -2.15 41.72
N ARG G 70 -24.33 -3.09 41.90
CA ARG G 70 -25.33 -3.45 40.91
C ARG G 70 -26.65 -2.73 41.04
N SER G 71 -27.05 -2.34 42.27
CA SER G 71 -28.37 -1.74 42.49
C SER G 71 -28.52 -0.38 41.84
N VAL G 72 -29.70 -0.07 41.30
CA VAL G 72 -29.99 1.20 40.65
C VAL G 72 -29.69 2.37 41.59
N GLU G 73 -29.99 2.20 42.87
CA GLU G 73 -29.73 3.24 43.86
C GLU G 73 -28.24 3.45 44.14
N ARG G 74 -27.47 2.36 44.15
CA ARG G 74 -26.02 2.39 44.36
C ARG G 74 -25.37 3.03 43.12
N LEU G 75 -25.79 2.62 41.92
CA LEU G 75 -25.29 3.14 40.66
C LEU G 75 -25.51 4.64 40.53
N LYS G 76 -26.63 5.18 41.06
CA LYS G 76 -26.92 6.62 41.05
C LYS G 76 -25.93 7.36 41.91
N GLU G 77 -25.55 6.76 43.06
CA GLU G 77 -24.55 7.34 43.95
C GLU G 77 -23.18 7.32 43.29
N MET G 78 -22.88 6.27 42.50
CA MET G 78 -21.60 6.14 41.81
CA MET G 78 -21.60 6.14 41.81
C MET G 78 -21.48 7.10 40.64
N ILE G 79 -22.59 7.38 39.96
CA ILE G 79 -22.59 8.34 38.86
C ILE G 79 -22.33 9.75 39.46
N LYS G 80 -22.99 10.06 40.58
CA LYS G 80 -22.81 11.31 41.29
C LYS G 80 -21.40 11.45 41.82
N ALA G 81 -20.78 10.33 42.26
CA ALA G 81 -19.40 10.28 42.76
C ALA G 81 -18.35 10.53 41.66
N GLY G 82 -18.69 10.22 40.41
CA GLY G 82 -17.78 10.45 39.29
C GLY G 82 -17.56 9.33 38.30
N MET G 83 -18.27 8.19 38.43
CA MET G 83 -18.09 7.08 37.48
C MET G 83 -18.46 7.50 36.06
N ASN G 84 -17.58 7.28 35.10
CA ASN G 84 -17.85 7.66 33.70
C ASN G 84 -18.11 6.46 32.80
N ILE G 85 -17.44 5.34 33.11
CA ILE G 85 -17.55 4.12 32.32
C ILE G 85 -17.86 2.98 33.30
N ALA G 86 -18.81 2.12 32.92
CA ALA G 86 -19.15 0.97 33.73
C ALA G 86 -18.53 -0.24 33.05
N ARG G 87 -17.67 -0.99 33.77
CA ARG G 87 -17.03 -2.16 33.22
C ARG G 87 -17.71 -3.44 33.67
N LEU G 88 -17.97 -4.33 32.72
CA LEU G 88 -18.58 -5.65 32.96
C LEU G 88 -17.52 -6.74 32.68
N ASN G 89 -17.02 -7.37 33.75
CA ASN G 89 -15.97 -8.38 33.59
C ASN G 89 -16.56 -9.73 33.18
N PHE G 90 -16.45 -10.08 31.91
CA PHE G 90 -17.01 -11.33 31.43
C PHE G 90 -16.19 -12.58 31.86
N SER G 91 -15.18 -12.39 32.72
CA SER G 91 -14.48 -13.50 33.34
C SER G 91 -15.34 -14.11 34.48
N HIS G 92 -16.31 -13.34 35.00
CA HIS G 92 -17.21 -13.75 36.08
C HIS G 92 -18.67 -13.53 35.62
N GLY G 93 -19.63 -13.99 36.41
CA GLY G 93 -21.06 -13.84 36.10
C GLY G 93 -21.52 -14.48 34.80
N SER G 94 -22.81 -14.32 34.49
CA SER G 94 -23.39 -14.88 33.28
C SER G 94 -23.91 -13.78 32.33
N HIS G 95 -24.38 -14.15 31.13
CA HIS G 95 -24.99 -13.20 30.21
C HIS G 95 -26.25 -12.60 30.85
N GLU G 96 -27.05 -13.42 31.54
CA GLU G 96 -28.27 -13.00 32.22
C GLU G 96 -27.93 -11.94 33.29
N TYR G 97 -26.87 -12.23 34.06
CA TYR G 97 -26.39 -11.37 35.14
C TYR G 97 -25.90 -10.01 34.61
N HIS G 98 -25.03 -10.03 33.59
CA HIS G 98 -24.47 -8.83 33.01
C HIS G 98 -25.51 -7.99 32.27
N ALA G 99 -26.51 -8.63 31.64
CA ALA G 99 -27.59 -7.88 30.99
C ALA G 99 -28.40 -7.11 32.03
N GLU G 100 -28.60 -7.70 33.22
CA GLU G 100 -29.32 -7.05 34.30
CA GLU G 100 -29.33 -7.03 34.29
C GLU G 100 -28.52 -5.85 34.80
N SER G 101 -27.19 -6.01 34.94
CA SER G 101 -26.28 -4.94 35.36
C SER G 101 -26.37 -3.75 34.35
N ILE G 102 -26.29 -4.03 33.03
CA ILE G 102 -26.43 -3.04 31.97
C ILE G 102 -27.74 -2.28 32.11
N ALA G 103 -28.83 -3.01 32.32
CA ALA G 103 -30.18 -2.43 32.47
C ALA G 103 -30.25 -1.47 33.65
N ASN G 104 -29.61 -1.86 34.78
CA ASN G 104 -29.55 -1.07 36.01
C ASN G 104 -28.73 0.19 35.83
N VAL G 105 -27.58 0.07 35.11
CA VAL G 105 -26.72 1.20 34.79
C VAL G 105 -27.54 2.20 33.92
N ARG G 106 -28.18 1.70 32.86
CA ARG G 106 -28.97 2.53 31.98
C ARG G 106 -30.14 3.20 32.69
N GLU G 107 -30.77 2.51 33.63
CA GLU G 107 -31.87 3.05 34.43
C GLU G 107 -31.38 4.18 35.36
N ALA G 108 -30.24 3.95 36.04
CA ALA G 108 -29.64 4.95 36.91
C ALA G 108 -29.16 6.17 36.11
N VAL G 109 -28.61 5.96 34.91
CA VAL G 109 -28.14 7.07 34.06
C VAL G 109 -29.32 7.92 33.59
N GLU G 110 -30.38 7.24 33.12
CA GLU G 110 -31.55 7.94 32.61
C GLU G 110 -32.41 8.61 33.67
N SER G 111 -32.19 8.30 34.95
CA SER G 111 -32.89 8.98 36.02
C SER G 111 -32.53 10.50 36.06
N PHE G 112 -31.39 10.91 35.47
CA PHE G 112 -30.97 12.30 35.46
C PHE G 112 -31.20 13.00 34.09
N ALA G 113 -31.82 12.30 33.12
CA ALA G 113 -32.07 12.84 31.76
C ALA G 113 -33.09 13.98 31.70
N GLY G 114 -33.82 14.20 32.79
CA GLY G 114 -34.80 15.27 32.91
C GLY G 114 -34.20 16.66 32.86
N SER G 115 -32.93 16.79 33.24
CA SER G 115 -32.23 18.06 33.18
C SER G 115 -31.08 17.88 32.16
N PRO G 116 -31.32 18.10 30.84
CA PRO G 116 -30.24 17.83 29.84
C PRO G 116 -29.01 18.73 29.94
N LEU G 117 -29.11 19.88 30.64
CA LEU G 117 -27.96 20.77 30.85
C LEU G 117 -26.99 20.21 31.92
N SER G 118 -27.46 19.24 32.76
CA SER G 118 -26.63 18.63 33.81
C SER G 118 -26.51 17.08 33.70
N TYR G 119 -27.14 16.47 32.65
CA TYR G 119 -27.12 15.02 32.42
C TYR G 119 -25.70 14.51 32.12
N ARG G 120 -25.30 13.43 32.81
CA ARG G 120 -23.99 12.83 32.57
C ARG G 120 -24.07 11.46 31.85
N PRO G 121 -23.62 11.36 30.59
CA PRO G 121 -23.62 10.05 29.90
C PRO G 121 -22.63 9.08 30.50
N VAL G 122 -22.94 7.78 30.50
CA VAL G 122 -22.02 6.78 31.07
C VAL G 122 -21.78 5.68 30.07
N ALA G 123 -20.51 5.44 29.67
CA ALA G 123 -20.18 4.39 28.71
C ALA G 123 -20.32 3.01 29.33
N ILE G 124 -20.55 1.99 28.49
CA ILE G 124 -20.63 0.62 28.96
C ILE G 124 -19.56 -0.20 28.26
N ALA G 125 -18.63 -0.75 29.02
CA ALA G 125 -17.52 -1.52 28.48
C ALA G 125 -17.57 -2.99 28.85
N LEU G 126 -17.29 -3.86 27.88
CA LEU G 126 -17.25 -5.29 28.12
C LEU G 126 -15.79 -5.74 28.22
N ASP G 127 -15.39 -6.33 29.34
CA ASP G 127 -14.03 -6.83 29.48
C ASP G 127 -14.08 -8.33 29.18
N THR G 128 -13.45 -8.78 28.09
CA THR G 128 -13.50 -10.19 27.70
C THR G 128 -12.74 -11.13 28.68
N LYS G 129 -13.07 -12.44 28.67
CA LYS G 129 -12.41 -13.43 29.51
C LYS G 129 -10.97 -13.72 29.01
N GLY G 130 -10.80 -13.71 27.70
CA GLY G 130 -9.50 -13.91 27.08
C GLY G 130 -9.32 -15.29 26.51
N PRO G 131 -8.16 -15.55 25.88
CA PRO G 131 -7.92 -16.88 25.31
C PRO G 131 -7.38 -17.87 26.33
N GLY G 134 -4.95 -20.95 25.13
CA GLY G 134 -5.49 -21.14 23.78
C GLY G 134 -4.78 -20.29 22.74
N PRO G 135 -4.84 -20.70 21.43
CA PRO G 135 -4.10 -19.93 20.39
C PRO G 135 -4.70 -18.54 20.05
N GLY G 136 -5.87 -18.52 19.41
CA GLY G 136 -6.55 -17.28 19.07
C GLY G 136 -7.75 -17.00 19.94
N LEU G 137 -8.76 -16.36 19.35
CA LEU G 137 -10.00 -15.99 20.04
C LEU G 137 -10.79 -17.19 20.57
N SER G 138 -11.06 -17.20 21.87
CA SER G 138 -11.81 -18.29 22.47
C SER G 138 -13.28 -18.31 22.05
N GLU G 139 -13.93 -19.48 22.15
CA GLU G 139 -15.35 -19.60 21.74
C GLU G 139 -16.25 -18.80 22.64
N GLN G 140 -15.93 -18.74 23.95
CA GLN G 140 -16.68 -17.95 24.91
C GLN G 140 -16.58 -16.48 24.55
N ASP G 141 -15.38 -16.02 24.13
CA ASP G 141 -15.19 -14.64 23.71
C ASP G 141 -16.06 -14.27 22.53
N VAL G 142 -16.22 -15.16 21.55
CA VAL G 142 -17.07 -14.91 20.40
C VAL G 142 -18.51 -14.71 20.84
N ARG G 143 -18.96 -15.55 21.79
CA ARG G 143 -20.33 -15.47 22.32
C ARG G 143 -20.57 -14.21 23.11
N ASP G 144 -19.57 -13.81 23.93
CA ASP G 144 -19.63 -12.60 24.74
C ASP G 144 -19.56 -11.35 23.87
N LEU G 145 -18.73 -11.36 22.81
CA LEU G 145 -18.60 -10.24 21.90
C LEU G 145 -19.90 -10.06 21.13
N ARG G 146 -20.56 -11.15 20.72
CA ARG G 146 -21.86 -11.11 20.05
C ARG G 146 -22.93 -10.52 21.02
N PHE G 147 -22.83 -10.87 22.33
CA PHE G 147 -23.69 -10.37 23.39
C PHE G 147 -23.52 -8.84 23.49
N GLY G 148 -22.26 -8.38 23.52
CA GLY G 148 -21.94 -6.95 23.59
C GLY G 148 -22.55 -6.15 22.47
N VAL G 149 -22.47 -6.67 21.26
CA VAL G 149 -23.04 -6.02 20.10
C VAL G 149 -24.56 -5.92 20.25
N GLU G 150 -25.19 -7.05 20.63
CA GLU G 150 -26.64 -7.11 20.84
C GLU G 150 -27.13 -6.23 21.94
N HIS G 151 -26.29 -5.98 22.96
CA HIS G 151 -26.65 -5.11 24.07
C HIS G 151 -26.17 -3.67 23.94
N GLY G 152 -25.55 -3.33 22.83
CA GLY G 152 -25.12 -1.97 22.56
C GLY G 152 -24.00 -1.42 23.43
N VAL G 153 -22.98 -2.25 23.68
CA VAL G 153 -21.83 -1.80 24.45
C VAL G 153 -21.02 -0.80 23.61
N ASP G 154 -20.35 0.12 24.29
CA ASP G 154 -19.58 1.15 23.64
C ASP G 154 -18.13 0.72 23.44
N ILE G 155 -17.55 0.07 24.46
CA ILE G 155 -16.14 -0.31 24.46
C ILE G 155 -15.94 -1.79 24.75
N VAL G 156 -14.83 -2.35 24.25
CA VAL G 156 -14.41 -3.72 24.52
C VAL G 156 -13.00 -3.65 25.06
N PHE G 157 -12.78 -4.18 26.26
CA PHE G 157 -11.43 -4.30 26.80
C PHE G 157 -11.04 -5.71 26.44
N ALA G 158 -10.27 -5.87 25.36
CA ALA G 158 -9.88 -7.19 24.87
C ALA G 158 -8.72 -7.77 25.68
N SER G 159 -8.99 -8.84 26.44
CA SER G 159 -7.99 -9.50 27.29
C SER G 159 -6.86 -10.20 26.55
N PHE G 160 -5.67 -10.20 27.14
CA PHE G 160 -4.45 -10.84 26.65
C PHE G 160 -4.16 -10.63 25.16
N VAL G 161 -4.13 -9.37 24.72
CA VAL G 161 -3.78 -9.08 23.33
C VAL G 161 -2.25 -9.26 23.21
N ARG G 162 -1.82 -10.16 22.32
CA ARG G 162 -0.39 -10.48 22.17
C ARG G 162 0.22 -9.98 20.88
N LYS G 163 -0.60 -9.81 19.83
CA LYS G 163 -0.17 -9.41 18.49
C LYS G 163 -1.31 -8.70 17.74
N ALA G 164 -1.02 -8.07 16.60
CA ALA G 164 -2.02 -7.35 15.83
C ALA G 164 -3.14 -8.25 15.30
N SER G 165 -2.85 -9.54 15.03
CA SER G 165 -3.89 -10.47 14.54
C SER G 165 -4.98 -10.73 15.57
N ASP G 166 -4.63 -10.63 16.88
CA ASP G 166 -5.56 -10.79 17.99
C ASP G 166 -6.62 -9.69 17.93
N VAL G 167 -6.19 -8.45 17.65
CA VAL G 167 -7.10 -7.30 17.55
C VAL G 167 -8.04 -7.48 16.38
N ALA G 168 -7.50 -7.94 15.24
CA ALA G 168 -8.26 -8.18 14.02
C ALA G 168 -9.34 -9.24 14.27
N ALA G 169 -9.00 -10.28 15.04
CA ALA G 169 -9.93 -11.33 15.38
C ALA G 169 -11.09 -10.78 16.22
N VAL G 170 -10.82 -9.83 17.12
CA VAL G 170 -11.86 -9.20 17.94
C VAL G 170 -12.74 -8.29 17.07
N ARG G 171 -12.11 -7.54 16.17
CA ARG G 171 -12.78 -6.65 15.21
C ARG G 171 -13.74 -7.43 14.35
N ALA G 172 -13.30 -8.61 13.86
CA ALA G 172 -14.07 -9.54 13.03
C ALA G 172 -15.24 -10.11 13.84
N ALA G 173 -14.98 -10.44 15.12
CA ALA G 173 -16.00 -10.98 16.00
C ALA G 173 -17.10 -9.95 16.38
N LEU G 174 -16.83 -8.64 16.19
CA LEU G 174 -17.85 -7.63 16.51
C LEU G 174 -18.91 -7.50 15.39
N GLY G 175 -19.27 -8.67 14.83
CA GLY G 175 -20.26 -8.91 13.78
C GLY G 175 -20.33 -7.83 12.75
N PRO G 176 -21.47 -7.78 12.03
CA PRO G 176 -21.66 -6.68 11.05
C PRO G 176 -22.02 -5.32 11.70
N GLU G 177 -22.74 -5.37 12.83
CA GLU G 177 -23.20 -4.14 13.45
C GLU G 177 -22.39 -3.63 14.62
N GLY G 178 -21.23 -4.21 14.95
CA GLY G 178 -20.42 -3.70 16.07
C GLY G 178 -19.16 -2.95 15.67
N HIS G 179 -19.04 -2.58 14.40
CA HIS G 179 -17.88 -1.87 13.88
C HIS G 179 -17.57 -0.48 14.57
N GLY G 180 -18.58 0.18 15.16
CA GLY G 180 -18.39 1.44 15.88
C GLY G 180 -17.93 1.29 17.33
N ILE G 181 -17.91 0.07 17.85
CA ILE G 181 -17.46 -0.20 19.22
C ILE G 181 -15.94 0.04 19.26
N LYS G 182 -15.43 0.61 20.37
CA LYS G 182 -14.01 0.88 20.52
C LYS G 182 -13.28 -0.33 21.08
N ILE G 183 -12.12 -0.70 20.50
CA ILE G 183 -11.35 -1.82 20.98
C ILE G 183 -10.16 -1.34 21.75
N ILE G 184 -10.18 -1.52 23.07
CA ILE G 184 -9.06 -1.16 23.92
C ILE G 184 -8.31 -2.44 24.25
N SER G 185 -7.12 -2.63 23.63
CA SER G 185 -6.32 -3.85 23.83
C SER G 185 -5.66 -3.89 25.19
N LYS G 186 -5.93 -4.95 25.98
CA LYS G 186 -5.27 -5.10 27.26
C LYS G 186 -3.89 -5.74 27.07
N ILE G 187 -2.82 -5.05 27.51
CA ILE G 187 -1.47 -5.59 27.45
C ILE G 187 -1.20 -6.27 28.81
N GLU G 188 -1.16 -7.62 28.82
CA GLU G 188 -1.06 -8.41 30.06
C GLU G 188 0.16 -9.32 30.17
N ASN G 189 1.03 -9.37 29.15
CA ASN G 189 2.18 -10.28 29.18
C ASN G 189 3.40 -9.73 28.42
N HIS G 190 4.53 -10.45 28.46
CA HIS G 190 5.76 -10.01 27.80
C HIS G 190 5.62 -9.88 26.28
N GLU G 191 4.86 -10.79 25.63
CA GLU G 191 4.69 -10.69 24.18
C GLU G 191 3.93 -9.41 23.78
N GLY G 192 2.90 -9.06 24.56
CA GLY G 192 2.12 -7.87 24.33
C GLY G 192 2.95 -6.62 24.46
N VAL G 193 3.88 -6.61 25.44
CA VAL G 193 4.77 -5.49 25.65
C VAL G 193 5.77 -5.38 24.52
N LYS G 194 6.30 -6.52 24.06
CA LYS G 194 7.26 -6.54 22.97
C LYS G 194 6.66 -6.19 21.60
N ARG G 195 5.42 -6.61 21.34
CA ARG G 195 4.75 -6.27 20.08
C ARG G 195 3.79 -5.07 20.22
N PHE G 196 4.03 -4.21 21.23
CA PHE G 196 3.18 -3.07 21.54
C PHE G 196 2.87 -2.15 20.35
N ASP G 197 3.88 -1.79 19.57
CA ASP G 197 3.70 -0.86 18.46
C ASP G 197 2.73 -1.37 17.42
N GLU G 198 2.82 -2.65 17.07
CA GLU G 198 1.92 -3.23 16.07
C GLU G 198 0.49 -3.36 16.60
N ILE G 199 0.35 -3.59 17.91
CA ILE G 199 -0.93 -3.74 18.57
C ILE G 199 -1.62 -2.36 18.63
N LEU G 200 -0.88 -1.33 19.08
CA LEU G 200 -1.44 0.01 19.21
C LEU G 200 -1.93 0.54 17.86
N GLU G 201 -1.18 0.26 16.79
CA GLU G 201 -1.53 0.71 15.45
C GLU G 201 -2.90 0.28 15.02
N VAL G 202 -3.28 -0.95 15.37
CA VAL G 202 -4.58 -1.47 14.97
C VAL G 202 -5.67 -1.35 16.06
N SER G 203 -5.31 -0.89 17.27
CA SER G 203 -6.29 -0.74 18.35
C SER G 203 -6.78 0.71 18.44
N ASP G 204 -7.91 0.90 19.14
CA ASP G 204 -8.41 2.26 19.40
C ASP G 204 -7.70 2.89 20.63
N GLY G 205 -7.16 2.05 21.50
CA GLY G 205 -6.45 2.43 22.69
C GLY G 205 -5.90 1.20 23.41
N ILE G 206 -5.30 1.42 24.58
CA ILE G 206 -4.63 0.35 25.35
C ILE G 206 -5.00 0.39 26.82
N MET G 207 -5.02 -0.77 27.48
CA MET G 207 -5.17 -0.86 28.93
C MET G 207 -3.89 -1.50 29.45
N VAL G 208 -3.29 -0.91 30.48
CA VAL G 208 -2.13 -1.46 31.14
C VAL G 208 -2.72 -2.35 32.23
N ALA G 209 -2.88 -3.64 31.89
CA ALA G 209 -3.50 -4.67 32.75
C ALA G 209 -2.44 -5.20 33.68
N ARG G 210 -2.21 -4.45 34.76
CA ARG G 210 -1.13 -4.67 35.73
C ARG G 210 -1.23 -5.95 36.55
N GLY G 211 -2.43 -6.48 36.73
CA GLY G 211 -2.61 -7.72 37.47
C GLY G 211 -1.85 -8.89 36.83
N ASP G 212 -2.21 -9.22 35.58
CA ASP G 212 -1.51 -10.30 34.85
C ASP G 212 -0.11 -9.90 34.47
N LEU G 213 0.10 -8.63 34.17
CA LEU G 213 1.42 -8.13 33.80
C LEU G 213 2.42 -8.33 34.97
N GLY G 214 1.96 -8.11 36.19
CA GLY G 214 2.79 -8.32 37.39
C GLY G 214 3.12 -9.77 37.72
N ILE G 215 2.42 -10.70 37.07
CA ILE G 215 2.60 -12.15 37.18
C ILE G 215 3.45 -12.68 35.99
N GLU G 216 3.20 -12.17 34.78
CA GLU G 216 3.91 -12.56 33.55
C GLU G 216 5.32 -12.02 33.48
N ILE G 217 5.55 -10.84 34.04
CA ILE G 217 6.88 -10.23 34.06
C ILE G 217 7.26 -9.93 35.51
N PRO G 218 8.57 -9.70 35.84
CA PRO G 218 8.93 -9.38 37.23
C PRO G 218 8.12 -8.22 37.76
N ALA G 219 7.61 -8.34 38.97
CA ALA G 219 6.76 -7.31 39.57
C ALA G 219 7.42 -5.93 39.60
N GLU G 220 8.75 -5.88 39.77
CA GLU G 220 9.50 -4.65 39.82
C GLU G 220 9.73 -4.00 38.45
N LYS G 221 9.32 -4.65 37.35
CA LYS G 221 9.46 -4.11 35.99
C LYS G 221 8.15 -3.54 35.42
N VAL G 222 7.00 -3.77 36.10
CA VAL G 222 5.70 -3.31 35.62
C VAL G 222 5.64 -1.79 35.42
N PHE G 223 6.25 -1.00 36.35
CA PHE G 223 6.23 0.45 36.20
C PHE G 223 6.88 0.93 34.89
N LEU G 224 7.88 0.17 34.38
CA LEU G 224 8.56 0.49 33.14
C LEU G 224 7.60 0.31 31.98
N ALA G 225 6.88 -0.82 31.97
CA ALA G 225 5.90 -1.11 30.94
C ALA G 225 4.76 -0.07 30.99
N GLN G 226 4.28 0.30 32.20
CA GLN G 226 3.22 1.27 32.34
C GLN G 226 3.64 2.62 31.78
N LYS G 227 4.78 3.16 32.26
CA LYS G 227 5.29 4.44 31.82
C LYS G 227 5.58 4.49 30.33
N MET G 228 6.09 3.40 29.76
CA MET G 228 6.40 3.31 28.33
C MET G 228 5.11 3.30 27.49
N MET G 229 4.15 2.47 27.88
CA MET G 229 2.89 2.37 27.15
C MET G 229 2.10 3.64 27.17
N ILE G 230 2.07 4.31 28.33
CA ILE G 230 1.34 5.58 28.47
C ILE G 230 1.97 6.64 27.57
N GLY G 231 3.31 6.74 27.61
CA GLY G 231 4.05 7.68 26.78
C GLY G 231 3.80 7.49 25.31
N ARG G 232 3.80 6.23 24.87
CA ARG G 232 3.56 5.88 23.46
C ARG G 232 2.13 6.14 23.01
N CYS G 233 1.16 5.91 23.90
CA CYS G 233 -0.24 6.20 23.61
C CYS G 233 -0.45 7.70 23.54
N ASN G 234 0.21 8.45 24.42
CA ASN G 234 0.14 9.92 24.43
C ASN G 234 0.71 10.45 23.10
N LEU G 235 1.84 9.87 22.66
CA LEU G 235 2.51 10.22 21.42
C LEU G 235 1.55 9.90 20.24
N ALA G 236 0.86 8.76 20.28
CA ALA G 236 -0.04 8.32 19.22
C ALA G 236 -1.39 9.03 19.22
N GLY G 237 -1.75 9.70 20.32
CA GLY G 237 -3.02 10.36 20.47
C GLY G 237 -4.17 9.38 20.68
N LYS G 238 -3.86 8.20 21.29
CA LYS G 238 -4.87 7.18 21.56
C LYS G 238 -5.08 6.98 23.04
N PRO G 239 -6.32 6.73 23.49
CA PRO G 239 -6.55 6.56 24.93
C PRO G 239 -5.77 5.42 25.60
N VAL G 240 -5.26 5.67 26.81
CA VAL G 240 -4.55 4.69 27.60
C VAL G 240 -5.19 4.62 29.01
N VAL G 241 -5.49 3.39 29.46
CA VAL G 241 -6.10 3.12 30.75
C VAL G 241 -5.08 2.52 31.71
N CYS G 242 -5.02 3.00 32.96
CA CYS G 242 -4.20 2.36 33.97
C CYS G 242 -5.15 1.53 34.82
N ALA G 243 -4.86 0.25 34.98
CA ALA G 243 -5.76 -0.63 35.69
C ALA G 243 -5.10 -1.49 36.74
N THR G 244 -5.92 -2.01 37.70
CA THR G 244 -5.68 -3.05 38.71
C THR G 244 -4.88 -2.65 39.97
N GLN G 245 -5.53 -2.86 41.15
CA GLN G 245 -5.00 -2.67 42.49
C GLN G 245 -4.65 -1.22 42.82
N MET G 246 -5.28 -0.25 42.12
CA MET G 246 -5.01 1.17 42.36
C MET G 246 -5.38 1.60 43.78
N LEU G 247 -6.51 1.11 44.30
CA LEU G 247 -7.00 1.40 45.66
C LEU G 247 -7.40 0.09 46.36
N GLU G 248 -6.65 -1.00 46.11
CA GLU G 248 -6.93 -2.34 46.61
C GLU G 248 -7.40 -2.47 48.08
N SER G 249 -6.67 -1.83 49.04
CA SER G 249 -7.04 -1.87 50.45
C SER G 249 -8.50 -1.44 50.73
N MET G 250 -9.05 -0.55 49.90
CA MET G 250 -10.42 -0.06 50.05
C MET G 250 -11.50 -1.11 49.74
N ILE G 251 -11.11 -2.34 49.33
CA ILE G 251 -12.09 -3.44 49.22
C ILE G 251 -12.65 -3.74 50.65
N THR G 252 -11.81 -3.61 51.69
CA THR G 252 -12.22 -3.79 53.06
C THR G 252 -12.13 -2.54 53.94
N LYS G 253 -11.26 -1.58 53.60
CA LYS G 253 -11.06 -0.40 54.44
C LYS G 253 -11.63 0.88 53.82
N PRO G 254 -12.27 1.77 54.62
CA PRO G 254 -12.83 3.01 54.05
C PRO G 254 -11.81 4.08 53.59
N ARG G 255 -10.52 3.92 53.92
CA ARG G 255 -9.48 4.85 53.47
C ARG G 255 -8.36 4.05 52.81
N PRO G 256 -7.70 4.59 51.76
CA PRO G 256 -6.62 3.85 51.12
C PRO G 256 -5.24 4.07 51.79
N THR G 257 -4.23 3.31 51.33
CA THR G 257 -2.88 3.45 51.84
C THR G 257 -2.14 4.64 51.17
N ARG G 258 -0.99 5.04 51.70
CA ARG G 258 -0.20 6.11 51.16
C ARG G 258 0.32 5.77 49.77
N ALA G 259 0.64 4.49 49.53
CA ALA G 259 1.11 3.99 48.24
C ALA G 259 -0.01 4.02 47.18
N GLU G 260 -1.25 3.73 47.61
CA GLU G 260 -2.40 3.70 46.74
C GLU G 260 -2.76 5.08 46.19
N THR G 261 -2.82 6.10 47.08
CA THR G 261 -3.09 7.47 46.62
C THR G 261 -1.98 7.95 45.68
N SER G 262 -0.73 7.60 46.02
CA SER G 262 0.43 7.93 45.23
C SER G 262 0.33 7.30 43.84
N ASP G 263 -0.04 6.01 43.77
CA ASP G 263 -0.19 5.29 42.51
C ASP G 263 -1.21 5.94 41.58
N VAL G 264 -2.36 6.35 42.10
CA VAL G 264 -3.41 7.00 41.32
C VAL G 264 -2.88 8.36 40.82
N ALA G 265 -2.28 9.16 41.71
CA ALA G 265 -1.74 10.45 41.33
C ALA G 265 -0.65 10.33 40.26
N ASN G 266 0.18 9.29 40.37
CA ASN G 266 1.24 9.06 39.41
C ASN G 266 0.76 8.50 38.09
N ALA G 267 -0.34 7.72 38.05
CA ALA G 267 -0.90 7.26 36.79
C ALA G 267 -1.35 8.50 35.96
N VAL G 268 -1.97 9.50 36.64
CA VAL G 268 -2.41 10.74 36.01
C VAL G 268 -1.18 11.50 35.54
N LEU G 269 -0.19 11.67 36.41
CA LEU G 269 1.06 12.37 36.04
C LEU G 269 1.81 11.69 34.91
N ASP G 270 1.68 10.37 34.80
CA ASP G 270 2.28 9.58 33.71
C ASP G 270 1.64 9.92 32.37
N GLY G 271 0.35 10.24 32.37
CA GLY G 271 -0.37 10.61 31.16
C GLY G 271 -1.59 9.75 30.86
N ALA G 272 -2.06 8.97 31.83
CA ALA G 272 -3.20 8.06 31.63
C ALA G 272 -4.47 8.82 31.36
N ASP G 273 -5.25 8.38 30.37
CA ASP G 273 -6.53 9.00 30.05
C ASP G 273 -7.60 8.54 31.04
N CYS G 274 -7.57 7.25 31.43
CA CYS G 274 -8.52 6.65 32.33
C CYS G 274 -7.81 5.91 33.45
N ILE G 275 -8.47 5.88 34.62
CA ILE G 275 -8.05 5.11 35.76
C ILE G 275 -9.19 4.14 36.10
N MET G 276 -8.84 2.96 36.62
CA MET G 276 -9.83 1.94 36.84
C MET G 276 -9.94 1.44 38.26
N LEU G 277 -11.17 0.96 38.62
CA LEU G 277 -11.49 0.30 39.88
C LEU G 277 -12.03 -1.07 39.54
N SER G 278 -11.46 -2.11 40.13
CA SER G 278 -11.89 -3.47 39.83
CA SER G 278 -11.92 -3.47 39.84
C SER G 278 -12.62 -4.07 41.06
N GLY G 279 -11.93 -4.84 41.91
CA GLY G 279 -12.55 -5.41 43.10
C GLY G 279 -13.08 -4.36 44.05
N GLU G 280 -12.45 -3.17 44.07
CA GLU G 280 -12.84 -2.02 44.90
C GLU G 280 -14.32 -1.65 44.68
N THR G 281 -14.82 -1.74 43.43
CA THR G 281 -16.22 -1.41 43.14
C THR G 281 -17.10 -2.65 42.86
N ALA G 282 -16.50 -3.72 42.32
CA ALA G 282 -17.25 -4.93 41.97
C ALA G 282 -17.69 -5.75 43.18
N LYS G 283 -16.81 -5.91 44.18
CA LYS G 283 -17.09 -6.73 45.35
C LYS G 283 -16.75 -6.08 46.71
N GLY G 284 -16.03 -4.96 46.69
CA GLY G 284 -15.62 -4.29 47.93
C GLY G 284 -16.74 -3.69 48.76
N ASN G 285 -16.39 -3.24 49.99
CA ASN G 285 -17.28 -2.64 50.97
C ASN G 285 -17.56 -1.15 50.78
N PHE G 286 -16.73 -0.44 49.98
CA PHE G 286 -16.89 1.00 49.83
C PHE G 286 -16.74 1.39 48.37
N PRO G 287 -17.62 0.89 47.50
CA PRO G 287 -17.49 1.21 46.07
C PRO G 287 -17.67 2.69 45.74
N VAL G 288 -18.60 3.38 46.43
CA VAL G 288 -18.83 4.80 46.21
C VAL G 288 -17.65 5.63 46.74
N GLU G 289 -17.11 5.23 47.89
CA GLU G 289 -16.00 5.90 48.51
C GLU G 289 -14.73 5.77 47.67
N ALA G 290 -14.57 4.62 46.94
CA ALA G 290 -13.43 4.37 46.07
C ALA G 290 -13.48 5.32 44.86
N VAL G 291 -14.68 5.51 44.28
CA VAL G 291 -14.88 6.41 43.16
C VAL G 291 -14.58 7.83 43.60
N LYS G 292 -15.09 8.20 44.77
CA LYS G 292 -14.87 9.54 45.32
C LYS G 292 -13.39 9.80 45.54
N MET G 293 -12.67 8.77 46.00
CA MET G 293 -11.24 8.88 46.25
C MET G 293 -10.45 9.06 44.94
N GLN G 294 -10.76 8.26 43.90
CA GLN G 294 -10.11 8.43 42.60
C GLN G 294 -10.39 9.80 42.02
N HIS G 295 -11.62 10.29 42.19
CA HIS G 295 -12.00 11.62 41.74
C HIS G 295 -11.15 12.70 42.42
N ALA G 296 -11.04 12.66 43.75
CA ALA G 296 -10.30 13.62 44.55
C ALA G 296 -8.83 13.68 44.18
N ILE G 297 -8.18 12.52 44.00
CA ILE G 297 -6.76 12.44 43.65
C ILE G 297 -6.50 12.93 42.22
N ALA G 298 -7.33 12.49 41.26
CA ALA G 298 -7.15 12.88 39.87
C ALA G 298 -7.16 14.39 39.69
N ARG G 299 -8.09 15.09 40.36
CA ARG G 299 -8.21 16.54 40.33
C ARG G 299 -6.92 17.21 40.78
N GLU G 300 -6.33 16.71 41.89
CA GLU G 300 -5.10 17.25 42.43
C GLU G 300 -3.94 17.03 41.48
N ALA G 301 -3.87 15.82 40.89
CA ALA G 301 -2.79 15.40 39.99
C ALA G 301 -2.83 16.10 38.66
N GLU G 302 -4.03 16.37 38.14
CA GLU G 302 -4.16 17.08 36.87
C GLU G 302 -3.68 18.54 36.98
N ALA G 303 -3.95 19.18 38.14
CA ALA G 303 -3.47 20.54 38.37
C ALA G 303 -1.95 20.58 38.45
N ALA G 304 -1.32 19.52 38.98
CA ALA G 304 0.12 19.39 39.15
C ALA G 304 0.88 18.94 37.89
N VAL G 305 0.18 18.74 36.76
CA VAL G 305 0.83 18.37 35.50
C VAL G 305 1.65 19.56 34.97
N TYR G 306 2.91 19.33 34.54
CA TYR G 306 3.75 20.41 34.01
C TYR G 306 3.44 20.59 32.52
N HIS G 307 2.34 21.29 32.24
CA HIS G 307 1.86 21.51 30.88
C HIS G 307 2.87 22.19 29.95
N ARG G 308 3.73 23.07 30.49
CA ARG G 308 4.74 23.77 29.68
C ARG G 308 5.62 22.80 28.91
N GLN G 309 6.21 21.84 29.62
CA GLN G 309 7.06 20.84 28.99
C GLN G 309 6.22 19.86 28.18
N LEU G 310 5.10 19.42 28.75
CA LEU G 310 4.22 18.46 28.10
C LEU G 310 3.73 18.91 26.72
N PHE G 311 3.13 20.11 26.63
CA PHE G 311 2.64 20.64 25.35
C PHE G 311 3.75 20.82 24.37
N GLU G 312 4.87 21.37 24.80
CA GLU G 312 6.04 21.59 23.95
C GLU G 312 6.56 20.27 23.37
N GLU G 313 6.60 19.22 24.19
CA GLU G 313 7.08 17.92 23.75
C GLU G 313 6.09 17.24 22.83
N LEU G 314 4.78 17.36 23.14
CA LEU G 314 3.71 16.79 22.30
C LEU G 314 3.71 17.46 20.95
N ARG G 315 3.86 18.78 20.93
CA ARG G 315 3.89 19.61 19.74
C ARG G 315 5.10 19.20 18.89
N ARG G 316 6.31 19.17 19.48
CA ARG G 316 7.55 18.83 18.78
C ARG G 316 7.45 17.44 18.18
N ALA G 317 6.92 16.48 18.95
CA ALA G 317 6.83 15.08 18.52
C ALA G 317 5.78 14.80 17.47
N ALA G 318 4.65 15.53 17.51
CA ALA G 318 3.59 15.32 16.54
C ALA G 318 4.04 15.75 15.13
N PRO G 319 3.82 14.89 14.14
CA PRO G 319 4.25 15.22 12.77
C PRO G 319 3.39 16.28 12.09
N LEU G 320 3.91 16.89 11.01
CA LEU G 320 3.14 17.86 10.24
C LEU G 320 1.88 17.19 9.67
N SER G 321 0.78 17.92 9.61
CA SER G 321 -0.46 17.35 9.13
C SER G 321 -1.14 18.23 8.13
N ARG G 322 -1.76 17.63 7.12
CA ARG G 322 -2.57 18.37 6.17
C ARG G 322 -4.08 18.13 6.42
N ASP G 323 -4.44 17.58 7.59
CA ASP G 323 -5.82 17.33 7.97
C ASP G 323 -6.31 18.56 8.72
N PRO G 324 -7.36 19.22 8.19
CA PRO G 324 -7.84 20.45 8.86
C PRO G 324 -8.30 20.26 10.26
N THR G 325 -8.79 19.07 10.63
CA THR G 325 -9.22 18.79 11.98
C THR G 325 -8.00 18.81 12.90
N GLU G 326 -6.93 18.12 12.50
CA GLU G 326 -5.71 18.08 13.29
CA GLU G 326 -5.70 18.08 13.29
C GLU G 326 -5.06 19.47 13.36
N VAL G 327 -5.06 20.20 12.22
CA VAL G 327 -4.51 21.55 12.16
C VAL G 327 -5.30 22.52 13.07
N THR G 328 -6.63 22.50 13.00
CA THR G 328 -7.51 23.29 13.84
C THR G 328 -7.31 22.95 15.31
N ALA G 329 -7.14 21.65 15.63
CA ALA G 329 -6.96 21.18 17.00
C ALA G 329 -5.76 21.81 17.67
N ILE G 330 -4.58 21.83 17.00
CA ILE G 330 -3.39 22.40 17.63
C ILE G 330 -3.50 23.92 17.77
N GLY G 331 -4.13 24.57 16.79
CA GLY G 331 -4.37 26.00 16.83
C GLY G 331 -5.25 26.37 18.00
N ALA G 332 -6.31 25.56 18.22
CA ALA G 332 -7.28 25.76 19.28
C ALA G 332 -6.65 25.60 20.63
N VAL G 333 -5.83 24.56 20.81
CA VAL G 333 -5.14 24.28 22.08
C VAL G 333 -4.11 25.38 22.37
N GLU G 334 -3.39 25.83 21.34
CA GLU G 334 -2.43 26.92 21.49
CA GLU G 334 -2.43 26.93 21.48
C GLU G 334 -3.13 28.21 21.96
N ALA G 335 -4.27 28.57 21.32
CA ALA G 335 -5.06 29.74 21.66
C ALA G 335 -5.60 29.62 23.07
N ALA G 336 -6.05 28.43 23.48
CA ALA G 336 -6.57 28.20 24.82
C ALA G 336 -5.50 28.45 25.88
N PHE G 337 -4.26 28.02 25.61
CA PHE G 337 -3.15 28.25 26.54
C PHE G 337 -2.83 29.73 26.69
N LYS G 338 -2.84 30.48 25.57
CA LYS G 338 -2.56 31.91 25.47
C LYS G 338 -3.46 32.78 26.33
N CYS G 339 -4.75 32.43 26.41
CA CYS G 339 -5.68 33.27 27.16
C CYS G 339 -6.18 32.66 28.47
N CYS G 340 -5.68 31.45 28.82
CA CYS G 340 -6.18 30.73 29.98
C CYS G 340 -7.69 30.46 29.79
N ALA G 341 -8.08 30.04 28.55
CA ALA G 341 -9.46 29.76 28.18
C ALA G 341 -10.09 28.82 29.16
N ALA G 342 -11.32 29.13 29.59
CA ALA G 342 -12.02 28.27 30.56
C ALA G 342 -12.33 26.90 29.95
N ALA G 343 -12.67 26.88 28.67
CA ALA G 343 -13.04 25.67 27.97
C ALA G 343 -12.82 25.80 26.46
N ILE G 344 -12.85 24.66 25.74
CA ILE G 344 -12.83 24.55 24.29
C ILE G 344 -14.12 23.82 23.98
N ILE G 345 -15.07 24.47 23.33
CA ILE G 345 -16.33 23.84 22.99
C ILE G 345 -16.23 23.32 21.57
N VAL G 346 -16.41 22.02 21.41
CA VAL G 346 -16.29 21.42 20.08
C VAL G 346 -17.56 20.69 19.67
N LEU G 347 -17.97 20.87 18.45
CA LEU G 347 -19.09 20.17 17.87
C LEU G 347 -18.51 18.91 17.25
N THR G 348 -19.01 17.74 17.67
CA THR G 348 -18.50 16.48 17.12
C THR G 348 -19.63 15.48 16.90
N THR G 349 -19.51 14.64 15.87
CA THR G 349 -20.51 13.62 15.58
C THR G 349 -19.99 12.24 15.95
N THR G 350 -18.71 11.99 15.64
CA THR G 350 -18.03 10.75 15.92
C THR G 350 -17.15 10.84 17.18
N GLY G 351 -16.84 12.06 17.65
CA GLY G 351 -15.94 12.29 18.76
C GLY G 351 -14.50 12.55 18.34
N ARG G 352 -14.22 12.48 17.02
CA ARG G 352 -12.85 12.61 16.54
C ARG G 352 -12.26 13.96 16.83
N SER G 353 -13.03 15.02 16.55
CA SER G 353 -12.59 16.38 16.75
C SER G 353 -12.19 16.63 18.21
N ALA G 354 -12.96 16.05 19.15
CA ALA G 354 -12.64 16.19 20.56
C ALA G 354 -11.39 15.42 20.89
N GLN G 355 -11.25 14.20 20.34
CA GLN G 355 -10.09 13.37 20.58
C GLN G 355 -8.80 14.06 20.16
N LEU G 356 -8.84 14.75 18.98
CA LEU G 356 -7.68 15.44 18.50
C LEU G 356 -7.30 16.64 19.35
N LEU G 357 -8.26 17.26 20.00
CA LEU G 357 -7.99 18.37 20.91
C LEU G 357 -7.29 17.81 22.17
N SER G 358 -7.87 16.74 22.71
CA SER G 358 -7.44 16.01 23.88
C SER G 358 -5.99 15.58 23.81
N ARG G 359 -5.54 15.09 22.62
CA ARG G 359 -4.17 14.62 22.42
C ARG G 359 -3.10 15.69 22.73
N TYR G 360 -3.44 16.99 22.61
CA TYR G 360 -2.49 18.04 22.95
C TYR G 360 -2.55 18.46 24.42
N ARG G 361 -3.28 17.71 25.24
CA ARG G 361 -3.42 17.91 26.67
C ARG G 361 -3.63 19.36 27.09
N PRO G 362 -4.72 20.00 26.62
CA PRO G 362 -4.99 21.36 27.09
C PRO G 362 -5.37 21.41 28.57
N ARG G 363 -5.10 22.53 29.23
CA ARG G 363 -5.57 22.73 30.58
C ARG G 363 -7.09 23.07 30.54
N ALA G 364 -7.60 23.64 29.41
CA ALA G 364 -9.02 23.96 29.25
C ALA G 364 -9.84 22.71 29.03
N ALA G 365 -11.04 22.67 29.60
CA ALA G 365 -11.92 21.52 29.44
C ALA G 365 -12.43 21.45 28.00
N VAL G 366 -12.44 20.24 27.41
CA VAL G 366 -12.98 20.09 26.05
C VAL G 366 -14.43 19.68 26.18
N ILE G 367 -15.35 20.64 26.02
CA ILE G 367 -16.77 20.39 26.12
C ILE G 367 -17.23 19.93 24.76
N ALA G 368 -17.54 18.64 24.62
CA ALA G 368 -17.94 18.09 23.34
C ALA G 368 -19.44 17.99 23.21
N VAL G 369 -20.02 18.78 22.31
CA VAL G 369 -21.47 18.77 22.07
C VAL G 369 -21.80 17.85 20.89
N THR G 370 -22.59 16.80 21.15
CA THR G 370 -22.91 15.81 20.14
C THR G 370 -24.34 15.35 20.20
N ARG G 371 -24.89 15.02 19.04
CA ARG G 371 -26.23 14.42 18.94
C ARG G 371 -26.15 12.87 19.04
N SER G 372 -24.94 12.29 18.89
CA SER G 372 -24.67 10.86 18.96
C SER G 372 -24.51 10.44 20.40
N ALA G 373 -25.42 9.59 20.88
CA ALA G 373 -25.34 9.09 22.24
C ALA G 373 -24.14 8.17 22.43
N GLN G 374 -23.82 7.36 21.39
CA GLN G 374 -22.68 6.45 21.46
C GLN G 374 -21.37 7.23 21.53
N ALA G 375 -21.22 8.26 20.70
CA ALA G 375 -20.03 9.09 20.71
C ALA G 375 -19.88 9.81 22.03
N ALA G 376 -21.00 10.31 22.59
CA ALA G 376 -20.99 10.97 23.90
C ALA G 376 -20.45 10.04 24.98
N ARG G 377 -20.78 8.75 24.91
CA ARG G 377 -20.30 7.80 25.91
C ARG G 377 -18.85 7.41 25.64
N GLN G 378 -18.48 7.19 24.37
CA GLN G 378 -17.13 6.78 23.98
C GLN G 378 -16.06 7.85 24.20
N VAL G 379 -16.43 9.16 24.15
CA VAL G 379 -15.42 10.21 24.38
C VAL G 379 -14.89 10.24 25.81
N HIS G 380 -15.50 9.46 26.74
CA HIS G 380 -14.98 9.39 28.08
C HIS G 380 -13.57 8.76 28.08
N LEU G 381 -13.24 7.96 27.04
CA LEU G 381 -11.92 7.39 26.90
C LEU G 381 -10.84 8.45 26.76
N CYS G 382 -11.18 9.66 26.30
CA CYS G 382 -10.26 10.77 26.06
C CYS G 382 -10.18 11.73 27.21
N ARG G 383 -8.98 11.92 27.73
CA ARG G 383 -8.78 12.80 28.87
C ARG G 383 -9.17 14.22 28.61
N GLY G 384 -9.96 14.77 29.50
CA GLY G 384 -10.37 16.16 29.41
C GLY G 384 -11.56 16.42 28.51
N VAL G 385 -12.21 15.35 28.00
CA VAL G 385 -13.40 15.55 27.17
C VAL G 385 -14.62 15.33 28.04
N PHE G 386 -15.49 16.36 28.09
CA PHE G 386 -16.74 16.41 28.87
C PHE G 386 -17.90 16.38 27.89
N PRO G 387 -18.47 15.19 27.66
CA PRO G 387 -19.53 15.09 26.65
C PRO G 387 -20.90 15.63 27.04
N LEU G 388 -21.55 16.33 26.10
CA LEU G 388 -22.89 16.86 26.29
C LEU G 388 -23.76 16.32 25.19
N LEU G 389 -24.81 15.58 25.55
CA LEU G 389 -25.72 15.04 24.53
C LEU G 389 -26.82 16.05 24.17
N TYR G 390 -26.82 16.51 22.90
CA TYR G 390 -27.80 17.46 22.40
C TYR G 390 -29.03 16.71 21.91
N ARG G 391 -30.20 17.09 22.44
CA ARG G 391 -31.45 16.39 22.12
C ARG G 391 -32.47 17.23 21.34
N GLU G 392 -32.23 18.53 21.20
CA GLU G 392 -33.15 19.41 20.50
C GLU G 392 -33.24 19.06 19.03
N PRO G 393 -34.43 19.30 18.45
CA PRO G 393 -34.58 19.02 17.02
C PRO G 393 -33.84 20.02 16.12
N PRO G 394 -33.33 19.54 14.97
CA PRO G 394 -32.57 20.43 14.10
C PRO G 394 -33.29 21.69 13.65
N GLU G 395 -32.53 22.82 13.56
CA GLU G 395 -33.02 24.10 13.05
C GLU G 395 -33.03 24.02 11.52
N ALA G 396 -33.84 24.86 10.87
CA ALA G 396 -33.91 24.85 9.40
C ALA G 396 -32.56 25.35 8.81
N ILE G 397 -32.04 26.45 9.40
CA ILE G 397 -30.78 27.03 8.96
C ILE G 397 -29.65 26.33 9.68
N TRP G 398 -28.75 25.67 8.92
CA TRP G 398 -27.60 24.96 9.49
C TRP G 398 -26.75 25.83 10.40
N ALA G 399 -26.41 27.06 10.00
CA ALA G 399 -25.64 27.97 10.85
C ALA G 399 -26.32 28.22 12.19
N ASP G 400 -27.64 28.31 12.19
CA ASP G 400 -28.42 28.54 13.42
C ASP G 400 -28.42 27.30 14.32
N ASP G 401 -28.43 26.12 13.70
CA ASP G 401 -28.39 24.87 14.41
C ASP G 401 -27.04 24.73 15.15
N VAL G 402 -25.95 25.14 14.47
CA VAL G 402 -24.61 25.14 15.00
C VAL G 402 -24.54 26.07 16.22
N ASP G 403 -25.03 27.32 16.10
CA ASP G 403 -25.00 28.27 17.20
C ASP G 403 -25.79 27.83 18.39
N ARG G 404 -26.91 27.10 18.16
CA ARG G 404 -27.71 26.60 19.26
C ARG G 404 -26.91 25.53 20.04
N ARG G 405 -26.17 24.68 19.31
CA ARG G 405 -25.34 23.67 19.94
C ARG G 405 -24.17 24.27 20.71
N VAL G 406 -23.51 25.33 20.19
CA VAL G 406 -22.44 26.06 20.91
C VAL G 406 -23.03 26.70 22.17
N GLN G 407 -24.16 27.38 22.05
CA GLN G 407 -24.85 27.93 23.22
C GLN G 407 -25.20 26.91 24.25
N PHE G 408 -25.62 25.72 23.81
CA PHE G 408 -25.95 24.63 24.71
C PHE G 408 -24.72 24.26 25.56
N GLY G 409 -23.55 24.28 24.94
CA GLY G 409 -22.30 23.99 25.62
C GLY G 409 -21.93 25.06 26.62
N ILE G 410 -22.21 26.31 26.28
CA ILE G 410 -21.96 27.46 27.15
C ILE G 410 -22.92 27.37 28.32
N GLU G 411 -24.23 27.24 28.06
CA GLU G 411 -25.24 27.13 29.10
C GLU G 411 -24.96 25.97 30.05
N SER G 412 -24.65 24.77 29.52
CA SER G 412 -24.30 23.62 30.36
C SER G 412 -23.02 23.90 31.14
N GLY G 413 -22.01 24.48 30.48
CA GLY G 413 -20.77 24.85 31.12
C GLY G 413 -20.93 25.86 32.25
N LYS G 414 -21.82 26.82 32.06
CA LYS G 414 -22.15 27.83 33.06
C LYS G 414 -22.83 27.16 34.23
N LEU G 415 -23.78 26.25 33.95
CA LEU G 415 -24.54 25.54 34.96
C LEU G 415 -23.61 24.68 35.83
N ARG G 416 -22.71 23.94 35.18
CA ARG G 416 -21.79 22.99 35.86
C ARG G 416 -20.56 23.63 36.49
N GLY G 417 -20.42 24.94 36.42
CA GLY G 417 -19.30 25.63 37.03
C GLY G 417 -18.04 25.73 36.21
N PHE G 418 -18.06 25.24 34.97
CA PHE G 418 -16.91 25.35 34.07
C PHE G 418 -16.71 26.80 33.62
N LEU G 419 -17.82 27.55 33.45
CA LEU G 419 -17.75 28.89 32.88
C LEU G 419 -18.41 29.93 33.73
N ARG G 420 -17.96 31.17 33.54
CA ARG G 420 -18.49 32.38 34.19
C ARG G 420 -18.52 33.47 33.12
N VAL G 421 -19.44 34.43 33.23
CA VAL G 421 -19.51 35.57 32.30
C VAL G 421 -18.17 36.34 32.36
N GLY G 422 -17.61 36.61 31.19
CA GLY G 422 -16.31 37.26 31.14
C GLY G 422 -15.17 36.31 30.82
N ASP G 423 -15.42 34.99 30.93
CA ASP G 423 -14.42 33.99 30.55
C ASP G 423 -14.20 33.96 29.04
N LEU G 424 -13.05 33.46 28.63
CA LEU G 424 -12.79 33.27 27.23
C LEU G 424 -12.92 31.78 26.91
N VAL G 425 -13.52 31.47 25.77
CA VAL G 425 -13.65 30.08 25.32
C VAL G 425 -13.22 30.00 23.88
N ILE G 426 -12.77 28.84 23.47
CA ILE G 426 -12.37 28.59 22.10
C ILE G 426 -13.45 27.68 21.54
N VAL G 427 -14.02 28.03 20.40
CA VAL G 427 -15.10 27.22 19.81
C VAL G 427 -14.63 26.57 18.53
N VAL G 428 -14.67 25.24 18.51
CA VAL G 428 -14.21 24.50 17.35
C VAL G 428 -15.38 23.89 16.58
N THR G 429 -15.55 24.29 15.32
CA THR G 429 -16.63 23.83 14.43
C THR G 429 -16.06 23.56 12.98
N GLY G 430 -16.91 23.20 12.03
CA GLY G 430 -16.51 22.97 10.65
C GLY G 430 -17.33 23.83 9.72
N TRP G 431 -16.92 23.87 8.43
CA TRP G 431 -17.52 24.73 7.40
C TRP G 431 -18.83 24.22 6.76
N ARG G 432 -19.07 22.91 6.87
CA ARG G 432 -20.27 22.31 6.31
C ARG G 432 -20.74 21.18 7.21
N PRO G 433 -22.04 20.80 7.16
CA PRO G 433 -22.51 19.72 8.06
C PRO G 433 -21.88 18.38 7.72
N GLY G 434 -21.90 17.49 8.71
CA GLY G 434 -21.38 16.16 8.56
C GLY G 434 -20.02 16.01 9.18
N SER G 435 -19.72 14.80 9.61
CA SER G 435 -18.44 14.48 10.18
C SER G 435 -17.30 14.69 9.13
N GLY G 436 -16.09 15.00 9.61
CA GLY G 436 -14.90 15.09 8.79
C GLY G 436 -14.38 16.43 8.33
N TYR G 437 -15.15 17.48 8.57
CA TYR G 437 -14.82 18.82 8.08
C TYR G 437 -14.47 19.85 9.14
N THR G 438 -14.14 19.49 10.40
CA THR G 438 -13.75 20.50 11.40
C THR G 438 -12.59 21.36 10.87
N ASN G 439 -12.75 22.68 10.84
CA ASN G 439 -11.72 23.56 10.29
C ASN G 439 -11.77 24.99 10.82
N ILE G 440 -12.67 25.30 11.78
CA ILE G 440 -12.82 26.66 12.27
C ILE G 440 -12.55 26.71 13.77
N MET G 441 -11.85 27.75 14.21
CA MET G 441 -11.53 27.98 15.61
C MET G 441 -11.96 29.45 15.90
N ARG G 442 -12.82 29.69 16.90
CA ARG G 442 -13.26 31.06 17.26
C ARG G 442 -12.90 31.40 18.69
N VAL G 443 -12.58 32.67 18.97
CA VAL G 443 -12.31 33.12 20.33
C VAL G 443 -13.54 33.86 20.78
N LEU G 444 -14.28 33.32 21.76
CA LEU G 444 -15.52 33.90 22.22
C LEU G 444 -15.45 34.34 23.66
N SER G 445 -15.93 35.54 23.95
CA SER G 445 -16.01 36.01 25.31
C SER G 445 -17.41 35.65 25.83
N ILE G 446 -17.50 34.99 27.01
CA ILE G 446 -18.76 34.57 27.59
C ILE G 446 -19.61 35.76 28.05
N SER G 447 -20.86 35.84 27.57
CA SER G 447 -21.79 36.87 27.97
C SER G 447 -23.07 36.26 28.61
N GLY H 23 6.34 15.97 -1.53
CA GLY H 23 7.51 15.51 -2.27
C GLY H 23 8.82 15.75 -1.52
N THR H 24 9.86 14.99 -1.87
CA THR H 24 11.18 15.13 -1.26
C THR H 24 11.83 16.46 -1.66
N ALA H 25 11.64 16.86 -2.92
CA ALA H 25 12.17 18.11 -3.44
C ALA H 25 11.63 19.30 -2.69
N PHE H 26 10.39 19.25 -2.19
CA PHE H 26 9.80 20.35 -1.42
C PHE H 26 10.56 20.53 -0.11
N PHE H 27 10.86 19.41 0.56
CA PHE H 27 11.55 19.44 1.84
C PHE H 27 13.07 19.73 1.76
N GLN H 28 13.61 19.87 0.54
CA GLN H 28 15.00 20.26 0.36
C GLN H 28 15.12 21.78 0.24
N GLN H 29 14.10 22.45 -0.32
CA GLN H 29 14.02 23.90 -0.50
C GLN H 29 13.80 24.65 0.83
N GLN H 30 13.94 26.01 0.76
CA GLN H 30 13.78 27.03 1.81
C GLN H 30 14.34 26.60 3.19
N GLN H 31 15.53 25.96 3.17
CA GLN H 31 16.27 25.49 4.34
C GLN H 31 15.44 24.62 5.30
N LEU H 32 14.53 23.80 4.74
CA LEU H 32 13.70 22.93 5.57
C LEU H 32 14.51 21.88 6.35
N PRO H 33 15.58 21.26 5.78
CA PRO H 33 16.41 20.36 6.61
C PRO H 33 17.02 21.09 7.82
N ALA H 34 17.50 22.34 7.64
CA ALA H 34 18.08 23.13 8.72
C ALA H 34 17.03 23.59 9.75
N ALA H 35 15.76 23.77 9.30
CA ALA H 35 14.66 24.20 10.17
C ALA H 35 14.17 23.05 11.07
N MET H 36 14.31 21.78 10.61
CA MET H 36 13.92 20.59 11.37
C MET H 36 14.92 20.28 12.51
N ALA H 37 16.13 20.88 12.51
CA ALA H 37 17.19 20.62 13.50
C ALA H 37 16.77 20.79 14.94
N ASP H 38 17.31 19.92 15.81
CA ASP H 38 16.99 19.92 17.24
C ASP H 38 17.78 20.96 18.03
N THR H 39 18.93 21.40 17.51
CA THR H 39 19.73 22.43 18.16
C THR H 39 20.05 23.53 17.17
N PHE H 40 20.36 24.72 17.69
CA PHE H 40 20.78 25.85 16.89
C PHE H 40 22.09 25.55 16.15
N LEU H 41 23.00 24.84 16.81
CA LEU H 41 24.28 24.45 16.25
C LEU H 41 24.08 23.49 15.09
N GLU H 42 23.23 22.48 15.25
CA GLU H 42 22.88 21.52 14.20
C GLU H 42 22.22 22.26 13.02
N HIS H 43 21.38 23.27 13.34
CA HIS H 43 20.67 24.12 12.38
C HIS H 43 21.69 24.79 11.46
N LEU H 44 22.72 25.43 12.04
CA LEU H 44 23.78 26.07 11.27
C LEU H 44 24.48 25.07 10.36
N CYS H 45 24.81 23.89 10.91
CA CYS H 45 25.48 22.82 10.19
C CYS H 45 24.68 22.32 9.01
N LEU H 46 23.36 22.41 9.07
CA LEU H 46 22.49 21.94 8.00
C LEU H 46 22.16 22.97 6.91
N LEU H 47 22.66 24.22 7.04
CA LEU H 47 22.38 25.26 6.03
C LEU H 47 22.96 24.85 4.69
N ASP H 48 22.13 24.90 3.66
CA ASP H 48 22.51 24.47 2.33
C ASP H 48 22.49 25.61 1.31
N ILE H 49 23.62 25.90 0.66
CA ILE H 49 23.66 26.94 -0.40
C ILE H 49 22.81 26.53 -1.62
N ASP H 50 22.59 25.22 -1.83
CA ASP H 50 21.77 24.70 -2.92
C ASP H 50 20.29 24.63 -2.61
N SER H 51 19.89 24.97 -1.37
CA SER H 51 18.49 25.01 -0.93
C SER H 51 17.92 26.38 -1.33
N GLU H 52 17.13 26.43 -2.40
CA GLU H 52 16.60 27.70 -2.89
C GLU H 52 15.41 28.23 -2.11
N PRO H 53 15.37 29.56 -1.90
CA PRO H 53 14.22 30.15 -1.19
C PRO H 53 12.95 30.10 -2.06
N VAL H 54 11.80 29.74 -1.48
CA VAL H 54 10.54 29.66 -2.24
C VAL H 54 9.57 30.77 -1.83
N ALA H 55 9.50 31.05 -0.52
CA ALA H 55 8.65 32.08 0.04
C ALA H 55 8.94 33.51 -0.53
N ALA H 56 7.95 34.40 -0.48
CA ALA H 56 8.14 35.78 -0.88
C ALA H 56 8.96 36.48 0.21
N ARG H 57 9.74 37.49 -0.20
CA ARG H 57 10.59 38.23 0.71
C ARG H 57 9.76 39.01 1.74
N SER H 58 9.99 38.76 3.01
CA SER H 58 9.19 39.36 4.06
C SER H 58 9.76 40.67 4.70
N THR H 59 11.09 40.83 4.76
CA THR H 59 11.69 42.05 5.32
C THR H 59 11.53 43.19 4.33
N SER H 60 10.82 44.28 4.71
CA SER H 60 10.58 45.39 3.79
C SER H 60 11.82 46.19 3.55
N ILE H 61 11.91 46.76 2.35
CA ILE H 61 13.02 47.61 1.96
C ILE H 61 12.55 49.05 1.96
N ILE H 62 13.29 49.91 2.69
CA ILE H 62 13.02 51.34 2.73
C ILE H 62 14.08 51.97 1.86
N ALA H 63 13.67 52.75 0.86
CA ALA H 63 14.61 53.36 -0.05
C ALA H 63 14.54 54.86 0.08
N THR H 64 15.70 55.49 0.33
CA THR H 64 15.75 56.96 0.43
C THR H 64 15.69 57.54 -0.98
N ILE H 65 14.73 58.44 -1.21
CA ILE H 65 14.49 59.04 -2.49
C ILE H 65 15.30 60.35 -2.61
N GLY H 66 16.08 60.41 -3.67
CA GLY H 66 16.87 61.59 -3.98
C GLY H 66 17.07 61.81 -5.46
N PRO H 67 18.10 62.63 -5.82
CA PRO H 67 18.45 62.86 -7.24
C PRO H 67 18.63 61.62 -8.11
N ALA H 68 19.05 60.47 -7.51
CA ALA H 68 19.27 59.21 -8.24
C ALA H 68 18.01 58.36 -8.43
N SER H 69 16.97 58.62 -7.64
CA SER H 69 15.77 57.81 -7.65
C SER H 69 14.50 58.63 -7.69
N ARG H 70 14.53 59.83 -8.29
CA ARG H 70 13.34 60.66 -8.32
C ARG H 70 12.49 60.54 -9.58
N SER H 71 13.02 60.07 -10.71
CA SER H 71 12.20 60.00 -11.91
C SER H 71 11.11 58.98 -11.76
N VAL H 72 9.94 59.28 -12.27
CA VAL H 72 8.79 58.38 -12.28
C VAL H 72 9.15 57.02 -12.94
N GLU H 73 9.96 57.04 -13.99
CA GLU H 73 10.38 55.82 -14.66
C GLU H 73 11.34 54.98 -13.82
N ARG H 74 12.25 55.63 -13.07
CA ARG H 74 13.21 54.96 -12.19
C ARG H 74 12.42 54.38 -10.99
N LEU H 75 11.50 55.16 -10.41
CA LEU H 75 10.66 54.73 -9.30
C LEU H 75 9.83 53.49 -9.64
N LYS H 76 9.39 53.35 -10.90
CA LYS H 76 8.63 52.17 -11.35
C LYS H 76 9.51 50.93 -11.35
N GLU H 77 10.79 51.10 -11.75
CA GLU H 77 11.75 50.02 -11.72
C GLU H 77 12.09 49.63 -10.27
N MET H 78 12.12 50.61 -9.35
CA MET H 78 12.42 50.36 -7.96
CA MET H 78 12.41 50.35 -7.95
C MET H 78 11.26 49.64 -7.25
N ILE H 79 10.01 49.95 -7.64
CA ILE H 79 8.86 49.28 -7.06
C ILE H 79 8.90 47.79 -7.51
N LYS H 80 9.21 47.55 -8.80
CA LYS H 80 9.34 46.22 -9.35
C LYS H 80 10.50 45.45 -8.72
N ALA H 81 11.59 46.15 -8.36
CA ALA H 81 12.77 45.57 -7.70
C ALA H 81 12.49 45.14 -6.25
N GLY H 82 11.49 45.77 -5.62
CA GLY H 82 11.12 45.44 -4.27
C GLY H 82 10.97 46.57 -3.24
N MET H 83 11.09 47.85 -3.66
CA MET H 83 10.97 48.97 -2.69
C MET H 83 9.58 48.99 -2.09
N ASN H 84 9.49 49.04 -0.76
CA ASN H 84 8.17 49.05 -0.10
C ASN H 84 7.84 50.37 0.54
N ILE H 85 8.86 51.08 1.02
CA ILE H 85 8.69 52.38 1.68
C ILE H 85 9.65 53.37 1.02
N ALA H 86 9.17 54.57 0.72
CA ALA H 86 9.97 55.63 0.14
C ALA H 86 10.29 56.61 1.26
N ARG H 87 11.57 56.82 1.56
CA ARG H 87 11.99 57.72 2.61
C ARG H 87 12.41 59.10 2.08
N LEU H 88 11.88 60.17 2.68
CA LEU H 88 12.20 61.54 2.32
C LEU H 88 12.98 62.15 3.48
N ASN H 89 14.27 62.37 3.26
CA ASN H 89 15.13 62.91 4.30
C ASN H 89 15.01 64.43 4.41
N PHE H 90 14.28 64.92 5.41
CA PHE H 90 14.10 66.35 5.57
C PHE H 90 15.38 67.08 6.11
N SER H 91 16.49 66.36 6.26
CA SER H 91 17.78 66.99 6.56
C SER H 91 18.33 67.71 5.30
N HIS H 92 17.89 67.29 4.11
CA HIS H 92 18.26 67.84 2.81
C HIS H 92 17.01 68.29 2.05
N GLY H 93 17.20 69.06 1.00
CA GLY H 93 16.10 69.52 0.17
C GLY H 93 15.14 70.49 0.84
N SER H 94 14.15 70.91 0.07
CA SER H 94 13.14 71.85 0.51
C SER H 94 11.75 71.21 0.50
N HIS H 95 10.73 71.94 0.99
CA HIS H 95 9.35 71.48 0.95
C HIS H 95 8.92 71.30 -0.52
N GLU H 96 9.32 72.21 -1.39
CA GLU H 96 9.01 72.16 -2.82
C GLU H 96 9.61 70.90 -3.46
N TYR H 97 10.86 70.58 -3.07
CA TYR H 97 11.58 69.41 -3.56
C TYR H 97 10.92 68.11 -3.10
N HIS H 98 10.63 68.00 -1.81
CA HIS H 98 10.01 66.80 -1.25
C HIS H 98 8.57 66.58 -1.72
N ALA H 99 7.84 67.67 -1.98
CA ALA H 99 6.49 67.56 -2.52
C ALA H 99 6.54 66.97 -3.94
N GLU H 100 7.57 67.34 -4.73
CA GLU H 100 7.80 66.83 -6.10
C GLU H 100 8.09 65.33 -6.00
N SER H 101 8.93 64.93 -5.04
CA SER H 101 9.29 63.53 -4.82
C SER H 101 8.05 62.70 -4.53
N ILE H 102 7.21 63.17 -3.58
CA ILE H 102 5.98 62.51 -3.18
C ILE H 102 5.08 62.29 -4.37
N ALA H 103 4.94 63.34 -5.21
CA ALA H 103 4.11 63.31 -6.41
C ALA H 103 4.59 62.27 -7.39
N ASN H 104 5.93 62.15 -7.58
CA ASN H 104 6.57 61.18 -8.47
C ASN H 104 6.39 59.77 -7.99
N VAL H 105 6.55 59.57 -6.68
CA VAL H 105 6.38 58.26 -6.05
C VAL H 105 4.93 57.81 -6.26
N ARG H 106 3.97 58.71 -5.93
CA ARG H 106 2.56 58.42 -6.08
C ARG H 106 2.18 58.14 -7.51
N GLU H 107 2.78 58.87 -8.47
CA GLU H 107 2.52 58.66 -9.89
C GLU H 107 3.03 57.28 -10.35
N ALA H 108 4.24 56.90 -9.92
CA ALA H 108 4.82 55.61 -10.25
C ALA H 108 4.03 54.47 -9.61
N VAL H 109 3.56 54.66 -8.38
CA VAL H 109 2.79 53.64 -7.68
C VAL H 109 1.43 53.44 -8.36
N GLU H 110 0.76 54.55 -8.70
CA GLU H 110 -0.55 54.47 -9.31
C GLU H 110 -0.54 54.02 -10.76
N SER H 111 0.65 53.98 -11.41
CA SER H 111 0.75 53.46 -12.76
C SER H 111 0.37 51.97 -12.82
N PHE H 112 0.41 51.26 -11.70
CA PHE H 112 0.07 49.83 -11.64
C PHE H 112 -1.32 49.57 -11.07
N ALA H 113 -2.09 50.63 -10.72
CA ALA H 113 -3.41 50.48 -10.13
C ALA H 113 -4.47 49.92 -11.07
N GLY H 114 -4.23 49.96 -12.38
CA GLY H 114 -5.18 49.44 -13.35
C GLY H 114 -5.30 47.91 -13.30
N SER H 115 -4.35 47.22 -12.65
CA SER H 115 -4.43 45.77 -12.47
C SER H 115 -4.34 45.53 -10.97
N PRO H 116 -5.50 45.57 -10.27
CA PRO H 116 -5.49 45.51 -8.80
C PRO H 116 -5.01 44.21 -8.17
N LEU H 117 -4.94 43.11 -8.95
CA LEU H 117 -4.45 41.84 -8.42
C LEU H 117 -2.92 41.81 -8.29
N SER H 118 -2.22 42.75 -8.95
CA SER H 118 -0.76 42.81 -8.88
C SER H 118 -0.24 44.17 -8.36
N TYR H 119 -1.17 45.12 -8.03
CA TYR H 119 -0.83 46.44 -7.49
C TYR H 119 -0.08 46.34 -6.17
N ARG H 120 1.05 47.04 -6.09
CA ARG H 120 1.86 47.08 -4.89
C ARG H 120 1.83 48.48 -4.20
N PRO H 121 1.22 48.57 -3.03
CA PRO H 121 1.23 49.84 -2.29
C PRO H 121 2.65 50.20 -1.81
N VAL H 122 2.97 51.50 -1.76
CA VAL H 122 4.27 51.92 -1.26
C VAL H 122 4.07 52.99 -0.19
N ALA H 123 4.57 52.78 1.03
CA ALA H 123 4.44 53.77 2.07
C ALA H 123 5.34 54.98 1.83
N ILE H 124 4.99 56.14 2.39
CA ILE H 124 5.79 57.34 2.27
C ILE H 124 6.18 57.79 3.66
N ALA H 125 7.48 57.78 3.94
CA ALA H 125 7.97 58.14 5.25
C ALA H 125 8.78 59.44 5.25
N LEU H 126 8.51 60.31 6.25
CA LEU H 126 9.23 61.56 6.40
C LEU H 126 10.28 61.38 7.47
N ASP H 127 11.56 61.56 7.14
CA ASP H 127 12.61 61.46 8.14
C ASP H 127 12.93 62.92 8.58
N THR H 128 12.67 63.27 9.84
CA THR H 128 12.90 64.63 10.32
C THR H 128 14.39 64.99 10.43
N LYS H 129 14.71 66.30 10.43
CA LYS H 129 16.09 66.79 10.54
C LYS H 129 16.64 66.57 11.97
N GLY H 130 15.79 66.76 12.95
CA GLY H 130 16.17 66.57 14.34
C GLY H 130 16.37 67.87 15.09
N PRO H 131 16.69 67.82 16.40
CA PRO H 131 16.75 69.04 17.20
C PRO H 131 18.14 69.68 17.34
N GLY H 132 19.16 69.06 16.76
CA GLY H 132 20.52 69.63 16.81
C GLY H 132 20.87 70.13 18.19
N SER H 133 21.56 71.27 18.27
CA SER H 133 21.98 71.88 19.56
C SER H 133 20.78 72.31 20.37
N GLY H 134 19.62 71.72 20.13
CA GLY H 134 18.42 72.18 20.82
C GLY H 134 18.03 71.23 21.92
N PRO H 135 17.25 71.69 22.92
CA PRO H 135 16.70 70.80 23.92
C PRO H 135 15.45 70.07 23.45
N GLY H 136 14.58 70.74 22.68
CA GLY H 136 13.29 70.12 22.29
C GLY H 136 13.03 70.07 20.80
N LEU H 137 11.76 69.97 20.41
CA LEU H 137 11.43 69.80 18.98
C LEU H 137 11.71 71.11 18.26
N SER H 138 12.63 71.07 17.32
CA SER H 138 13.02 72.26 16.58
C SER H 138 11.85 72.90 15.83
N GLU H 139 11.97 74.20 15.51
CA GLU H 139 10.91 74.90 14.77
C GLU H 139 10.80 74.39 13.34
N GLN H 140 11.91 74.02 12.72
CA GLN H 140 11.93 73.43 11.39
C GLN H 140 11.18 72.09 11.42
N ASP H 141 11.37 71.30 12.47
CA ASP H 141 10.69 70.02 12.61
C ASP H 141 9.20 70.20 12.71
N VAL H 142 8.72 71.23 13.40
CA VAL H 142 7.29 71.51 13.49
C VAL H 142 6.73 71.84 12.09
N ARG H 143 7.45 72.64 11.33
CA ARG H 143 7.05 72.99 9.98
C ARG H 143 7.03 71.78 9.03
N ASP H 144 8.05 70.92 9.15
CA ASP H 144 8.17 69.73 8.32
C ASP H 144 7.11 68.72 8.69
N LEU H 145 6.81 68.56 9.99
CA LEU H 145 5.78 67.66 10.46
C LEU H 145 4.38 68.13 9.98
N ARG H 146 4.12 69.44 10.01
CA ARG H 146 2.86 69.98 9.50
C ARG H 146 2.77 69.75 7.96
N PHE H 147 3.95 69.78 7.24
CA PHE H 147 4.04 69.50 5.81
C PHE H 147 3.66 68.04 5.57
N GLY H 148 4.20 67.13 6.37
CA GLY H 148 3.93 65.71 6.25
C GLY H 148 2.46 65.39 6.38
N VAL H 149 1.80 66.02 7.36
CA VAL H 149 0.38 65.82 7.59
C VAL H 149 -0.41 66.30 6.38
N GLU H 150 -0.08 67.52 5.90
CA GLU H 150 -0.72 68.12 4.75
C GLU H 150 -0.53 67.33 3.48
N HIS H 151 0.59 66.63 3.35
CA HIS H 151 0.87 65.82 2.17
C HIS H 151 0.51 64.32 2.32
N GLY H 152 -0.06 63.95 3.46
CA GLY H 152 -0.53 62.59 3.73
C GLY H 152 0.54 61.52 3.86
N VAL H 153 1.64 61.84 4.56
CA VAL H 153 2.67 60.83 4.80
C VAL H 153 2.15 59.75 5.74
N ASP H 154 2.68 58.53 5.60
CA ASP H 154 2.22 57.40 6.40
C ASP H 154 3.04 57.24 7.66
N ILE H 155 4.36 57.43 7.56
CA ILE H 155 5.28 57.23 8.66
C ILE H 155 6.16 58.47 8.89
N VAL H 156 6.61 58.63 10.14
CA VAL H 156 7.57 59.65 10.51
C VAL H 156 8.75 58.93 11.17
N PHE H 157 9.97 59.12 10.65
CA PHE H 157 11.15 58.60 11.32
C PHE H 157 11.63 59.81 12.09
N ALA H 158 11.30 59.86 13.40
CA ALA H 158 11.68 60.99 14.24
C ALA H 158 13.16 60.92 14.66
N SER H 159 14.00 61.84 14.16
CA SER H 159 15.42 61.89 14.45
C SER H 159 15.76 62.24 15.89
N PHE H 160 16.88 61.68 16.37
CA PHE H 160 17.45 61.87 17.71
C PHE H 160 16.43 61.84 18.83
N VAL H 161 15.64 60.74 18.93
CA VAL H 161 14.67 60.62 20.02
C VAL H 161 15.47 60.21 21.24
N ARG H 162 15.42 61.01 22.32
CA ARG H 162 16.18 60.76 23.56
C ARG H 162 15.34 60.35 24.79
N LYS H 163 14.06 60.66 24.77
CA LYS H 163 13.17 60.36 25.89
C LYS H 163 11.73 60.27 25.39
N ALA H 164 10.82 59.79 26.24
CA ALA H 164 9.41 59.66 25.88
C ALA H 164 8.73 61.01 25.56
N SER H 165 9.17 62.11 26.19
CA SER H 165 8.58 63.43 25.95
C SER H 165 8.84 63.91 24.51
N ASP H 166 9.95 63.49 23.91
CA ASP H 166 10.32 63.81 22.53
C ASP H 166 9.26 63.23 21.58
N VAL H 167 8.82 61.99 21.84
CA VAL H 167 7.81 61.30 21.02
C VAL H 167 6.48 62.06 21.12
N ALA H 168 6.12 62.48 22.34
CA ALA H 168 4.89 63.21 22.61
C ALA H 168 4.89 64.54 21.89
N ALA H 169 6.05 65.21 21.85
CA ALA H 169 6.19 66.48 21.15
C ALA H 169 5.96 66.30 19.63
N VAL H 170 6.40 65.16 19.07
CA VAL H 170 6.21 64.85 17.64
C VAL H 170 4.75 64.56 17.38
N ARG H 171 4.11 63.80 18.27
N ARG H 171 4.11 63.80 18.27
CA ARG H 171 2.70 63.45 18.14
CA ARG H 171 2.70 63.47 18.12
C ARG H 171 1.83 64.73 18.20
C ARG H 171 1.84 64.75 18.18
N ALA H 172 2.20 65.67 19.10
CA ALA H 172 1.51 66.93 19.25
C ALA H 172 1.66 67.77 17.98
N ALA H 173 2.87 67.83 17.41
CA ALA H 173 3.12 68.58 16.17
C ALA H 173 2.38 68.01 14.97
N LEU H 174 2.02 66.73 14.99
CA LEU H 174 1.22 66.13 13.92
C LEU H 174 -0.26 66.57 13.98
N GLY H 175 -0.70 67.07 15.14
CA GLY H 175 -2.03 67.59 15.35
C GLY H 175 -3.10 66.53 15.34
N PRO H 176 -4.37 66.95 15.33
CA PRO H 176 -5.47 65.98 15.32
C PRO H 176 -5.64 65.22 14.00
N GLU H 177 -5.24 65.83 12.89
CA GLU H 177 -5.35 65.21 11.58
C GLU H 177 -4.21 64.19 11.30
N GLY H 178 -3.09 64.31 12.02
CA GLY H 178 -1.99 63.37 11.88
C GLY H 178 -2.01 62.28 12.94
N HIS H 179 -3.21 61.89 13.42
CA HIS H 179 -3.33 60.85 14.45
CA HIS H 179 -3.33 60.85 14.44
C HIS H 179 -3.06 59.45 13.87
N GLY H 180 -3.32 59.26 12.56
CA GLY H 180 -3.11 57.98 11.88
C GLY H 180 -1.69 57.69 11.46
N ILE H 181 -0.82 58.71 11.43
CA ILE H 181 0.57 58.56 11.05
C ILE H 181 1.33 57.73 12.10
N LYS H 182 2.27 56.88 11.65
CA LYS H 182 3.08 56.05 12.55
C LYS H 182 4.35 56.76 12.94
N ILE H 183 4.70 56.74 14.22
CA ILE H 183 5.94 57.35 14.69
C ILE H 183 7.02 56.30 14.96
N ILE H 184 8.04 56.23 14.12
CA ILE H 184 9.17 55.32 14.29
C ILE H 184 10.30 56.15 14.89
N SER H 185 10.62 55.96 16.16
CA SER H 185 11.66 56.71 16.84
C SER H 185 13.06 56.28 16.44
N LYS H 186 13.87 57.21 15.95
CA LYS H 186 15.25 56.89 15.59
C LYS H 186 16.12 56.97 16.83
N ILE H 187 16.80 55.84 17.18
CA ILE H 187 17.73 55.81 18.31
C ILE H 187 19.12 56.08 17.75
N GLU H 188 19.65 57.30 18.02
CA GLU H 188 20.92 57.75 17.43
C GLU H 188 22.01 58.10 18.42
N ASN H 189 21.76 58.00 19.74
CA ASN H 189 22.77 58.37 20.73
C ASN H 189 22.67 57.52 22.01
N HIS H 190 23.61 57.71 22.96
CA HIS H 190 23.64 56.97 24.20
C HIS H 190 22.39 57.17 25.07
N GLU H 191 21.82 58.39 25.11
CA GLU H 191 20.63 58.63 25.92
C GLU H 191 19.44 57.85 25.38
N GLY H 192 19.30 57.79 24.06
CA GLY H 192 18.24 57.04 23.38
C GLY H 192 18.33 55.56 23.68
N VAL H 193 19.55 55.03 23.72
CA VAL H 193 19.79 53.63 24.04
C VAL H 193 19.47 53.36 25.50
N LYS H 194 19.86 54.27 26.39
CA LYS H 194 19.61 54.10 27.81
C LYS H 194 18.13 54.27 28.20
N ARG H 195 17.41 55.17 27.55
CA ARG H 195 15.97 55.34 27.83
C ARG H 195 15.10 54.61 26.81
N PHE H 196 15.64 53.55 26.17
CA PHE H 196 14.96 52.77 25.13
C PHE H 196 13.57 52.27 25.53
N ASP H 197 13.45 51.68 26.71
CA ASP H 197 12.19 51.11 27.13
C ASP H 197 11.05 52.12 27.20
N GLU H 198 11.33 53.33 27.73
CA GLU H 198 10.31 54.35 27.83
C GLU H 198 9.95 54.94 26.47
N ILE H 199 10.92 54.96 25.54
CA ILE H 199 10.73 55.47 24.20
C ILE H 199 9.88 54.48 23.40
N LEU H 200 10.23 53.18 23.46
CA LEU H 200 9.51 52.14 22.73
C LEU H 200 8.06 52.07 23.18
N GLU H 201 7.82 52.23 24.48
CA GLU H 201 6.45 52.20 25.00
C GLU H 201 5.52 53.19 24.35
N VAL H 202 6.01 54.40 24.08
CA VAL H 202 5.18 55.45 23.47
C VAL H 202 5.36 55.56 21.95
N SER H 203 6.26 54.79 21.32
CA SER H 203 6.47 54.82 19.86
C SER H 203 5.74 53.69 19.17
N ASP H 204 5.54 53.82 17.87
CA ASP H 204 4.95 52.75 17.08
C ASP H 204 6.01 51.68 16.68
N GLY H 205 7.26 52.08 16.65
CA GLY H 205 8.39 51.25 16.32
C GLY H 205 9.68 52.03 16.45
N ILE H 206 10.81 51.37 16.13
CA ILE H 206 12.13 51.97 16.28
C ILE H 206 13.01 51.86 15.02
N MET H 207 13.92 52.80 14.82
CA MET H 207 14.92 52.69 13.77
C MET H 207 16.29 52.68 14.45
N VAL H 208 17.15 51.73 14.10
CA VAL H 208 18.50 51.68 14.62
C VAL H 208 19.31 52.52 13.66
N ALA H 209 19.46 53.81 14.01
CA ALA H 209 20.13 54.83 13.22
C ALA H 209 21.63 54.73 13.47
N ARG H 210 22.29 53.77 12.80
CA ARG H 210 23.68 53.40 12.99
C ARG H 210 24.69 54.46 12.61
N GLY H 211 24.36 55.37 11.71
CA GLY H 211 25.26 56.44 11.33
C GLY H 211 25.65 57.31 12.50
N ASP H 212 24.68 57.99 13.11
CA ASP H 212 24.93 58.81 14.29
C ASP H 212 25.25 57.97 15.50
N LEU H 213 24.66 56.79 15.63
CA LEU H 213 24.94 55.90 16.74
C LEU H 213 26.41 55.47 16.76
N GLY H 214 27.00 55.26 15.58
CA GLY H 214 28.40 54.87 15.43
C GLY H 214 29.38 56.00 15.71
N ILE H 215 28.88 57.24 15.81
CA ILE H 215 29.74 58.36 16.15
C ILE H 215 29.43 58.87 17.57
N GLU H 216 28.21 58.62 18.14
CA GLU H 216 27.83 58.97 19.51
C GLU H 216 28.35 57.96 20.51
N ILE H 217 28.37 56.67 20.13
CA ILE H 217 28.91 55.61 20.97
C ILE H 217 30.11 54.95 20.22
N PRO H 218 31.02 54.22 20.91
CA PRO H 218 32.12 53.56 20.19
C PRO H 218 31.61 52.70 19.05
N ALA H 219 32.26 52.81 17.87
CA ALA H 219 31.84 52.07 16.69
C ALA H 219 31.69 50.57 16.93
N GLU H 220 32.55 49.99 17.79
CA GLU H 220 32.56 48.57 18.10
C GLU H 220 31.45 48.15 19.08
N LYS H 221 30.66 49.09 19.60
CA LYS H 221 29.56 48.77 20.49
C LYS H 221 28.19 48.84 19.78
N VAL H 222 28.13 49.35 18.53
CA VAL H 222 26.87 49.53 17.82
C VAL H 222 26.13 48.21 17.62
N PHE H 223 26.83 47.11 17.30
CA PHE H 223 26.17 45.83 17.11
C PHE H 223 25.41 45.36 18.37
N LEU H 224 25.89 45.77 19.56
CA LEU H 224 25.23 45.40 20.82
C LEU H 224 23.90 46.16 20.91
N ALA H 225 23.91 47.46 20.61
CA ALA H 225 22.72 48.28 20.62
C ALA H 225 21.73 47.79 19.54
N GLN H 226 22.23 47.43 18.34
CA GLN H 226 21.37 46.92 17.29
C GLN H 226 20.67 45.63 17.72
N LYS H 227 21.45 44.62 18.14
CA LYS H 227 20.94 43.33 18.56
C LYS H 227 19.98 43.43 19.75
N MET H 228 20.25 44.34 20.71
CA MET H 228 19.39 44.58 21.87
C MET H 228 18.05 45.23 21.45
N MET H 229 18.13 46.28 20.64
CA MET H 229 16.92 46.96 20.20
C MET H 229 16.04 46.09 19.37
N ILE H 230 16.63 45.31 18.44
CA ILE H 230 15.86 44.40 17.60
C ILE H 230 15.14 43.35 18.45
N GLY H 231 15.87 42.74 19.39
CA GLY H 231 15.32 41.74 20.30
C GLY H 231 14.17 42.27 21.12
N ARG H 232 14.30 43.50 21.66
CA ARG H 232 13.25 44.12 22.47
C ARG H 232 12.03 44.50 21.66
N CYS H 233 12.24 44.96 20.43
CA CYS H 233 11.13 45.27 19.54
C CYS H 233 10.41 44.01 19.14
N ASN H 234 11.15 42.90 18.92
CA ASN H 234 10.56 41.61 18.60
C ASN H 234 9.72 41.13 19.77
N LEU H 235 10.24 41.29 20.98
CA LEU H 235 9.58 40.93 22.22
C LEU H 235 8.27 41.75 22.35
N ALA H 236 8.34 43.07 22.06
CA ALA H 236 7.21 44.00 22.17
C ALA H 236 6.18 43.88 21.04
N GLY H 237 6.55 43.22 19.93
CA GLY H 237 5.69 43.10 18.77
C GLY H 237 5.59 44.40 18.00
N LYS H 238 6.63 45.25 18.08
CA LYS H 238 6.66 46.53 17.35
C LYS H 238 7.71 46.51 16.25
N PRO H 239 7.42 47.12 15.08
CA PRO H 239 8.43 47.13 14.00
C PRO H 239 9.79 47.75 14.36
N VAL H 240 10.87 47.12 13.88
CA VAL H 240 12.22 47.64 14.06
C VAL H 240 12.93 47.72 12.70
N VAL H 241 13.56 48.87 12.41
CA VAL H 241 14.28 49.13 11.16
C VAL H 241 15.77 49.14 11.38
N CYS H 242 16.54 48.46 10.53
CA CYS H 242 17.99 48.54 10.59
C CYS H 242 18.42 49.49 9.48
N ALA H 243 19.19 50.52 9.83
CA ALA H 243 19.56 51.54 8.88
C ALA H 243 21.05 51.87 8.84
N THR H 244 21.50 52.44 7.69
CA THR H 244 22.75 53.12 7.38
C THR H 244 23.98 52.23 7.08
N GLN H 245 24.56 52.45 5.87
CA GLN H 245 25.77 51.85 5.32
C GLN H 245 25.67 50.36 5.07
N MET H 246 24.42 49.82 4.91
CA MET H 246 24.20 48.41 4.69
C MET H 246 24.85 47.88 3.40
N LEU H 247 24.78 48.66 2.30
CA LEU H 247 25.40 48.30 1.02
C LEU H 247 26.17 49.54 0.51
N GLU H 248 26.84 50.30 1.41
CA GLU H 248 27.54 51.55 1.10
C GLU H 248 28.38 51.57 -0.19
N SER H 249 29.13 50.52 -0.45
CA SER H 249 29.98 50.44 -1.64
C SER H 249 29.18 50.52 -2.94
N MET H 250 27.89 50.13 -2.91
CA MET H 250 27.03 50.17 -4.10
C MET H 250 26.64 51.58 -4.56
N ILE H 251 27.02 52.62 -3.79
CA ILE H 251 26.84 54.00 -4.26
C ILE H 251 27.67 54.22 -5.56
N THR H 252 28.85 53.61 -5.60
CA THR H 252 29.77 53.74 -6.72
C THR H 252 30.04 52.43 -7.46
N LYS H 253 29.85 51.27 -6.82
CA LYS H 253 30.20 49.98 -7.42
C LYS H 253 28.98 49.08 -7.68
N PRO H 254 29.04 48.27 -8.76
CA PRO H 254 27.89 47.41 -9.14
C PRO H 254 27.55 46.25 -8.20
N ARG H 255 28.55 45.79 -7.44
CA ARG H 255 28.41 44.68 -6.51
C ARG H 255 28.90 45.12 -5.12
N PRO H 256 28.28 44.60 -4.04
CA PRO H 256 28.70 44.99 -2.68
C PRO H 256 29.86 44.14 -2.14
N THR H 257 30.37 44.53 -0.96
CA THR H 257 31.46 43.80 -0.32
C THR H 257 30.94 42.55 0.43
N ARG H 258 31.84 41.67 0.87
CA ARG H 258 31.46 40.48 1.60
C ARG H 258 30.86 40.85 2.94
N ALA H 259 31.36 41.94 3.56
CA ALA H 259 30.88 42.44 4.84
C ALA H 259 29.47 43.03 4.71
N GLU H 260 29.19 43.68 3.57
CA GLU H 260 27.91 44.32 3.30
C GLU H 260 26.79 43.29 3.15
N THR H 261 27.01 42.23 2.33
CA THR H 261 25.99 41.19 2.19
C THR H 261 25.76 40.48 3.53
N SER H 262 26.83 40.26 4.28
CA SER H 262 26.78 39.66 5.58
C SER H 262 25.95 40.55 6.54
N ASP H 263 26.17 41.86 6.55
CA ASP H 263 25.47 42.79 7.40
C ASP H 263 23.95 42.75 7.15
N VAL H 264 23.54 42.72 5.86
CA VAL H 264 22.14 42.67 5.48
C VAL H 264 21.54 41.35 5.97
N ALA H 265 22.23 40.24 5.70
CA ALA H 265 21.78 38.92 6.11
C ALA H 265 21.64 38.81 7.63
N ASN H 266 22.56 39.43 8.35
CA ASN H 266 22.54 39.40 9.81
C ASN H 266 21.50 40.32 10.40
N ALA H 267 21.15 41.43 9.75
CA ALA H 267 20.06 42.29 10.24
C ALA H 267 18.74 41.50 10.21
N VAL H 268 18.52 40.73 9.13
CA VAL H 268 17.34 39.86 8.96
C VAL H 268 17.38 38.77 10.03
N LEU H 269 18.54 38.08 10.15
CA LEU H 269 18.68 37.04 11.18
C LEU H 269 18.54 37.57 12.58
N ASP H 270 18.86 38.84 12.83
CA ASP H 270 18.71 39.50 14.12
C ASP H 270 17.22 39.64 14.46
N GLY H 271 16.36 39.85 13.44
CA GLY H 271 14.93 39.99 13.64
C GLY H 271 14.36 41.29 13.14
N ALA H 272 15.12 42.03 12.31
CA ALA H 272 14.67 43.33 11.80
C ALA H 272 13.46 43.20 10.90
N ASP H 273 12.48 44.08 11.06
CA ASP H 273 11.30 44.06 10.21
C ASP H 273 11.62 44.73 8.88
N CYS H 274 12.41 45.83 8.91
CA CYS H 274 12.78 46.59 7.74
C CYS H 274 14.28 46.79 7.63
N ILE H 275 14.78 46.86 6.40
CA ILE H 275 16.16 47.19 6.10
C ILE H 275 16.15 48.45 5.21
N MET H 276 17.16 49.30 5.37
CA MET H 276 17.17 50.57 4.66
C MET H 276 18.36 50.81 3.72
N LEU H 277 18.10 51.66 2.71
CA LEU H 277 19.10 52.13 1.76
C LEU H 277 19.06 53.68 1.86
N SER H 278 20.22 54.30 2.10
CA SER H 278 20.30 55.75 2.20
C SER H 278 20.95 56.29 0.92
N GLY H 279 22.27 56.54 0.95
CA GLY H 279 22.99 57.09 -0.20
C GLY H 279 22.93 56.17 -1.39
N GLU H 280 22.82 54.84 -1.13
CA GLU H 280 22.74 53.78 -2.16
C GLU H 280 21.59 54.02 -3.13
N THR H 281 20.44 54.53 -2.65
CA THR H 281 19.32 54.85 -3.53
C THR H 281 19.12 56.38 -3.77
N ALA H 282 19.50 57.22 -2.79
CA ALA H 282 19.31 58.64 -2.91
C ALA H 282 20.23 59.32 -3.90
N LYS H 283 21.52 58.94 -3.91
CA LYS H 283 22.48 59.63 -4.75
C LYS H 283 23.42 58.74 -5.60
N GLY H 284 23.31 57.43 -5.43
CA GLY H 284 24.22 56.51 -6.09
C GLY H 284 24.01 56.20 -7.55
N ASN H 285 24.89 55.37 -8.08
CA ASN H 285 24.82 54.95 -9.47
C ASN H 285 24.03 53.64 -9.70
N PHE H 286 23.79 52.86 -8.64
CA PHE H 286 23.07 51.60 -8.76
C PHE H 286 21.85 51.55 -7.81
N PRO H 287 20.87 52.51 -7.84
CA PRO H 287 19.75 52.44 -6.85
C PRO H 287 18.84 51.25 -7.05
N VAL H 288 18.58 50.85 -8.31
CA VAL H 288 17.73 49.69 -8.59
C VAL H 288 18.45 48.41 -8.24
N GLU H 289 19.75 48.36 -8.49
CA GLU H 289 20.58 47.21 -8.18
C GLU H 289 20.73 47.03 -6.68
N ALA H 290 20.73 48.13 -5.91
CA ALA H 290 20.85 48.08 -4.45
C ALA H 290 19.58 47.45 -3.86
N VAL H 291 18.40 47.83 -4.40
CA VAL H 291 17.12 47.29 -3.97
C VAL H 291 17.08 45.81 -4.29
N LYS H 292 17.49 45.45 -5.51
CA LYS H 292 17.53 44.06 -5.94
C LYS H 292 18.44 43.23 -5.06
N MET H 293 19.59 43.80 -4.66
CA MET H 293 20.55 43.11 -3.79
C MET H 293 19.96 42.88 -2.41
N GLN H 294 19.35 43.90 -1.80
CA GLN H 294 18.70 43.72 -0.48
C GLN H 294 17.62 42.67 -0.56
N HIS H 295 16.85 42.67 -1.66
CA HIS H 295 15.79 41.70 -1.89
C HIS H 295 16.37 40.28 -1.93
N ALA H 296 17.43 40.05 -2.72
CA ALA H 296 18.10 38.75 -2.87
C ALA H 296 18.61 38.19 -1.55
N ILE H 297 19.29 39.03 -0.74
CA ILE H 297 19.86 38.61 0.54
C ILE H 297 18.79 38.34 1.59
N ALA H 298 17.78 39.21 1.69
CA ALA H 298 16.69 39.04 2.67
C ALA H 298 15.98 37.70 2.49
N ARG H 299 15.69 37.32 1.24
CA ARG H 299 15.05 36.03 0.91
C ARG H 299 15.89 34.87 1.43
N GLU H 300 17.24 34.88 1.22
CA GLU H 300 18.13 33.83 1.67
C GLU H 300 18.16 33.76 3.19
N ALA H 301 18.23 34.92 3.84
CA ALA H 301 18.33 35.06 5.29
C ALA H 301 17.04 34.66 6.01
N GLU H 302 15.89 34.96 5.43
CA GLU H 302 14.60 34.59 6.03
C GLU H 302 14.42 33.07 6.01
N ALA H 303 14.86 32.39 4.94
CA ALA H 303 14.78 30.93 4.89
C ALA H 303 15.67 30.29 5.95
N ALA H 304 16.83 30.92 6.25
CA ALA H 304 17.80 30.46 7.23
C ALA H 304 17.46 30.80 8.70
N VAL H 305 16.30 31.40 8.95
CA VAL H 305 15.88 31.74 10.31
C VAL H 305 15.50 30.42 11.04
N TYR H 306 15.97 30.25 12.28
CA TYR H 306 15.66 29.05 13.06
C TYR H 306 14.32 29.24 13.75
N HIS H 307 13.22 29.06 12.98
CA HIS H 307 11.85 29.28 13.46
C HIS H 307 11.49 28.41 14.65
N ARG H 308 12.06 27.20 14.77
CA ARG H 308 11.76 26.31 15.88
C ARG H 308 12.03 26.99 17.24
N GLN H 309 13.24 27.50 17.41
CA GLN H 309 13.61 28.18 18.64
C GLN H 309 12.88 29.52 18.73
N LEU H 310 12.85 30.27 17.61
CA LEU H 310 12.25 31.59 17.56
C LEU H 310 10.81 31.60 18.01
N PHE H 311 9.95 30.76 17.42
CA PHE H 311 8.53 30.73 17.76
C PHE H 311 8.33 30.32 19.20
N GLU H 312 9.06 29.29 19.66
CA GLU H 312 9.02 28.82 21.03
C GLU H 312 9.40 29.93 22.01
N GLU H 313 10.45 30.68 21.73
CA GLU H 313 10.91 31.76 22.60
C GLU H 313 9.95 32.93 22.59
N LEU H 314 9.36 33.25 21.42
CA LEU H 314 8.38 34.32 21.30
C LEU H 314 7.14 33.98 22.09
N ARG H 315 6.68 32.72 22.01
CA ARG H 315 5.49 32.33 22.75
C ARG H 315 5.79 32.24 24.26
N ARG H 316 6.95 31.70 24.67
CA ARG H 316 7.32 31.64 26.08
C ARG H 316 7.40 33.06 26.68
N ALA H 317 8.02 34.00 25.95
CA ALA H 317 8.21 35.37 26.42
C ALA H 317 6.96 36.21 26.43
N ALA H 318 6.06 36.00 25.46
CA ALA H 318 4.83 36.78 25.35
C ALA H 318 3.90 36.46 26.51
N PRO H 319 3.38 37.51 27.17
CA PRO H 319 2.46 37.26 28.30
C PRO H 319 1.08 36.77 27.86
N LEU H 320 0.29 36.21 28.79
CA LEU H 320 -1.08 35.78 28.49
C LEU H 320 -1.90 36.97 28.04
N SER H 321 -2.83 36.74 27.11
CA SER H 321 -3.64 37.81 26.60
C SER H 321 -5.10 37.47 26.61
N ARG H 322 -5.95 38.44 26.97
CA ARG H 322 -7.39 38.24 26.90
C ARG H 322 -8.02 38.94 25.67
N ASP H 323 -7.18 39.40 24.71
CA ASP H 323 -7.64 40.04 23.50
C ASP H 323 -7.82 38.97 22.43
N PRO H 324 -9.06 38.82 21.91
CA PRO H 324 -9.33 37.78 20.90
C PRO H 324 -8.48 37.88 19.64
N THR H 325 -8.05 39.09 19.28
CA THR H 325 -7.21 39.27 18.12
C THR H 325 -5.85 38.62 18.40
N GLU H 326 -5.28 38.89 19.56
CA GLU H 326 -4.00 38.35 19.95
C GLU H 326 -4.08 36.83 20.10
N VAL H 327 -5.17 36.35 20.73
CA VAL H 327 -5.43 34.93 20.91
C VAL H 327 -5.58 34.20 19.56
N THR H 328 -6.35 34.77 18.63
CA THR H 328 -6.54 34.21 17.28
C THR H 328 -5.25 34.22 16.51
N ALA H 329 -4.44 35.27 16.66
CA ALA H 329 -3.14 35.38 15.99
C ALA H 329 -2.19 34.22 16.33
N ILE H 330 -2.05 33.87 17.62
CA ILE H 330 -1.15 32.79 17.99
C ILE H 330 -1.70 31.43 17.51
N GLY H 331 -3.01 31.24 17.54
CA GLY H 331 -3.64 30.02 17.06
C GLY H 331 -3.44 29.89 15.56
N ALA H 332 -3.55 30.99 14.82
CA ALA H 332 -3.38 31.00 13.37
C ALA H 332 -1.95 30.70 12.98
N VAL H 333 -0.97 31.26 13.70
CA VAL H 333 0.45 31.02 13.43
C VAL H 333 0.80 29.57 13.75
N GLU H 334 0.26 29.05 14.85
CA GLU H 334 0.46 27.64 15.23
C GLU H 334 -0.09 26.69 14.15
N ALA H 335 -1.29 26.96 13.68
CA ALA H 335 -1.94 26.17 12.65
C ALA H 335 -1.16 26.23 11.36
N ALA H 336 -0.65 27.41 11.00
CA ALA H 336 0.15 27.57 9.79
C ALA H 336 1.43 26.75 9.83
N PHE H 337 2.08 26.69 11.00
CA PHE H 337 3.30 25.90 11.13
C PHE H 337 3.01 24.41 11.00
N LYS H 338 1.90 23.94 11.59
CA LYS H 338 1.46 22.54 11.58
C LYS H 338 1.24 21.97 10.17
N CYS H 339 0.66 22.74 9.26
CA CYS H 339 0.33 22.26 7.94
C CYS H 339 1.22 22.79 6.85
N CYS H 340 2.26 23.59 7.18
CA CYS H 340 3.12 24.22 6.17
C CYS H 340 2.26 25.09 5.24
N ALA H 341 1.35 25.89 5.86
CA ALA H 341 0.44 26.75 5.14
C ALA H 341 1.21 27.70 4.20
N ALA H 342 0.71 27.85 2.96
CA ALA H 342 1.34 28.73 1.98
C ALA H 342 1.24 30.20 2.43
N ALA H 343 0.11 30.55 3.05
CA ALA H 343 -0.17 31.90 3.49
C ALA H 343 -1.21 31.91 4.65
N ILE H 344 -1.33 33.06 5.31
CA ILE H 344 -2.34 33.40 6.29
C ILE H 344 -3.00 34.62 5.68
N ILE H 345 -4.27 34.52 5.29
CA ILE H 345 -4.98 35.64 4.70
C ILE H 345 -5.74 36.32 5.80
N VAL H 346 -5.50 37.61 6.03
CA VAL H 346 -6.15 38.34 7.11
C VAL H 346 -6.88 39.57 6.59
N LEU H 347 -8.08 39.79 7.08
CA LEU H 347 -8.85 40.95 6.75
C LEU H 347 -8.53 41.95 7.88
N THR H 348 -8.15 43.14 7.50
CA THR H 348 -7.75 44.17 8.47
C THR H 348 -8.17 45.57 8.01
N THR H 349 -8.57 46.43 8.97
CA THR H 349 -9.02 47.80 8.70
C THR H 349 -7.85 48.76 9.01
N THR H 350 -7.22 48.57 10.18
CA THR H 350 -6.12 49.37 10.71
C THR H 350 -4.75 48.70 10.50
N GLY H 351 -4.71 47.41 10.23
CA GLY H 351 -3.46 46.67 10.10
C GLY H 351 -3.06 45.93 11.38
N ARG H 352 -3.81 46.13 12.47
CA ARG H 352 -3.48 45.53 13.74
C ARG H 352 -3.48 44.02 13.71
N SER H 353 -4.51 43.43 13.10
CA SER H 353 -4.62 41.99 13.00
C SER H 353 -3.44 41.37 12.28
N ALA H 354 -2.97 42.01 11.24
CA ALA H 354 -1.79 41.55 10.51
C ALA H 354 -0.51 41.70 11.38
N GLN H 355 -0.38 42.82 12.09
CA GLN H 355 0.74 43.09 12.97
C GLN H 355 0.85 42.02 14.06
N LEU H 356 -0.30 41.61 14.63
CA LEU H 356 -0.29 40.59 15.66
C LEU H 356 0.07 39.22 15.14
N LEU H 357 -0.20 38.93 13.87
CA LEU H 357 0.23 37.67 13.26
C LEU H 357 1.76 37.71 13.07
N SER H 358 2.23 38.81 12.51
CA SER H 358 3.62 39.10 12.22
C SER H 358 4.53 38.94 13.44
N ARG H 359 4.07 39.39 14.64
CA ARG H 359 4.88 39.33 15.86
C ARG H 359 5.31 37.91 16.21
N TYR H 360 4.55 36.88 15.78
CA TYR H 360 4.94 35.48 16.04
C TYR H 360 5.83 34.89 14.95
N ARG H 361 6.28 35.71 14.00
CA ARG H 361 7.19 35.35 12.94
C ARG H 361 6.83 34.04 12.22
N PRO H 362 5.64 33.95 11.63
CA PRO H 362 5.33 32.76 10.85
C PRO H 362 6.20 32.64 9.60
N ARG H 363 6.40 31.42 9.13
CA ARG H 363 7.08 31.20 7.88
C ARG H 363 6.07 31.52 6.72
N ALA H 364 4.74 31.34 6.92
CA ALA H 364 3.70 31.61 5.92
C ALA H 364 3.52 33.11 5.73
N ALA H 365 3.27 33.53 4.50
CA ALA H 365 3.10 34.94 4.19
C ALA H 365 1.80 35.44 4.79
N VAL H 366 1.80 36.65 5.37
CA VAL H 366 0.56 37.22 5.90
C VAL H 366 0.01 38.13 4.81
N ILE H 367 -0.95 37.64 4.05
CA ILE H 367 -1.58 38.43 2.98
C ILE H 367 -2.71 39.26 3.61
N ALA H 368 -2.49 40.57 3.78
CA ALA H 368 -3.44 41.44 4.45
C ALA H 368 -4.34 42.16 3.48
N VAL H 369 -5.64 41.84 3.47
CA VAL H 369 -6.62 42.49 2.58
C VAL H 369 -7.32 43.64 3.31
N THR H 370 -7.16 44.85 2.79
CA THR H 370 -7.72 46.04 3.42
C THR H 370 -8.30 47.02 2.42
N ARG H 371 -9.32 47.75 2.85
CA ARG H 371 -9.89 48.84 2.05
C ARG H 371 -9.16 50.16 2.35
N SER H 372 -8.43 50.24 3.49
CA SER H 372 -7.67 51.42 3.87
C SER H 372 -6.36 51.48 3.08
N ALA H 373 -6.20 52.52 2.24
CA ALA H 373 -4.96 52.68 1.50
C ALA H 373 -3.81 53.01 2.45
N GLN H 374 -4.08 53.84 3.50
CA GLN H 374 -3.05 54.18 4.46
C GLN H 374 -2.56 52.96 5.24
N ALA H 375 -3.50 52.13 5.72
CA ALA H 375 -3.13 50.90 6.44
C ALA H 375 -2.35 49.96 5.54
N ALA H 376 -2.76 49.82 4.26
CA ALA H 376 -2.05 48.99 3.27
C ALA H 376 -0.60 49.43 3.13
N ARG H 377 -0.34 50.74 3.20
CA ARG H 377 1.03 51.23 3.09
C ARG H 377 1.79 51.04 4.40
N GLN H 378 1.14 51.34 5.53
CA GLN H 378 1.75 51.22 6.85
C GLN H 378 2.10 49.79 7.29
N VAL H 379 1.38 48.76 6.78
CA VAL H 379 1.71 47.39 7.18
C VAL H 379 3.03 46.91 6.64
N HIS H 380 3.68 47.66 5.75
CA HIS H 380 5.02 47.33 5.26
C HIS H 380 6.02 47.37 6.42
N LEU H 381 5.75 48.13 7.48
CA LEU H 381 6.60 48.17 8.65
C LEU H 381 6.68 46.80 9.35
N CYS H 382 5.69 45.90 9.13
CA CYS H 382 5.61 44.59 9.74
C CYS H 382 6.11 43.49 8.87
N ARG H 383 7.12 42.77 9.34
CA ARG H 383 7.74 41.71 8.58
C ARG H 383 6.76 40.62 8.21
N GLY H 384 6.79 40.24 6.95
CA GLY H 384 5.96 39.15 6.46
C GLY H 384 4.55 39.53 6.11
N VAL H 385 4.21 40.83 6.18
CA VAL H 385 2.86 41.29 5.81
C VAL H 385 2.90 41.82 4.38
N PHE H 386 2.06 41.23 3.51
CA PHE H 386 1.91 41.56 2.09
C PHE H 386 0.55 42.22 1.88
N PRO H 387 0.52 43.56 1.85
CA PRO H 387 -0.78 44.25 1.75
C PRO H 387 -1.45 44.26 0.40
N LEU H 388 -2.76 44.05 0.38
CA LEU H 388 -3.58 44.08 -0.83
C LEU H 388 -4.67 45.10 -0.64
N LEU H 389 -4.75 46.10 -1.52
CA LEU H 389 -5.79 47.13 -1.42
C LEU H 389 -7.06 46.70 -2.15
N TYR H 390 -8.15 46.52 -1.39
CA TYR H 390 -9.46 46.13 -1.91
C TYR H 390 -10.22 47.38 -2.31
N ARG H 391 -10.70 47.42 -3.56
CA ARG H 391 -11.32 48.62 -4.10
C ARG H 391 -12.83 48.55 -4.28
N GLU H 392 -13.41 47.33 -4.26
CA GLU H 392 -14.85 47.16 -4.48
C GLU H 392 -15.68 47.75 -3.37
N PRO H 393 -16.86 48.31 -3.69
CA PRO H 393 -17.75 48.80 -2.62
C PRO H 393 -18.37 47.61 -1.85
N PRO H 394 -18.54 47.75 -0.52
CA PRO H 394 -19.15 46.67 0.26
C PRO H 394 -20.36 45.97 -0.37
N GLU H 395 -20.47 44.68 -0.20
CA GLU H 395 -21.63 43.89 -0.58
C GLU H 395 -22.79 44.16 0.45
N ALA H 396 -24.03 43.84 0.04
CA ALA H 396 -25.20 44.01 0.88
C ALA H 396 -25.10 43.03 2.11
N ILE H 397 -24.76 41.78 1.85
CA ILE H 397 -24.61 40.79 2.90
C ILE H 397 -23.16 40.86 3.37
N TRP H 398 -22.92 41.24 4.65
CA TRP H 398 -21.57 41.37 5.20
C TRP H 398 -20.75 40.12 5.05
N ALA H 399 -21.33 38.93 5.29
CA ALA H 399 -20.63 37.68 5.11
C ALA H 399 -20.11 37.51 3.65
N ASP H 400 -20.90 37.94 2.67
CA ASP H 400 -20.52 37.88 1.26
C ASP H 400 -19.38 38.85 0.95
N ASP H 401 -19.36 40.03 1.63
CA ASP H 401 -18.29 41.03 1.48
C ASP H 401 -16.97 40.44 1.96
N VAL H 402 -17.03 39.74 3.10
CA VAL H 402 -15.89 39.09 3.69
C VAL H 402 -15.32 38.05 2.73
N ASP H 403 -16.19 37.17 2.18
CA ASP H 403 -15.78 36.12 1.24
C ASP H 403 -15.19 36.69 -0.04
N ARG H 404 -15.68 37.84 -0.50
CA ARG H 404 -15.16 38.46 -1.70
C ARG H 404 -13.74 38.93 -1.44
N ARG H 405 -13.47 39.50 -0.27
CA ARG H 405 -12.15 39.97 0.10
C ARG H 405 -11.17 38.82 0.27
N VAL H 406 -11.64 37.68 0.82
CA VAL H 406 -10.83 36.48 0.97
C VAL H 406 -10.52 35.90 -0.41
N GLN H 407 -11.48 35.91 -1.32
CA GLN H 407 -11.27 35.47 -2.69
C GLN H 407 -10.32 36.36 -3.44
N PHE H 408 -10.34 37.66 -3.16
CA PHE H 408 -9.42 38.63 -3.73
C PHE H 408 -7.97 38.30 -3.30
N GLY H 409 -7.81 37.94 -2.02
CA GLY H 409 -6.54 37.55 -1.44
C GLY H 409 -6.02 36.29 -2.08
N ILE H 410 -6.91 35.33 -2.36
CA ILE H 410 -6.53 34.08 -3.01
C ILE H 410 -6.11 34.34 -4.46
N GLU H 411 -6.91 35.11 -5.20
CA GLU H 411 -6.59 35.42 -6.59
C GLU H 411 -5.28 36.19 -6.73
N SER H 412 -5.03 37.14 -5.79
CA SER H 412 -3.80 37.93 -5.75
C SER H 412 -2.58 37.07 -5.43
N GLY H 413 -2.71 36.19 -4.44
CA GLY H 413 -1.64 35.28 -4.08
C GLY H 413 -1.33 34.32 -5.22
N LYS H 414 -2.38 33.87 -5.95
CA LYS H 414 -2.24 32.94 -7.06
C LYS H 414 -1.51 33.60 -8.20
N LEU H 415 -1.87 34.84 -8.52
CA LEU H 415 -1.23 35.60 -9.59
C LEU H 415 0.23 35.88 -9.26
N ARG H 416 0.51 36.26 -8.02
CA ARG H 416 1.88 36.62 -7.59
C ARG H 416 2.77 35.46 -7.23
N GLY H 417 2.29 34.22 -7.37
CA GLY H 417 3.06 33.02 -7.09
C GLY H 417 3.10 32.55 -5.65
N PHE H 418 2.38 33.23 -4.74
CA PHE H 418 2.32 32.81 -3.34
C PHE H 418 1.54 31.50 -3.18
N LEU H 419 0.53 31.28 -4.01
CA LEU H 419 -0.36 30.14 -3.86
C LEU H 419 -0.48 29.37 -5.14
N ARG H 420 -0.85 28.11 -4.97
CA ARG H 420 -1.10 27.12 -6.00
C ARG H 420 -2.29 26.28 -5.52
N VAL H 421 -3.06 25.70 -6.46
CA VAL H 421 -4.15 24.78 -6.14
C VAL H 421 -3.62 23.59 -5.33
N GLY H 422 -4.30 23.29 -4.24
CA GLY H 422 -3.86 22.24 -3.35
C GLY H 422 -3.16 22.73 -2.11
N ASP H 423 -2.75 24.01 -2.09
CA ASP H 423 -2.12 24.60 -0.91
C ASP H 423 -3.13 24.75 0.23
N LEU H 424 -2.62 24.81 1.46
CA LEU H 424 -3.45 25.08 2.61
C LEU H 424 -3.19 26.53 3.05
N VAL H 425 -4.24 27.25 3.40
CA VAL H 425 -4.14 28.61 3.91
C VAL H 425 -4.94 28.73 5.21
N ILE H 426 -4.54 29.67 6.04
CA ILE H 426 -5.24 29.96 7.28
C ILE H 426 -5.92 31.31 7.02
N VAL H 427 -7.25 31.39 7.22
CA VAL H 427 -7.95 32.63 6.99
C VAL H 427 -8.39 33.27 8.33
N VAL H 428 -7.93 34.50 8.56
CA VAL H 428 -8.23 35.20 9.80
C VAL H 428 -9.19 36.31 9.58
N THR H 429 -10.39 36.23 10.21
CA THR H 429 -11.49 37.21 10.11
C THR H 429 -12.12 37.48 11.51
N GLY H 430 -13.13 38.36 11.57
CA GLY H 430 -13.82 38.69 12.80
C GLY H 430 -15.30 38.34 12.74
N TRP H 431 -16.00 38.60 13.82
CA TRP H 431 -17.41 38.25 13.95
C TRP H 431 -18.36 39.41 13.52
N ARG H 432 -17.86 40.63 13.39
CA ARG H 432 -18.69 41.74 12.97
C ARG H 432 -17.86 42.77 12.15
N PRO H 433 -18.53 43.65 11.39
CA PRO H 433 -17.80 44.71 10.69
C PRO H 433 -17.13 45.65 11.72
N GLY H 434 -16.15 46.39 11.22
CA GLY H 434 -15.42 47.33 12.04
C GLY H 434 -14.20 46.71 12.65
N SER H 435 -13.21 47.52 12.89
CA SER H 435 -11.96 47.14 13.45
C SER H 435 -12.10 46.75 14.92
N GLY H 436 -11.22 45.81 15.33
CA GLY H 436 -11.07 45.32 16.68
C GLY H 436 -11.81 44.06 17.02
N TYR H 437 -12.44 43.41 16.03
CA TYR H 437 -13.27 42.22 16.31
C TYR H 437 -12.77 40.91 15.74
N THR H 438 -11.48 40.80 15.28
CA THR H 438 -10.89 39.55 14.77
C THR H 438 -10.99 38.50 15.87
N ASN H 439 -11.47 37.31 15.52
CA ASN H 439 -11.60 36.22 16.47
C ASN H 439 -11.77 34.88 15.80
N ILE H 440 -11.70 34.78 14.46
CA ILE H 440 -11.94 33.51 13.79
C ILE H 440 -10.73 33.12 12.96
N MET H 441 -10.35 31.85 13.01
CA MET H 441 -9.32 31.28 12.14
C MET H 441 -9.87 30.03 11.43
N ARG H 442 -9.76 29.98 10.08
CA ARG H 442 -10.25 28.85 9.28
CA ARG H 442 -10.24 28.81 9.35
C ARG H 442 -9.13 28.18 8.51
N VAL H 443 -9.17 26.85 8.36
CA VAL H 443 -8.18 26.12 7.57
C VAL H 443 -8.84 25.87 6.20
N LEU H 444 -8.30 26.47 5.14
CA LEU H 444 -8.89 26.40 3.80
C LEU H 444 -7.95 25.77 2.77
N SER H 445 -8.49 24.88 1.93
CA SER H 445 -7.70 24.27 0.86
C SER H 445 -7.93 25.08 -0.42
N ILE H 446 -6.83 25.41 -1.11
CA ILE H 446 -6.91 26.20 -2.34
C ILE H 446 -7.45 25.39 -3.53
N SER H 447 -8.49 25.91 -4.18
CA SER H 447 -9.10 25.26 -5.34
C SER H 447 -8.95 26.16 -6.59
P1 FBP I . -27.92 -12.50 -63.89
O1P FBP I . -29.21 -13.31 -64.08
O2P FBP I . -28.18 -11.05 -63.42
O3P FBP I . -26.99 -12.44 -65.11
O1 FBP I . -27.06 -13.25 -62.73
C1 FBP I . -25.83 -12.83 -62.10
C2 FBP I . -25.62 -13.80 -60.90
O2 FBP I . -24.39 -13.50 -60.30
C3 FBP I . -25.72 -15.29 -61.28
O3 FBP I . -24.54 -15.84 -61.84
C4 FBP I . -26.25 -15.92 -60.01
O4 FBP I . -26.82 -17.19 -60.28
C5 FBP I . -27.33 -14.88 -59.69
O5 FBP I . -26.68 -13.63 -59.94
C6 FBP I . -27.92 -14.92 -58.30
O6 FBP I . -29.09 -15.78 -58.27
P2 FBP I . -29.91 -15.92 -56.88
O4P FBP I . -29.73 -17.34 -56.34
O5P FBP I . -31.40 -15.79 -57.16
O6P FBP I . -29.41 -14.86 -55.98
C1 OXL J . -50.37 -9.50 -32.39
C2 OXL J . -50.20 -9.09 -33.88
O1 OXL J . -51.39 -10.11 -32.09
O2 OXL J . -51.20 -9.45 -34.64
O3 OXL J . -49.43 -9.22 -31.55
O4 OXL J . -49.22 -8.45 -34.28
MG MG K . -53.22 -10.80 -33.95
K K L . -54.59 -8.76 -38.31
C10 I9K M . -54.82 1.20 -36.11
C12 I9K M . -53.64 -2.43 -33.52
C13 I9K M . -54.14 -3.13 -32.30
C15 I9K M . -56.22 -5.36 -32.40
C19 I9K M . -56.66 -8.53 -34.41
C21 I9K M . -55.41 -0.76 -33.24
C22 I9K M . -53.72 -0.80 -36.90
C23 I9K M . -54.32 -0.62 -38.14
C1 I9K M . -56.88 1.64 -39.84
C2 I9K M . -57.69 1.65 -40.97
C3 I9K M . -58.73 2.55 -41.07
C4 I9K M . -58.97 3.46 -40.08
C5 I9K M . -58.16 3.49 -38.95
C6 I9K M . -57.13 2.56 -38.81
O1 I9K M . -56.55 3.35 -36.66
C7 I9K M . -56.39 2.49 -37.53
C8 I9K M . -55.18 0.46 -38.37
C9 I9K M . -55.44 1.38 -37.34
O2 I9K M . -56.95 -5.79 -34.66
C11 I9K M . -53.97 0.14 -35.90
C14 I9K M . -56.57 -3.90 -32.18
O3 I9K M . -58.92 -6.41 -31.69
C16 I9K M . -57.13 -6.21 -33.31
C17 I9K M . -58.62 -6.08 -32.95
C18 I9K M . -56.68 -7.67 -33.16
C20 I9K M . -55.90 -1.54 -32.02
O4 I9K M . -59.46 -5.73 -33.76
O9 I9K M . -53.23 1.34 -33.70
S I9K M . -53.13 0.06 -34.33
O8 I9K M . -51.84 -0.53 -34.57
O10 I9K M . -52.89 -1.87 -36.72
C I9K M . -55.85 0.59 -39.68
O I9K M . -55.51 -0.11 -40.64
N I9K M . -53.96 -1.00 -33.40
N1 I9K M . -55.59 -2.96 -32.19
O7 I9K M . -57.73 -3.60 -31.93
O6 I9K M . -55.63 -8.95 -34.91
O5 I9K M . -57.85 -8.81 -34.89
H4 I9K M . -55.02 1.91 -35.30
H5 I9K M . -54.13 -2.86 -34.40
H6 I9K M . -52.58 -2.62 -33.66
H7 I9K M . -53.73 -4.14 -32.23
H8 I9K M . -53.69 -2.65 -31.42
H9 I9K M . -56.17 -5.83 -31.43
H10 I9K M . -55.24 -5.49 -32.81
H18 I9K M . -55.96 -1.05 -34.12
H19 I9K M . -55.60 0.30 -33.09
H21 I9K M . -54.13 -1.36 -38.92
H I9K M . -57.51 0.95 -41.79
H1 I9K M . -59.37 2.52 -41.95
H2 I9K M . -59.79 4.17 -40.17
H3 I9K M . -58.36 4.24 -38.18
H11 I9K M . -55.99 -5.80 -34.90
H12 I9K M . -58.16 -6.68 -31.12
H13 I9K M . -57.27 -8.18 -32.41
H14 I9K M . -55.67 -7.71 -32.75
H16 I9K M . -56.96 -1.38 -31.89
H17 I9K M . -55.46 -1.12 -31.11
H20 I9K M . -52.51 -1.90 -35.81
H15 I9K M . -58.60 -8.43 -34.38
P1 FBP N . 0.48 -16.22 -63.99
O1P FBP N . 0.75 -17.73 -64.05
O2P FBP N . 1.79 -15.55 -63.51
O3P FBP N . -0.08 -15.70 -65.28
O1 FBP N . -0.61 -15.90 -62.83
C1 FBP N . -1.71 -16.73 -62.41
C2 FBP N . -1.94 -16.44 -60.90
O2 FBP N . -3.07 -17.19 -60.52
C3 FBP N . -2.06 -14.95 -60.54
O3 FBP N . -3.35 -14.41 -60.74
C4 FBP N . -1.59 -14.90 -59.09
O4 FBP N . -1.07 -13.64 -58.74
C5 FBP N . -0.48 -15.95 -59.09
O5 FBP N . -0.82 -16.88 -60.14
C6 FBP N . -0.25 -16.69 -57.79
O6 FBP N . 1.17 -16.84 -57.62
P2 FBP N . 1.80 -16.74 -56.14
O4P FBP N . 1.11 -17.85 -55.38
O5P FBP N . 3.30 -16.91 -56.08
O6P FBP N . 1.34 -15.42 -55.51
C1 OXL O . 20.60 -33.58 -35.61
C2 OXL O . 21.06 -33.14 -36.99
O1 OXL O . 19.74 -34.43 -35.51
O2 OXL O . 20.47 -33.71 -38.06
O3 OXL O . 21.16 -32.99 -34.59
O4 OXL O . 21.97 -32.28 -37.06
MG MG P . 23.30 -33.10 -35.73
K K Q . 24.95 -32.15 -40.98
P1 FBP R . -20.38 -18.94 14.65
O1P FBP R . -20.61 -20.21 15.47
O2P FBP R . -21.72 -18.55 14.01
O3P FBP R . -19.74 -17.79 15.42
O1 FBP R . -19.52 -19.42 13.42
C1 FBP R . -20.00 -20.41 12.49
C2 FBP R . -19.32 -20.08 11.17
O2 FBP R . -19.57 -21.10 10.24
C3 FBP R . -17.82 -19.77 11.35
O3 FBP R . -17.07 -20.93 11.67
C4 FBP R . -17.57 -18.98 10.09
O4 FBP R . -16.35 -18.28 10.15
C5 FBP R . -18.76 -18.02 10.18
O5 FBP R . -19.82 -18.82 10.72
C6 FBP R . -19.20 -17.43 8.87
O6 FBP R . -19.69 -16.08 9.02
P2 FBP R . -19.33 -15.09 7.77
O4P FBP R . -20.02 -15.49 6.54
O5P FBP R . -19.72 -13.71 8.24
O6P FBP R . -17.81 -15.13 7.61
C1 OXL S . -33.40 7.02 -11.08
C2 OXL S . -33.79 6.39 -9.74
O1 OXL S . -33.62 6.34 -12.15
O2 OXL S . -34.27 5.25 -9.71
O3 OXL S . -32.93 8.16 -11.08
O4 OXL S . -33.61 7.15 -8.67
MG MG T . -32.55 9.51 -9.50
K K U . -34.22 9.70 -4.42
C10 I9K V . -43.95 8.66 -5.12
C12 I9K V . -40.63 8.62 -8.29
C13 I9K V . -40.21 9.52 -9.44
C15 I9K V . -38.37 11.79 -9.86
C19 I9K V . -35.21 13.22 -8.24
C21 I9K V . -42.39 10.16 -7.67
C22 I9K V . -41.73 7.72 -4.89
C23 I9K V . -41.72 8.11 -3.56
C1 I9K V . -43.90 9.92 -1.04
C2 I9K V . -43.86 10.37 0.28
C3 I9K V . -44.93 11.08 0.82
C4 I9K V . -46.04 11.33 0.05
C5 I9K V . -46.10 10.90 -1.26
C6 I9K V . -45.04 10.20 -1.82
O1 I9K V . -46.08 10.03 -3.92
C7 I9K V . -45.10 9.79 -3.24
C8 I9K V . -42.81 8.79 -3.01
C9 I9K V . -43.93 9.06 -3.79
O2 I9K V . -36.65 10.48 -8.83
C11 I9K V . -42.86 8.00 -5.66
C14 I9K V . -39.80 11.98 -9.40
O3 I9K V . -38.28 13.26 -7.29
C16 I9K V . -37.24 11.78 -8.82
C17 I9K V . -37.73 12.08 -7.41
C18 I9K V . -36.21 12.81 -9.28
C20 I9K V . -42.00 11.10 -8.79
O4 I9K V . -37.61 11.30 -6.50
O9 I9K V . -42.17 6.39 -7.59
S I9K V . -42.92 7.60 -7.38
O8 I9K V . -44.26 7.70 -7.85
O10 I9K V . -40.67 7.10 -5.47
C I9K V . -42.75 9.19 -1.59
O I9K V . -41.79 8.91 -0.90
N I9K V . -42.08 8.79 -8.10
N1 I9K V . -40.60 10.91 -9.19
O7 I9K V . -40.20 13.12 -9.25
O6 I9K V . -35.50 13.86 -7.26
O5 I9K V . -34.00 12.83 -8.51
H4 I9K V . -44.82 8.86 -5.73
H5 I9K V . -40.09 8.92 -7.40
H6 I9K V . -40.34 7.60 -8.49
H7 I9K V . -40.64 9.15 -10.36
H8 I9K V . -39.14 9.40 -9.56
H9 I9K V . -38.17 12.60 -10.55
H10 I9K V . -38.28 10.91 -10.52
H18 I9K V . -41.88 10.42 -6.76
H19 I9K V . -43.45 10.26 -7.47
H21 I9K V . -40.84 7.91 -2.96
H I9K V . -43.00 10.18 0.91
H1 I9K V . -44.87 11.42 1.84
H2 I9K V . -46.87 11.87 0.48
H3 I9K V . -46.99 11.10 -1.84
H11 I9K V . -36.32 10.29 -9.74
H12 I9K V . -38.29 13.78 -8.14
H13 I9K V . -36.72 13.71 -9.63
H14 I9K V . -35.67 12.45 -10.15
H16 I9K V . -42.16 12.12 -8.45
H17 I9K V . -42.69 10.99 -9.62
H20 I9K V . -39.91 6.93 -4.86
P1 FBP W . -11.85 -44.99 9.09
O1P FBP W . -12.49 -46.33 9.19
O2P FBP W . -10.49 -45.10 8.38
O3P FBP W . -11.68 -44.30 10.47
O1 FBP W . -12.76 -44.04 8.27
C1 FBP W . -12.25 -42.79 7.83
C2 FBP W . -12.81 -42.49 6.44
O2 FBP W . -12.36 -41.19 6.17
C3 FBP W . -14.34 -42.61 6.43
O3 FBP W . -14.94 -41.43 7.00
C4 FBP W . -14.67 -42.92 4.99
O4 FBP W . -15.84 -43.70 4.82
C5 FBP W . -13.49 -43.77 4.55
O5 FBP W . -12.40 -43.39 5.40
C6 FBP W . -13.11 -43.57 3.11
O6 FBP W . -12.80 -44.87 2.60
P2 FBP W . -13.12 -45.29 1.10
O4P FBP W . -12.61 -46.68 1.08
O5P FBP W . -14.52 -45.14 0.70
O6P FBP W . -12.28 -44.50 0.09
C1 OXL X . 2.36 -57.25 -23.29
C2 OXL X . 2.39 -56.92 -24.84
O1 OXL X . 1.79 -58.30 -23.01
O2 OXL X . 1.95 -57.86 -25.67
O3 OXL X . 3.00 -56.50 -22.39
O4 OXL X . 2.72 -55.80 -25.22
MG MG Y . 1.35 -60.01 -24.82
K K Z . 2.51 -62.45 -19.59
P1 FBP AA . 42.87 13.05 55.31
O1P FBP AA . 42.04 11.75 55.23
O2P FBP AA . 42.29 13.90 56.46
O3P FBP AA . 44.33 12.80 55.38
O1 FBP AA . 42.59 13.87 53.94
C1 FBP AA . 42.37 13.26 52.65
C2 FBP AA . 41.45 14.21 51.84
O2 FBP AA . 41.59 13.84 50.48
C3 FBP AA . 41.77 15.70 52.08
O3 FBP AA . 42.84 16.19 51.29
C4 FBP AA . 40.40 16.34 51.88
O4 FBP AA . 40.32 17.61 52.51
C5 FBP AA . 39.51 15.33 52.59
O5 FBP AA . 40.09 14.04 52.25
C6 FBP AA . 38.05 15.36 52.21
O6 FBP AA . 37.25 15.35 53.41
P2 FBP AA . 35.74 16.01 53.51
O4P FBP AA . 34.78 15.33 52.63
O5P FBP AA . 35.34 15.90 54.98
O6P FBP AA . 35.88 17.50 53.17
C1 OXL BA . 6.04 8.38 60.58
C2 OXL BA . 4.71 8.74 59.86
O1 OXL BA . 6.91 7.56 59.98
O2 OXL BA . 4.53 8.39 58.69
O3 OXL BA . 6.23 8.84 61.70
O4 OXL BA . 3.83 9.46 60.51
MG MG CA . 4.75 10.11 62.78
K K DA . 8.01 7.96 66.43
P1 FBP EA . 56.14 17.24 29.63
O1P FBP EA . 56.68 16.29 28.59
O2P FBP EA . 56.17 18.67 29.15
O3P FBP EA . 56.86 17.24 30.97
O1 FBP EA . 54.64 16.83 30.02
C1 FBP EA . 53.74 17.66 30.77
C2 FBP EA . 52.27 17.32 30.37
O2 FBP EA . 51.44 17.92 31.32
C3 FBP EA . 52.04 15.80 30.23
O3 FBP EA . 51.75 15.13 31.45
C4 FBP EA . 50.92 15.74 29.21
O4 FBP EA . 50.84 14.49 28.54
C5 FBP EA . 51.35 16.84 28.24
O5 FBP EA . 51.96 17.85 29.06
C6 FBP EA . 50.24 17.42 27.41
O6 FBP EA . 50.74 17.61 26.07
P2 FBP EA . 49.79 17.53 24.78
O4P FBP EA . 49.07 16.13 24.82
O5P FBP EA . 50.71 17.64 23.57
O6P FBP EA . 48.86 18.72 24.83
C1 OXL FA . 39.68 34.79 -0.81
C2 OXL FA . 41.15 34.62 -0.33
O1 OXL FA . 39.36 34.18 -1.91
O2 OXL FA . 41.87 33.93 -1.16
O3 OXL FA . 38.88 35.44 -0.15
O4 OXL FA . 41.58 35.08 0.73
MG MG GA . 41.14 33.17 -3.14
K K HA . 46.77 33.45 -2.47
C10 I9K IA . 48.75 43.38 -1.63
C12 I9K IA . 44.65 41.00 -1.83
C13 I9K IA . 45.05 40.05 -2.91
C15 I9K IA . 43.47 38.78 -5.04
C19 I9K IA . 43.93 35.18 -6.04
C21 I9K IA . 45.18 42.89 -3.29
C22 I9K IA . 48.37 41.27 -0.52
C23 I9K IA . 49.71 40.95 -0.69
C1 I9K IA . 52.87 42.41 -2.20
C2 I9K IA . 54.21 42.06 -2.42
C3 I9K IA . 55.04 42.93 -3.08
C4 I9K IA . 54.57 44.15 -3.55
C5 I9K IA . 53.26 44.50 -3.35
C6 I9K IA . 52.39 43.64 -2.68
O1 I9K IA . 50.55 45.08 -2.92
C7 I9K IA . 50.97 44.02 -2.50
C8 I9K IA . 50.57 41.84 -1.33
C9 I9K IA . 50.09 43.06 -1.81
O2 I9K IA . 45.53 37.55 -4.53
C11 I9K IA . 47.90 42.50 -0.98
C14 I9K IA . 44.15 40.12 -5.24
O3 I9K IA . 46.08 37.59 -6.99
C16 I9K IA . 44.38 37.59 -5.37
C17 I9K IA . 44.79 37.64 -6.82
C18 I9K IA . 43.56 36.32 -5.13
C20 I9K IA . 45.56 41.93 -4.39
O4 I9K IA . 44.00 37.73 -7.73
O9 I9K IA . 46.08 44.37 -1.01
S I9K IA . 46.20 42.97 -0.79
O8 I9K IA . 45.71 42.39 0.41
O10 I9K IA . 47.53 40.41 0.10
C I9K IA . 51.98 41.47 -1.49
O I9K IA . 52.42 40.44 -1.01
N I9K IA . 45.43 42.24 -2.00
N1 I9K IA . 44.86 40.65 -4.23
O7 I9K IA . 44.06 40.67 -6.32
O6 I9K IA . 43.11 34.60 -6.71
O5 I9K IA . 45.19 34.90 -6.03
H4 I9K IA . 48.36 44.33 -1.99
H5 I9K IA . 44.82 40.52 -0.87
H6 I9K IA . 43.59 41.21 -1.88
H7 I9K IA . 46.10 39.78 -2.75
H8 I9K IA . 44.53 39.10 -2.78
H9 I9K IA . 42.61 38.75 -5.71
H10 I9K IA . 43.04 38.68 -4.05
H18 I9K IA . 44.14 43.20 -3.39
H19 I9K IA . 45.78 43.79 -3.38
H21 I9K IA . 50.06 39.99 -0.32
H I9K IA . 54.60 41.11 -2.07
H1 I9K IA . 56.08 42.66 -3.24
H2 I9K IA . 55.25 44.82 -4.07
H3 I9K IA . 52.91 45.46 -3.72
H11 I9K IA . 45.27 37.29 -3.61
H12 I9K IA . 46.54 37.52 -6.12
H13 I9K IA . 42.52 36.58 -5.27
H14 I9K IA . 43.69 36.00 -4.10
H16 I9K IA . 46.62 41.75 -4.34
H17 I9K IA . 45.42 42.41 -5.36
H20 I9K IA . 46.60 40.77 0.18
H15 I9K IA . 45.43 34.15 -6.63
P1 FBP JA . -23.17 18.71 11.97
O1P FBP JA . -23.57 17.50 11.07
O2P FBP JA . -23.24 18.33 13.47
O3P FBP JA . -23.90 19.98 11.64
O1 FBP JA . -21.63 19.05 11.72
C1 FBP JA . -21.06 20.13 12.48
C2 FBP JA . -19.58 19.80 12.55
O2 FBP JA . -18.97 20.76 13.39
C3 FBP JA . -19.03 19.76 11.12
O3 FBP JA . -18.94 21.02 10.48
C4 FBP JA . -17.75 18.96 11.33
O4 FBP JA . -17.30 18.35 10.13
C5 FBP JA . -18.26 17.88 12.26
O5 FBP JA . -19.29 18.50 13.06
C6 FBP JA . -17.18 17.32 13.15
O6 FBP JA . -17.56 15.99 13.53
P2 FBP JA . -16.44 14.89 13.76
O4P FBP JA . -17.25 13.66 13.99
O5P FBP JA . -15.65 15.23 15.03
O6P FBP JA . -15.61 14.82 12.51
C1 OXL KA . -5.38 -7.40 34.67
C2 OXL KA . -6.79 -7.18 34.14
O1 OXL KA . -4.75 -8.51 34.39
O2 OXL KA . -7.28 -8.04 33.41
O3 OXL KA . -4.90 -6.54 35.35
O4 OXL KA . -7.44 -6.08 34.53
MG MG LA . -6.45 -9.90 33.04
K K MA . -11.58 -10.36 31.97
C10 I9K NA . -15.59 -9.36 41.06
C12 I9K NA . -11.95 -9.95 39.48
C13 I9K NA . -11.32 -11.30 39.38
C15 I9K NA . -9.40 -13.27 38.69
C19 I9K NA . -7.83 -13.15 35.16
C21 I9K NA . -11.07 -9.98 41.76
C22 I9K NA . -14.76 -8.34 39.02
C23 I9K NA . -15.90 -8.77 38.36
C1 I9K NA . -19.10 -10.72 39.01
C2 I9K NA . -20.23 -11.16 38.32
C3 I9K NA . -21.20 -11.89 38.99
C4 I9K NA . -21.06 -12.17 40.33
C5 I9K NA . -19.95 -11.74 41.03
C6 I9K NA . -18.95 -11.02 40.37
O1 I9K NA . -17.63 -10.83 42.31
C7 I9K NA . -17.76 -10.56 41.12
C8 I9K NA . -16.88 -9.49 39.03
C9 I9K NA . -16.73 -9.79 40.39
O2 I9K NA . -9.05 -11.45 37.18
C11 I9K NA . -14.61 -8.66 40.38
C14 I9K NA . -9.05 -12.19 39.68
O3 I9K NA . -10.83 -14.44 36.43
C16 I9K NA . -9.27 -12.85 37.22
C17 I9K NA . -10.55 -13.17 36.45
C18 I9K NA . -8.08 -13.56 36.58
C20 I9K NA . -9.83 -10.16 40.92
O4 I9K NA . -11.20 -12.32 35.90
O9 I9K NA . -13.33 -8.34 42.63
S I9K NA . -13.09 -8.34 41.22
O8 I9K NA . -12.43 -7.23 40.60
O10 I9K NA . -13.79 -7.66 38.37
C I9K NA . -18.07 -9.94 38.29
O I9K NA . -18.21 -9.67 37.11
N I9K NA . -12.21 -9.66 40.89
N1 I9K NA . -9.99 -11.29 39.99
O7 I9K NA . -7.92 -12.14 40.16
O6 I9K NA . -8.41 -12.22 34.64
O5 I9K NA . -6.93 -13.87 34.55
H4 I9K NA . -15.47 -9.58 42.12
H5 I9K NA . -11.31 -9.21 39.01
H6 I9K NA . -12.85 -9.97 38.89
H7 I9K NA . -11.95 -12.04 39.86
H8 I9K NA . -11.25 -11.58 38.34
H9 I9K NA . -10.40 -13.64 38.88
H10 I9K NA . -8.75 -14.13 38.86
H18 I9K NA . -11.26 -10.88 42.36
H19 I9K NA . -10.90 -9.18 42.48
H21 I9K NA . -16.01 -8.53 37.31
H I9K NA . -20.36 -10.96 37.26
H1 I9K NA . -22.08 -12.24 38.45
H2 I9K NA . -21.84 -12.72 40.85
H3 I9K NA . -19.86 -11.97 42.09
H11 I9K NA . -8.08 -11.27 37.26
H12 I9K NA . -11.65 -14.62 35.93
H13 I9K NA . -7.20 -13.39 37.18
H14 I9K NA . -8.23 -14.65 36.61
H16 I9K NA . -8.98 -10.37 41.57
H17 I9K NA . -9.56 -9.23 40.43
H20 I9K NA . -13.02 -7.45 38.97
H15 I9K NA . -6.78 -13.58 33.62
P1 FBP OA . -14.90 45.12 7.91
O1P FBP OA . -16.07 44.44 7.13
O2P FBP OA . -13.73 45.35 7.01
O3P FBP OA . -15.22 46.46 8.63
O1 FBP OA . -14.51 44.07 9.01
C1 FBP OA . -13.85 42.84 8.69
C2 FBP OA . -12.92 42.40 9.85
O2 FBP OA . -12.61 41.05 9.61
C3 FBP OA . -13.62 42.65 11.21
O3 FBP OA . -14.49 41.62 11.65
C4 FBP OA . -12.45 42.86 12.13
O4 FBP OA . -12.79 43.64 13.27
C5 FBP OA . -11.54 43.68 11.25
O5 FBP OA . -11.72 43.15 9.93
C6 FBP OA . -10.09 43.62 11.65
O6 FBP OA . -9.65 44.99 11.58
P2 FBP OA . -8.46 45.40 12.51
O4P FBP OA . -7.21 44.63 12.05
O5P FBP OA . -8.80 45.15 13.92
O6P FBP OA . -8.23 46.83 12.15
C1 OXL PA . 20.28 58.22 10.48
C2 OXL PA . 21.62 57.71 11.05
O1 OXL PA . 19.67 57.54 9.64
O2 OXL PA . 21.99 56.50 10.73
O3 OXL PA . 19.80 59.31 11.05
O4 OXL PA . 22.30 58.47 11.73
MG MG QA . 21.12 60.56 11.71
K K RA . 17.18 63.12 9.11
#